data_1N88
#
_entry.id   1N88
#
_entity_poly.entity_id   1
_entity_poly.type   'polypeptide(L)'
_entity_poly.pdbx_seq_one_letter_code
;MKTAYDVILAPVLSEKAYAGFAEGKYTFWVHPKATKTEIKNAVETAFKVKVVKVNTLHVRGKKKRLGRYLGKRPDRKKAI
VQVAPGQKIEALEGLI
;
_entity_poly.pdbx_strand_id   A
#
# COMPACT_ATOMS: atom_id res chain seq x y z
N MET A 1 -13.85 -1.78 11.94
CA MET A 1 -12.66 -2.63 11.63
C MET A 1 -11.52 -1.80 11.07
N LYS A 2 -10.53 -1.48 11.85
CA LYS A 2 -9.40 -0.69 11.28
C LYS A 2 -8.43 -1.65 10.64
N THR A 3 -8.87 -2.31 9.61
CA THR A 3 -8.00 -3.28 8.91
C THR A 3 -7.59 -2.70 7.55
N ALA A 4 -8.17 -3.17 6.49
CA ALA A 4 -7.84 -2.61 5.16
C ALA A 4 -8.68 -1.36 4.91
N TYR A 5 -9.58 -1.08 5.82
CA TYR A 5 -10.46 0.12 5.74
C TYR A 5 -9.62 1.40 5.54
N ASP A 6 -10.03 2.46 6.21
CA ASP A 6 -9.30 3.76 6.13
C ASP A 6 -7.80 3.57 5.87
N VAL A 7 -7.13 2.87 6.75
CA VAL A 7 -5.66 2.66 6.57
C VAL A 7 -5.34 2.14 5.17
N ILE A 8 -4.94 0.90 5.04
CA ILE A 8 -4.59 0.37 3.70
C ILE A 8 -5.84 -0.12 2.96
N LEU A 9 -6.32 0.63 2.02
CA LEU A 9 -7.54 0.21 1.26
C LEU A 9 -7.22 -0.90 0.26
N ALA A 10 -6.92 -0.55 -0.96
CA ALA A 10 -6.62 -1.61 -1.99
C ALA A 10 -5.12 -1.65 -2.30
N PRO A 11 -4.69 -2.78 -2.79
CA PRO A 11 -3.27 -2.96 -3.16
C PRO A 11 -2.97 -2.25 -4.49
N VAL A 12 -1.71 -2.00 -4.76
CA VAL A 12 -1.34 -1.32 -6.02
C VAL A 12 -0.50 -2.27 -6.89
N LEU A 13 -0.99 -2.64 -8.04
CA LEU A 13 -0.21 -3.57 -8.92
C LEU A 13 0.51 -2.78 -10.01
N SER A 14 1.82 -2.74 -9.94
CA SER A 14 2.59 -1.99 -10.98
C SER A 14 4.00 -2.56 -11.09
N GLU A 15 4.66 -2.35 -12.19
CA GLU A 15 6.05 -2.88 -12.35
C GLU A 15 6.85 -2.63 -11.06
N LYS A 16 7.02 -1.39 -10.70
CA LYS A 16 7.80 -1.08 -9.47
C LYS A 16 7.20 -1.83 -8.27
N ALA A 17 5.99 -2.29 -8.39
CA ALA A 17 5.36 -3.02 -7.25
C ALA A 17 5.46 -4.53 -7.49
N TYR A 18 5.03 -4.99 -8.64
CA TYR A 18 5.11 -6.46 -8.92
C TYR A 18 6.55 -6.94 -8.77
N ALA A 19 7.46 -6.37 -9.52
CA ALA A 19 8.87 -6.81 -9.39
C ALA A 19 9.39 -6.48 -7.99
N GLY A 20 8.64 -5.70 -7.27
CA GLY A 20 9.03 -5.35 -5.87
C GLY A 20 8.50 -6.45 -4.97
N PHE A 21 7.27 -6.80 -5.16
CA PHE A 21 6.67 -7.90 -4.35
C PHE A 21 7.66 -9.06 -4.38
N ALA A 22 8.41 -9.13 -5.44
CA ALA A 22 9.41 -10.22 -5.62
C ALA A 22 10.08 -10.53 -4.28
N GLU A 23 10.36 -9.53 -3.51
CA GLU A 23 11.03 -9.76 -2.19
C GLU A 23 10.00 -9.92 -1.08
N GLY A 24 8.79 -9.49 -1.32
CA GLY A 24 7.74 -9.61 -0.27
C GLY A 24 7.25 -8.22 0.12
N LYS A 25 7.73 -7.19 -0.53
CA LYS A 25 7.29 -5.81 -0.20
C LYS A 25 5.95 -5.52 -0.88
N TYR A 26 5.03 -4.93 -0.17
CA TYR A 26 3.69 -4.65 -0.80
C TYR A 26 3.28 -3.19 -0.66
N THR A 27 3.26 -2.49 -1.77
CA THR A 27 2.84 -1.07 -1.77
C THR A 27 1.32 -1.02 -1.69
N PHE A 28 0.77 -0.12 -0.95
CA PHE A 28 -0.71 -0.06 -0.83
C PHE A 28 -1.21 1.37 -0.88
N TRP A 29 -2.48 1.53 -1.11
CA TRP A 29 -3.08 2.89 -1.13
C TRP A 29 -3.72 3.10 0.23
N VAL A 30 -3.33 4.09 0.94
CA VAL A 30 -3.89 4.25 2.29
C VAL A 30 -4.11 5.70 2.66
N HIS A 31 -5.00 5.94 3.58
CA HIS A 31 -5.31 7.32 4.00
C HIS A 31 -4.08 8.00 4.61
N PRO A 32 -4.05 9.30 4.49
CA PRO A 32 -2.92 10.09 5.03
C PRO A 32 -3.02 10.15 6.55
N LYS A 33 -2.78 9.07 7.22
CA LYS A 33 -2.87 9.07 8.70
C LYS A 33 -2.55 7.67 9.25
N ALA A 34 -2.92 6.66 8.53
CA ALA A 34 -2.63 5.27 9.01
C ALA A 34 -1.20 5.18 9.55
N THR A 35 -1.03 5.38 10.83
CA THR A 35 0.34 5.33 11.41
C THR A 35 1.12 4.14 10.83
N LYS A 36 2.40 4.31 10.62
CA LYS A 36 3.21 3.19 10.06
C LYS A 36 2.82 1.87 10.73
N THR A 37 2.83 1.83 12.03
CA THR A 37 2.44 0.57 12.72
C THR A 37 0.99 0.24 12.40
N GLU A 38 0.14 1.22 12.29
CA GLU A 38 -1.29 0.97 11.96
C GLU A 38 -1.38 0.17 10.67
N ILE A 39 -0.61 0.55 9.68
CA ILE A 39 -0.64 -0.20 8.39
C ILE A 39 -0.30 -1.66 8.66
N LYS A 40 0.54 -1.90 9.63
CA LYS A 40 0.91 -3.31 9.96
C LYS A 40 -0.35 -4.10 10.33
N ASN A 41 -1.18 -3.52 11.16
CA ASN A 41 -2.42 -4.21 11.58
C ASN A 41 -3.45 -4.28 10.45
N ALA A 42 -3.49 -3.28 9.60
CA ALA A 42 -4.50 -3.31 8.49
C ALA A 42 -4.30 -4.57 7.63
N VAL A 43 -3.10 -4.84 7.20
CA VAL A 43 -2.88 -6.05 6.36
C VAL A 43 -2.88 -7.32 7.23
N GLU A 44 -2.40 -7.22 8.44
CA GLU A 44 -2.37 -8.43 9.32
C GLU A 44 -3.79 -8.95 9.56
N THR A 45 -4.76 -8.08 9.55
CA THR A 45 -6.17 -8.51 9.77
C THR A 45 -6.73 -9.15 8.50
N ALA A 46 -6.54 -8.52 7.38
CA ALA A 46 -7.08 -9.07 6.09
C ALA A 46 -6.08 -10.04 5.47
N PHE A 47 -4.88 -9.60 5.23
CA PHE A 47 -3.86 -10.50 4.62
C PHE A 47 -3.43 -11.58 5.62
N LYS A 48 -3.74 -11.39 6.87
CA LYS A 48 -3.36 -12.39 7.91
C LYS A 48 -1.94 -12.88 7.66
N VAL A 49 -1.03 -11.98 7.43
CA VAL A 49 0.37 -12.37 7.18
C VAL A 49 1.28 -11.81 8.28
N LYS A 50 2.56 -11.79 8.04
CA LYS A 50 3.49 -11.24 9.07
C LYS A 50 4.22 -10.02 8.49
N VAL A 51 3.93 -8.86 8.98
CA VAL A 51 4.60 -7.63 8.47
C VAL A 51 5.99 -7.51 9.08
N VAL A 52 7.01 -7.52 8.26
CA VAL A 52 8.39 -7.40 8.79
C VAL A 52 8.98 -6.04 8.42
N LYS A 53 8.19 -5.17 7.87
CA LYS A 53 8.69 -3.82 7.48
C LYS A 53 7.65 -3.10 6.62
N VAL A 54 7.17 -1.98 7.08
CA VAL A 54 6.16 -1.24 6.27
C VAL A 54 6.67 0.17 5.95
N ASN A 55 6.79 0.49 4.69
CA ASN A 55 7.25 1.85 4.32
C ASN A 55 6.19 2.53 3.46
N THR A 56 5.63 3.60 3.95
CA THR A 56 4.57 4.30 3.15
C THR A 56 5.03 5.70 2.77
N LEU A 57 4.55 6.19 1.66
CA LEU A 57 4.94 7.56 1.21
C LEU A 57 3.74 8.27 0.60
N HIS A 58 3.72 9.58 0.61
CA HIS A 58 2.57 10.31 0.03
C HIS A 58 2.52 10.11 -1.49
N VAL A 59 1.37 9.83 -2.02
CA VAL A 59 1.24 9.62 -3.50
C VAL A 59 0.25 10.64 -4.08
N ARG A 60 0.63 11.27 -5.18
CA ARG A 60 -0.28 12.26 -5.80
C ARG A 60 -0.66 11.82 -7.22
N GLY A 61 -1.81 12.21 -7.69
CA GLY A 61 -2.23 11.80 -9.07
C GLY A 61 -1.06 12.02 -10.04
N LYS A 62 -1.06 11.32 -11.13
CA LYS A 62 0.04 11.50 -12.13
C LYS A 62 0.34 12.98 -12.33
N LYS A 63 -0.45 13.64 -13.13
CA LYS A 63 -0.21 15.10 -13.37
C LYS A 63 -0.73 15.92 -12.20
N LYS A 64 -1.20 15.27 -11.16
CA LYS A 64 -1.72 16.00 -9.97
C LYS A 64 -2.49 17.26 -10.41
N ARG A 65 -3.14 17.20 -11.53
CA ARG A 65 -3.91 18.38 -12.01
C ARG A 65 -4.95 17.96 -13.05
N LEU A 66 -4.55 17.20 -14.02
CA LEU A 66 -5.52 16.75 -15.07
C LEU A 66 -6.24 17.96 -15.68
N GLY A 67 -5.87 18.35 -16.87
CA GLY A 67 -6.55 19.52 -17.50
C GLY A 67 -6.68 20.65 -16.47
N ARG A 68 -7.44 21.66 -16.80
CA ARG A 68 -7.61 22.80 -15.85
C ARG A 68 -8.03 22.29 -14.47
N TYR A 69 -8.37 23.17 -13.57
CA TYR A 69 -8.78 22.72 -12.22
C TYR A 69 -9.72 21.52 -12.31
N LEU A 70 -9.23 20.35 -12.05
CA LEU A 70 -10.09 19.13 -12.12
C LEU A 70 -9.50 18.01 -11.27
N GLY A 71 -9.01 18.37 -10.13
CA GLY A 71 -8.42 17.35 -9.22
C GLY A 71 -7.33 17.99 -8.36
N LYS A 72 -6.27 18.45 -8.96
CA LYS A 72 -5.17 19.09 -8.18
C LYS A 72 -4.51 18.05 -7.26
N ARG A 73 -3.22 18.13 -7.10
CA ARG A 73 -2.52 17.14 -6.23
C ARG A 73 -3.32 16.91 -4.94
N PRO A 74 -3.97 15.79 -4.89
CA PRO A 74 -4.80 15.44 -3.71
C PRO A 74 -3.90 14.96 -2.57
N ASP A 75 -4.49 14.37 -1.56
CA ASP A 75 -3.68 13.87 -0.43
C ASP A 75 -3.78 12.34 -0.37
N ARG A 76 -2.91 11.68 -1.05
CA ARG A 76 -2.94 10.18 -1.04
C ARG A 76 -1.64 9.62 -0.45
N LYS A 77 -1.72 8.52 0.23
CA LYS A 77 -0.49 7.93 0.84
C LYS A 77 -0.29 6.49 0.36
N LYS A 78 0.93 6.10 0.10
CA LYS A 78 1.20 4.71 -0.36
C LYS A 78 1.89 3.92 0.76
N ALA A 79 1.69 2.63 0.82
CA ALA A 79 2.34 1.84 1.92
C ALA A 79 3.02 0.57 1.40
N ILE A 80 4.29 0.45 1.64
CA ILE A 80 5.02 -0.77 1.20
C ILE A 80 5.21 -1.70 2.40
N VAL A 81 4.56 -2.83 2.40
CA VAL A 81 4.69 -3.76 3.55
C VAL A 81 5.52 -4.99 3.15
N GLN A 82 6.50 -5.35 3.93
CA GLN A 82 7.31 -6.54 3.58
C GLN A 82 7.02 -7.64 4.59
N VAL A 83 7.05 -8.87 4.17
CA VAL A 83 6.80 -9.94 5.15
C VAL A 83 8.06 -10.77 5.33
N ALA A 84 8.18 -11.42 6.43
CA ALA A 84 9.38 -12.25 6.68
C ALA A 84 9.54 -13.30 5.59
N PRO A 85 10.59 -14.07 5.73
CA PRO A 85 10.90 -15.13 4.74
C PRO A 85 9.92 -16.30 4.90
N GLY A 86 9.56 -16.94 3.82
CA GLY A 86 8.61 -18.09 3.91
C GLY A 86 7.18 -17.57 3.79
N GLN A 87 6.97 -16.30 3.99
CA GLN A 87 5.60 -15.73 3.88
C GLN A 87 5.36 -15.16 2.49
N LYS A 88 4.15 -14.79 2.20
CA LYS A 88 3.84 -14.22 0.85
C LYS A 88 2.35 -13.86 0.74
N ILE A 89 2.03 -12.60 0.80
CA ILE A 89 0.60 -12.19 0.70
C ILE A 89 0.03 -12.60 -0.66
N GLU A 90 -0.96 -13.45 -0.67
CA GLU A 90 -1.56 -13.89 -1.97
C GLU A 90 -2.47 -12.80 -2.54
N ALA A 91 -2.82 -11.82 -1.75
CA ALA A 91 -3.72 -10.74 -2.26
C ALA A 91 -3.11 -10.07 -3.50
N LEU A 92 -1.81 -9.94 -3.55
CA LEU A 92 -1.18 -9.28 -4.74
C LEU A 92 -0.51 -10.33 -5.63
N GLU A 93 -0.15 -11.46 -5.07
CA GLU A 93 0.51 -12.50 -5.89
C GLU A 93 -0.45 -13.03 -6.95
N GLY A 94 -1.68 -13.28 -6.59
CA GLY A 94 -2.66 -13.80 -7.58
C GLY A 94 -3.42 -12.63 -8.21
N LEU A 95 -3.01 -11.42 -7.93
CA LEU A 95 -3.71 -10.25 -8.52
C LEU A 95 -3.11 -9.88 -9.88
N ILE A 96 -2.51 -10.84 -10.54
CA ILE A 96 -1.90 -10.55 -11.87
C ILE A 96 -2.68 -11.28 -12.97
N MET A 1 -10.91 -1.03 14.73
CA MET A 1 -9.68 -1.71 14.24
C MET A 1 -9.07 -0.91 13.09
N LYS A 2 -8.20 0.02 13.36
CA LYS A 2 -7.60 0.79 12.22
C LYS A 2 -6.76 -0.18 11.38
N THR A 3 -7.41 -0.97 10.57
CA THR A 3 -6.65 -1.94 9.75
C THR A 3 -6.92 -1.71 8.25
N ALA A 4 -7.81 -2.46 7.67
CA ALA A 4 -8.10 -2.31 6.23
C ALA A 4 -9.20 -1.26 6.01
N TYR A 5 -10.09 -1.14 6.95
CA TYR A 5 -11.20 -0.16 6.87
C TYR A 5 -10.78 1.14 6.16
N ASP A 6 -9.52 1.51 6.21
CA ASP A 6 -9.08 2.78 5.58
C ASP A 6 -7.56 2.83 5.42
N VAL A 7 -6.83 2.56 6.47
CA VAL A 7 -5.34 2.62 6.36
C VAL A 7 -4.90 1.92 5.08
N ILE A 8 -5.09 0.63 5.03
CA ILE A 8 -4.68 -0.13 3.83
C ILE A 8 -5.91 -0.72 3.14
N LEU A 9 -6.43 -0.05 2.15
CA LEU A 9 -7.63 -0.58 1.44
C LEU A 9 -7.24 -1.68 0.45
N ALA A 10 -7.09 -1.35 -0.81
CA ALA A 10 -6.71 -2.38 -1.81
C ALA A 10 -5.27 -2.18 -2.27
N PRO A 11 -4.76 -3.17 -2.94
CA PRO A 11 -3.36 -3.13 -3.45
C PRO A 11 -3.27 -2.17 -4.65
N VAL A 12 -2.08 -1.88 -5.09
CA VAL A 12 -1.91 -0.96 -6.25
C VAL A 12 -1.30 -1.70 -7.45
N LEU A 13 -1.70 -1.37 -8.63
CA LEU A 13 -1.13 -2.05 -9.83
C LEU A 13 -0.09 -1.15 -10.51
N SER A 14 1.16 -1.48 -10.39
CA SER A 14 2.22 -0.65 -11.02
C SER A 14 3.54 -1.43 -11.06
N GLU A 15 4.22 -1.42 -12.17
CA GLU A 15 5.51 -2.16 -12.25
C GLU A 15 6.33 -1.94 -10.98
N LYS A 16 6.66 -0.71 -10.68
CA LYS A 16 7.46 -0.44 -9.45
C LYS A 16 6.74 -1.02 -8.22
N ALA A 17 5.48 -1.32 -8.35
CA ALA A 17 4.73 -1.89 -7.20
C ALA A 17 4.67 -3.41 -7.32
N TYR A 18 5.52 -3.98 -8.14
CA TYR A 18 5.52 -5.46 -8.31
C TYR A 18 6.96 -5.98 -8.37
N ALA A 19 7.84 -5.26 -9.02
CA ALA A 19 9.25 -5.71 -9.10
C ALA A 19 9.85 -5.71 -7.69
N GLY A 20 9.45 -4.78 -6.88
CA GLY A 20 9.95 -4.73 -5.48
C GLY A 20 8.92 -5.44 -4.62
N PHE A 21 7.68 -5.29 -4.99
CA PHE A 21 6.59 -5.96 -4.24
C PHE A 21 6.70 -7.47 -4.48
N ALA A 22 7.42 -7.86 -5.49
CA ALA A 22 7.59 -9.29 -5.80
C ALA A 22 8.45 -9.99 -4.74
N GLU A 23 9.18 -9.23 -3.98
CA GLU A 23 10.05 -9.83 -2.93
C GLU A 23 9.28 -10.00 -1.63
N GLY A 24 7.97 -9.94 -1.68
CA GLY A 24 7.16 -10.08 -0.45
C GLY A 24 6.70 -8.68 0.00
N LYS A 25 7.12 -7.67 -0.71
CA LYS A 25 6.71 -6.28 -0.34
C LYS A 25 5.31 -5.98 -0.91
N TYR A 26 4.45 -5.36 -0.14
CA TYR A 26 3.08 -5.08 -0.67
C TYR A 26 2.73 -3.60 -0.53
N THR A 27 2.53 -2.95 -1.64
CA THR A 27 2.16 -1.51 -1.64
C THR A 27 0.65 -1.39 -1.44
N PHE A 28 0.23 -0.42 -0.68
CA PHE A 28 -1.23 -0.26 -0.45
C PHE A 28 -1.65 1.20 -0.61
N TRP A 29 -2.92 1.44 -0.73
CA TRP A 29 -3.41 2.84 -0.85
C TRP A 29 -3.85 3.23 0.54
N VAL A 30 -3.30 4.27 1.08
CA VAL A 30 -3.66 4.62 2.46
C VAL A 30 -3.83 6.13 2.64
N HIS A 31 -4.44 6.49 3.73
CA HIS A 31 -4.70 7.92 4.02
C HIS A 31 -3.44 8.57 4.62
N PRO A 32 -3.32 9.85 4.40
CA PRO A 32 -2.16 10.60 4.92
C PRO A 32 -2.25 10.72 6.44
N LYS A 33 -2.17 9.61 7.13
CA LYS A 33 -2.27 9.64 8.61
C LYS A 33 -2.15 8.22 9.16
N ALA A 34 -2.64 7.26 8.43
CA ALA A 34 -2.54 5.85 8.91
C ALA A 34 -1.15 5.59 9.50
N THR A 35 -1.01 5.70 10.79
CA THR A 35 0.32 5.49 11.43
C THR A 35 1.05 4.31 10.77
N LYS A 36 2.31 4.49 10.47
CA LYS A 36 3.09 3.38 9.82
C LYS A 36 2.82 2.07 10.56
N THR A 37 2.92 2.09 11.87
CA THR A 37 2.66 0.83 12.64
C THR A 37 1.22 0.38 12.40
N GLU A 38 0.30 1.30 12.35
CA GLU A 38 -1.12 0.92 12.11
C GLU A 38 -1.20 0.12 10.81
N ILE A 39 -0.48 0.54 9.81
CA ILE A 39 -0.49 -0.20 8.52
C ILE A 39 -0.06 -1.64 8.76
N LYS A 40 0.78 -1.86 9.74
CA LYS A 40 1.23 -3.24 10.05
C LYS A 40 0.02 -4.12 10.40
N ASN A 41 -0.83 -3.61 11.25
CA ASN A 41 -2.03 -4.39 11.67
C ASN A 41 -3.07 -4.45 10.55
N ALA A 42 -3.18 -3.41 9.75
CA ALA A 42 -4.20 -3.44 8.66
C ALA A 42 -3.97 -4.62 7.73
N VAL A 43 -2.76 -4.82 7.25
CA VAL A 43 -2.52 -5.99 6.35
C VAL A 43 -2.66 -7.28 7.16
N GLU A 44 -2.30 -7.24 8.42
CA GLU A 44 -2.43 -8.46 9.26
C GLU A 44 -3.93 -8.75 9.48
N THR A 45 -4.68 -7.74 9.78
CA THR A 45 -6.14 -7.91 9.99
C THR A 45 -6.83 -8.00 8.62
N ALA A 46 -6.15 -7.59 7.59
CA ALA A 46 -6.76 -7.64 6.23
C ALA A 46 -6.17 -8.79 5.42
N PHE A 47 -4.91 -8.72 5.09
CA PHE A 47 -4.27 -9.83 4.29
C PHE A 47 -4.09 -11.06 5.16
N LYS A 48 -4.07 -10.90 6.46
CA LYS A 48 -3.89 -12.06 7.36
C LYS A 48 -2.51 -12.70 7.16
N VAL A 49 -1.49 -11.88 7.11
CA VAL A 49 -0.12 -12.40 6.91
C VAL A 49 0.79 -11.94 8.06
N LYS A 50 2.07 -11.94 7.83
CA LYS A 50 3.02 -11.50 8.90
C LYS A 50 3.77 -10.25 8.44
N VAL A 51 3.49 -9.12 9.02
CA VAL A 51 4.20 -7.88 8.60
C VAL A 51 5.60 -7.82 9.21
N VAL A 52 6.61 -7.76 8.40
CA VAL A 52 7.99 -7.70 8.94
C VAL A 52 8.62 -6.34 8.61
N LYS A 53 7.85 -5.45 8.03
CA LYS A 53 8.40 -4.11 7.69
C LYS A 53 7.42 -3.35 6.78
N VAL A 54 6.93 -2.22 7.21
CA VAL A 54 5.98 -1.45 6.36
C VAL A 54 6.61 -0.13 5.93
N ASN A 55 6.55 0.17 4.67
CA ASN A 55 7.12 1.46 4.19
C ASN A 55 6.09 2.17 3.32
N THR A 56 5.64 3.32 3.73
CA THR A 56 4.64 4.04 2.92
C THR A 56 5.21 5.38 2.45
N LEU A 57 4.63 5.96 1.44
CA LEU A 57 5.15 7.26 0.93
C LEU A 57 4.05 8.02 0.19
N HIS A 58 4.29 9.25 -0.16
CA HIS A 58 3.25 10.04 -0.88
C HIS A 58 3.26 9.69 -2.36
N VAL A 59 2.12 9.40 -2.90
CA VAL A 59 2.04 9.03 -4.35
C VAL A 59 1.13 10.01 -5.09
N ARG A 60 1.61 10.61 -6.14
CA ARG A 60 0.76 11.58 -6.89
C ARG A 60 0.49 11.06 -8.31
N GLY A 61 -0.74 11.06 -8.73
CA GLY A 61 -1.06 10.56 -10.10
C GLY A 61 -1.41 11.74 -11.01
N LYS A 62 -0.95 11.73 -12.22
CA LYS A 62 -1.25 12.86 -13.15
C LYS A 62 -2.66 12.70 -13.74
N LYS A 63 -3.34 11.64 -13.39
CA LYS A 63 -4.71 11.43 -13.93
C LYS A 63 -5.73 11.41 -12.78
N LYS A 64 -6.99 11.29 -13.09
CA LYS A 64 -8.03 11.27 -12.02
C LYS A 64 -7.84 12.46 -11.08
N ARG A 65 -7.25 13.52 -11.57
CA ARG A 65 -7.05 14.71 -10.70
C ARG A 65 -8.04 15.82 -11.08
N LEU A 66 -8.45 15.87 -12.32
CA LEU A 66 -9.41 16.92 -12.75
C LEU A 66 -10.51 17.10 -11.69
N GLY A 67 -10.39 18.11 -10.87
CA GLY A 67 -11.42 18.34 -9.83
C GLY A 67 -11.06 19.59 -9.02
N ARG A 68 -12.03 20.22 -8.42
CA ARG A 68 -11.74 21.44 -7.62
C ARG A 68 -11.42 21.06 -6.17
N TYR A 69 -11.13 22.04 -5.34
CA TYR A 69 -10.82 21.77 -3.91
C TYR A 69 -9.74 20.67 -3.79
N LEU A 70 -8.59 21.03 -3.29
CA LEU A 70 -7.50 20.03 -3.13
C LEU A 70 -7.43 19.14 -4.36
N GLY A 71 -7.59 19.71 -5.51
CA GLY A 71 -7.54 18.93 -6.77
C GLY A 71 -6.16 19.08 -7.41
N LYS A 72 -5.95 18.48 -8.56
CA LYS A 72 -4.64 18.60 -9.23
C LYS A 72 -3.53 18.12 -8.30
N ARG A 73 -2.91 17.01 -8.63
CA ARG A 73 -1.81 16.50 -7.76
C ARG A 73 -2.22 16.58 -6.29
N PRO A 74 -3.05 15.65 -5.89
CA PRO A 74 -3.53 15.62 -4.49
C PRO A 74 -2.46 15.04 -3.58
N ASP A 75 -2.84 14.66 -2.39
CA ASP A 75 -1.85 14.07 -1.44
C ASP A 75 -2.22 12.62 -1.17
N ARG A 76 -1.71 11.73 -1.98
CA ARG A 76 -2.03 10.28 -1.79
C ARG A 76 -0.85 9.58 -1.10
N LYS A 77 -1.13 8.64 -0.24
CA LYS A 77 -0.02 7.91 0.45
C LYS A 77 -0.11 6.41 0.15
N LYS A 78 1.00 5.80 -0.17
CA LYS A 78 1.00 4.35 -0.47
C LYS A 78 1.73 3.58 0.63
N ALA A 79 1.38 2.34 0.87
CA ALA A 79 2.07 1.57 1.96
C ALA A 79 2.70 0.29 1.45
N ILE A 80 3.98 0.16 1.58
CA ILE A 80 4.67 -1.06 1.13
C ILE A 80 4.98 -1.93 2.34
N VAL A 81 4.34 -3.06 2.45
CA VAL A 81 4.57 -3.94 3.62
C VAL A 81 5.29 -5.22 3.18
N GLN A 82 6.27 -5.64 3.92
CA GLN A 82 6.99 -6.89 3.55
C GLN A 82 6.70 -7.95 4.58
N VAL A 83 6.72 -9.19 4.19
CA VAL A 83 6.45 -10.23 5.21
C VAL A 83 7.72 -11.04 5.44
N ALA A 84 7.81 -11.64 6.59
CA ALA A 84 9.04 -12.43 6.91
C ALA A 84 9.36 -13.39 5.76
N PRO A 85 10.42 -14.12 5.94
CA PRO A 85 10.87 -15.08 4.92
C PRO A 85 9.93 -16.29 4.87
N GLY A 86 9.64 -16.77 3.70
CA GLY A 86 8.72 -17.94 3.58
C GLY A 86 7.28 -17.45 3.46
N GLN A 87 7.01 -16.27 3.96
CA GLN A 87 5.62 -15.73 3.89
C GLN A 87 5.46 -14.81 2.68
N LYS A 88 4.24 -14.52 2.31
CA LYS A 88 4.02 -13.62 1.14
C LYS A 88 2.52 -13.44 0.89
N ILE A 89 1.98 -12.29 1.18
CA ILE A 89 0.53 -12.06 0.95
C ILE A 89 0.16 -12.47 -0.48
N GLU A 90 -0.24 -13.70 -0.65
CA GLU A 90 -0.59 -14.20 -2.01
C GLU A 90 -1.79 -13.44 -2.59
N ALA A 91 -2.49 -12.70 -1.77
CA ALA A 91 -3.67 -11.95 -2.28
C ALA A 91 -3.29 -11.07 -3.47
N LEU A 92 -2.10 -10.53 -3.49
CA LEU A 92 -1.69 -9.67 -4.63
C LEU A 92 -0.69 -10.39 -5.53
N GLU A 93 0.00 -11.36 -5.01
CA GLU A 93 1.00 -12.08 -5.84
C GLU A 93 0.38 -12.51 -7.16
N GLY A 94 -0.90 -12.77 -7.17
CA GLY A 94 -1.58 -13.19 -8.42
C GLY A 94 -2.37 -12.01 -8.98
N LEU A 95 -2.69 -11.06 -8.16
CA LEU A 95 -3.47 -9.88 -8.64
C LEU A 95 -2.79 -9.27 -9.86
N ILE A 96 -1.53 -9.55 -10.06
CA ILE A 96 -0.81 -8.98 -11.24
C ILE A 96 -1.67 -9.12 -12.50
N MET A 1 -13.80 -1.39 12.03
CA MET A 1 -12.58 -2.24 11.91
C MET A 1 -11.43 -1.44 11.29
N LYS A 2 -10.40 -1.13 12.05
CA LYS A 2 -9.27 -0.39 11.43
C LYS A 2 -8.34 -1.40 10.79
N THR A 3 -8.82 -2.07 9.78
CA THR A 3 -8.00 -3.08 9.09
C THR A 3 -7.61 -2.54 7.72
N ALA A 4 -8.22 -3.04 6.68
CA ALA A 4 -7.90 -2.52 5.33
C ALA A 4 -8.72 -1.25 5.07
N TYR A 5 -9.59 -0.93 5.99
CA TYR A 5 -10.44 0.29 5.89
C TYR A 5 -9.59 1.55 5.63
N ASP A 6 -9.96 2.64 6.27
CA ASP A 6 -9.22 3.92 6.14
C ASP A 6 -7.74 3.71 5.86
N VAL A 7 -7.05 3.02 6.73
CA VAL A 7 -5.60 2.80 6.54
C VAL A 7 -5.30 2.22 5.15
N ILE A 8 -4.91 0.97 5.07
CA ILE A 8 -4.59 0.38 3.74
C ILE A 8 -5.84 -0.21 3.08
N LEU A 9 -6.29 0.37 1.99
CA LEU A 9 -7.49 -0.18 1.31
C LEU A 9 -7.08 -1.18 0.22
N ALA A 10 -6.82 -0.71 -0.97
CA ALA A 10 -6.42 -1.64 -2.06
C ALA A 10 -4.93 -1.46 -2.39
N PRO A 11 -4.34 -2.53 -2.84
CA PRO A 11 -2.89 -2.51 -3.21
C PRO A 11 -2.69 -1.76 -4.52
N VAL A 12 -1.48 -1.68 -5.00
CA VAL A 12 -1.23 -0.96 -6.28
C VAL A 12 -0.73 -1.94 -7.36
N LEU A 13 -1.28 -1.87 -8.54
CA LEU A 13 -0.82 -2.78 -9.61
C LEU A 13 0.08 -2.03 -10.59
N SER A 14 1.34 -2.37 -10.64
CA SER A 14 2.27 -1.68 -11.58
C SER A 14 3.55 -2.49 -11.74
N GLU A 15 3.95 -2.75 -12.96
CA GLU A 15 5.19 -3.54 -13.19
C GLU A 15 6.30 -3.06 -12.24
N LYS A 16 6.65 -1.81 -12.31
CA LYS A 16 7.71 -1.27 -11.41
C LYS A 16 7.37 -1.57 -9.94
N ALA A 17 6.13 -1.88 -9.67
CA ALA A 17 5.73 -2.17 -8.27
C ALA A 17 5.70 -3.69 -8.04
N TYR A 18 5.07 -4.42 -8.92
CA TYR A 18 5.03 -5.90 -8.74
C TYR A 18 6.43 -6.45 -8.54
N ALA A 19 7.42 -5.85 -9.17
CA ALA A 19 8.81 -6.32 -8.98
C ALA A 19 9.20 -6.14 -7.52
N GLY A 20 8.51 -5.25 -6.85
CA GLY A 20 8.75 -5.02 -5.40
C GLY A 20 7.66 -5.79 -4.67
N PHE A 21 6.48 -5.76 -5.24
CA PHE A 21 5.36 -6.52 -4.65
C PHE A 21 5.70 -8.01 -4.73
N ALA A 22 6.64 -8.35 -5.58
CA ALA A 22 7.04 -9.76 -5.73
C ALA A 22 8.23 -10.07 -4.83
N GLU A 23 8.65 -9.14 -4.02
CA GLU A 23 9.81 -9.39 -3.12
C GLU A 23 9.38 -9.44 -1.66
N GLY A 24 8.11 -9.60 -1.40
CA GLY A 24 7.64 -9.66 -0.01
C GLY A 24 7.15 -8.28 0.43
N LYS A 25 7.65 -7.25 -0.19
CA LYS A 25 7.21 -5.87 0.18
C LYS A 25 5.89 -5.55 -0.53
N TYR A 26 4.98 -4.89 0.14
CA TYR A 26 3.68 -4.60 -0.52
C TYR A 26 3.32 -3.11 -0.47
N THR A 27 3.36 -2.47 -1.61
CA THR A 27 2.99 -1.03 -1.69
C THR A 27 1.46 -0.93 -1.72
N PHE A 28 0.87 -0.30 -0.76
CA PHE A 28 -0.61 -0.21 -0.75
C PHE A 28 -1.10 1.23 -0.86
N TRP A 29 -2.36 1.40 -1.16
CA TRP A 29 -2.94 2.76 -1.25
C TRP A 29 -3.61 3.01 0.09
N VAL A 30 -3.26 4.03 0.77
CA VAL A 30 -3.86 4.23 2.09
C VAL A 30 -4.05 5.71 2.41
N HIS A 31 -4.95 5.99 3.30
CA HIS A 31 -5.23 7.40 3.68
C HIS A 31 -3.95 8.05 4.23
N PRO A 32 -3.85 9.33 4.02
CA PRO A 32 -2.68 10.09 4.50
C PRO A 32 -2.74 10.24 6.01
N LYS A 33 -2.53 9.18 6.73
CA LYS A 33 -2.60 9.25 8.21
C LYS A 33 -2.33 7.88 8.82
N ALA A 34 -2.74 6.83 8.15
CA ALA A 34 -2.51 5.46 8.68
C ALA A 34 -1.09 5.36 9.26
N THR A 35 -0.95 5.59 10.54
CA THR A 35 0.40 5.51 11.16
C THR A 35 1.18 4.30 10.62
N LYS A 36 2.46 4.47 10.40
CA LYS A 36 3.26 3.32 9.87
C LYS A 36 2.87 2.04 10.59
N THR A 37 2.67 2.10 11.88
CA THR A 37 2.26 0.89 12.63
C THR A 37 0.83 0.50 12.27
N GLU A 38 -0.02 1.47 12.05
CA GLU A 38 -1.42 1.17 11.69
C GLU A 38 -1.45 0.32 10.41
N ILE A 39 -0.64 0.67 9.45
CA ILE A 39 -0.60 -0.12 8.18
C ILE A 39 -0.27 -1.58 8.53
N LYS A 40 0.51 -1.77 9.56
CA LYS A 40 0.86 -3.15 9.97
C LYS A 40 -0.40 -3.92 10.38
N ASN A 41 -1.23 -3.30 11.18
CA ASN A 41 -2.49 -3.96 11.62
C ASN A 41 -3.50 -4.04 10.48
N ALA A 42 -3.54 -3.06 9.62
CA ALA A 42 -4.53 -3.10 8.50
C ALA A 42 -4.35 -4.38 7.67
N VAL A 43 -3.15 -4.68 7.25
CA VAL A 43 -2.94 -5.92 6.44
C VAL A 43 -2.95 -7.15 7.35
N GLU A 44 -2.41 -7.04 8.53
CA GLU A 44 -2.39 -8.22 9.45
C GLU A 44 -3.81 -8.74 9.67
N THR A 45 -4.78 -7.87 9.66
CA THR A 45 -6.18 -8.31 9.89
C THR A 45 -6.75 -8.93 8.61
N ALA A 46 -6.54 -8.29 7.49
CA ALA A 46 -7.06 -8.83 6.20
C ALA A 46 -6.12 -9.89 5.62
N PHE A 47 -4.87 -9.55 5.43
CA PHE A 47 -3.91 -10.54 4.87
C PHE A 47 -3.58 -11.62 5.90
N LYS A 48 -3.79 -11.33 7.16
CA LYS A 48 -3.49 -12.32 8.22
C LYS A 48 -2.08 -12.87 8.03
N VAL A 49 -1.15 -11.99 7.78
CA VAL A 49 0.26 -12.44 7.59
C VAL A 49 1.14 -11.87 8.69
N LYS A 50 2.42 -11.86 8.49
CA LYS A 50 3.34 -11.31 9.53
C LYS A 50 4.08 -10.09 8.97
N VAL A 51 3.74 -8.92 9.43
CA VAL A 51 4.42 -7.70 8.93
C VAL A 51 5.79 -7.56 9.60
N VAL A 52 6.84 -7.56 8.83
CA VAL A 52 8.20 -7.44 9.42
C VAL A 52 8.78 -6.04 9.12
N LYS A 53 8.15 -5.32 8.23
CA LYS A 53 8.67 -3.96 7.90
C LYS A 53 7.68 -3.25 6.97
N VAL A 54 7.21 -2.10 7.36
CA VAL A 54 6.25 -1.37 6.48
C VAL A 54 6.79 0.04 6.17
N ASN A 55 6.79 0.42 4.93
CA ASN A 55 7.28 1.79 4.58
C ASN A 55 6.27 2.48 3.67
N THR A 56 5.68 3.55 4.13
CA THR A 56 4.69 4.27 3.29
C THR A 56 5.21 5.66 2.93
N LEU A 57 4.89 6.14 1.76
CA LEU A 57 5.39 7.48 1.35
C LEU A 57 4.22 8.37 0.87
N HIS A 58 4.36 9.66 0.99
CA HIS A 58 3.27 10.56 0.53
C HIS A 58 3.12 10.45 -0.99
N VAL A 59 1.99 10.02 -1.46
CA VAL A 59 1.80 9.89 -2.94
C VAL A 59 0.94 11.04 -3.46
N ARG A 60 1.47 11.81 -4.38
CA ARG A 60 0.67 12.94 -4.94
C ARG A 60 0.71 12.91 -6.47
N GLY A 61 -0.43 12.84 -7.10
CA GLY A 61 -0.46 12.81 -8.59
C GLY A 61 0.56 11.79 -9.10
N LYS A 62 0.74 11.73 -10.38
CA LYS A 62 1.72 10.74 -10.94
C LYS A 62 2.79 11.47 -11.77
N LYS A 63 2.43 12.58 -12.38
CA LYS A 63 3.41 13.34 -13.20
C LYS A 63 2.94 14.78 -13.40
N LYS A 64 2.93 15.56 -12.35
CA LYS A 64 2.48 16.98 -12.48
C LYS A 64 1.10 17.03 -13.14
N ARG A 65 0.49 18.18 -13.17
CA ARG A 65 -0.86 18.29 -13.81
C ARG A 65 -0.86 19.39 -14.87
N LEU A 66 0.19 20.17 -14.94
CA LEU A 66 0.25 21.25 -15.96
C LEU A 66 -1.11 21.96 -16.06
N GLY A 67 -1.63 22.39 -14.94
CA GLY A 67 -2.95 23.08 -14.94
C GLY A 67 -3.91 22.39 -15.91
N ARG A 68 -3.94 21.09 -15.87
CA ARG A 68 -4.85 20.34 -16.79
C ARG A 68 -5.24 19.00 -16.16
N TYR A 69 -5.99 18.20 -16.87
CA TYR A 69 -6.40 16.88 -16.31
C TYR A 69 -5.42 15.78 -16.77
N LEU A 70 -4.41 15.52 -15.98
CA LEU A 70 -3.42 14.47 -16.37
C LEU A 70 -2.90 13.76 -15.13
N GLY A 71 -3.77 13.50 -14.21
CA GLY A 71 -3.36 12.79 -12.96
C GLY A 71 -3.84 13.58 -11.75
N LYS A 72 -3.79 14.88 -11.81
CA LYS A 72 -4.25 15.71 -10.66
C LYS A 72 -3.38 15.44 -9.44
N ARG A 73 -3.69 16.03 -8.32
CA ARG A 73 -2.86 15.79 -7.10
C ARG A 73 -3.76 15.68 -5.86
N PRO A 74 -4.36 14.53 -5.71
CA PRO A 74 -5.25 14.28 -4.56
C PRO A 74 -4.43 14.01 -3.29
N ASP A 75 -5.04 13.50 -2.28
CA ASP A 75 -4.30 13.20 -1.02
C ASP A 75 -4.29 11.70 -0.78
N ARG A 76 -3.31 11.02 -1.30
CA ARG A 76 -3.23 9.55 -1.10
C ARG A 76 -1.88 9.18 -0.49
N LYS A 77 -1.83 8.10 0.25
CA LYS A 77 -0.56 7.68 0.89
C LYS A 77 -0.23 6.24 0.45
N LYS A 78 1.00 5.97 0.13
CA LYS A 78 1.37 4.59 -0.30
C LYS A 78 2.03 3.84 0.85
N ALA A 79 1.85 2.54 0.93
CA ALA A 79 2.47 1.77 2.05
C ALA A 79 3.15 0.51 1.56
N ILE A 80 4.43 0.39 1.82
CA ILE A 80 5.16 -0.84 1.40
C ILE A 80 5.27 -1.78 2.59
N VAL A 81 4.59 -2.88 2.54
CA VAL A 81 4.64 -3.84 3.69
C VAL A 81 5.47 -5.07 3.33
N GLN A 82 6.49 -5.35 4.08
CA GLN A 82 7.30 -6.56 3.79
C GLN A 82 6.97 -7.64 4.79
N VAL A 83 6.93 -8.87 4.38
CA VAL A 83 6.62 -9.92 5.37
C VAL A 83 7.87 -10.75 5.64
N ALA A 84 7.91 -11.40 6.75
CA ALA A 84 9.08 -12.23 7.10
C ALA A 84 9.09 -13.50 6.25
N PRO A 85 10.10 -14.29 6.45
CA PRO A 85 10.25 -15.56 5.70
C PRO A 85 9.23 -16.59 6.20
N GLY A 86 8.66 -17.34 5.31
CA GLY A 86 7.66 -18.36 5.72
C GLY A 86 6.26 -17.91 5.30
N GLN A 87 6.03 -16.62 5.26
CA GLN A 87 4.68 -16.12 4.86
C GLN A 87 4.76 -15.40 3.51
N LYS A 88 3.64 -14.97 2.99
CA LYS A 88 3.64 -14.26 1.68
C LYS A 88 2.22 -13.88 1.29
N ILE A 89 1.93 -12.60 1.21
CA ILE A 89 0.56 -12.17 0.83
C ILE A 89 0.29 -12.55 -0.64
N GLU A 90 0.34 -13.82 -0.94
CA GLU A 90 0.11 -14.27 -2.35
C GLU A 90 -1.28 -13.83 -2.85
N ALA A 91 -2.12 -13.39 -1.96
CA ALA A 91 -3.49 -12.96 -2.40
C ALA A 91 -3.40 -11.92 -3.52
N LEU A 92 -2.25 -11.31 -3.70
CA LEU A 92 -2.11 -10.29 -4.78
C LEU A 92 -1.30 -10.87 -5.93
N GLU A 93 -0.49 -11.86 -5.65
CA GLU A 93 0.34 -12.47 -6.73
C GLU A 93 -0.55 -12.90 -7.90
N GLY A 94 -1.82 -13.07 -7.67
CA GLY A 94 -2.73 -13.49 -8.78
C GLY A 94 -3.53 -12.28 -9.27
N LEU A 95 -3.62 -11.25 -8.48
CA LEU A 95 -4.40 -10.05 -8.91
C LEU A 95 -4.01 -9.66 -10.34
N ILE A 96 -2.83 -10.03 -10.77
CA ILE A 96 -2.40 -9.68 -12.16
C ILE A 96 -3.43 -10.17 -13.17
N MET A 1 -12.63 -0.48 12.65
CA MET A 1 -12.07 -1.82 12.29
C MET A 1 -10.77 -1.65 11.49
N LYS A 2 -9.71 -1.22 12.11
CA LYS A 2 -8.46 -1.08 11.32
C LYS A 2 -8.06 -2.45 10.79
N THR A 3 -8.57 -2.79 9.65
CA THR A 3 -8.26 -4.12 9.05
C THR A 3 -7.90 -4.00 7.57
N ALA A 4 -8.29 -2.91 6.97
CA ALA A 4 -8.01 -2.71 5.53
C ALA A 4 -8.61 -1.36 5.09
N TYR A 5 -9.65 -0.94 5.77
CA TYR A 5 -10.32 0.36 5.50
C TYR A 5 -9.32 1.51 5.32
N ASP A 6 -9.61 2.64 5.94
CA ASP A 6 -8.70 3.82 5.88
C ASP A 6 -7.26 3.41 5.60
N VAL A 7 -6.72 2.58 6.46
CA VAL A 7 -5.32 2.12 6.28
C VAL A 7 -5.19 1.18 5.09
N ILE A 8 -4.02 1.08 4.55
CA ILE A 8 -3.75 0.16 3.40
C ILE A 8 -5.05 -0.11 2.61
N LEU A 9 -5.75 0.92 2.22
CA LEU A 9 -7.02 0.72 1.46
C LEU A 9 -6.85 -0.34 0.36
N ALA A 10 -6.66 0.08 -0.86
CA ALA A 10 -6.52 -0.92 -1.97
C ALA A 10 -5.04 -1.12 -2.32
N PRO A 11 -4.74 -2.30 -2.81
CA PRO A 11 -3.36 -2.64 -3.20
C PRO A 11 -2.99 -1.98 -4.53
N VAL A 12 -1.74 -1.73 -4.75
CA VAL A 12 -1.32 -1.09 -6.05
C VAL A 12 -0.46 -2.07 -6.84
N LEU A 13 -1.00 -2.65 -7.87
CA LEU A 13 -0.20 -3.60 -8.70
C LEU A 13 0.26 -2.93 -9.99
N SER A 14 1.52 -2.60 -10.08
CA SER A 14 2.03 -1.94 -11.31
C SER A 14 3.36 -2.58 -11.74
N GLU A 15 3.95 -2.08 -12.79
CA GLU A 15 5.25 -2.67 -13.26
C GLU A 15 6.28 -2.60 -12.14
N LYS A 16 6.70 -1.42 -11.77
CA LYS A 16 7.72 -1.30 -10.69
C LYS A 16 7.24 -2.02 -9.43
N ALA A 17 6.01 -1.82 -9.05
CA ALA A 17 5.48 -2.49 -7.83
C ALA A 17 5.65 -4.01 -7.95
N TYR A 18 5.25 -4.57 -9.05
CA TYR A 18 5.38 -6.04 -9.23
C TYR A 18 6.85 -6.47 -9.08
N ALA A 19 7.75 -5.62 -9.50
CA ALA A 19 9.20 -5.97 -9.37
C ALA A 19 9.74 -5.48 -8.03
N GLY A 20 8.95 -4.71 -7.32
CA GLY A 20 9.40 -4.20 -5.99
C GLY A 20 8.71 -5.02 -4.91
N PHE A 21 7.47 -5.36 -5.13
CA PHE A 21 6.74 -6.16 -4.13
C PHE A 21 7.22 -7.61 -4.20
N ALA A 22 7.85 -7.96 -5.30
CA ALA A 22 8.35 -9.35 -5.48
C ALA A 22 9.31 -9.73 -4.35
N GLU A 23 9.86 -8.75 -3.67
CA GLU A 23 10.80 -9.05 -2.56
C GLU A 23 10.04 -9.20 -1.24
N GLY A 24 8.75 -9.40 -1.32
CA GLY A 24 7.94 -9.54 -0.09
C GLY A 24 7.38 -8.16 0.29
N LYS A 25 7.68 -7.17 -0.51
CA LYS A 25 7.17 -5.80 -0.23
C LYS A 25 5.74 -5.66 -0.76
N TYR A 26 4.89 -4.96 -0.08
CA TYR A 26 3.49 -4.81 -0.57
C TYR A 26 3.08 -3.34 -0.65
N THR A 27 3.14 -2.77 -1.82
CA THR A 27 2.73 -1.35 -1.99
C THR A 27 1.21 -1.27 -1.94
N PHE A 28 0.69 -0.43 -1.10
CA PHE A 28 -0.79 -0.33 -0.98
C PHE A 28 -1.25 1.12 -1.04
N TRP A 29 -2.52 1.33 -1.24
CA TRP A 29 -3.07 2.71 -1.27
C TRP A 29 -3.69 2.94 0.09
N VAL A 30 -3.28 3.93 0.79
CA VAL A 30 -3.83 4.11 2.14
C VAL A 30 -4.05 5.58 2.49
N HIS A 31 -4.81 5.82 3.52
CA HIS A 31 -5.10 7.21 3.95
C HIS A 31 -3.82 7.90 4.43
N PRO A 32 -3.80 9.19 4.25
CA PRO A 32 -2.63 9.99 4.68
C PRO A 32 -2.62 10.11 6.19
N LYS A 33 -2.41 9.03 6.88
CA LYS A 33 -2.42 9.07 8.36
C LYS A 33 -2.15 7.68 8.93
N ALA A 34 -2.58 6.65 8.24
CA ALA A 34 -2.35 5.26 8.72
C ALA A 34 -0.95 5.14 9.30
N THR A 35 -0.80 5.33 10.59
CA THR A 35 0.56 5.25 11.20
C THR A 35 1.29 3.99 10.71
N LYS A 36 2.58 4.10 10.49
CA LYS A 36 3.34 2.91 10.00
C LYS A 36 2.90 1.67 10.78
N THR A 37 2.64 1.80 12.04
CA THR A 37 2.20 0.62 12.85
C THR A 37 0.75 0.28 12.48
N GLU A 38 -0.07 1.27 12.22
CA GLU A 38 -1.48 1.00 11.85
C GLU A 38 -1.50 0.12 10.59
N ILE A 39 -0.68 0.46 9.63
CA ILE A 39 -0.63 -0.36 8.38
C ILE A 39 -0.31 -1.81 8.75
N LYS A 40 0.44 -1.99 9.81
CA LYS A 40 0.80 -3.37 10.25
C LYS A 40 -0.45 -4.12 10.69
N ASN A 41 -1.28 -3.48 11.46
CA ASN A 41 -2.51 -4.15 11.97
C ASN A 41 -3.54 -4.37 10.85
N ALA A 42 -3.85 -3.37 10.08
CA ALA A 42 -4.88 -3.55 9.01
C ALA A 42 -4.48 -4.68 8.05
N VAL A 43 -3.28 -4.66 7.54
CA VAL A 43 -2.85 -5.74 6.61
C VAL A 43 -2.93 -7.10 7.31
N GLU A 44 -2.52 -7.17 8.55
CA GLU A 44 -2.56 -8.47 9.27
C GLU A 44 -4.01 -8.95 9.46
N THR A 45 -4.94 -8.04 9.56
CA THR A 45 -6.37 -8.46 9.76
C THR A 45 -6.89 -9.21 8.53
N ALA A 46 -6.66 -8.68 7.36
CA ALA A 46 -7.17 -9.36 6.12
C ALA A 46 -6.17 -10.40 5.60
N PHE A 47 -4.97 -10.00 5.32
CA PHE A 47 -3.96 -10.97 4.80
C PHE A 47 -3.52 -11.94 5.89
N LYS A 48 -3.70 -11.57 7.13
CA LYS A 48 -3.30 -12.49 8.23
C LYS A 48 -1.88 -12.99 7.98
N VAL A 49 -1.03 -12.13 7.53
CA VAL A 49 0.38 -12.54 7.27
C VAL A 49 1.28 -12.04 8.40
N LYS A 50 2.56 -11.98 8.16
CA LYS A 50 3.48 -11.47 9.22
C LYS A 50 4.12 -10.18 8.76
N VAL A 51 3.79 -9.08 9.39
CA VAL A 51 4.40 -7.79 8.98
C VAL A 51 5.81 -7.70 9.53
N VAL A 52 6.77 -7.57 8.65
CA VAL A 52 8.19 -7.50 9.10
C VAL A 52 8.78 -6.13 8.80
N LYS A 53 8.12 -5.37 7.98
CA LYS A 53 8.62 -4.01 7.64
C LYS A 53 7.66 -3.31 6.68
N VAL A 54 7.05 -2.24 7.13
CA VAL A 54 6.09 -1.51 6.24
C VAL A 54 6.66 -0.14 5.89
N ASN A 55 6.65 0.21 4.63
CA ASN A 55 7.17 1.54 4.23
C ASN A 55 6.17 2.24 3.32
N THR A 56 5.63 3.34 3.76
CA THR A 56 4.64 4.07 2.92
C THR A 56 5.21 5.43 2.52
N LEU A 57 4.69 6.02 1.49
CA LEU A 57 5.23 7.35 1.05
C LEU A 57 4.08 8.26 0.59
N HIS A 58 4.36 9.53 0.43
CA HIS A 58 3.29 10.47 -0.02
C HIS A 58 3.06 10.33 -1.53
N VAL A 59 1.87 9.95 -1.91
CA VAL A 59 1.58 9.79 -3.37
C VAL A 59 0.46 10.73 -3.79
N ARG A 60 0.65 11.46 -4.86
CA ARG A 60 -0.41 12.39 -5.32
C ARG A 60 -0.42 12.47 -6.85
N GLY A 61 -1.59 12.44 -7.45
CA GLY A 61 -1.67 12.51 -8.93
C GLY A 61 -0.83 13.69 -9.44
N LYS A 62 -0.82 13.92 -10.73
CA LYS A 62 -0.02 15.04 -11.27
C LYS A 62 -0.81 15.75 -12.39
N LYS A 63 -2.04 16.08 -12.13
CA LYS A 63 -2.86 16.77 -13.17
C LYS A 63 -3.87 17.72 -12.51
N LYS A 64 -5.04 17.22 -12.21
CA LYS A 64 -6.06 18.08 -11.56
C LYS A 64 -5.41 18.95 -10.47
N ARG A 65 -5.03 18.36 -9.38
CA ARG A 65 -4.40 19.15 -8.28
C ARG A 65 -3.23 19.97 -8.83
N LEU A 66 -2.84 21.00 -8.12
CA LEU A 66 -1.71 21.85 -8.60
C LEU A 66 -1.48 23.01 -7.63
N GLY A 67 -0.43 22.94 -6.86
CA GLY A 67 -0.15 24.04 -5.89
C GLY A 67 -0.39 25.40 -6.56
N ARG A 68 -1.56 25.94 -6.41
CA ARG A 68 -1.85 27.26 -7.03
C ARG A 68 -3.12 27.87 -6.43
N TYR A 69 -3.60 28.95 -6.98
CA TYR A 69 -4.84 29.58 -6.43
C TYR A 69 -5.92 28.52 -6.22
N LEU A 70 -6.58 28.56 -5.09
CA LEU A 70 -7.65 27.56 -4.81
C LEU A 70 -7.22 26.18 -5.28
N GLY A 71 -5.99 25.84 -5.05
CA GLY A 71 -5.46 24.51 -5.46
C GLY A 71 -5.00 23.74 -4.23
N LYS A 72 -5.14 22.44 -4.24
CA LYS A 72 -4.70 21.63 -3.07
C LYS A 72 -4.50 20.17 -3.48
N ARG A 73 -3.76 19.42 -2.70
CA ARG A 73 -3.52 17.99 -3.03
C ARG A 73 -4.52 17.09 -2.29
N PRO A 74 -4.89 16.02 -2.92
CA PRO A 74 -5.84 15.06 -2.31
C PRO A 74 -5.16 14.25 -1.20
N ASP A 75 -5.78 13.19 -0.78
CA ASP A 75 -5.17 12.34 0.28
C ASP A 75 -4.83 10.98 -0.30
N ARG A 76 -3.65 10.84 -0.82
CA ARG A 76 -3.24 9.54 -1.42
C ARG A 76 -1.88 9.11 -0.85
N LYS A 77 -1.85 8.05 -0.08
CA LYS A 77 -0.57 7.60 0.51
C LYS A 77 -0.29 6.14 0.10
N LYS A 78 0.93 5.82 -0.23
CA LYS A 78 1.25 4.42 -0.63
C LYS A 78 1.92 3.67 0.52
N ALA A 79 1.69 2.39 0.64
CA ALA A 79 2.33 1.61 1.75
C ALA A 79 2.99 0.34 1.26
N ILE A 80 4.24 0.15 1.59
CA ILE A 80 4.94 -1.08 1.17
C ILE A 80 5.10 -2.00 2.38
N VAL A 81 4.42 -3.10 2.39
CA VAL A 81 4.52 -4.03 3.57
C VAL A 81 5.53 -5.13 3.28
N GLN A 82 6.30 -5.51 4.27
CA GLN A 82 7.30 -6.58 4.06
C GLN A 82 7.02 -7.73 5.02
N VAL A 83 7.20 -8.93 4.59
CA VAL A 83 6.95 -10.06 5.52
C VAL A 83 8.19 -10.95 5.61
N ALA A 84 8.29 -11.68 6.68
CA ALA A 84 9.45 -12.58 6.88
C ALA A 84 9.76 -13.35 5.59
N PRO A 85 10.87 -14.03 5.62
CA PRO A 85 11.31 -14.84 4.47
C PRO A 85 10.53 -16.15 4.41
N GLY A 86 9.23 -16.06 4.39
CA GLY A 86 8.40 -17.30 4.33
C GLY A 86 6.95 -16.92 4.03
N GLN A 87 6.40 -15.95 4.71
CA GLN A 87 5.00 -15.55 4.47
C GLN A 87 4.75 -15.31 2.97
N LYS A 88 3.60 -14.83 2.63
CA LYS A 88 3.30 -14.56 1.19
C LYS A 88 1.86 -14.02 1.04
N ILE A 89 1.65 -12.76 1.29
CA ILE A 89 0.29 -12.20 1.15
C ILE A 89 -0.32 -12.63 -0.19
N GLU A 90 -1.30 -13.50 -0.15
CA GLU A 90 -1.93 -13.97 -1.41
C GLU A 90 -2.69 -12.84 -2.10
N ALA A 91 -2.94 -11.77 -1.41
CA ALA A 91 -3.69 -10.64 -2.03
C ALA A 91 -2.96 -10.14 -3.29
N LEU A 92 -1.65 -10.12 -3.29
CA LEU A 92 -0.91 -9.64 -4.49
C LEU A 92 -0.27 -10.83 -5.21
N GLU A 93 -0.04 -11.90 -4.52
CA GLU A 93 0.60 -13.08 -5.18
C GLU A 93 -0.29 -13.59 -6.32
N GLY A 94 -1.58 -13.45 -6.20
CA GLY A 94 -2.49 -13.93 -7.28
C GLY A 94 -2.91 -12.75 -8.15
N LEU A 95 -2.66 -11.54 -7.70
CA LEU A 95 -3.06 -10.36 -8.51
C LEU A 95 -2.02 -10.10 -9.61
N ILE A 96 -0.90 -10.77 -9.55
CA ILE A 96 0.15 -10.57 -10.60
C ILE A 96 -0.32 -11.16 -11.93
N MET A 1 -15.22 3.77 6.05
CA MET A 1 -13.75 3.91 6.30
C MET A 1 -12.97 2.94 5.43
N LYS A 2 -11.83 3.33 4.95
CA LYS A 2 -10.99 2.38 4.15
C LYS A 2 -10.99 1.05 4.89
N THR A 3 -11.83 0.14 4.46
CA THR A 3 -11.96 -1.22 5.11
C THR A 3 -11.07 -1.31 6.36
N ALA A 4 -9.79 -1.37 6.17
CA ALA A 4 -8.85 -1.40 7.32
C ALA A 4 -9.12 -0.17 8.19
N TYR A 5 -10.13 -0.23 9.03
CA TYR A 5 -10.48 0.95 9.90
C TYR A 5 -9.97 2.25 9.27
N ASP A 6 -10.24 2.42 8.00
CA ASP A 6 -9.80 3.63 7.25
C ASP A 6 -8.27 3.69 7.14
N VAL A 7 -7.66 2.63 6.66
CA VAL A 7 -6.19 2.62 6.48
C VAL A 7 -5.85 2.03 5.10
N ILE A 8 -5.02 1.02 5.06
CA ILE A 8 -4.65 0.40 3.77
C ILE A 8 -5.90 -0.11 3.04
N LEU A 9 -5.86 -0.16 1.73
CA LEU A 9 -7.06 -0.63 0.98
C LEU A 9 -6.64 -1.66 -0.08
N ALA A 10 -6.51 -1.25 -1.32
CA ALA A 10 -6.11 -2.21 -2.38
C ALA A 10 -4.68 -1.95 -2.85
N PRO A 11 -4.06 -2.97 -3.34
CA PRO A 11 -2.66 -2.86 -3.83
C PRO A 11 -2.62 -2.14 -5.18
N VAL A 12 -1.48 -1.63 -5.57
CA VAL A 12 -1.39 -0.92 -6.88
C VAL A 12 -0.68 -1.81 -7.92
N LEU A 13 -1.12 -1.75 -9.14
CA LEU A 13 -0.46 -2.58 -10.19
C LEU A 13 0.47 -1.72 -11.04
N SER A 14 1.75 -1.86 -10.87
CA SER A 14 2.72 -1.06 -11.66
C SER A 14 4.06 -1.78 -11.76
N GLU A 15 4.70 -1.71 -12.90
CA GLU A 15 6.00 -2.40 -13.07
C GLU A 15 6.86 -2.21 -11.81
N LYS A 16 7.05 -0.99 -11.39
CA LYS A 16 7.88 -0.75 -10.17
C LYS A 16 7.33 -1.56 -8.99
N ALA A 17 6.04 -1.61 -8.85
CA ALA A 17 5.45 -2.37 -7.72
C ALA A 17 5.73 -3.87 -7.91
N TYR A 18 5.22 -4.45 -8.95
CA TYR A 18 5.46 -5.90 -9.19
C TYR A 18 6.94 -6.22 -9.05
N ALA A 19 7.79 -5.30 -9.38
CA ALA A 19 9.25 -5.55 -9.26
C ALA A 19 9.73 -5.22 -7.84
N GLY A 20 8.87 -4.61 -7.07
CA GLY A 20 9.25 -4.27 -5.66
C GLY A 20 8.47 -5.17 -4.71
N PHE A 21 7.23 -5.44 -5.04
CA PHE A 21 6.41 -6.32 -4.18
C PHE A 21 6.88 -7.76 -4.37
N ALA A 22 7.50 -8.04 -5.48
CA ALA A 22 7.99 -9.42 -5.74
C ALA A 22 8.83 -9.91 -4.56
N GLU A 23 9.33 -9.00 -3.77
CA GLU A 23 10.16 -9.40 -2.61
C GLU A 23 9.29 -9.51 -1.35
N GLY A 24 8.01 -9.59 -1.52
CA GLY A 24 7.11 -9.70 -0.34
C GLY A 24 6.63 -8.31 0.07
N LYS A 25 7.02 -7.29 -0.65
CA LYS A 25 6.58 -5.91 -0.31
C LYS A 25 5.18 -5.65 -0.87
N TYR A 26 4.35 -4.94 -0.16
CA TYR A 26 2.96 -4.70 -0.67
C TYR A 26 2.61 -3.22 -0.68
N THR A 27 2.62 -2.62 -1.83
CA THR A 27 2.24 -1.18 -1.95
C THR A 27 0.73 -1.04 -1.84
N PHE A 28 0.26 -0.26 -0.93
CA PHE A 28 -1.20 -0.10 -0.75
C PHE A 28 -1.61 1.36 -0.85
N TRP A 29 -2.88 1.61 -1.02
CA TRP A 29 -3.37 3.01 -1.06
C TRP A 29 -4.00 3.27 0.29
N VAL A 30 -3.54 4.25 1.01
CA VAL A 30 -4.11 4.46 2.35
C VAL A 30 -4.20 5.94 2.71
N HIS A 31 -4.93 6.24 3.73
CA HIS A 31 -5.10 7.66 4.15
C HIS A 31 -3.75 8.26 4.54
N PRO A 32 -3.62 9.54 4.30
CA PRO A 32 -2.38 10.26 4.62
C PRO A 32 -2.24 10.43 6.13
N LYS A 33 -1.98 9.36 6.83
CA LYS A 33 -1.85 9.45 8.31
C LYS A 33 -1.56 8.06 8.89
N ALA A 34 -2.10 7.03 8.28
CA ALA A 34 -1.86 5.66 8.81
C ALA A 34 -0.36 5.44 9.01
N THR A 35 0.14 5.74 10.18
CA THR A 35 1.60 5.54 10.44
C THR A 35 2.04 4.15 9.98
N LYS A 36 3.31 3.87 10.08
CA LYS A 36 3.81 2.53 9.63
C LYS A 36 3.29 1.43 10.58
N THR A 37 3.07 1.77 11.82
CA THR A 37 2.57 0.76 12.80
C THR A 37 1.08 0.47 12.56
N GLU A 38 0.26 1.47 12.50
CA GLU A 38 -1.18 1.23 12.27
C GLU A 38 -1.39 0.42 10.99
N ILE A 39 -0.67 0.75 9.96
CA ILE A 39 -0.82 -0.02 8.69
C ILE A 39 -0.54 -1.51 8.96
N LYS A 40 0.31 -1.79 9.92
CA LYS A 40 0.64 -3.20 10.25
C LYS A 40 -0.60 -3.96 10.75
N ASN A 41 -1.32 -3.37 11.65
CA ASN A 41 -2.52 -4.06 12.23
C ASN A 41 -3.60 -4.35 11.17
N ALA A 42 -3.77 -3.51 10.20
CA ALA A 42 -4.85 -3.78 9.19
C ALA A 42 -4.50 -4.97 8.29
N VAL A 43 -3.33 -5.00 7.71
CA VAL A 43 -2.99 -6.15 6.82
C VAL A 43 -2.81 -7.43 7.63
N GLU A 44 -2.33 -7.33 8.85
CA GLU A 44 -2.14 -8.56 9.67
C GLU A 44 -3.48 -9.26 9.86
N THR A 45 -4.47 -8.56 10.33
CA THR A 45 -5.81 -9.18 10.53
C THR A 45 -6.56 -9.28 9.20
N ALA A 46 -6.23 -8.43 8.26
CA ALA A 46 -6.93 -8.48 6.95
C ALA A 46 -6.28 -9.51 6.02
N PHE A 47 -5.04 -9.31 5.65
CA PHE A 47 -4.36 -10.28 4.75
C PHE A 47 -4.05 -11.57 5.51
N LYS A 48 -4.00 -11.50 6.82
CA LYS A 48 -3.71 -12.71 7.64
C LYS A 48 -2.28 -13.18 7.39
N VAL A 49 -1.35 -12.27 7.36
CA VAL A 49 0.06 -12.65 7.13
C VAL A 49 0.93 -12.09 8.25
N LYS A 50 2.22 -12.02 8.03
CA LYS A 50 3.12 -11.48 9.08
C LYS A 50 3.75 -10.18 8.59
N VAL A 51 3.45 -9.08 9.23
CA VAL A 51 4.05 -7.78 8.79
C VAL A 51 5.49 -7.69 9.31
N VAL A 52 6.42 -7.58 8.42
CA VAL A 52 7.85 -7.53 8.84
C VAL A 52 8.46 -6.16 8.52
N LYS A 53 7.79 -5.39 7.70
CA LYS A 53 8.31 -4.04 7.36
C LYS A 53 7.31 -3.31 6.46
N VAL A 54 6.76 -2.23 6.94
CA VAL A 54 5.79 -1.47 6.12
C VAL A 54 6.38 -0.10 5.76
N ASN A 55 6.58 0.16 4.51
CA ASN A 55 7.13 1.47 4.09
C ASN A 55 6.11 2.22 3.24
N THR A 56 5.64 3.33 3.71
CA THR A 56 4.64 4.11 2.92
C THR A 56 5.22 5.46 2.52
N LEU A 57 4.72 6.03 1.46
CA LEU A 57 5.24 7.35 1.01
C LEU A 57 4.10 8.19 0.43
N HIS A 58 4.28 9.48 0.33
CA HIS A 58 3.21 10.34 -0.22
C HIS A 58 3.25 10.33 -1.75
N VAL A 59 2.15 9.97 -2.35
CA VAL A 59 2.10 9.93 -3.84
C VAL A 59 1.01 10.89 -4.36
N ARG A 60 1.40 11.92 -5.05
CA ARG A 60 0.40 12.89 -5.58
C ARG A 60 0.11 12.60 -7.05
N GLY A 61 -0.99 11.94 -7.33
CA GLY A 61 -1.33 11.61 -8.74
C GLY A 61 -2.68 10.88 -8.79
N LYS A 62 -3.75 11.59 -8.98
CA LYS A 62 -5.08 10.93 -9.03
C LYS A 62 -6.14 11.92 -9.53
N LYS A 63 -6.03 13.16 -9.16
CA LYS A 63 -7.03 14.17 -9.61
C LYS A 63 -6.81 14.51 -11.08
N LYS A 64 -7.86 14.82 -11.80
CA LYS A 64 -7.72 15.15 -13.24
C LYS A 64 -6.50 16.05 -13.46
N ARG A 65 -5.80 15.85 -14.55
CA ARG A 65 -4.59 16.68 -14.84
C ARG A 65 -4.51 16.98 -16.33
N LEU A 66 -4.68 15.98 -17.15
CA LEU A 66 -4.62 16.20 -18.63
C LEU A 66 -3.26 16.78 -19.03
N GLY A 67 -2.20 16.18 -18.57
CA GLY A 67 -0.83 16.67 -18.92
C GLY A 67 -0.81 18.19 -18.96
N ARG A 68 -0.74 18.83 -17.83
CA ARG A 68 -0.72 20.33 -17.81
C ARG A 68 0.36 20.84 -16.86
N TYR A 69 0.91 21.99 -17.13
CA TYR A 69 1.97 22.53 -16.23
C TYR A 69 1.55 22.37 -14.77
N LEU A 70 2.32 21.63 -14.01
CA LEU A 70 1.97 21.42 -12.57
C LEU A 70 0.47 21.21 -12.41
N GLY A 71 0.05 20.00 -12.40
CA GLY A 71 -1.42 19.71 -12.25
C GLY A 71 -1.81 19.86 -10.78
N LYS A 72 -2.99 19.41 -10.42
CA LYS A 72 -3.43 19.52 -9.01
C LYS A 72 -3.55 18.13 -8.38
N ARG A 73 -2.46 17.55 -7.97
CA ARG A 73 -2.51 16.20 -7.36
C ARG A 73 -3.01 16.30 -5.90
N PRO A 74 -3.81 15.35 -5.52
CA PRO A 74 -4.36 15.33 -4.15
C PRO A 74 -3.27 14.92 -3.14
N ASP A 75 -3.66 14.57 -1.96
CA ASP A 75 -2.67 14.16 -0.94
C ASP A 75 -2.89 12.69 -0.59
N ARG A 76 -2.26 11.82 -1.31
CA ARG A 76 -2.42 10.36 -1.04
C ARG A 76 -1.06 9.70 -0.81
N LYS A 77 -1.00 8.73 0.06
CA LYS A 77 0.30 8.04 0.31
C LYS A 77 0.15 6.53 0.08
N LYS A 78 1.14 5.90 -0.48
CA LYS A 78 1.04 4.42 -0.72
C LYS A 78 1.82 3.68 0.38
N ALA A 79 1.41 2.48 0.72
CA ALA A 79 2.12 1.74 1.80
C ALA A 79 2.74 0.44 1.28
N ILE A 80 4.00 0.23 1.54
CA ILE A 80 4.64 -1.03 1.10
C ILE A 80 4.86 -1.94 2.30
N VAL A 81 4.15 -3.03 2.36
CA VAL A 81 4.30 -3.97 3.52
C VAL A 81 5.15 -5.18 3.13
N GLN A 82 6.04 -5.59 4.00
CA GLN A 82 6.88 -6.77 3.68
C GLN A 82 6.62 -7.88 4.70
N VAL A 83 6.84 -9.10 4.31
CA VAL A 83 6.60 -10.19 5.28
C VAL A 83 7.84 -11.07 5.41
N ALA A 84 7.95 -11.75 6.52
CA ALA A 84 9.13 -12.64 6.76
C ALA A 84 9.43 -13.47 5.52
N PRO A 85 10.49 -14.24 5.63
CA PRO A 85 10.93 -15.12 4.52
C PRO A 85 9.99 -16.32 4.40
N GLY A 86 9.68 -16.71 3.19
CA GLY A 86 8.77 -17.87 3.00
C GLY A 86 7.31 -17.39 3.00
N GLN A 87 7.06 -16.25 3.56
CA GLN A 87 5.66 -15.73 3.59
C GLN A 87 5.38 -14.89 2.35
N LYS A 88 4.14 -14.57 2.09
CA LYS A 88 3.82 -13.76 0.90
C LYS A 88 2.30 -13.52 0.81
N ILE A 89 1.83 -12.38 1.24
CA ILE A 89 0.36 -12.10 1.16
C ILE A 89 -0.17 -12.55 -0.21
N GLU A 90 -0.86 -13.66 -0.23
CA GLU A 90 -1.41 -14.18 -1.52
C GLU A 90 -2.30 -13.15 -2.23
N ALA A 91 -2.70 -12.12 -1.54
CA ALA A 91 -3.57 -11.10 -2.19
C ALA A 91 -2.94 -10.56 -3.48
N LEU A 92 -1.65 -10.40 -3.49
CA LEU A 92 -0.97 -9.89 -4.73
C LEU A 92 -0.23 -11.02 -5.44
N GLU A 93 0.12 -12.05 -4.70
CA GLU A 93 0.85 -13.18 -5.32
C GLU A 93 0.15 -13.65 -6.60
N GLY A 94 -1.16 -13.79 -6.55
CA GLY A 94 -1.89 -14.25 -7.76
C GLY A 94 -2.49 -13.05 -8.50
N LEU A 95 -2.26 -11.86 -8.01
CA LEU A 95 -2.81 -10.66 -8.69
C LEU A 95 -1.98 -10.31 -9.93
N ILE A 96 -1.01 -11.12 -10.24
CA ILE A 96 -0.16 -10.84 -11.44
C ILE A 96 -0.90 -11.26 -12.71
N MET A 1 -13.05 -2.06 13.30
CA MET A 1 -11.76 -2.70 12.92
C MET A 1 -10.87 -1.71 12.16
N LYS A 2 -9.76 -1.32 12.74
CA LYS A 2 -8.86 -0.37 12.03
C LYS A 2 -7.77 -1.16 11.32
N THR A 3 -8.07 -1.68 10.16
CA THR A 3 -7.04 -2.46 9.42
C THR A 3 -7.01 -2.02 7.95
N ALA A 4 -7.72 -2.70 7.09
CA ALA A 4 -7.74 -2.31 5.65
C ALA A 4 -8.63 -1.09 5.46
N TYR A 5 -9.47 -0.82 6.42
CA TYR A 5 -10.37 0.38 6.35
C TYR A 5 -9.54 1.65 6.13
N ASP A 6 -9.90 2.72 6.80
CA ASP A 6 -9.16 4.00 6.67
C ASP A 6 -7.66 3.79 6.40
N VAL A 7 -6.98 3.09 7.27
CA VAL A 7 -5.51 2.87 7.09
C VAL A 7 -5.19 2.46 5.64
N ILE A 8 -4.98 1.21 5.39
CA ILE A 8 -4.62 0.78 4.01
C ILE A 8 -5.90 0.48 3.20
N LEU A 9 -6.27 1.35 2.31
CA LEU A 9 -7.49 1.12 1.49
C LEU A 9 -7.24 -0.01 0.48
N ALA A 10 -6.94 0.32 -0.74
CA ALA A 10 -6.70 -0.74 -1.76
C ALA A 10 -5.21 -0.82 -2.12
N PRO A 11 -4.82 -1.94 -2.65
CA PRO A 11 -3.40 -2.15 -3.04
C PRO A 11 -3.09 -1.38 -4.34
N VAL A 12 -1.84 -1.32 -4.71
CA VAL A 12 -1.47 -0.58 -5.96
C VAL A 12 -0.91 -1.56 -7.00
N LEU A 13 -1.36 -1.48 -8.22
CA LEU A 13 -0.83 -2.39 -9.26
C LEU A 13 0.16 -1.64 -10.16
N SER A 14 1.43 -1.91 -10.02
CA SER A 14 2.43 -1.21 -10.87
C SER A 14 3.78 -1.94 -10.77
N GLU A 15 4.49 -2.04 -11.86
CA GLU A 15 5.81 -2.74 -11.83
C GLU A 15 6.59 -2.32 -10.59
N LYS A 16 6.56 -1.05 -10.25
CA LYS A 16 7.30 -0.58 -9.05
C LYS A 16 6.89 -1.39 -7.83
N ALA A 17 5.71 -1.95 -7.84
CA ALA A 17 5.25 -2.76 -6.68
C ALA A 17 5.43 -4.25 -6.97
N TYR A 18 4.93 -4.71 -8.09
CA TYR A 18 5.07 -6.14 -8.44
C TYR A 18 6.55 -6.53 -8.39
N ALA A 19 7.40 -5.74 -9.00
CA ALA A 19 8.85 -6.05 -8.97
C ALA A 19 9.37 -5.88 -7.54
N GLY A 20 8.55 -5.33 -6.68
CA GLY A 20 8.94 -5.16 -5.26
C GLY A 20 8.34 -6.31 -4.49
N PHE A 21 7.12 -6.66 -4.81
CA PHE A 21 6.47 -7.80 -4.13
C PHE A 21 7.46 -8.96 -4.16
N ALA A 22 8.31 -8.95 -5.15
CA ALA A 22 9.32 -10.02 -5.32
C ALA A 22 9.86 -10.47 -3.95
N GLU A 23 10.14 -9.52 -3.09
CA GLU A 23 10.67 -9.90 -1.76
C GLU A 23 9.54 -10.00 -0.73
N GLY A 24 8.40 -9.44 -1.02
CA GLY A 24 7.27 -9.51 -0.06
C GLY A 24 6.81 -8.10 0.30
N LYS A 25 7.36 -7.10 -0.33
CA LYS A 25 6.94 -5.70 -0.02
C LYS A 25 5.67 -5.37 -0.80
N TYR A 26 4.65 -4.88 -0.15
CA TYR A 26 3.40 -4.57 -0.89
C TYR A 26 2.92 -3.12 -0.64
N THR A 27 2.94 -2.33 -1.67
CA THR A 27 2.48 -0.92 -1.56
C THR A 27 0.96 -0.82 -1.66
N PHE A 28 0.35 -0.24 -0.68
CA PHE A 28 -1.14 -0.12 -0.70
C PHE A 28 -1.55 1.35 -0.61
N TRP A 29 -2.65 1.71 -1.21
CA TRP A 29 -3.13 3.11 -1.10
C TRP A 29 -3.75 3.25 0.29
N VAL A 30 -3.27 4.17 1.08
CA VAL A 30 -3.81 4.28 2.46
C VAL A 30 -4.06 5.73 2.84
N HIS A 31 -4.96 5.96 3.74
CA HIS A 31 -5.19 7.35 4.19
C HIS A 31 -3.83 7.91 4.59
N PRO A 32 -3.51 9.06 4.10
CA PRO A 32 -2.20 9.65 4.42
C PRO A 32 -2.13 9.95 5.91
N LYS A 33 -2.00 8.92 6.70
CA LYS A 33 -1.95 9.09 8.17
C LYS A 33 -1.80 7.73 8.84
N ALA A 34 -2.39 6.71 8.25
CA ALA A 34 -2.29 5.34 8.84
C ALA A 34 -0.86 5.11 9.33
N THR A 35 -0.61 5.34 10.59
CA THR A 35 0.77 5.15 11.14
C THR A 35 1.44 3.93 10.51
N LYS A 36 2.63 4.09 9.99
CA LYS A 36 3.33 2.93 9.36
C LYS A 36 3.14 1.69 10.22
N THR A 37 3.05 1.87 11.52
CA THR A 37 2.84 0.70 12.41
C THR A 37 1.42 0.19 12.26
N GLU A 38 0.45 1.05 12.36
CA GLU A 38 -0.97 0.61 12.21
C GLU A 38 -1.13 -0.10 10.87
N ILE A 39 -0.48 0.40 9.85
CA ILE A 39 -0.58 -0.25 8.51
C ILE A 39 -0.11 -1.70 8.63
N LYS A 40 0.81 -1.95 9.53
CA LYS A 40 1.32 -3.34 9.71
C LYS A 40 0.18 -4.26 10.16
N ASN A 41 -0.58 -3.83 11.12
CA ASN A 41 -1.69 -4.66 11.63
C ASN A 41 -2.85 -4.70 10.62
N ALA A 42 -3.07 -3.65 9.89
CA ALA A 42 -4.21 -3.65 8.92
C ALA A 42 -4.05 -4.80 7.91
N VAL A 43 -2.91 -4.91 7.28
CA VAL A 43 -2.73 -6.03 6.30
C VAL A 43 -2.81 -7.37 7.03
N GLU A 44 -2.33 -7.41 8.24
CA GLU A 44 -2.37 -8.69 9.02
C GLU A 44 -3.81 -9.19 9.14
N THR A 45 -4.77 -8.31 9.14
CA THR A 45 -6.19 -8.75 9.27
C THR A 45 -6.70 -9.29 7.93
N ALA A 46 -6.49 -8.56 6.88
CA ALA A 46 -6.97 -9.01 5.54
C ALA A 46 -5.98 -9.99 4.90
N PHE A 47 -4.75 -9.60 4.76
CA PHE A 47 -3.76 -10.52 4.13
C PHE A 47 -3.42 -11.67 5.09
N LYS A 48 -3.84 -11.55 6.33
CA LYS A 48 -3.56 -12.63 7.32
C LYS A 48 -2.14 -13.14 7.16
N VAL A 49 -1.19 -12.25 7.08
CA VAL A 49 0.21 -12.67 6.92
C VAL A 49 1.06 -12.12 8.06
N LYS A 50 2.35 -12.12 7.90
CA LYS A 50 3.23 -11.57 8.98
C LYS A 50 3.99 -10.37 8.44
N VAL A 51 3.68 -9.19 8.91
CA VAL A 51 4.38 -7.98 8.42
C VAL A 51 5.75 -7.87 9.10
N VAL A 52 6.71 -7.32 8.42
CA VAL A 52 8.07 -7.19 9.01
C VAL A 52 8.67 -5.84 8.64
N LYS A 53 7.89 -4.98 8.05
CA LYS A 53 8.40 -3.63 7.65
C LYS A 53 7.40 -2.93 6.73
N VAL A 54 6.87 -1.82 7.15
CA VAL A 54 5.89 -1.11 6.29
C VAL A 54 6.47 0.23 5.82
N ASN A 55 6.65 0.40 4.54
CA ASN A 55 7.20 1.68 4.03
C ASN A 55 6.15 2.37 3.17
N THR A 56 5.68 3.51 3.58
CA THR A 56 4.64 4.21 2.77
C THR A 56 5.22 5.53 2.22
N LEU A 57 4.53 6.13 1.29
CA LEU A 57 5.04 7.41 0.72
C LEU A 57 3.90 8.21 0.06
N HIS A 58 4.08 9.48 -0.14
CA HIS A 58 3.01 10.30 -0.77
C HIS A 58 2.96 10.02 -2.27
N VAL A 59 1.79 9.77 -2.78
CA VAL A 59 1.65 9.49 -4.24
C VAL A 59 0.72 10.50 -4.90
N ARG A 60 1.06 10.97 -6.06
CA ARG A 60 0.18 11.96 -6.76
C ARG A 60 -0.42 11.33 -8.02
N GLY A 61 -1.52 11.85 -8.49
CA GLY A 61 -2.16 11.29 -9.70
C GLY A 61 -2.02 12.26 -10.87
N LYS A 62 -1.88 11.76 -12.07
CA LYS A 62 -1.73 12.66 -13.24
C LYS A 62 -2.94 12.51 -14.18
N LYS A 63 -4.05 12.08 -13.65
CA LYS A 63 -5.27 11.91 -14.50
C LYS A 63 -6.28 13.03 -14.20
N LYS A 64 -5.81 14.15 -13.74
CA LYS A 64 -6.73 15.28 -13.43
C LYS A 64 -5.97 16.42 -12.75
N ARG A 65 -4.92 16.89 -13.38
CA ARG A 65 -4.13 18.00 -12.77
C ARG A 65 -4.22 19.26 -13.63
N LEU A 66 -4.46 19.09 -14.91
CA LEU A 66 -4.55 20.28 -15.81
C LEU A 66 -3.27 21.11 -15.70
N GLY A 67 -2.45 21.09 -16.71
CA GLY A 67 -1.18 21.87 -16.68
C GLY A 67 -1.48 23.35 -16.39
N ARG A 68 -1.67 23.69 -15.15
CA ARG A 68 -1.97 25.11 -14.80
C ARG A 68 -1.14 25.54 -13.59
N TYR A 69 -1.09 26.83 -13.33
CA TYR A 69 -0.31 27.32 -12.16
C TYR A 69 -0.88 26.75 -10.86
N LEU A 70 -0.07 26.55 -9.87
CA LEU A 70 -0.58 26.00 -8.57
C LEU A 70 -1.57 24.87 -8.83
N GLY A 71 -1.21 23.97 -9.68
CA GLY A 71 -2.12 22.83 -10.00
C GLY A 71 -2.72 22.28 -8.70
N LYS A 72 -3.70 21.42 -8.82
CA LYS A 72 -4.33 20.85 -7.59
C LYS A 72 -3.98 19.37 -7.42
N ARG A 73 -3.50 19.00 -6.27
CA ARG A 73 -3.14 17.57 -6.03
C ARG A 73 -3.62 17.14 -4.64
N PRO A 74 -4.31 16.04 -4.60
CA PRO A 74 -4.84 15.52 -3.31
C PRO A 74 -3.71 14.94 -2.47
N ASP A 75 -4.04 14.27 -1.41
CA ASP A 75 -3.00 13.66 -0.54
C ASP A 75 -3.15 12.14 -0.54
N ARG A 76 -2.52 11.48 -1.46
CA ARG A 76 -2.61 9.99 -1.52
C ARG A 76 -1.37 9.37 -0.87
N LYS A 77 -1.55 8.37 -0.06
CA LYS A 77 -0.38 7.73 0.61
C LYS A 77 -0.32 6.24 0.29
N LYS A 78 0.80 5.76 -0.19
CA LYS A 78 0.92 4.32 -0.50
C LYS A 78 1.68 3.62 0.63
N ALA A 79 1.39 2.38 0.90
CA ALA A 79 2.10 1.68 2.02
C ALA A 79 2.73 0.37 1.57
N ILE A 80 4.03 0.28 1.68
CA ILE A 80 4.70 -0.99 1.29
C ILE A 80 4.95 -1.85 2.52
N VAL A 81 4.26 -2.94 2.65
CA VAL A 81 4.47 -3.81 3.83
C VAL A 81 5.25 -5.07 3.43
N GLN A 82 6.24 -5.43 4.18
CA GLN A 82 7.02 -6.64 3.83
C GLN A 82 6.75 -7.72 4.85
N VAL A 83 6.88 -8.94 4.48
CA VAL A 83 6.66 -10.00 5.48
C VAL A 83 7.95 -10.75 5.73
N ALA A 84 8.06 -11.35 6.87
CA ALA A 84 9.30 -12.09 7.20
C ALA A 84 9.65 -13.05 6.05
N PRO A 85 10.74 -13.74 6.23
CA PRO A 85 11.22 -14.70 5.22
C PRO A 85 10.32 -15.94 5.19
N GLY A 86 10.08 -16.47 4.02
CA GLY A 86 9.22 -17.68 3.92
C GLY A 86 7.78 -17.27 3.61
N GLN A 87 7.34 -16.17 4.16
CA GLN A 87 5.95 -15.71 3.90
C GLN A 87 5.87 -14.98 2.55
N LYS A 88 4.67 -14.65 2.13
CA LYS A 88 4.51 -13.93 0.83
C LYS A 88 3.03 -13.66 0.55
N ILE A 89 2.54 -12.51 0.93
CA ILE A 89 1.11 -12.19 0.69
C ILE A 89 0.70 -12.65 -0.72
N GLU A 90 0.06 -13.78 -0.82
CA GLU A 90 -0.37 -14.28 -2.16
C GLU A 90 -1.57 -13.50 -2.68
N ALA A 91 -2.22 -12.76 -1.83
CA ALA A 91 -3.41 -11.97 -2.29
C ALA A 91 -3.04 -11.08 -3.48
N LEU A 92 -1.80 -10.73 -3.63
CA LEU A 92 -1.39 -9.88 -4.77
C LEU A 92 -0.65 -10.72 -5.82
N GLU A 93 -0.10 -11.81 -5.40
CA GLU A 93 0.64 -12.69 -6.36
C GLU A 93 -0.30 -13.17 -7.47
N GLY A 94 -1.58 -13.19 -7.21
CA GLY A 94 -2.55 -13.64 -8.24
C GLY A 94 -3.35 -12.45 -8.76
N LEU A 95 -3.38 -11.38 -8.02
CA LEU A 95 -4.15 -10.18 -8.48
C LEU A 95 -3.76 -9.82 -9.91
N ILE A 96 -2.61 -10.26 -10.35
CA ILE A 96 -2.18 -9.95 -11.74
C ILE A 96 -3.19 -10.49 -12.75
N MET A 1 -13.76 -1.86 12.01
CA MET A 1 -12.54 -2.68 11.80
C MET A 1 -11.39 -1.81 11.30
N LYS A 2 -10.39 -1.59 12.10
CA LYS A 2 -9.24 -0.76 11.61
C LYS A 2 -8.28 -1.70 10.89
N THR A 3 -8.75 -2.32 9.85
CA THR A 3 -7.89 -3.24 9.07
C THR A 3 -7.50 -2.56 7.77
N ALA A 4 -8.07 -2.96 6.66
CA ALA A 4 -7.74 -2.28 5.39
C ALA A 4 -8.62 -1.03 5.26
N TYR A 5 -9.49 -0.84 6.20
CA TYR A 5 -10.39 0.36 6.21
C TYR A 5 -9.56 1.65 6.11
N ASP A 6 -9.98 2.66 6.84
CA ASP A 6 -9.25 3.96 6.87
C ASP A 6 -7.76 3.79 6.58
N VAL A 7 -7.07 3.05 7.42
CA VAL A 7 -5.61 2.86 7.21
C VAL A 7 -5.31 2.42 5.77
N ILE A 8 -5.02 1.17 5.56
CA ILE A 8 -4.69 0.69 4.19
C ILE A 8 -5.96 0.37 3.40
N LEU A 9 -6.51 1.34 2.72
CA LEU A 9 -7.75 1.09 1.92
C LEU A 9 -7.52 -0.06 0.94
N ALA A 10 -7.17 0.24 -0.29
CA ALA A 10 -6.95 -0.85 -1.29
C ALA A 10 -5.45 -0.98 -1.60
N PRO A 11 -5.11 -2.09 -2.22
CA PRO A 11 -3.70 -2.35 -2.58
C PRO A 11 -3.35 -1.60 -3.88
N VAL A 12 -2.09 -1.32 -4.08
CA VAL A 12 -1.69 -0.60 -5.32
C VAL A 12 -0.79 -1.48 -6.19
N LEU A 13 -1.28 -1.89 -7.33
CA LEU A 13 -0.44 -2.75 -8.21
C LEU A 13 0.15 -1.93 -9.36
N SER A 14 1.43 -1.73 -9.36
CA SER A 14 2.08 -0.95 -10.45
C SER A 14 3.46 -1.52 -10.76
N GLU A 15 4.01 -1.19 -11.90
CA GLU A 15 5.36 -1.72 -12.26
C GLU A 15 6.29 -1.65 -11.05
N LYS A 16 6.60 -0.47 -10.59
CA LYS A 16 7.50 -0.34 -9.40
C LYS A 16 6.87 -1.00 -8.18
N ALA A 17 5.61 -1.30 -8.23
CA ALA A 17 4.94 -1.94 -7.06
C ALA A 17 4.80 -3.45 -7.29
N TYR A 18 5.62 -4.01 -8.13
CA TYR A 18 5.53 -5.48 -8.38
C TYR A 18 6.93 -6.11 -8.35
N ALA A 19 7.87 -5.55 -9.06
CA ALA A 19 9.25 -6.12 -9.05
C ALA A 19 9.82 -6.01 -7.64
N GLY A 20 9.49 -4.96 -6.94
CA GLY A 20 9.98 -4.80 -5.54
C GLY A 20 8.97 -5.47 -4.64
N PHE A 21 7.73 -5.39 -5.02
CA PHE A 21 6.66 -6.04 -4.24
C PHE A 21 6.76 -7.57 -4.44
N ALA A 22 7.60 -7.98 -5.34
CA ALA A 22 7.74 -9.44 -5.62
C ALA A 22 8.60 -10.10 -4.55
N GLU A 23 9.33 -9.33 -3.79
CA GLU A 23 10.20 -9.92 -2.73
C GLU A 23 9.43 -10.06 -1.42
N GLY A 24 8.13 -10.01 -1.48
CA GLY A 24 7.32 -10.13 -0.24
C GLY A 24 6.86 -8.73 0.17
N LYS A 25 7.28 -7.72 -0.54
CA LYS A 25 6.88 -6.33 -0.23
C LYS A 25 5.50 -6.05 -0.82
N TYR A 26 4.63 -5.41 -0.09
CA TYR A 26 3.28 -5.13 -0.66
C TYR A 26 2.93 -3.64 -0.56
N THR A 27 2.84 -2.99 -1.69
CA THR A 27 2.48 -1.55 -1.73
C THR A 27 0.97 -1.41 -1.65
N PHE A 28 0.49 -0.61 -0.74
CA PHE A 28 -0.98 -0.47 -0.61
C PHE A 28 -1.43 0.99 -0.75
N TRP A 29 -2.60 1.20 -1.29
CA TRP A 29 -3.15 2.58 -1.37
C TRP A 29 -3.81 2.85 -0.03
N VAL A 30 -3.41 3.87 0.67
CA VAL A 30 -4.03 4.09 2.00
C VAL A 30 -4.32 5.56 2.26
N HIS A 31 -5.14 5.82 3.23
CA HIS A 31 -5.42 7.22 3.58
C HIS A 31 -4.08 7.81 4.02
N PRO A 32 -3.78 8.98 3.54
CA PRO A 32 -2.49 9.59 3.89
C PRO A 32 -2.45 9.87 5.39
N LYS A 33 -2.25 8.83 6.16
CA LYS A 33 -2.23 8.98 7.63
C LYS A 33 -2.00 7.61 8.28
N ALA A 34 -2.50 6.57 7.66
CA ALA A 34 -2.31 5.19 8.20
C ALA A 34 -0.91 5.05 8.80
N THR A 35 -0.76 5.31 10.07
CA THR A 35 0.59 5.20 10.70
C THR A 35 1.29 3.91 10.28
N LYS A 36 2.57 3.97 10.03
CA LYS A 36 3.30 2.73 9.63
C LYS A 36 2.86 1.57 10.51
N THR A 37 2.77 1.80 11.80
CA THR A 37 2.31 0.71 12.71
C THR A 37 0.90 0.29 12.33
N GLU A 38 0.02 1.25 12.16
CA GLU A 38 -1.38 0.91 11.77
C GLU A 38 -1.36 0.13 10.45
N ILE A 39 -0.58 0.58 9.50
CA ILE A 39 -0.52 -0.14 8.21
C ILE A 39 -0.09 -1.58 8.48
N LYS A 40 0.70 -1.79 9.50
CA LYS A 40 1.13 -3.16 9.86
C LYS A 40 -0.07 -3.98 10.30
N ASN A 41 -0.87 -3.42 11.17
CA ASN A 41 -2.08 -4.15 11.67
C ASN A 41 -3.17 -4.19 10.59
N ALA A 42 -3.29 -3.16 9.80
CA ALA A 42 -4.35 -3.16 8.75
C ALA A 42 -4.19 -4.37 7.83
N VAL A 43 -3.02 -4.61 7.31
CA VAL A 43 -2.84 -5.79 6.42
C VAL A 43 -2.83 -7.08 7.25
N GLU A 44 -2.26 -7.04 8.42
CA GLU A 44 -2.24 -8.26 9.27
C GLU A 44 -3.67 -8.74 9.52
N THR A 45 -4.59 -7.82 9.63
CA THR A 45 -6.01 -8.20 9.87
C THR A 45 -6.66 -8.63 8.55
N ALA A 46 -6.45 -7.89 7.49
CA ALA A 46 -7.05 -8.24 6.18
C ALA A 46 -6.25 -9.33 5.47
N PHE A 47 -4.98 -9.12 5.25
CA PHE A 47 -4.17 -10.16 4.55
C PHE A 47 -3.94 -11.35 5.48
N LYS A 48 -4.05 -11.15 6.76
CA LYS A 48 -3.86 -12.27 7.73
C LYS A 48 -2.46 -12.87 7.56
N VAL A 49 -1.47 -12.04 7.44
CA VAL A 49 -0.09 -12.54 7.28
C VAL A 49 0.80 -11.96 8.38
N LYS A 50 2.08 -12.04 8.21
CA LYS A 50 3.01 -11.47 9.24
C LYS A 50 3.80 -10.32 8.63
N VAL A 51 3.48 -9.11 9.01
CA VAL A 51 4.22 -7.95 8.44
C VAL A 51 5.58 -7.80 9.11
N VAL A 52 6.63 -7.90 8.36
CA VAL A 52 7.99 -7.77 8.95
C VAL A 52 8.57 -6.38 8.64
N LYS A 53 7.83 -5.58 7.94
CA LYS A 53 8.33 -4.21 7.61
C LYS A 53 7.29 -3.46 6.77
N VAL A 54 7.13 -2.20 7.00
CA VAL A 54 6.15 -1.40 6.21
C VAL A 54 6.77 -0.08 5.75
N ASN A 55 6.72 0.21 4.50
CA ASN A 55 7.27 1.50 4.01
C ASN A 55 6.26 2.20 3.11
N THR A 56 5.78 3.32 3.54
CA THR A 56 4.77 4.05 2.70
C THR A 56 5.36 5.40 2.26
N LEU A 57 4.96 5.88 1.12
CA LEU A 57 5.51 7.17 0.63
C LEU A 57 4.38 8.10 0.18
N HIS A 58 4.69 9.34 -0.11
CA HIS A 58 3.65 10.30 -0.55
C HIS A 58 3.36 10.08 -2.05
N VAL A 59 2.16 9.68 -2.37
CA VAL A 59 1.80 9.45 -3.80
C VAL A 59 0.64 10.35 -4.20
N ARG A 60 0.72 10.95 -5.37
CA ARG A 60 -0.39 11.85 -5.81
C ARG A 60 -0.57 11.74 -7.32
N GLY A 61 -1.76 11.96 -7.81
CA GLY A 61 -2.00 11.88 -9.28
C GLY A 61 -1.10 12.86 -10.01
N LYS A 62 -0.10 12.37 -10.71
CA LYS A 62 0.81 13.29 -11.44
C LYS A 62 0.21 13.65 -12.80
N LYS A 63 -0.92 14.31 -12.80
CA LYS A 63 -1.56 14.69 -14.09
C LYS A 63 -1.43 16.20 -14.32
N LYS A 64 -0.70 16.61 -15.32
CA LYS A 64 -0.54 18.06 -15.59
C LYS A 64 -0.14 18.79 -14.31
N ARG A 65 1.09 18.66 -13.90
CA ARG A 65 1.56 19.34 -12.66
C ARG A 65 2.94 19.96 -12.88
N LEU A 66 3.86 19.19 -13.38
CA LEU A 66 5.23 19.74 -13.62
C LEU A 66 5.79 20.36 -12.33
N GLY A 67 5.86 19.60 -11.28
CA GLY A 67 6.40 20.13 -9.99
C GLY A 67 5.85 21.54 -9.75
N ARG A 68 4.55 21.70 -9.81
CA ARG A 68 3.95 23.05 -9.58
C ARG A 68 2.54 22.90 -8.99
N TYR A 69 1.87 24.00 -8.77
CA TYR A 69 0.50 23.92 -8.20
C TYR A 69 -0.56 24.12 -9.29
N LEU A 70 -0.51 23.30 -10.32
CA LEU A 70 -1.51 23.44 -11.41
C LEU A 70 -2.55 22.33 -11.33
N GLY A 71 -2.98 22.03 -10.15
CA GLY A 71 -3.99 20.96 -9.95
C GLY A 71 -4.31 20.83 -8.46
N LYS A 72 -5.21 19.94 -8.13
CA LYS A 72 -5.58 19.76 -6.69
C LYS A 72 -4.76 18.62 -6.08
N ARG A 73 -4.63 18.60 -4.77
CA ARG A 73 -3.85 17.51 -4.12
C ARG A 73 -4.77 16.65 -3.25
N PRO A 74 -5.16 15.53 -3.80
CA PRO A 74 -6.06 14.60 -3.07
C PRO A 74 -5.29 13.87 -1.97
N ASP A 75 -5.84 12.81 -1.45
CA ASP A 75 -5.15 12.05 -0.38
C ASP A 75 -4.80 10.67 -0.90
N ARG A 76 -3.64 10.55 -1.48
CA ARG A 76 -3.21 9.23 -2.02
C ARG A 76 -1.90 8.79 -1.34
N LYS A 77 -1.94 7.74 -0.58
CA LYS A 77 -0.69 7.28 0.12
C LYS A 77 -0.36 5.83 -0.26
N LYS A 78 0.90 5.53 -0.45
CA LYS A 78 1.30 4.15 -0.80
C LYS A 78 1.96 3.47 0.40
N ALA A 79 1.73 2.20 0.60
CA ALA A 79 2.37 1.51 1.76
C ALA A 79 2.98 0.18 1.36
N ILE A 80 4.26 0.04 1.53
CA ILE A 80 4.93 -1.22 1.16
C ILE A 80 5.17 -2.06 2.42
N VAL A 81 4.48 -3.17 2.54
CA VAL A 81 4.67 -4.02 3.74
C VAL A 81 5.40 -5.31 3.35
N GLN A 82 6.36 -5.72 4.15
CA GLN A 82 7.09 -6.97 3.82
C GLN A 82 6.72 -8.03 4.83
N VAL A 83 6.80 -9.27 4.47
CA VAL A 83 6.48 -10.30 5.47
C VAL A 83 7.73 -11.12 5.74
N ALA A 84 7.81 -11.72 6.88
CA ALA A 84 9.01 -12.52 7.22
C ALA A 84 9.34 -13.49 6.08
N PRO A 85 10.39 -14.22 6.29
CA PRO A 85 10.84 -15.21 5.28
C PRO A 85 9.89 -16.40 5.23
N GLY A 86 9.63 -16.91 4.05
CA GLY A 86 8.71 -18.07 3.91
C GLY A 86 7.28 -17.55 3.73
N GLN A 87 7.00 -16.36 4.21
CA GLN A 87 5.63 -15.80 4.06
C GLN A 87 5.54 -14.93 2.81
N LYS A 88 4.34 -14.64 2.38
CA LYS A 88 4.17 -13.78 1.17
C LYS A 88 2.68 -13.61 0.86
N ILE A 89 2.12 -12.48 1.23
CA ILE A 89 0.67 -12.26 0.93
C ILE A 89 0.36 -12.69 -0.50
N GLU A 90 -0.12 -13.90 -0.66
CA GLU A 90 -0.43 -14.40 -2.03
C GLU A 90 -1.63 -13.66 -2.64
N ALA A 91 -2.35 -12.93 -1.84
CA ALA A 91 -3.54 -12.20 -2.38
C ALA A 91 -3.15 -11.32 -3.57
N LEU A 92 -1.98 -10.75 -3.56
CA LEU A 92 -1.57 -9.87 -4.70
C LEU A 92 -0.51 -10.57 -5.56
N GLU A 93 0.21 -11.50 -5.01
CA GLU A 93 1.25 -12.19 -5.81
C GLU A 93 0.67 -12.69 -7.14
N GLY A 94 -0.62 -12.89 -7.19
CA GLY A 94 -1.25 -13.37 -8.45
C GLY A 94 -1.86 -12.19 -9.21
N LEU A 95 -2.17 -11.13 -8.52
CA LEU A 95 -2.77 -9.94 -9.21
C LEU A 95 -2.04 -9.68 -10.52
N ILE A 96 -0.78 -10.01 -10.58
CA ILE A 96 -0.01 -9.77 -11.85
C ILE A 96 -0.64 -10.54 -13.01
N MET A 1 -13.22 -1.69 13.24
CA MET A 1 -11.95 -2.36 12.86
C MET A 1 -11.10 -1.44 11.97
N LYS A 2 -10.09 -0.84 12.53
CA LYS A 2 -9.22 0.05 11.70
C LYS A 2 -8.05 -0.74 11.13
N THR A 3 -8.26 -1.42 10.03
CA THR A 3 -7.15 -2.21 9.45
C THR A 3 -7.12 -2.02 7.92
N ALA A 4 -7.82 -2.83 7.18
CA ALA A 4 -7.80 -2.67 5.70
C ALA A 4 -8.68 -1.48 5.28
N TYR A 5 -9.60 -1.11 6.13
CA TYR A 5 -10.49 0.06 5.86
C TYR A 5 -9.65 1.32 5.51
N ASP A 6 -10.05 2.45 6.02
CA ASP A 6 -9.31 3.73 5.78
C ASP A 6 -7.81 3.49 5.59
N VAL A 7 -7.17 2.87 6.54
CA VAL A 7 -5.71 2.63 6.42
C VAL A 7 -5.38 1.92 5.11
N ILE A 8 -5.11 0.64 5.16
CA ILE A 8 -4.75 -0.10 3.92
C ILE A 8 -6.00 -0.58 3.18
N LEU A 9 -6.51 0.22 2.28
CA LEU A 9 -7.73 -0.20 1.51
C LEU A 9 -7.36 -1.28 0.49
N ALA A 10 -7.14 -0.89 -0.74
CA ALA A 10 -6.78 -1.91 -1.78
C ALA A 10 -5.30 -1.77 -2.16
N PRO A 11 -4.78 -2.80 -2.77
CA PRO A 11 -3.36 -2.80 -3.22
C PRO A 11 -3.19 -1.89 -4.44
N VAL A 12 -1.97 -1.53 -4.75
CA VAL A 12 -1.75 -0.65 -5.93
C VAL A 12 -0.92 -1.40 -7.00
N LEU A 13 -1.27 -1.24 -8.24
CA LEU A 13 -0.50 -1.93 -9.31
C LEU A 13 0.44 -0.94 -10.01
N SER A 14 1.72 -1.09 -9.82
CA SER A 14 2.68 -0.16 -10.48
C SER A 14 3.96 -0.91 -10.86
N GLU A 15 4.50 -0.61 -12.02
CA GLU A 15 5.74 -1.31 -12.46
C GLU A 15 6.72 -1.42 -11.28
N LYS A 16 7.11 -0.31 -10.72
CA LYS A 16 8.07 -0.36 -9.58
C LYS A 16 7.53 -1.27 -8.47
N ALA A 17 6.27 -1.18 -8.19
CA ALA A 17 5.68 -2.04 -7.12
C ALA A 17 5.89 -3.51 -7.45
N TYR A 18 5.27 -3.99 -8.50
CA TYR A 18 5.44 -5.42 -8.87
C TYR A 18 6.91 -5.84 -8.80
N ALA A 19 7.80 -4.91 -9.05
CA ALA A 19 9.26 -5.26 -9.00
C ALA A 19 9.81 -5.00 -7.60
N GLY A 20 9.03 -4.38 -6.75
CA GLY A 20 9.50 -4.11 -5.36
C GLY A 20 8.69 -4.97 -4.40
N PHE A 21 7.47 -5.25 -4.76
CA PHE A 21 6.61 -6.09 -3.90
C PHE A 21 7.04 -7.55 -4.07
N ALA A 22 7.76 -7.83 -5.12
CA ALA A 22 8.21 -9.21 -5.40
C ALA A 22 9.02 -9.77 -4.21
N GLU A 23 9.55 -8.90 -3.40
CA GLU A 23 10.36 -9.36 -2.23
C GLU A 23 9.46 -9.58 -1.01
N GLY A 24 8.17 -9.69 -1.22
CA GLY A 24 7.26 -9.89 -0.07
C GLY A 24 6.73 -8.52 0.39
N LYS A 25 7.15 -7.47 -0.27
CA LYS A 25 6.68 -6.11 0.10
C LYS A 25 5.31 -5.85 -0.55
N TYR A 26 4.39 -5.27 0.17
CA TYR A 26 3.05 -5.05 -0.47
C TYR A 26 2.58 -3.60 -0.32
N THR A 27 2.64 -2.85 -1.39
CA THR A 27 2.18 -1.44 -1.37
C THR A 27 0.66 -1.40 -1.37
N PHE A 28 0.10 -0.50 -0.62
CA PHE A 28 -1.38 -0.41 -0.55
C PHE A 28 -1.83 1.04 -0.70
N TRP A 29 -3.09 1.26 -0.94
CA TRP A 29 -3.58 2.65 -1.06
C TRP A 29 -4.18 3.00 0.30
N VAL A 30 -3.72 4.02 0.94
CA VAL A 30 -4.23 4.28 2.29
C VAL A 30 -4.37 5.77 2.59
N HIS A 31 -5.18 6.07 3.57
CA HIS A 31 -5.43 7.48 3.97
C HIS A 31 -4.12 8.13 4.44
N PRO A 32 -4.06 9.43 4.27
CA PRO A 32 -2.86 10.19 4.70
C PRO A 32 -2.84 10.30 6.22
N LYS A 33 -2.61 9.20 6.89
CA LYS A 33 -2.58 9.23 8.38
C LYS A 33 -2.30 7.83 8.92
N ALA A 34 -2.77 6.82 8.25
CA ALA A 34 -2.52 5.43 8.73
C ALA A 34 -1.06 5.29 9.17
N THR A 35 -0.78 5.50 10.42
CA THR A 35 0.63 5.39 10.91
C THR A 35 1.33 4.20 10.26
N LYS A 36 2.55 4.36 9.81
CA LYS A 36 3.27 3.22 9.19
C LYS A 36 3.06 1.96 10.01
N THR A 37 3.10 2.09 11.32
CA THR A 37 2.87 0.89 12.17
C THR A 37 1.41 0.45 12.03
N GLU A 38 0.50 1.39 11.98
CA GLU A 38 -0.93 1.02 11.81
C GLU A 38 -1.07 0.16 10.56
N ILE A 39 -0.36 0.49 9.53
CA ILE A 39 -0.43 -0.32 8.28
C ILE A 39 -0.04 -1.75 8.61
N LYS A 40 0.87 -1.92 9.53
CA LYS A 40 1.30 -3.29 9.93
C LYS A 40 0.09 -4.10 10.42
N ASN A 41 -0.69 -3.51 11.28
CA ASN A 41 -1.88 -4.21 11.83
C ASN A 41 -3.00 -4.30 10.78
N ALA A 42 -3.16 -3.30 9.95
CA ALA A 42 -4.26 -3.36 8.95
C ALA A 42 -4.12 -4.59 8.04
N VAL A 43 -2.96 -4.81 7.47
CA VAL A 43 -2.81 -6.02 6.60
C VAL A 43 -2.95 -7.29 7.44
N GLU A 44 -2.53 -7.26 8.67
CA GLU A 44 -2.67 -8.46 9.53
C GLU A 44 -4.16 -8.83 9.66
N THR A 45 -4.98 -7.84 9.88
CA THR A 45 -6.44 -8.10 10.01
C THR A 45 -7.04 -8.26 8.60
N ALA A 46 -6.32 -7.86 7.60
CA ALA A 46 -6.84 -7.98 6.21
C ALA A 46 -6.19 -9.17 5.50
N PHE A 47 -4.92 -9.09 5.21
CA PHE A 47 -4.24 -10.21 4.52
C PHE A 47 -4.02 -11.38 5.48
N LYS A 48 -4.01 -11.11 6.76
CA LYS A 48 -3.81 -12.20 7.75
C LYS A 48 -2.39 -12.77 7.61
N VAL A 49 -1.41 -11.92 7.54
CA VAL A 49 -0.02 -12.39 7.39
C VAL A 49 0.86 -11.79 8.50
N LYS A 50 2.15 -11.82 8.30
CA LYS A 50 3.08 -11.25 9.33
C LYS A 50 3.86 -10.09 8.72
N VAL A 51 3.65 -8.90 9.20
CA VAL A 51 4.40 -7.73 8.64
C VAL A 51 5.81 -7.68 9.22
N VAL A 52 6.80 -7.68 8.36
CA VAL A 52 8.20 -7.62 8.85
C VAL A 52 8.86 -6.31 8.40
N LYS A 53 8.09 -5.41 7.87
CA LYS A 53 8.65 -4.10 7.41
C LYS A 53 7.60 -3.35 6.58
N VAL A 54 7.23 -2.18 7.01
CA VAL A 54 6.22 -1.40 6.24
C VAL A 54 6.85 -0.14 5.65
N ASN A 55 6.73 0.04 4.36
CA ASN A 55 7.31 1.25 3.72
C ASN A 55 6.20 1.97 2.95
N THR A 56 5.87 3.16 3.35
CA THR A 56 4.79 3.90 2.64
C THR A 56 5.36 5.21 2.07
N LEU A 57 4.81 5.68 0.98
CA LEU A 57 5.32 6.94 0.37
C LEU A 57 4.17 7.70 -0.29
N HIS A 58 4.21 9.01 -0.24
CA HIS A 58 3.11 9.80 -0.87
C HIS A 58 3.19 9.73 -2.39
N VAL A 59 2.08 9.46 -3.04
CA VAL A 59 2.08 9.38 -4.53
C VAL A 59 1.14 10.42 -5.11
N ARG A 60 1.62 11.24 -6.01
CA ARG A 60 0.73 12.29 -6.62
C ARG A 60 0.91 12.29 -8.14
N GLY A 61 -0.17 12.32 -8.88
CA GLY A 61 -0.06 12.34 -10.36
C GLY A 61 1.02 13.32 -10.79
N LYS A 62 1.44 13.26 -12.02
CA LYS A 62 2.50 14.19 -12.51
C LYS A 62 2.17 14.68 -13.92
N LYS A 63 1.96 13.78 -14.84
CA LYS A 63 1.64 14.20 -16.23
C LYS A 63 0.19 14.66 -16.32
N LYS A 64 -0.67 14.11 -15.52
CA LYS A 64 -2.11 14.51 -15.56
C LYS A 64 -2.23 16.04 -15.65
N ARG A 65 -1.23 16.74 -15.18
CA ARG A 65 -1.29 18.23 -15.24
C ARG A 65 -1.06 18.72 -16.67
N LEU A 66 -0.47 17.90 -17.50
CA LEU A 66 -0.21 18.32 -18.91
C LEU A 66 0.52 19.66 -18.93
N GLY A 67 1.62 19.74 -18.22
CA GLY A 67 2.40 21.02 -18.19
C GLY A 67 1.44 22.21 -18.10
N ARG A 68 0.44 22.10 -17.29
CA ARG A 68 -0.54 23.21 -17.14
C ARG A 68 -1.31 23.07 -15.82
N TYR A 69 -2.17 24.01 -15.52
CA TYR A 69 -2.95 23.93 -14.25
C TYR A 69 -4.25 23.15 -14.48
N LEU A 70 -4.23 21.86 -14.24
CA LEU A 70 -5.46 21.05 -14.46
C LEU A 70 -5.74 20.19 -13.23
N GLY A 71 -5.53 20.74 -12.08
CA GLY A 71 -5.77 19.98 -10.82
C GLY A 71 -4.74 20.39 -9.77
N LYS A 72 -4.62 19.64 -8.71
CA LYS A 72 -3.64 19.98 -7.65
C LYS A 72 -3.11 18.71 -6.98
N ARG A 73 -1.82 18.57 -6.88
CA ARG A 73 -1.24 17.35 -6.24
C ARG A 73 -2.01 17.01 -4.96
N PRO A 74 -2.81 15.97 -5.04
CA PRO A 74 -3.61 15.54 -3.88
C PRO A 74 -2.72 14.85 -2.84
N ASP A 75 -3.31 14.19 -1.88
CA ASP A 75 -2.51 13.50 -0.85
C ASP A 75 -2.75 12.00 -0.95
N ARG A 76 -1.96 11.33 -1.73
CA ARG A 76 -2.12 9.86 -1.88
C ARG A 76 -0.96 9.13 -1.16
N LYS A 77 -1.26 8.43 -0.11
CA LYS A 77 -0.18 7.71 0.63
C LYS A 77 -0.32 6.20 0.44
N LYS A 78 0.74 5.54 0.05
CA LYS A 78 0.66 4.06 -0.15
C LYS A 78 1.55 3.34 0.87
N ALA A 79 1.21 2.12 1.23
CA ALA A 79 2.04 1.40 2.25
C ALA A 79 2.58 0.08 1.73
N ILE A 80 3.86 -0.10 1.80
CA ILE A 80 4.45 -1.38 1.36
C ILE A 80 4.83 -2.23 2.58
N VAL A 81 4.15 -3.31 2.81
CA VAL A 81 4.47 -4.15 3.99
C VAL A 81 5.23 -5.41 3.56
N GLN A 82 6.28 -5.75 4.24
CA GLN A 82 7.03 -6.97 3.88
C GLN A 82 6.67 -8.07 4.84
N VAL A 83 6.73 -9.29 4.42
CA VAL A 83 6.39 -10.37 5.36
C VAL A 83 7.62 -11.23 5.61
N ALA A 84 7.65 -11.90 6.71
CA ALA A 84 8.81 -12.77 7.02
C ALA A 84 8.86 -13.95 6.05
N PRO A 85 9.84 -14.77 6.24
CA PRO A 85 10.01 -15.97 5.39
C PRO A 85 8.96 -17.03 5.74
N GLY A 86 8.41 -17.68 4.76
CA GLY A 86 7.38 -18.71 5.03
C GLY A 86 6.01 -18.21 4.58
N GLN A 87 5.65 -17.01 4.95
CA GLN A 87 4.31 -16.47 4.53
C GLN A 87 4.44 -15.64 3.24
N LYS A 88 3.34 -15.17 2.74
CA LYS A 88 3.38 -14.36 1.49
C LYS A 88 1.96 -13.93 1.09
N ILE A 89 1.59 -12.71 1.39
CA ILE A 89 0.22 -12.24 1.02
C ILE A 89 -0.13 -12.69 -0.40
N GLU A 90 -1.01 -13.64 -0.53
CA GLU A 90 -1.39 -14.13 -1.89
C GLU A 90 -2.32 -13.13 -2.59
N ALA A 91 -2.85 -12.19 -1.86
CA ALA A 91 -3.78 -11.20 -2.49
C ALA A 91 -3.11 -10.51 -3.68
N LEU A 92 -1.81 -10.36 -3.64
CA LEU A 92 -1.11 -9.69 -4.77
C LEU A 92 -0.33 -10.73 -5.58
N GLU A 93 -0.01 -11.84 -4.96
CA GLU A 93 0.75 -12.89 -5.68
C GLU A 93 0.08 -13.23 -7.02
N GLY A 94 -1.22 -13.19 -7.05
CA GLY A 94 -1.94 -13.51 -8.33
C GLY A 94 -2.24 -12.21 -9.09
N LEU A 95 -2.31 -11.11 -8.40
CA LEU A 95 -2.59 -9.82 -9.08
C LEU A 95 -1.79 -9.72 -10.38
N ILE A 96 -0.66 -10.37 -10.45
CA ILE A 96 0.17 -10.32 -11.68
C ILE A 96 -0.69 -10.64 -12.91
N MET A 1 -15.52 3.19 6.52
CA MET A 1 -14.05 3.37 6.69
C MET A 1 -13.28 2.34 5.89
N LYS A 2 -12.18 2.72 5.31
CA LYS A 2 -11.36 1.71 4.56
C LYS A 2 -11.27 0.46 5.42
N THR A 3 -12.11 -0.51 5.17
CA THR A 3 -12.14 -1.79 5.97
C THR A 3 -11.16 -1.72 7.14
N ALA A 4 -9.90 -1.76 6.83
CA ALA A 4 -8.85 -1.63 7.88
C ALA A 4 -9.09 -0.34 8.66
N TYR A 5 -10.02 -0.35 9.59
CA TYR A 5 -10.33 0.89 10.38
C TYR A 5 -9.96 2.14 9.59
N ASP A 6 -10.34 2.16 8.33
CA ASP A 6 -10.04 3.31 7.44
C ASP A 6 -8.52 3.46 7.21
N VAL A 7 -7.87 2.41 6.81
CA VAL A 7 -6.41 2.47 6.54
C VAL A 7 -6.11 1.83 5.18
N ILE A 8 -5.22 0.86 5.15
CA ILE A 8 -4.89 0.19 3.87
C ILE A 8 -6.16 -0.40 3.23
N LEU A 9 -6.49 0.03 2.04
CA LEU A 9 -7.72 -0.50 1.37
C LEU A 9 -7.34 -1.36 0.15
N ALA A 10 -7.22 -0.75 -1.00
CA ALA A 10 -6.84 -1.54 -2.21
C ALA A 10 -5.35 -1.41 -2.49
N PRO A 11 -4.76 -2.49 -2.92
CA PRO A 11 -3.32 -2.52 -3.23
C PRO A 11 -3.04 -1.76 -4.54
N VAL A 12 -1.79 -1.62 -4.90
CA VAL A 12 -1.46 -0.90 -6.16
C VAL A 12 -0.81 -1.85 -7.16
N LEU A 13 -1.25 -1.83 -8.39
CA LEU A 13 -0.64 -2.74 -9.41
C LEU A 13 0.31 -1.96 -10.31
N SER A 14 1.58 -2.19 -10.19
CA SER A 14 2.57 -1.47 -11.05
C SER A 14 3.93 -2.14 -10.97
N GLU A 15 4.61 -2.27 -12.08
CA GLU A 15 5.94 -2.93 -12.07
C GLU A 15 6.76 -2.44 -10.87
N LYS A 16 6.78 -1.15 -10.65
CA LYS A 16 7.56 -0.60 -9.50
C LYS A 16 7.12 -1.29 -8.19
N ALA A 17 5.97 -1.91 -8.20
CA ALA A 17 5.49 -2.59 -6.97
C ALA A 17 5.73 -4.10 -7.09
N TYR A 18 5.32 -4.69 -8.18
CA TYR A 18 5.53 -6.16 -8.36
C TYR A 18 7.02 -6.46 -8.27
N ALA A 19 7.84 -5.68 -8.93
CA ALA A 19 9.31 -5.91 -8.86
C ALA A 19 9.78 -5.70 -7.42
N GLY A 20 8.93 -5.13 -6.61
CA GLY A 20 9.27 -4.91 -5.17
C GLY A 20 8.63 -6.04 -4.40
N PHE A 21 7.43 -6.40 -4.78
CA PHE A 21 6.74 -7.52 -4.10
C PHE A 21 7.71 -8.70 -4.06
N ALA A 22 8.63 -8.71 -4.98
CA ALA A 22 9.62 -9.81 -5.06
C ALA A 22 10.10 -10.19 -3.65
N GLU A 23 10.14 -9.26 -2.75
CA GLU A 23 10.62 -9.58 -1.37
C GLU A 23 9.43 -9.67 -0.40
N GLY A 24 8.24 -9.44 -0.87
CA GLY A 24 7.05 -9.51 0.02
C GLY A 24 6.59 -8.11 0.37
N LYS A 25 7.12 -7.11 -0.27
CA LYS A 25 6.70 -5.70 0.03
C LYS A 25 5.43 -5.38 -0.74
N TYR A 26 4.43 -4.83 -0.09
CA TYR A 26 3.16 -4.52 -0.82
C TYR A 26 2.75 -3.06 -0.64
N THR A 27 2.88 -2.28 -1.68
CA THR A 27 2.47 -0.85 -1.63
C THR A 27 0.94 -0.76 -1.70
N PHE A 28 0.32 -0.18 -0.73
CA PHE A 28 -1.16 -0.09 -0.75
C PHE A 28 -1.61 1.36 -0.82
N TRP A 29 -2.85 1.59 -1.16
CA TRP A 29 -3.37 2.98 -1.23
C TRP A 29 -4.09 3.23 0.08
N VAL A 30 -3.71 4.23 0.80
CA VAL A 30 -4.39 4.43 2.10
C VAL A 30 -4.41 5.89 2.52
N HIS A 31 -5.23 6.20 3.46
CA HIS A 31 -5.34 7.61 3.94
C HIS A 31 -3.95 8.16 4.28
N PRO A 32 -3.75 9.40 3.93
CA PRO A 32 -2.46 10.06 4.21
C PRO A 32 -2.30 10.34 5.70
N LYS A 33 -2.00 9.34 6.46
CA LYS A 33 -1.86 9.54 7.94
C LYS A 33 -1.53 8.22 8.62
N ALA A 34 -2.05 7.13 8.09
CA ALA A 34 -1.77 5.81 8.71
C ALA A 34 -0.27 5.64 8.97
N THR A 35 0.14 5.71 10.21
CA THR A 35 1.59 5.55 10.52
C THR A 35 2.09 4.20 10.03
N LYS A 36 3.33 4.11 9.62
CA LYS A 36 3.87 2.82 9.12
C LYS A 36 3.49 1.69 10.10
N THR A 37 3.44 1.97 11.36
CA THR A 37 3.08 0.92 12.35
C THR A 37 1.58 0.64 12.31
N GLU A 38 0.76 1.66 12.39
CA GLU A 38 -0.70 1.45 12.35
C GLU A 38 -1.08 0.67 11.09
N ILE A 39 -0.50 1.03 9.97
CA ILE A 39 -0.81 0.31 8.71
C ILE A 39 -0.51 -1.18 8.88
N LYS A 40 0.44 -1.51 9.71
CA LYS A 40 0.79 -2.94 9.93
C LYS A 40 -0.38 -3.70 10.54
N ASN A 41 -1.00 -3.15 11.54
CA ASN A 41 -2.13 -3.85 12.22
C ASN A 41 -3.29 -4.17 11.25
N ALA A 42 -3.55 -3.33 10.29
CA ALA A 42 -4.69 -3.60 9.35
C ALA A 42 -4.35 -4.75 8.39
N VAL A 43 -3.21 -4.71 7.75
CA VAL A 43 -2.88 -5.80 6.79
C VAL A 43 -2.60 -7.12 7.52
N GLU A 44 -1.98 -7.06 8.67
CA GLU A 44 -1.68 -8.32 9.42
C GLU A 44 -2.97 -9.09 9.69
N THR A 45 -4.01 -8.41 10.10
CA THR A 45 -5.30 -9.12 10.38
C THR A 45 -6.03 -9.40 9.07
N ALA A 46 -6.13 -8.43 8.20
CA ALA A 46 -6.84 -8.64 6.91
C ALA A 46 -6.14 -9.72 6.08
N PHE A 47 -4.87 -9.55 5.81
CA PHE A 47 -4.14 -10.56 5.00
C PHE A 47 -3.67 -11.71 5.89
N LYS A 48 -4.02 -11.67 7.15
CA LYS A 48 -3.61 -12.76 8.09
C LYS A 48 -2.19 -13.22 7.77
N VAL A 49 -1.31 -12.30 7.51
CA VAL A 49 0.08 -12.66 7.19
C VAL A 49 1.02 -12.11 8.27
N LYS A 50 2.29 -12.10 8.01
CA LYS A 50 3.25 -11.56 9.01
C LYS A 50 3.98 -10.35 8.44
N VAL A 51 3.60 -9.17 8.84
CA VAL A 51 4.27 -7.96 8.30
C VAL A 51 5.61 -7.76 9.01
N VAL A 52 6.68 -7.78 8.27
CA VAL A 52 8.02 -7.60 8.90
C VAL A 52 8.52 -6.17 8.70
N LYS A 53 7.80 -5.37 7.96
CA LYS A 53 8.23 -3.97 7.73
C LYS A 53 7.29 -3.27 6.75
N VAL A 54 6.65 -2.21 7.19
CA VAL A 54 5.72 -1.49 6.27
C VAL A 54 6.32 -0.14 5.89
N ASN A 55 6.47 0.13 4.62
CA ASN A 55 7.04 1.44 4.20
C ASN A 55 6.06 2.16 3.29
N THR A 56 5.57 3.28 3.72
CA THR A 56 4.59 4.03 2.88
C THR A 56 5.23 5.30 2.34
N LEU A 57 4.73 5.81 1.24
CA LEU A 57 5.30 7.06 0.66
C LEU A 57 4.16 7.95 0.16
N HIS A 58 4.39 9.24 0.06
CA HIS A 58 3.32 10.15 -0.43
C HIS A 58 3.16 10.04 -1.94
N VAL A 59 1.98 9.72 -2.39
CA VAL A 59 1.74 9.59 -3.85
C VAL A 59 0.66 10.57 -4.28
N ARG A 60 0.89 11.29 -5.36
CA ARG A 60 -0.13 12.26 -5.83
C ARG A 60 -0.29 12.17 -7.36
N GLY A 61 -1.39 11.64 -7.82
CA GLY A 61 -1.61 11.51 -9.28
C GLY A 61 -0.52 10.62 -9.88
N LYS A 62 -0.86 9.84 -10.87
CA LYS A 62 0.16 8.94 -11.49
C LYS A 62 -0.40 8.34 -12.80
N LYS A 63 -1.59 7.81 -12.75
CA LYS A 63 -2.18 7.20 -13.99
C LYS A 63 -3.26 8.12 -14.55
N LYS A 64 -4.26 8.42 -13.77
CA LYS A 64 -5.35 9.30 -14.27
C LYS A 64 -4.78 10.47 -15.07
N ARG A 65 -3.65 10.99 -14.67
CA ARG A 65 -3.03 12.12 -15.41
C ARG A 65 -2.90 11.77 -16.89
N LEU A 66 -2.22 10.70 -17.20
CA LEU A 66 -2.05 10.31 -18.63
C LEU A 66 -1.32 11.41 -19.40
N GLY A 67 -0.37 11.05 -20.23
CA GLY A 67 0.37 12.07 -21.00
C GLY A 67 0.75 13.24 -20.10
N ARG A 68 1.22 14.31 -20.67
CA ARG A 68 1.61 15.49 -19.84
C ARG A 68 0.56 15.74 -18.76
N TYR A 69 0.87 16.56 -17.78
CA TYR A 69 -0.11 16.85 -16.70
C TYR A 69 -1.50 17.10 -17.30
N LEU A 70 -2.52 16.51 -16.73
CA LEU A 70 -3.89 16.72 -17.27
C LEU A 70 -4.93 16.33 -16.22
N GLY A 71 -4.67 16.67 -15.01
CA GLY A 71 -5.62 16.33 -13.92
C GLY A 71 -5.22 17.05 -12.63
N LYS A 72 -5.55 16.50 -11.50
CA LYS A 72 -5.18 17.16 -10.21
C LYS A 72 -4.41 16.18 -9.31
N ARG A 73 -3.46 16.67 -8.56
CA ARG A 73 -2.68 15.76 -7.67
C ARG A 73 -3.07 15.99 -6.22
N PRO A 74 -3.91 15.13 -5.72
CA PRO A 74 -4.38 15.23 -4.31
C PRO A 74 -3.26 14.82 -3.35
N ASP A 75 -3.59 14.57 -2.11
CA ASP A 75 -2.57 14.16 -1.13
C ASP A 75 -2.84 12.73 -0.69
N ARG A 76 -2.29 11.79 -1.38
CA ARG A 76 -2.51 10.36 -1.01
C ARG A 76 -1.16 9.68 -0.72
N LYS A 77 -1.15 8.74 0.18
CA LYS A 77 0.13 8.04 0.51
C LYS A 77 0.00 6.53 0.27
N LYS A 78 1.03 5.91 -0.22
CA LYS A 78 0.96 4.44 -0.49
C LYS A 78 1.67 3.69 0.65
N ALA A 79 1.27 2.47 0.93
CA ALA A 79 1.93 1.72 2.05
C ALA A 79 2.58 0.42 1.55
N ILE A 80 3.86 0.29 1.70
CA ILE A 80 4.53 -0.97 1.27
C ILE A 80 4.68 -1.90 2.46
N VAL A 81 3.96 -2.98 2.48
CA VAL A 81 4.06 -3.93 3.61
C VAL A 81 4.97 -5.10 3.26
N GLN A 82 5.98 -5.36 4.05
CA GLN A 82 6.88 -6.50 3.74
C GLN A 82 6.60 -7.63 4.72
N VAL A 83 6.65 -8.84 4.28
CA VAL A 83 6.42 -9.94 5.22
C VAL A 83 7.69 -10.75 5.38
N ALA A 84 7.81 -11.44 6.47
CA ALA A 84 9.03 -12.25 6.70
C ALA A 84 9.08 -13.43 5.73
N PRO A 85 10.16 -14.17 5.83
CA PRO A 85 10.36 -15.34 4.97
C PRO A 85 9.45 -16.49 5.39
N GLY A 86 8.92 -17.22 4.45
CA GLY A 86 8.01 -18.35 4.80
C GLY A 86 6.58 -17.99 4.41
N GLN A 87 6.26 -16.72 4.39
CA GLN A 87 4.88 -16.31 4.01
C GLN A 87 4.89 -15.55 2.68
N LYS A 88 3.74 -15.16 2.20
CA LYS A 88 3.69 -14.42 0.91
C LYS A 88 2.24 -14.08 0.55
N ILE A 89 1.94 -12.82 0.37
CA ILE A 89 0.54 -12.43 0.02
C ILE A 89 0.24 -12.80 -1.44
N GLU A 90 -0.32 -13.96 -1.67
CA GLU A 90 -0.63 -14.38 -3.06
C GLU A 90 -1.81 -13.58 -3.61
N ALA A 91 -2.54 -12.90 -2.76
CA ALA A 91 -3.70 -12.11 -3.23
C ALA A 91 -3.27 -11.11 -4.31
N LEU A 92 -2.01 -10.74 -4.33
CA LEU A 92 -1.53 -9.77 -5.36
C LEU A 92 -0.70 -10.50 -6.41
N GLU A 93 -0.16 -11.63 -6.06
CA GLU A 93 0.67 -12.39 -7.03
C GLU A 93 -0.16 -12.79 -8.25
N GLY A 94 -1.43 -13.02 -8.06
CA GLY A 94 -2.30 -13.41 -9.20
C GLY A 94 -3.06 -12.19 -9.73
N LEU A 95 -2.94 -11.08 -9.06
CA LEU A 95 -3.66 -9.86 -9.52
C LEU A 95 -3.16 -9.44 -10.92
N ILE A 96 -2.08 -10.03 -11.36
CA ILE A 96 -1.56 -9.68 -12.71
C ILE A 96 -2.46 -10.25 -13.80
N MET A 1 -12.61 -2.03 13.64
CA MET A 1 -11.36 -2.65 13.11
C MET A 1 -10.64 -1.69 12.16
N LYS A 2 -9.70 -0.94 12.64
CA LYS A 2 -8.98 -0.02 11.73
C LYS A 2 -7.86 -0.79 11.03
N THR A 3 -8.22 -1.58 10.06
CA THR A 3 -7.20 -2.36 9.33
C THR A 3 -7.24 -2.00 7.84
N ALA A 4 -8.03 -2.70 7.08
CA ALA A 4 -8.13 -2.38 5.62
C ALA A 4 -9.25 -1.35 5.42
N TYR A 5 -10.21 -1.36 6.30
CA TYR A 5 -11.36 -0.40 6.26
C TYR A 5 -10.95 0.99 5.75
N ASP A 6 -9.70 1.36 5.91
CA ASP A 6 -9.26 2.71 5.49
C ASP A 6 -7.74 2.76 5.36
N VAL A 7 -7.05 2.46 6.42
CA VAL A 7 -5.55 2.48 6.37
C VAL A 7 -5.09 1.85 5.06
N ILE A 8 -5.19 0.56 4.97
CA ILE A 8 -4.75 -0.13 3.74
C ILE A 8 -5.96 -0.68 3.00
N LEU A 9 -6.79 0.18 2.47
CA LEU A 9 -8.00 -0.30 1.73
C LEU A 9 -7.61 -1.28 0.62
N ALA A 10 -7.44 -0.80 -0.58
CA ALA A 10 -7.08 -1.71 -1.70
C ALA A 10 -5.56 -1.66 -1.97
N PRO A 11 -5.05 -2.77 -2.44
CA PRO A 11 -3.61 -2.87 -2.75
C PRO A 11 -3.30 -2.12 -4.06
N VAL A 12 -2.06 -1.80 -4.28
CA VAL A 12 -1.69 -1.07 -5.53
C VAL A 12 -0.79 -1.95 -6.40
N LEU A 13 -1.29 -2.40 -7.52
CA LEU A 13 -0.47 -3.27 -8.42
C LEU A 13 0.05 -2.45 -9.61
N SER A 14 1.31 -2.14 -9.61
CA SER A 14 1.88 -1.34 -10.73
C SER A 14 3.24 -1.91 -11.15
N GLU A 15 3.81 -1.39 -12.20
CA GLU A 15 5.13 -1.90 -12.66
C GLU A 15 6.15 -1.83 -11.52
N LYS A 16 6.49 -0.64 -11.09
CA LYS A 16 7.48 -0.50 -9.99
C LYS A 16 7.03 -1.31 -8.77
N ALA A 17 5.76 -1.39 -8.53
CA ALA A 17 5.27 -2.17 -7.35
C ALA A 17 5.44 -3.66 -7.62
N TYR A 18 4.99 -4.14 -8.75
CA TYR A 18 5.13 -5.60 -9.05
C TYR A 18 6.60 -6.02 -9.00
N ALA A 19 7.50 -5.13 -9.34
CA ALA A 19 8.94 -5.49 -9.30
C ALA A 19 9.53 -5.16 -7.94
N GLY A 20 8.78 -4.49 -7.10
CA GLY A 20 9.29 -4.15 -5.74
C GLY A 20 8.57 -5.01 -4.72
N PHE A 21 7.33 -5.30 -4.97
CA PHE A 21 6.55 -6.15 -4.04
C PHE A 21 6.97 -7.61 -4.23
N ALA A 22 7.61 -7.89 -5.33
CA ALA A 22 8.05 -9.28 -5.62
C ALA A 22 8.98 -9.80 -4.51
N GLU A 23 9.56 -8.91 -3.77
CA GLU A 23 10.49 -9.33 -2.68
C GLU A 23 9.72 -9.55 -1.37
N GLY A 24 8.43 -9.69 -1.46
CA GLY A 24 7.63 -9.89 -0.22
C GLY A 24 7.11 -8.53 0.24
N LYS A 25 7.44 -7.48 -0.49
CA LYS A 25 6.98 -6.12 -0.12
C LYS A 25 5.56 -5.91 -0.66
N TYR A 26 4.72 -5.22 0.06
CA TYR A 26 3.34 -5.00 -0.44
C TYR A 26 2.96 -3.52 -0.41
N THR A 27 2.83 -2.92 -1.57
CA THR A 27 2.45 -1.50 -1.64
C THR A 27 0.94 -1.37 -1.50
N PHE A 28 0.49 -0.50 -0.66
CA PHE A 28 -0.97 -0.35 -0.45
C PHE A 28 -1.40 1.09 -0.68
N TRP A 29 -2.66 1.32 -0.82
CA TRP A 29 -3.15 2.71 -0.97
C TRP A 29 -3.75 3.08 0.37
N VAL A 30 -3.28 4.11 0.98
CA VAL A 30 -3.79 4.41 2.34
C VAL A 30 -4.02 5.90 2.55
N HIS A 31 -4.80 6.21 3.54
CA HIS A 31 -5.10 7.63 3.85
C HIS A 31 -3.89 8.30 4.51
N PRO A 32 -3.77 9.58 4.28
CA PRO A 32 -2.66 10.35 4.87
C PRO A 32 -2.84 10.48 6.37
N LYS A 33 -2.75 9.39 7.08
CA LYS A 33 -2.94 9.41 8.55
C LYS A 33 -2.77 8.01 9.11
N ALA A 34 -3.20 7.02 8.37
CA ALA A 34 -3.06 5.62 8.87
C ALA A 34 -1.67 5.43 9.47
N THR A 35 -1.56 5.57 10.77
CA THR A 35 -0.22 5.42 11.43
C THR A 35 0.59 4.30 10.78
N LYS A 36 1.82 4.56 10.43
CA LYS A 36 2.66 3.50 9.80
C LYS A 36 2.45 2.17 10.52
N THR A 37 2.42 2.20 11.84
CA THR A 37 2.20 0.94 12.59
C THR A 37 0.83 0.35 12.23
N GLU A 38 -0.17 1.18 12.17
CA GLU A 38 -1.53 0.68 11.82
C GLU A 38 -1.47 -0.06 10.49
N ILE A 39 -0.70 0.46 9.56
CA ILE A 39 -0.58 -0.22 8.24
C ILE A 39 -0.10 -1.65 8.48
N LYS A 40 0.67 -1.85 9.51
CA LYS A 40 1.17 -3.21 9.83
C LYS A 40 0.01 -4.09 10.26
N ASN A 41 -0.80 -3.59 11.14
CA ASN A 41 -1.97 -4.38 11.65
C ASN A 41 -3.07 -4.47 10.58
N ALA A 42 -3.26 -3.46 9.79
CA ALA A 42 -4.35 -3.53 8.77
C ALA A 42 -4.13 -4.74 7.85
N VAL A 43 -2.96 -4.89 7.29
CA VAL A 43 -2.74 -6.08 6.41
C VAL A 43 -2.75 -7.35 7.25
N GLU A 44 -2.30 -7.27 8.48
CA GLU A 44 -2.32 -8.47 9.35
C GLU A 44 -3.77 -8.82 9.67
N THR A 45 -4.57 -7.82 9.96
CA THR A 45 -6.01 -8.05 10.25
C THR A 45 -6.78 -8.25 8.94
N ALA A 46 -6.16 -7.93 7.83
CA ALA A 46 -6.86 -8.10 6.52
C ALA A 46 -6.23 -9.23 5.71
N PHE A 47 -4.98 -9.12 5.37
CA PHE A 47 -4.32 -10.19 4.56
C PHE A 47 -4.10 -11.43 5.44
N LYS A 48 -4.05 -11.25 6.74
CA LYS A 48 -3.84 -12.40 7.65
C LYS A 48 -2.45 -12.98 7.45
N VAL A 49 -1.46 -12.13 7.40
CA VAL A 49 -0.08 -12.61 7.18
C VAL A 49 0.84 -12.10 8.30
N LYS A 50 2.12 -12.18 8.10
CA LYS A 50 3.08 -11.68 9.13
C LYS A 50 3.91 -10.55 8.55
N VAL A 51 3.65 -9.34 8.96
CA VAL A 51 4.43 -8.19 8.42
C VAL A 51 5.79 -8.09 9.11
N VAL A 52 6.81 -7.78 8.38
CA VAL A 52 8.17 -7.65 9.00
C VAL A 52 8.69 -6.23 8.82
N LYS A 53 7.99 -5.42 8.07
CA LYS A 53 8.44 -4.02 7.87
C LYS A 53 7.44 -3.25 6.99
N VAL A 54 7.03 -2.09 7.38
CA VAL A 54 6.07 -1.32 6.53
C VAL A 54 6.69 0.02 6.12
N ASN A 55 6.65 0.33 4.86
CA ASN A 55 7.20 1.62 4.40
C ASN A 55 6.20 2.30 3.48
N THR A 56 5.69 3.43 3.88
CA THR A 56 4.70 4.13 3.03
C THR A 56 5.29 5.47 2.58
N LEU A 57 4.76 6.04 1.53
CA LEU A 57 5.33 7.34 1.03
C LEU A 57 4.23 8.19 0.39
N HIS A 58 4.31 9.48 0.55
CA HIS A 58 3.29 10.38 -0.07
C HIS A 58 3.50 10.39 -1.58
N VAL A 59 2.68 9.68 -2.30
CA VAL A 59 2.82 9.63 -3.78
C VAL A 59 1.89 10.67 -4.42
N ARG A 60 2.45 11.71 -4.96
CA ARG A 60 1.60 12.76 -5.58
C ARG A 60 1.84 12.82 -7.09
N GLY A 61 0.79 12.88 -7.86
CA GLY A 61 0.95 12.94 -9.34
C GLY A 61 1.16 14.40 -9.78
N LYS A 62 2.32 14.70 -10.30
CA LYS A 62 2.58 16.10 -10.74
C LYS A 62 1.49 16.56 -11.71
N LYS A 63 1.66 17.71 -12.31
CA LYS A 63 0.63 18.21 -13.27
C LYS A 63 0.34 17.16 -14.34
N LYS A 64 1.31 16.34 -14.65
CA LYS A 64 1.09 15.29 -15.69
C LYS A 64 -0.29 14.65 -15.52
N ARG A 65 -1.25 15.05 -16.30
CA ARG A 65 -2.61 14.46 -16.18
C ARG A 65 -3.41 14.69 -17.46
N LEU A 66 -3.57 15.93 -17.85
CA LEU A 66 -4.34 16.23 -19.09
C LEU A 66 -3.97 15.23 -20.20
N GLY A 67 -4.76 14.20 -20.37
CA GLY A 67 -4.46 13.19 -21.43
C GLY A 67 -2.96 12.90 -21.46
N ARG A 68 -2.52 11.96 -20.65
CA ARG A 68 -1.07 11.62 -20.64
C ARG A 68 -0.88 10.12 -20.40
N TYR A 69 -0.06 9.49 -21.21
CA TYR A 69 0.16 8.02 -21.03
C TYR A 69 0.37 7.69 -19.54
N LEU A 70 -0.29 6.67 -19.06
CA LEU A 70 -0.12 6.30 -17.62
C LEU A 70 -0.15 7.56 -16.76
N GLY A 71 -1.02 8.46 -17.09
CA GLY A 71 -1.13 9.72 -16.31
C GLY A 71 -2.13 9.53 -15.16
N LYS A 72 -3.14 10.37 -15.10
CA LYS A 72 -4.15 10.23 -14.02
C LYS A 72 -3.45 9.96 -12.68
N ARG A 73 -2.52 10.79 -12.30
CA ARG A 73 -1.80 10.57 -11.02
C ARG A 73 -2.32 11.54 -9.95
N PRO A 74 -3.13 11.00 -9.07
CA PRO A 74 -3.71 11.81 -7.97
C PRO A 74 -2.68 12.07 -6.86
N ASP A 75 -3.15 12.50 -5.73
CA ASP A 75 -2.23 12.75 -4.58
C ASP A 75 -2.57 11.78 -3.46
N ARG A 76 -1.94 10.65 -3.47
CA ARG A 76 -2.22 9.63 -2.41
C ARG A 76 -0.92 8.98 -1.91
N LYS A 77 -0.93 8.50 -0.69
CA LYS A 77 0.28 7.84 -0.13
C LYS A 77 0.17 6.31 -0.25
N LYS A 78 1.25 5.66 -0.56
CA LYS A 78 1.20 4.17 -0.71
C LYS A 78 1.94 3.49 0.45
N ALA A 79 1.54 2.29 0.82
CA ALA A 79 2.23 1.60 1.95
C ALA A 79 2.92 0.31 1.50
N ILE A 80 4.20 0.21 1.72
CA ILE A 80 4.92 -1.02 1.33
C ILE A 80 5.19 -1.87 2.58
N VAL A 81 4.56 -3.00 2.66
CA VAL A 81 4.76 -3.87 3.85
C VAL A 81 5.48 -5.16 3.48
N GLN A 82 6.53 -5.50 4.17
CA GLN A 82 7.25 -6.75 3.86
C GLN A 82 6.81 -7.82 4.84
N VAL A 83 6.87 -9.05 4.46
CA VAL A 83 6.48 -10.09 5.42
C VAL A 83 7.70 -10.95 5.72
N ALA A 84 7.69 -11.60 6.83
CA ALA A 84 8.85 -12.45 7.17
C ALA A 84 8.91 -13.66 6.24
N PRO A 85 9.91 -14.47 6.45
CA PRO A 85 10.10 -15.69 5.64
C PRO A 85 9.07 -16.75 6.05
N GLY A 86 8.52 -17.43 5.08
CA GLY A 86 7.51 -18.50 5.41
C GLY A 86 6.12 -18.04 4.95
N GLN A 87 5.85 -16.77 4.96
CA GLN A 87 4.52 -16.29 4.53
C GLN A 87 4.61 -15.52 3.20
N LYS A 88 3.48 -15.09 2.68
CA LYS A 88 3.49 -14.33 1.40
C LYS A 88 2.06 -13.97 1.00
N ILE A 89 1.64 -12.76 1.29
CA ILE A 89 0.26 -12.35 0.93
C ILE A 89 -0.06 -12.79 -0.51
N GLU A 90 -0.70 -13.92 -0.66
CA GLU A 90 -1.04 -14.42 -2.03
C GLU A 90 -2.09 -13.52 -2.69
N ALA A 91 -2.73 -12.68 -1.92
CA ALA A 91 -3.77 -11.79 -2.50
C ALA A 91 -3.20 -10.99 -3.67
N LEU A 92 -1.92 -10.71 -3.65
CA LEU A 92 -1.30 -9.94 -4.76
C LEU A 92 -0.46 -10.88 -5.63
N GLU A 93 -0.04 -11.98 -5.08
CA GLU A 93 0.79 -12.93 -5.86
C GLU A 93 0.12 -13.26 -7.19
N GLY A 94 -1.19 -13.26 -7.23
CA GLY A 94 -1.90 -13.58 -8.50
C GLY A 94 -2.32 -12.27 -9.19
N LEU A 95 -2.51 -11.22 -8.44
CA LEU A 95 -2.92 -9.93 -9.06
C LEU A 95 -2.11 -9.67 -10.32
N ILE A 96 -0.92 -10.22 -10.41
CA ILE A 96 -0.08 -9.99 -11.61
C ILE A 96 -0.85 -10.38 -12.88
N MET A 1 -12.54 -0.24 12.52
CA MET A 1 -11.93 -1.58 12.29
C MET A 1 -10.62 -1.43 11.50
N LYS A 2 -9.56 -1.00 12.11
CA LYS A 2 -8.30 -0.87 11.32
C LYS A 2 -7.90 -2.24 10.81
N THR A 3 -8.40 -2.55 9.65
CA THR A 3 -8.12 -3.89 9.04
C THR A 3 -7.73 -3.73 7.57
N ALA A 4 -8.14 -2.66 6.99
CA ALA A 4 -7.84 -2.41 5.56
C ALA A 4 -8.45 -1.08 5.12
N TYR A 5 -9.53 -0.71 5.76
CA TYR A 5 -10.23 0.59 5.49
C TYR A 5 -9.24 1.77 5.34
N ASP A 6 -9.59 2.89 5.95
CA ASP A 6 -8.73 4.11 5.93
C ASP A 6 -7.27 3.79 5.66
N VAL A 7 -6.65 3.05 6.54
CA VAL A 7 -5.22 2.71 6.38
C VAL A 7 -4.96 1.99 5.03
N ILE A 8 -4.62 0.74 5.07
CA ILE A 8 -4.33 0.00 3.81
C ILE A 8 -5.60 -0.57 3.19
N LEU A 9 -6.15 0.09 2.20
CA LEU A 9 -7.41 -0.44 1.56
C LEU A 9 -7.08 -1.35 0.36
N ALA A 10 -6.88 -0.79 -0.81
CA ALA A 10 -6.57 -1.64 -1.99
C ALA A 10 -5.10 -1.49 -2.41
N PRO A 11 -4.51 -2.58 -2.78
CA PRO A 11 -3.09 -2.57 -3.20
C PRO A 11 -2.95 -1.92 -4.59
N VAL A 12 -1.75 -1.67 -5.02
CA VAL A 12 -1.56 -1.03 -6.36
C VAL A 12 -0.82 -2.00 -7.30
N LEU A 13 -1.31 -2.14 -8.51
CA LEU A 13 -0.62 -3.05 -9.47
C LEU A 13 0.19 -2.24 -10.48
N SER A 14 1.49 -2.34 -10.44
CA SER A 14 2.33 -1.57 -11.39
C SER A 14 3.71 -2.20 -11.49
N GLU A 15 4.31 -2.16 -12.65
CA GLU A 15 5.66 -2.77 -12.81
C GLU A 15 6.55 -2.40 -11.61
N LYS A 16 6.67 -1.14 -11.32
CA LYS A 16 7.52 -0.72 -10.16
C LYS A 16 7.07 -1.45 -8.90
N ALA A 17 5.82 -1.80 -8.82
CA ALA A 17 5.31 -2.51 -7.61
C ALA A 17 5.53 -4.02 -7.74
N TYR A 18 5.03 -4.60 -8.80
CA TYR A 18 5.20 -6.07 -9.00
C TYR A 18 6.68 -6.43 -8.92
N ALA A 19 7.55 -5.51 -9.23
CA ALA A 19 9.01 -5.82 -9.16
C ALA A 19 9.54 -5.49 -7.76
N GLY A 20 8.78 -4.74 -7.01
CA GLY A 20 9.23 -4.38 -5.62
C GLY A 20 8.48 -5.28 -4.64
N PHE A 21 7.25 -5.57 -4.93
CA PHE A 21 6.45 -6.45 -4.03
C PHE A 21 6.87 -7.90 -4.27
N ALA A 22 7.42 -8.18 -5.42
CA ALA A 22 7.86 -9.56 -5.74
C ALA A 22 8.73 -10.12 -4.61
N GLU A 23 9.30 -9.25 -3.82
CA GLU A 23 10.17 -9.72 -2.70
C GLU A 23 9.37 -9.83 -1.40
N GLY A 24 8.06 -9.78 -1.48
CA GLY A 24 7.24 -9.88 -0.25
C GLY A 24 6.79 -8.47 0.18
N LYS A 25 7.19 -7.46 -0.55
CA LYS A 25 6.78 -6.07 -0.18
C LYS A 25 5.38 -5.79 -0.72
N TYR A 26 4.59 -5.00 -0.04
CA TYR A 26 3.23 -4.73 -0.55
C TYR A 26 2.92 -3.24 -0.65
N THR A 27 2.95 -2.70 -1.83
CA THR A 27 2.63 -1.27 -2.03
C THR A 27 1.12 -1.11 -1.93
N PHE A 28 0.65 -0.24 -1.08
CA PHE A 28 -0.82 -0.09 -0.92
C PHE A 28 -1.27 1.37 -1.01
N TRP A 29 -2.54 1.57 -1.18
CA TRP A 29 -3.09 2.95 -1.23
C TRP A 29 -3.71 3.18 0.13
N VAL A 30 -3.31 4.19 0.83
CA VAL A 30 -3.87 4.36 2.18
C VAL A 30 -4.02 5.83 2.57
N HIS A 31 -4.88 6.09 3.51
CA HIS A 31 -5.13 7.49 3.95
C HIS A 31 -3.84 8.13 4.47
N PRO A 32 -3.78 9.43 4.34
CA PRO A 32 -2.60 10.19 4.80
C PRO A 32 -2.61 10.27 6.33
N LYS A 33 -2.37 9.18 6.98
CA LYS A 33 -2.39 9.19 8.47
C LYS A 33 -2.09 7.79 9.01
N ALA A 34 -2.53 6.78 8.31
CA ALA A 34 -2.27 5.38 8.78
C ALA A 34 -0.83 5.27 9.30
N THR A 35 -0.64 5.45 10.57
CA THR A 35 0.75 5.36 11.14
C THR A 35 1.42 4.05 10.70
N LYS A 36 2.68 4.10 10.39
CA LYS A 36 3.39 2.86 9.95
C LYS A 36 2.98 1.69 10.84
N THR A 37 2.91 1.91 12.13
CA THR A 37 2.51 0.81 13.05
C THR A 37 1.07 0.37 12.76
N GLU A 38 0.16 1.31 12.75
CA GLU A 38 -1.25 0.96 12.47
C GLU A 38 -1.35 0.23 11.12
N ILE A 39 -0.60 0.68 10.15
CA ILE A 39 -0.63 0.00 8.83
C ILE A 39 -0.25 -1.47 9.01
N LYS A 40 0.59 -1.74 9.97
CA LYS A 40 0.99 -3.15 10.24
C LYS A 40 -0.22 -3.97 10.65
N ASN A 41 -1.04 -3.42 11.49
CA ASN A 41 -2.25 -4.15 11.97
C ASN A 41 -3.31 -4.29 10.86
N ALA A 42 -3.59 -3.26 10.13
CA ALA A 42 -4.65 -3.37 9.07
C ALA A 42 -4.29 -4.48 8.08
N VAL A 43 -3.12 -4.47 7.52
CA VAL A 43 -2.75 -5.55 6.54
C VAL A 43 -2.84 -6.91 7.23
N GLU A 44 -2.43 -6.99 8.46
CA GLU A 44 -2.48 -8.29 9.19
C GLU A 44 -3.93 -8.76 9.36
N THR A 45 -4.84 -7.84 9.52
CA THR A 45 -6.27 -8.24 9.69
C THR A 45 -6.80 -8.97 8.45
N ALA A 46 -6.54 -8.44 7.28
CA ALA A 46 -7.04 -9.09 6.04
C ALA A 46 -6.04 -10.15 5.55
N PHE A 47 -4.80 -9.78 5.39
CA PHE A 47 -3.79 -10.76 4.90
C PHE A 47 -3.47 -11.79 5.99
N LYS A 48 -3.74 -11.46 7.22
CA LYS A 48 -3.45 -12.43 8.32
C LYS A 48 -2.05 -12.99 8.15
N VAL A 49 -1.11 -12.17 7.82
CA VAL A 49 0.28 -12.63 7.62
C VAL A 49 1.20 -11.96 8.66
N LYS A 50 2.47 -11.98 8.42
CA LYS A 50 3.41 -11.33 9.38
C LYS A 50 4.10 -10.15 8.71
N VAL A 51 3.74 -8.95 9.08
CA VAL A 51 4.39 -7.77 8.47
C VAL A 51 5.75 -7.55 9.10
N VAL A 52 6.80 -7.60 8.32
CA VAL A 52 8.16 -7.42 8.89
C VAL A 52 8.71 -6.04 8.51
N LYS A 53 7.91 -5.19 7.96
CA LYS A 53 8.39 -3.82 7.59
C LYS A 53 7.37 -3.12 6.70
N VAL A 54 6.83 -2.02 7.16
CA VAL A 54 5.85 -1.28 6.33
C VAL A 54 6.41 0.10 5.96
N ASN A 55 6.62 0.34 4.71
CA ASN A 55 7.15 1.67 4.30
C ASN A 55 6.15 2.37 3.40
N THR A 56 5.62 3.47 3.84
CA THR A 56 4.62 4.19 2.99
C THR A 56 5.17 5.56 2.58
N LEU A 57 4.59 6.15 1.57
CA LEU A 57 5.10 7.47 1.10
C LEU A 57 3.99 8.26 0.40
N HIS A 58 4.06 9.56 0.41
CA HIS A 58 3.00 10.36 -0.26
C HIS A 58 3.06 10.14 -1.77
N VAL A 59 1.95 9.85 -2.38
CA VAL A 59 1.93 9.61 -3.86
C VAL A 59 1.08 10.66 -4.56
N ARG A 60 1.62 11.32 -5.55
CA ARG A 60 0.85 12.37 -6.27
C ARG A 60 0.46 11.86 -7.66
N GLY A 61 -0.82 11.87 -7.97
CA GLY A 61 -1.26 11.40 -9.30
C GLY A 61 -1.21 12.57 -10.30
N LYS A 62 -1.45 12.30 -11.56
CA LYS A 62 -1.42 13.38 -12.57
C LYS A 62 -2.34 14.54 -12.15
N LYS A 63 -3.52 14.23 -11.69
CA LYS A 63 -4.46 15.30 -11.26
C LYS A 63 -3.71 16.36 -10.43
N LYS A 64 -4.32 17.49 -10.22
CA LYS A 64 -3.65 18.56 -9.43
C LYS A 64 -4.50 19.83 -9.42
N ARG A 65 -5.39 19.96 -8.49
CA ARG A 65 -6.25 21.18 -8.44
C ARG A 65 -6.70 21.45 -7.00
N LEU A 66 -7.78 22.18 -6.83
CA LEU A 66 -8.27 22.48 -5.46
C LEU A 66 -7.32 23.48 -4.77
N GLY A 67 -7.84 24.60 -4.34
CA GLY A 67 -6.97 25.61 -3.68
C GLY A 67 -5.79 25.94 -4.58
N ARG A 68 -6.00 26.76 -5.57
CA ARG A 68 -4.91 27.13 -6.50
C ARG A 68 -3.60 27.38 -5.72
N TYR A 69 -2.52 26.81 -6.18
CA TYR A 69 -1.22 27.01 -5.47
C TYR A 69 -0.07 26.63 -6.41
N LEU A 70 0.05 27.29 -7.53
CA LEU A 70 1.15 26.97 -8.47
C LEU A 70 1.30 25.46 -8.60
N GLY A 71 0.21 24.77 -8.64
CA GLY A 71 0.24 23.29 -8.75
C GLY A 71 -0.39 22.67 -7.51
N LYS A 72 -1.66 22.33 -7.58
CA LYS A 72 -2.33 21.73 -6.39
C LYS A 72 -2.26 20.20 -6.45
N ARG A 73 -2.32 19.56 -5.31
CA ARG A 73 -2.26 18.06 -5.29
C ARG A 73 -2.99 17.54 -4.05
N PRO A 74 -3.67 16.43 -4.23
CA PRO A 74 -4.42 15.82 -3.12
C PRO A 74 -3.46 15.17 -2.12
N ASP A 75 -3.98 14.39 -1.22
CA ASP A 75 -3.10 13.73 -0.22
C ASP A 75 -3.19 12.22 -0.40
N ARG A 76 -2.35 11.68 -1.23
CA ARG A 76 -2.36 10.20 -1.47
C ARG A 76 -1.15 9.57 -0.79
N LYS A 77 -1.37 8.56 0.01
CA LYS A 77 -0.24 7.90 0.71
C LYS A 77 -0.12 6.43 0.29
N LYS A 78 1.05 6.01 -0.11
CA LYS A 78 1.24 4.60 -0.53
C LYS A 78 1.91 3.81 0.59
N ALA A 79 1.66 2.53 0.70
CA ALA A 79 2.31 1.75 1.80
C ALA A 79 2.99 0.48 1.29
N ILE A 80 4.21 0.27 1.69
CA ILE A 80 4.92 -0.97 1.25
C ILE A 80 5.09 -1.89 2.46
N VAL A 81 4.41 -2.99 2.46
CA VAL A 81 4.51 -3.93 3.61
C VAL A 81 5.34 -5.16 3.23
N GLN A 82 6.26 -5.57 4.07
CA GLN A 82 7.07 -6.77 3.74
C GLN A 82 6.80 -7.83 4.78
N VAL A 83 6.95 -9.07 4.45
CA VAL A 83 6.72 -10.10 5.47
C VAL A 83 7.99 -10.91 5.68
N ALA A 84 8.12 -11.48 6.82
CA ALA A 84 9.34 -12.27 7.12
C ALA A 84 9.64 -13.27 6.01
N PRO A 85 10.76 -13.92 6.13
CA PRO A 85 11.20 -14.91 5.14
C PRO A 85 10.43 -16.22 5.31
N GLY A 86 9.12 -16.16 5.27
CA GLY A 86 8.32 -17.40 5.42
C GLY A 86 6.88 -17.14 4.95
N GLN A 87 6.27 -16.10 5.42
CA GLN A 87 4.87 -15.79 5.00
C GLN A 87 4.74 -15.80 3.48
N LYS A 88 3.60 -15.41 2.99
CA LYS A 88 3.39 -15.38 1.51
C LYS A 88 1.98 -14.90 1.19
N ILE A 89 1.78 -13.61 1.07
CA ILE A 89 0.42 -13.09 0.76
C ILE A 89 0.02 -13.48 -0.67
N GLU A 90 -0.91 -14.39 -0.80
CA GLU A 90 -1.35 -14.82 -2.16
C GLU A 90 -2.30 -13.78 -2.79
N ALA A 91 -2.81 -12.88 -1.99
CA ALA A 91 -3.73 -11.84 -2.52
C ALA A 91 -3.09 -11.07 -3.68
N LEU A 92 -1.81 -10.86 -3.63
CA LEU A 92 -1.15 -10.09 -4.74
C LEU A 92 -0.36 -11.03 -5.64
N GLU A 93 0.04 -12.17 -5.13
CA GLU A 93 0.82 -13.12 -5.96
C GLU A 93 -0.02 -13.58 -7.16
N GLY A 94 -1.32 -13.50 -7.05
CA GLY A 94 -2.19 -13.94 -8.18
C GLY A 94 -2.92 -12.73 -8.75
N LEU A 95 -3.13 -11.71 -7.96
CA LEU A 95 -3.84 -10.50 -8.48
C LEU A 95 -3.33 -10.14 -9.87
N ILE A 96 -2.10 -10.48 -10.18
CA ILE A 96 -1.55 -10.16 -11.52
C ILE A 96 -2.54 -10.58 -12.61
N MET A 1 -15.18 3.91 6.78
CA MET A 1 -13.71 3.99 6.95
C MET A 1 -13.00 2.95 6.09
N LYS A 2 -11.88 3.30 5.51
CA LYS A 2 -11.13 2.30 4.70
C LYS A 2 -11.11 0.99 5.51
N THR A 3 -12.00 0.08 5.18
CA THR A 3 -12.11 -1.24 5.91
C THR A 3 -11.13 -1.29 7.10
N ALA A 4 -9.87 -1.40 6.80
CA ALA A 4 -8.84 -1.39 7.87
C ALA A 4 -9.01 -0.12 8.71
N TYR A 5 -9.93 -0.11 9.63
CA TYR A 5 -10.19 1.10 10.48
C TYR A 5 -9.73 2.37 9.75
N ASP A 6 -10.10 2.47 8.49
CA ASP A 6 -9.72 3.65 7.66
C ASP A 6 -8.20 3.71 7.44
N VAL A 7 -7.63 2.63 6.98
CA VAL A 7 -6.16 2.60 6.72
C VAL A 7 -5.88 1.98 5.34
N ILE A 8 -5.07 0.95 5.29
CA ILE A 8 -4.74 0.29 4.01
C ILE A 8 -6.01 -0.18 3.30
N LEU A 9 -5.96 -0.32 2.00
CA LEU A 9 -7.17 -0.78 1.25
C LEU A 9 -6.75 -1.70 0.10
N ALA A 10 -6.57 -1.16 -1.08
CA ALA A 10 -6.17 -2.01 -2.23
C ALA A 10 -4.71 -1.74 -2.60
N PRO A 11 -4.07 -2.75 -3.12
CA PRO A 11 -2.65 -2.64 -3.53
C PRO A 11 -2.53 -1.81 -4.81
N VAL A 12 -1.35 -1.50 -5.23
CA VAL A 12 -1.17 -0.70 -6.49
C VAL A 12 -0.52 -1.56 -7.57
N LEU A 13 -0.98 -1.44 -8.79
CA LEU A 13 -0.38 -2.23 -9.89
C LEU A 13 0.56 -1.35 -10.72
N SER A 14 1.84 -1.62 -10.68
CA SER A 14 2.80 -0.80 -11.47
C SER A 14 4.14 -1.54 -11.61
N GLU A 15 4.72 -1.52 -12.77
CA GLU A 15 6.02 -2.23 -12.97
C GLU A 15 6.94 -1.97 -11.77
N LYS A 16 7.10 -0.74 -11.39
CA LYS A 16 7.99 -0.44 -10.23
C LYS A 16 7.55 -1.23 -9.00
N ALA A 17 6.27 -1.25 -8.72
CA ALA A 17 5.78 -2.02 -7.53
C ALA A 17 5.95 -3.52 -7.77
N TYR A 18 5.33 -4.04 -8.78
CA TYR A 18 5.46 -5.51 -9.07
C TYR A 18 6.92 -5.93 -8.95
N ALA A 19 7.84 -5.05 -9.21
CA ALA A 19 9.28 -5.40 -9.10
C ALA A 19 9.79 -5.10 -7.68
N GLY A 20 9.08 -4.27 -6.97
CA GLY A 20 9.49 -3.93 -5.57
C GLY A 20 8.72 -4.82 -4.62
N PHE A 21 7.47 -5.03 -4.89
CA PHE A 21 6.64 -5.90 -4.02
C PHE A 21 7.12 -7.36 -4.19
N ALA A 22 7.84 -7.61 -5.25
CA ALA A 22 8.34 -8.98 -5.51
C ALA A 22 9.19 -9.49 -4.35
N GLU A 23 9.72 -8.60 -3.56
CA GLU A 23 10.57 -9.03 -2.41
C GLU A 23 9.70 -9.28 -1.17
N GLY A 24 8.42 -9.44 -1.35
CA GLY A 24 7.53 -9.65 -0.20
C GLY A 24 6.97 -8.30 0.26
N LYS A 25 7.33 -7.25 -0.44
CA LYS A 25 6.84 -5.89 -0.08
C LYS A 25 5.44 -5.69 -0.67
N TYR A 26 4.52 -5.11 0.07
CA TYR A 26 3.16 -4.93 -0.50
C TYR A 26 2.67 -3.48 -0.37
N THR A 27 2.70 -2.76 -1.45
CA THR A 27 2.22 -1.35 -1.45
C THR A 27 0.70 -1.34 -1.40
N PHE A 28 0.14 -0.43 -0.65
CA PHE A 28 -1.34 -0.36 -0.54
C PHE A 28 -1.82 1.07 -0.68
N TRP A 29 -3.09 1.27 -0.88
CA TRP A 29 -3.62 2.65 -0.97
C TRP A 29 -4.23 2.99 0.38
N VAL A 30 -3.77 4.04 1.01
CA VAL A 30 -4.30 4.34 2.35
C VAL A 30 -4.32 5.84 2.61
N HIS A 31 -5.02 6.24 3.63
CA HIS A 31 -5.11 7.69 3.97
C HIS A 31 -3.73 8.24 4.29
N PRO A 32 -3.58 9.51 4.07
CA PRO A 32 -2.29 10.20 4.34
C PRO A 32 -2.08 10.37 5.84
N LYS A 33 -1.81 9.30 6.53
CA LYS A 33 -1.61 9.39 7.99
C LYS A 33 -1.32 8.01 8.58
N ALA A 34 -1.93 6.99 8.03
CA ALA A 34 -1.71 5.62 8.55
C ALA A 34 -0.22 5.40 8.85
N THR A 35 0.17 5.61 10.07
CA THR A 35 1.61 5.42 10.44
C THR A 35 2.12 4.08 9.90
N LYS A 36 3.40 3.96 9.69
CA LYS A 36 3.95 2.68 9.17
C LYS A 36 3.58 1.52 10.11
N THR A 37 3.56 1.76 11.39
CA THR A 37 3.20 0.68 12.35
C THR A 37 1.71 0.40 12.32
N GLU A 38 0.90 1.42 12.44
CA GLU A 38 -0.58 1.20 12.42
C GLU A 38 -0.97 0.45 11.15
N ILE A 39 -0.34 0.75 10.06
CA ILE A 39 -0.66 0.04 8.79
C ILE A 39 -0.46 -1.47 8.99
N LYS A 40 0.46 -1.84 9.82
CA LYS A 40 0.73 -3.29 10.07
C LYS A 40 -0.51 -3.98 10.64
N ASN A 41 -1.13 -3.38 11.61
CA ASN A 41 -2.32 -4.01 12.26
C ASN A 41 -3.45 -4.29 11.25
N ALA A 42 -3.65 -3.43 10.29
CA ALA A 42 -4.77 -3.66 9.32
C ALA A 42 -4.45 -4.80 8.34
N VAL A 43 -3.31 -4.78 7.71
CA VAL A 43 -2.99 -5.87 6.75
C VAL A 43 -2.82 -7.21 7.48
N GLU A 44 -2.38 -7.19 8.71
CA GLU A 44 -2.22 -8.47 9.46
C GLU A 44 -3.58 -9.14 9.63
N THR A 45 -4.55 -8.44 10.14
CA THR A 45 -5.90 -9.04 10.33
C THR A 45 -6.66 -9.05 9.00
N ALA A 46 -6.21 -8.30 8.04
CA ALA A 46 -6.92 -8.26 6.73
C ALA A 46 -6.28 -9.26 5.75
N PHE A 47 -5.03 -9.08 5.42
CA PHE A 47 -4.37 -10.02 4.47
C PHE A 47 -4.12 -11.36 5.15
N LYS A 48 -4.21 -11.40 6.45
CA LYS A 48 -3.97 -12.68 7.19
C LYS A 48 -2.56 -13.19 6.95
N VAL A 49 -1.61 -12.32 7.03
CA VAL A 49 -0.19 -12.71 6.80
C VAL A 49 0.68 -12.25 7.98
N LYS A 50 1.96 -12.22 7.78
CA LYS A 50 2.87 -11.75 8.85
C LYS A 50 3.61 -10.51 8.39
N VAL A 51 3.26 -9.36 8.89
CA VAL A 51 3.95 -8.12 8.45
C VAL A 51 5.30 -7.99 9.16
N VAL A 52 6.36 -7.95 8.40
CA VAL A 52 7.70 -7.82 9.03
C VAL A 52 8.26 -6.40 8.82
N LYS A 53 7.54 -5.58 8.10
CA LYS A 53 8.00 -4.19 7.87
C LYS A 53 7.01 -3.45 6.96
N VAL A 54 6.86 -2.16 7.14
CA VAL A 54 5.92 -1.41 6.27
C VAL A 54 6.59 -0.13 5.75
N ASN A 55 6.51 0.11 4.49
CA ASN A 55 7.12 1.35 3.93
C ASN A 55 6.11 2.05 3.04
N THR A 56 5.69 3.22 3.40
CA THR A 56 4.69 3.94 2.57
C THR A 56 5.31 5.20 1.96
N LEU A 57 4.65 5.78 1.00
CA LEU A 57 5.19 7.01 0.36
C LEU A 57 4.05 7.97 0.01
N HIS A 58 4.36 9.10 -0.56
CA HIS A 58 3.28 10.06 -0.93
C HIS A 58 3.06 10.00 -2.44
N VAL A 59 2.02 9.34 -2.87
CA VAL A 59 1.76 9.24 -4.34
C VAL A 59 0.50 10.04 -4.70
N ARG A 60 0.57 10.82 -5.75
CA ARG A 60 -0.62 11.63 -6.15
C ARG A 60 -0.91 11.43 -7.64
N GLY A 61 -2.04 11.88 -8.10
CA GLY A 61 -2.39 11.73 -9.54
C GLY A 61 -1.48 12.63 -10.38
N LYS A 62 -0.89 12.09 -11.42
CA LYS A 62 0.02 12.91 -12.27
C LYS A 62 -0.75 13.43 -13.50
N LYS A 63 -1.76 12.71 -13.92
CA LYS A 63 -2.54 13.17 -15.11
C LYS A 63 -4.02 13.32 -14.74
N LYS A 64 -4.33 13.35 -13.48
CA LYS A 64 -5.74 13.49 -13.06
C LYS A 64 -6.44 14.56 -13.90
N ARG A 65 -5.71 15.52 -14.38
CA ARG A 65 -6.34 16.60 -15.21
C ARG A 65 -6.69 16.06 -16.59
N LEU A 66 -6.38 14.83 -16.86
CA LEU A 66 -6.71 14.24 -18.20
C LEU A 66 -8.09 14.70 -18.66
N GLY A 67 -8.25 14.94 -19.93
CA GLY A 67 -9.58 15.39 -20.44
C GLY A 67 -10.05 16.61 -19.65
N ARG A 68 -11.28 16.99 -19.81
CA ARG A 68 -11.81 18.17 -19.07
C ARG A 68 -11.29 18.17 -17.63
N TYR A 69 -11.24 19.32 -17.00
CA TYR A 69 -10.74 19.38 -15.60
C TYR A 69 -11.76 18.74 -14.64
N LEU A 70 -11.41 17.63 -14.06
CA LEU A 70 -12.36 16.95 -13.13
C LEU A 70 -11.59 16.07 -12.15
N GLY A 71 -10.47 16.55 -11.70
CA GLY A 71 -9.65 15.75 -10.75
C GLY A 71 -8.55 16.64 -10.17
N LYS A 72 -8.55 16.86 -8.88
CA LYS A 72 -7.51 17.72 -8.25
C LYS A 72 -6.44 16.84 -7.58
N ARG A 73 -5.26 16.78 -8.15
CA ARG A 73 -4.18 15.95 -7.54
C ARG A 73 -4.19 16.10 -6.02
N PRO A 74 -4.76 15.14 -5.37
CA PRO A 74 -4.83 15.16 -3.88
C PRO A 74 -3.51 14.67 -3.28
N ASP A 75 -3.53 14.38 -2.01
CA ASP A 75 -2.30 13.87 -1.35
C ASP A 75 -2.53 12.45 -0.88
N ARG A 76 -2.24 11.51 -1.73
CA ARG A 76 -2.44 10.07 -1.35
C ARG A 76 -1.11 9.39 -1.10
N LYS A 77 -1.05 8.51 -0.13
CA LYS A 77 0.22 7.81 0.17
C LYS A 77 0.01 6.29 0.09
N LYS A 78 0.97 5.58 -0.45
CA LYS A 78 0.81 4.09 -0.56
C LYS A 78 1.61 3.40 0.55
N ALA A 79 1.17 2.24 0.99
CA ALA A 79 1.90 1.52 2.08
C ALA A 79 2.51 0.20 1.61
N ILE A 80 3.80 0.07 1.70
CA ILE A 80 4.44 -1.20 1.30
C ILE A 80 4.71 -2.06 2.53
N VAL A 81 4.01 -3.15 2.68
CA VAL A 81 4.23 -4.01 3.87
C VAL A 81 5.04 -5.25 3.48
N GLN A 82 6.05 -5.57 4.24
CA GLN A 82 6.86 -6.78 3.92
C GLN A 82 6.46 -7.91 4.84
N VAL A 83 6.62 -9.12 4.42
CA VAL A 83 6.29 -10.22 5.33
C VAL A 83 7.51 -11.08 5.55
N ALA A 84 7.55 -11.78 6.63
CA ALA A 84 8.74 -12.62 6.90
C ALA A 84 8.87 -13.71 5.83
N PRO A 85 9.90 -14.49 5.96
CA PRO A 85 10.15 -15.59 5.01
C PRO A 85 9.18 -16.75 5.26
N GLY A 86 8.68 -17.33 4.21
CA GLY A 86 7.72 -18.46 4.39
C GLY A 86 6.30 -18.00 4.07
N GLN A 87 6.00 -16.75 4.31
CA GLN A 87 4.64 -16.24 4.02
C GLN A 87 4.66 -15.28 2.82
N LYS A 88 3.51 -14.82 2.42
CA LYS A 88 3.45 -13.88 1.26
C LYS A 88 2.00 -13.49 0.97
N ILE A 89 1.62 -12.30 1.33
CA ILE A 89 0.21 -11.86 1.07
C ILE A 89 -0.23 -12.29 -0.33
N GLU A 90 -0.97 -13.35 -0.42
CA GLU A 90 -1.43 -13.84 -1.76
C GLU A 90 -2.34 -12.82 -2.44
N ALA A 91 -2.79 -11.83 -1.72
CA ALA A 91 -3.69 -10.81 -2.34
C ALA A 91 -3.02 -10.20 -3.57
N LEU A 92 -1.73 -10.07 -3.55
CA LEU A 92 -1.02 -9.48 -4.74
C LEU A 92 -0.31 -10.58 -5.51
N GLU A 93 -0.01 -11.67 -4.85
CA GLU A 93 0.70 -12.78 -5.53
C GLU A 93 0.03 -13.09 -6.88
N GLY A 94 -1.23 -13.44 -6.87
CA GLY A 94 -1.93 -13.76 -8.14
C GLY A 94 -2.26 -12.47 -8.89
N LEU A 95 -2.55 -11.42 -8.18
CA LEU A 95 -2.88 -10.12 -8.86
C LEU A 95 -1.95 -9.89 -10.05
N ILE A 96 -0.75 -10.42 -9.99
CA ILE A 96 0.21 -10.23 -11.12
C ILE A 96 -0.47 -10.59 -12.46
N MET A 1 -11.89 -1.14 14.24
CA MET A 1 -10.55 -1.70 13.87
C MET A 1 -9.93 -0.87 12.74
N LYS A 2 -8.99 -0.02 13.06
CA LYS A 2 -8.34 0.78 11.98
C LYS A 2 -7.30 -0.09 11.29
N THR A 3 -7.75 -0.97 10.45
CA THR A 3 -6.79 -1.86 9.72
C THR A 3 -6.94 -1.67 8.21
N ALA A 4 -7.81 -2.41 7.59
CA ALA A 4 -8.02 -2.27 6.12
C ALA A 4 -9.10 -1.22 5.84
N TYR A 5 -10.04 -1.12 6.75
CA TYR A 5 -11.15 -0.11 6.64
C TYR A 5 -10.69 1.19 5.97
N ASP A 6 -9.43 1.53 6.06
CA ASP A 6 -8.97 2.82 5.49
C ASP A 6 -7.45 2.80 5.26
N VAL A 7 -6.69 2.59 6.32
CA VAL A 7 -5.21 2.57 6.16
C VAL A 7 -4.83 1.79 4.92
N ILE A 8 -5.05 0.52 4.93
CA ILE A 8 -4.69 -0.30 3.76
C ILE A 8 -5.96 -0.88 3.11
N LEU A 9 -6.43 -0.26 2.07
CA LEU A 9 -7.67 -0.76 1.40
C LEU A 9 -7.32 -1.72 0.25
N ALA A 10 -7.27 -1.23 -0.95
CA ALA A 10 -6.95 -2.14 -2.11
C ALA A 10 -5.44 -2.14 -2.39
N PRO A 11 -5.00 -3.20 -2.98
CA PRO A 11 -3.57 -3.34 -3.33
C PRO A 11 -3.23 -2.48 -4.56
N VAL A 12 -1.99 -2.14 -4.74
CA VAL A 12 -1.61 -1.30 -5.91
C VAL A 12 -0.69 -2.09 -6.85
N LEU A 13 -1.12 -2.33 -8.05
CA LEU A 13 -0.28 -3.11 -9.01
C LEU A 13 0.39 -2.15 -10.01
N SER A 14 1.66 -1.93 -9.87
CA SER A 14 2.38 -1.01 -10.81
C SER A 14 3.80 -1.51 -11.06
N GLU A 15 4.34 -1.20 -12.21
CA GLU A 15 5.72 -1.66 -12.52
C GLU A 15 6.63 -1.50 -11.31
N LYS A 16 6.85 -0.29 -10.87
CA LYS A 16 7.72 -0.06 -9.68
C LYS A 16 7.24 -0.89 -8.49
N ALA A 17 5.97 -1.22 -8.46
CA ALA A 17 5.44 -2.02 -7.32
C ALA A 17 5.66 -3.51 -7.59
N TYR A 18 5.26 -3.98 -8.74
CA TYR A 18 5.45 -5.43 -9.05
C TYR A 18 6.91 -5.82 -8.91
N ALA A 19 7.80 -4.91 -9.20
CA ALA A 19 9.25 -5.23 -9.07
C ALA A 19 9.74 -4.89 -7.65
N GLY A 20 8.92 -4.24 -6.88
CA GLY A 20 9.31 -3.87 -5.49
C GLY A 20 8.58 -4.79 -4.52
N PHE A 21 7.38 -5.17 -4.87
CA PHE A 21 6.60 -6.07 -3.98
C PHE A 21 7.10 -7.51 -4.19
N ALA A 22 7.74 -7.75 -5.30
CA ALA A 22 8.24 -9.11 -5.61
C ALA A 22 9.13 -9.64 -4.47
N GLU A 23 9.60 -8.77 -3.62
CA GLU A 23 10.48 -9.22 -2.50
C GLU A 23 9.64 -9.47 -1.24
N GLY A 24 8.35 -9.62 -1.39
CA GLY A 24 7.49 -9.86 -0.20
C GLY A 24 6.93 -8.53 0.29
N LYS A 25 7.31 -7.45 -0.34
CA LYS A 25 6.81 -6.11 0.06
C LYS A 25 5.42 -5.87 -0.55
N TYR A 26 4.50 -5.30 0.17
CA TYR A 26 3.15 -5.08 -0.42
C TYR A 26 2.68 -3.63 -0.28
N THR A 27 2.75 -2.88 -1.34
CA THR A 27 2.31 -1.47 -1.33
C THR A 27 0.78 -1.41 -1.33
N PHE A 28 0.23 -0.49 -0.60
CA PHE A 28 -1.25 -0.37 -0.53
C PHE A 28 -1.67 1.08 -0.68
N TRP A 29 -2.92 1.33 -0.94
CA TRP A 29 -3.38 2.73 -1.05
C TRP A 29 -3.81 3.14 0.36
N VAL A 30 -3.23 4.16 0.90
CA VAL A 30 -3.59 4.51 2.28
C VAL A 30 -3.84 6.00 2.45
N HIS A 31 -4.45 6.34 3.55
CA HIS A 31 -4.76 7.75 3.84
C HIS A 31 -3.54 8.46 4.43
N PRO A 32 -3.49 9.75 4.22
CA PRO A 32 -2.37 10.56 4.73
C PRO A 32 -2.49 10.68 6.25
N LYS A 33 -2.35 9.59 6.94
CA LYS A 33 -2.48 9.61 8.42
C LYS A 33 -2.27 8.21 8.98
N ALA A 34 -2.67 7.21 8.24
CA ALA A 34 -2.49 5.81 8.72
C ALA A 34 -1.06 5.61 9.22
N THR A 35 -0.82 5.84 10.48
CA THR A 35 0.56 5.68 11.03
C THR A 35 1.25 4.46 10.43
N LYS A 36 2.48 4.59 10.02
CA LYS A 36 3.21 3.43 9.44
C LYS A 36 2.92 2.17 10.27
N THR A 37 2.95 2.31 11.57
CA THR A 37 2.67 1.13 12.43
C THR A 37 1.25 0.61 12.18
N GLU A 38 0.31 1.50 12.08
CA GLU A 38 -1.09 1.07 11.82
C GLU A 38 -1.14 0.23 10.56
N ILE A 39 -0.39 0.59 9.55
CA ILE A 39 -0.37 -0.21 8.31
C ILE A 39 0.04 -1.64 8.64
N LYS A 40 0.86 -1.81 9.65
CA LYS A 40 1.29 -3.17 10.03
C LYS A 40 0.07 -3.99 10.45
N ASN A 41 -0.76 -3.43 11.27
CA ASN A 41 -1.98 -4.15 11.75
C ASN A 41 -3.03 -4.23 10.64
N ALA A 42 -3.13 -3.23 9.80
CA ALA A 42 -4.15 -3.27 8.72
C ALA A 42 -3.95 -4.50 7.83
N VAL A 43 -2.76 -4.73 7.35
CA VAL A 43 -2.54 -5.94 6.49
C VAL A 43 -2.68 -7.20 7.33
N GLU A 44 -2.23 -7.18 8.56
CA GLU A 44 -2.36 -8.38 9.42
C GLU A 44 -3.85 -8.68 9.63
N THR A 45 -4.63 -7.65 9.87
CA THR A 45 -6.08 -7.86 10.07
C THR A 45 -6.77 -8.02 8.70
N ALA A 46 -6.12 -7.57 7.66
CA ALA A 46 -6.73 -7.69 6.30
C ALA A 46 -6.12 -8.89 5.55
N PHE A 47 -4.87 -8.82 5.22
CA PHE A 47 -4.23 -9.95 4.49
C PHE A 47 -4.02 -11.15 5.42
N LYS A 48 -3.99 -10.92 6.69
CA LYS A 48 -3.81 -12.04 7.67
C LYS A 48 -2.42 -12.67 7.47
N VAL A 49 -1.41 -11.87 7.40
CA VAL A 49 -0.04 -12.40 7.20
C VAL A 49 0.87 -11.93 8.35
N LYS A 50 2.16 -11.94 8.14
CA LYS A 50 3.09 -11.49 9.20
C LYS A 50 3.86 -10.26 8.71
N VAL A 51 3.61 -9.12 9.29
CA VAL A 51 4.31 -7.89 8.85
C VAL A 51 5.72 -7.85 9.42
N VAL A 52 6.71 -7.82 8.58
CA VAL A 52 8.12 -7.77 9.06
C VAL A 52 8.75 -6.44 8.68
N LYS A 53 8.03 -5.60 8.00
CA LYS A 53 8.59 -4.28 7.59
C LYS A 53 7.58 -3.53 6.72
N VAL A 54 7.14 -2.38 7.14
CA VAL A 54 6.15 -1.62 6.34
C VAL A 54 6.78 -0.32 5.81
N ASN A 55 6.62 -0.04 4.55
CA ASN A 55 7.18 1.21 3.98
C ASN A 55 6.12 1.93 3.18
N THR A 56 5.73 3.09 3.61
CA THR A 56 4.68 3.85 2.85
C THR A 56 5.26 5.14 2.31
N LEU A 57 4.81 5.55 1.15
CA LEU A 57 5.34 6.82 0.55
C LEU A 57 4.18 7.62 -0.07
N HIS A 58 4.39 8.88 -0.30
CA HIS A 58 3.30 9.71 -0.89
C HIS A 58 3.21 9.47 -2.39
N VAL A 59 2.05 9.15 -2.87
CA VAL A 59 1.87 8.90 -4.33
C VAL A 59 0.89 9.91 -4.92
N ARG A 60 1.30 10.64 -5.92
CA ARG A 60 0.39 11.64 -6.53
C ARG A 60 -0.14 11.14 -7.88
N GLY A 61 -1.38 11.42 -8.20
CA GLY A 61 -1.94 10.96 -9.50
C GLY A 61 -2.49 9.54 -9.35
N LYS A 62 -3.45 9.18 -10.16
CA LYS A 62 -4.04 7.82 -10.06
C LYS A 62 -4.39 7.30 -11.45
N LYS A 63 -5.33 7.91 -12.12
CA LYS A 63 -5.72 7.45 -13.48
C LYS A 63 -5.61 8.61 -14.48
N LYS A 64 -5.45 9.81 -14.00
CA LYS A 64 -5.32 10.97 -14.91
C LYS A 64 -5.19 12.27 -14.12
N ARG A 65 -4.23 13.09 -14.45
CA ARG A 65 -4.05 14.37 -13.73
C ARG A 65 -3.97 15.54 -14.71
N LEU A 66 -4.08 15.26 -15.99
CA LEU A 66 -4.02 16.35 -17.01
C LEU A 66 -4.79 17.58 -16.52
N GLY A 67 -4.18 18.72 -16.57
CA GLY A 67 -4.87 19.96 -16.10
C GLY A 67 -5.90 20.41 -17.14
N ARG A 68 -6.75 19.53 -17.58
CA ARG A 68 -7.78 19.93 -18.59
C ARG A 68 -9.17 19.58 -18.06
N TYR A 69 -9.22 19.29 -16.82
CA TYR A 69 -10.52 18.93 -16.18
C TYR A 69 -10.37 18.96 -14.65
N LEU A 70 -10.20 20.12 -14.08
CA LEU A 70 -10.03 20.21 -12.60
C LEU A 70 -9.11 19.12 -12.11
N GLY A 71 -8.08 18.86 -12.87
CA GLY A 71 -7.11 17.81 -12.48
C GLY A 71 -6.03 18.41 -11.58
N LYS A 72 -5.60 17.69 -10.58
CA LYS A 72 -4.55 18.22 -9.67
C LYS A 72 -3.98 17.09 -8.80
N ARG A 73 -2.76 16.71 -9.04
CA ARG A 73 -2.15 15.61 -8.23
C ARG A 73 -2.43 15.84 -6.75
N PRO A 74 -3.34 15.07 -6.23
CA PRO A 74 -3.73 15.18 -4.80
C PRO A 74 -2.61 14.64 -3.91
N ASP A 75 -2.90 14.43 -2.66
CA ASP A 75 -1.87 13.88 -1.73
C ASP A 75 -2.31 12.50 -1.25
N ARG A 76 -1.94 11.48 -1.95
CA ARG A 76 -2.33 10.11 -1.54
C ARG A 76 -1.11 9.38 -0.96
N LYS A 77 -1.32 8.57 0.05
CA LYS A 77 -0.18 7.84 0.66
C LYS A 77 -0.27 6.34 0.36
N LYS A 78 0.86 5.71 0.12
CA LYS A 78 0.85 4.25 -0.20
C LYS A 78 1.61 3.48 0.89
N ALA A 79 1.27 2.23 1.14
CA ALA A 79 1.99 1.47 2.21
C ALA A 79 2.54 0.13 1.71
N ILE A 80 3.81 -0.06 1.84
CA ILE A 80 4.42 -1.35 1.43
C ILE A 80 4.72 -2.22 2.65
N VAL A 81 4.01 -3.29 2.80
CA VAL A 81 4.27 -4.17 3.98
C VAL A 81 5.04 -5.42 3.55
N GLN A 82 6.10 -5.75 4.23
CA GLN A 82 6.89 -6.95 3.86
C GLN A 82 6.56 -8.08 4.81
N VAL A 83 6.63 -9.28 4.37
CA VAL A 83 6.35 -10.39 5.30
C VAL A 83 7.63 -11.20 5.53
N ALA A 84 7.70 -11.88 6.62
CA ALA A 84 8.92 -12.67 6.93
C ALA A 84 9.13 -13.77 5.88
N PRO A 85 10.23 -14.44 6.03
CA PRO A 85 10.60 -15.54 5.11
C PRO A 85 9.77 -16.79 5.40
N GLY A 86 8.48 -16.67 5.40
CA GLY A 86 7.61 -17.85 5.69
C GLY A 86 6.21 -17.61 5.13
N GLN A 87 5.73 -16.40 5.19
CA GLN A 87 4.37 -16.11 4.66
C GLN A 87 4.47 -15.24 3.41
N LYS A 88 3.35 -14.89 2.83
CA LYS A 88 3.38 -14.04 1.60
C LYS A 88 1.95 -13.69 1.17
N ILE A 89 1.50 -12.50 1.49
CA ILE A 89 0.12 -12.09 1.09
C ILE A 89 -0.17 -12.54 -0.34
N GLU A 90 -1.08 -13.46 -0.50
CA GLU A 90 -1.42 -13.96 -1.87
C GLU A 90 -2.32 -12.97 -2.62
N ALA A 91 -2.87 -12.01 -1.92
CA ALA A 91 -3.76 -11.01 -2.60
C ALA A 91 -3.04 -10.36 -3.78
N LEU A 92 -1.74 -10.26 -3.73
CA LEU A 92 -1.00 -9.63 -4.85
C LEU A 92 -0.26 -10.71 -5.65
N GLU A 93 0.01 -11.82 -5.02
CA GLU A 93 0.73 -12.91 -5.72
C GLU A 93 -0.05 -13.34 -6.97
N GLY A 94 -1.34 -13.36 -6.89
CA GLY A 94 -2.16 -13.77 -8.08
C GLY A 94 -2.73 -12.54 -8.76
N LEU A 95 -2.08 -11.41 -8.61
CA LEU A 95 -2.59 -10.16 -9.24
C LEU A 95 -1.71 -9.78 -10.43
N ILE A 96 -0.53 -10.36 -10.53
CA ILE A 96 0.38 -10.03 -11.66
C ILE A 96 -0.26 -10.46 -12.99
N MET A 1 -13.49 -2.11 13.00
CA MET A 1 -12.12 -2.65 12.77
C MET A 1 -11.33 -1.75 11.82
N LYS A 2 -10.38 -1.02 12.33
CA LYS A 2 -9.58 -0.14 11.43
C LYS A 2 -8.38 -0.92 10.91
N THR A 3 -8.55 -1.68 9.86
CA THR A 3 -7.41 -2.45 9.31
C THR A 3 -7.38 -2.35 7.78
N ALA A 4 -8.06 -3.22 7.10
CA ALA A 4 -8.06 -3.14 5.61
C ALA A 4 -9.00 -2.03 5.14
N TYR A 5 -9.93 -1.65 5.98
CA TYR A 5 -10.88 -0.55 5.66
C TYR A 5 -10.13 0.73 5.19
N ASP A 6 -10.57 1.88 5.64
CA ASP A 6 -9.89 3.16 5.28
C ASP A 6 -8.39 2.94 5.08
N VAL A 7 -7.73 2.41 6.06
CA VAL A 7 -6.27 2.16 5.94
C VAL A 7 -5.97 1.28 4.72
N ILE A 8 -4.72 1.19 4.36
CA ILE A 8 -4.29 0.34 3.21
C ILE A 8 -5.47 -0.16 2.36
N LEU A 9 -5.90 0.62 1.41
CA LEU A 9 -7.05 0.20 0.56
C LEU A 9 -6.64 -1.00 -0.32
N ALA A 10 -6.45 -0.79 -1.59
CA ALA A 10 -6.07 -1.93 -2.48
C ALA A 10 -4.61 -1.78 -2.92
N PRO A 11 -4.03 -2.88 -3.32
CA PRO A 11 -2.62 -2.88 -3.78
C PRO A 11 -2.51 -2.24 -5.16
N VAL A 12 -1.32 -1.84 -5.54
CA VAL A 12 -1.15 -1.20 -6.88
C VAL A 12 -0.49 -2.19 -7.85
N LEU A 13 -0.99 -2.29 -9.04
CA LEU A 13 -0.38 -3.22 -10.02
C LEU A 13 0.48 -2.45 -11.03
N SER A 14 1.78 -2.55 -10.92
CA SER A 14 2.66 -1.83 -11.88
C SER A 14 4.07 -2.43 -11.84
N GLU A 15 4.75 -2.43 -12.95
CA GLU A 15 6.13 -3.00 -12.97
C GLU A 15 6.90 -2.57 -11.73
N LYS A 16 7.00 -1.29 -11.50
CA LYS A 16 7.73 -0.81 -10.30
C LYS A 16 7.18 -1.46 -9.03
N ALA A 17 5.91 -1.79 -9.03
CA ALA A 17 5.31 -2.42 -7.83
C ALA A 17 5.58 -3.93 -7.84
N TYR A 18 5.05 -4.63 -8.80
CA TYR A 18 5.28 -6.10 -8.86
C TYR A 18 6.75 -6.43 -8.57
N ALA A 19 7.65 -5.78 -9.25
CA ALA A 19 9.10 -6.06 -9.00
C ALA A 19 9.48 -5.62 -7.59
N GLY A 20 8.74 -4.71 -7.02
CA GLY A 20 9.04 -4.25 -5.63
C GLY A 20 8.31 -5.16 -4.66
N PHE A 21 7.07 -5.45 -4.93
CA PHE A 21 6.30 -6.35 -4.02
C PHE A 21 6.76 -7.79 -4.26
N ALA A 22 7.29 -8.06 -5.40
CA ALA A 22 7.77 -9.44 -5.71
C ALA A 22 8.67 -9.94 -4.57
N GLU A 23 9.22 -9.04 -3.81
CA GLU A 23 10.12 -9.47 -2.69
C GLU A 23 9.31 -9.62 -1.39
N GLY A 24 8.01 -9.69 -1.51
CA GLY A 24 7.17 -9.84 -0.29
C GLY A 24 6.69 -8.46 0.16
N LYS A 25 7.06 -7.43 -0.54
CA LYS A 25 6.62 -6.05 -0.14
C LYS A 25 5.21 -5.80 -0.68
N TYR A 26 4.41 -5.04 0.01
CA TYR A 26 3.03 -4.78 -0.48
C TYR A 26 2.71 -3.28 -0.54
N THR A 27 2.70 -2.74 -1.72
CA THR A 27 2.37 -1.31 -1.90
C THR A 27 0.86 -1.14 -1.82
N PHE A 28 0.41 -0.21 -1.04
CA PHE A 28 -1.06 -0.02 -0.90
C PHE A 28 -1.43 1.46 -0.96
N TRP A 29 -2.69 1.74 -1.16
CA TRP A 29 -3.15 3.14 -1.14
C TRP A 29 -3.77 3.34 0.23
N VAL A 30 -3.30 4.27 1.00
CA VAL A 30 -3.86 4.38 2.36
C VAL A 30 -3.91 5.82 2.84
N HIS A 31 -4.66 6.04 3.89
CA HIS A 31 -4.79 7.39 4.46
C HIS A 31 -3.51 7.78 5.19
N PRO A 32 -3.44 9.02 5.59
CA PRO A 32 -2.24 9.51 6.31
C PRO A 32 -2.28 8.99 7.74
N LYS A 33 -3.35 9.23 8.40
CA LYS A 33 -3.54 8.77 9.79
C LYS A 33 -3.13 7.30 9.92
N ALA A 34 -3.14 6.57 8.85
CA ALA A 34 -2.73 5.13 8.92
C ALA A 34 -1.25 5.02 9.25
N THR A 35 -0.87 5.52 10.39
CA THR A 35 0.58 5.47 10.80
C THR A 35 1.22 4.16 10.37
N LYS A 36 2.49 4.18 10.07
CA LYS A 36 3.19 2.93 9.65
C LYS A 36 2.75 1.77 10.54
N THR A 37 2.73 1.98 11.83
CA THR A 37 2.31 0.88 12.76
C THR A 37 0.89 0.44 12.42
N GLU A 38 -0.02 1.36 12.36
CA GLU A 38 -1.43 0.98 12.04
C GLU A 38 -1.47 0.22 10.71
N ILE A 39 -0.72 0.67 9.74
CA ILE A 39 -0.70 -0.05 8.43
C ILE A 39 -0.29 -1.50 8.67
N LYS A 40 0.53 -1.73 9.65
CA LYS A 40 0.98 -3.11 9.96
C LYS A 40 -0.23 -3.96 10.38
N ASN A 41 -1.05 -3.42 11.23
CA ASN A 41 -2.24 -4.19 11.71
C ASN A 41 -3.29 -4.32 10.60
N ALA A 42 -3.44 -3.34 9.75
CA ALA A 42 -4.48 -3.47 8.68
C ALA A 42 -4.23 -4.70 7.82
N VAL A 43 -3.03 -4.87 7.32
CA VAL A 43 -2.76 -6.09 6.48
C VAL A 43 -2.74 -7.33 7.38
N GLU A 44 -2.28 -7.20 8.59
CA GLU A 44 -2.26 -8.38 9.51
C GLU A 44 -3.70 -8.80 9.80
N THR A 45 -4.59 -7.86 9.95
CA THR A 45 -6.01 -8.20 10.22
C THR A 45 -6.71 -8.62 8.93
N ALA A 46 -6.32 -8.03 7.83
CA ALA A 46 -6.96 -8.38 6.53
C ALA A 46 -6.22 -9.53 5.85
N PHE A 47 -4.98 -9.33 5.51
CA PHE A 47 -4.21 -10.42 4.84
C PHE A 47 -3.89 -11.55 5.83
N LYS A 48 -3.91 -11.25 7.09
CA LYS A 48 -3.62 -12.30 8.11
C LYS A 48 -2.21 -12.86 7.91
N VAL A 49 -1.25 -11.99 7.74
CA VAL A 49 0.15 -12.45 7.54
C VAL A 49 1.05 -11.83 8.60
N LYS A 50 2.34 -11.84 8.36
CA LYS A 50 3.29 -11.24 9.34
C LYS A 50 4.04 -10.08 8.70
N VAL A 51 3.78 -8.88 9.14
CA VAL A 51 4.48 -7.71 8.54
C VAL A 51 5.89 -7.59 9.12
N VAL A 52 6.89 -7.67 8.29
CA VAL A 52 8.29 -7.56 8.80
C VAL A 52 8.89 -6.22 8.39
N LYS A 53 8.09 -5.35 7.83
CA LYS A 53 8.61 -4.02 7.41
C LYS A 53 7.57 -3.30 6.54
N VAL A 54 7.09 -2.17 7.00
CA VAL A 54 6.07 -1.43 6.21
C VAL A 54 6.61 -0.04 5.83
N ASN A 55 6.76 0.22 4.56
CA ASN A 55 7.27 1.55 4.14
C ASN A 55 6.19 2.28 3.33
N THR A 56 5.71 3.37 3.84
CA THR A 56 4.64 4.12 3.10
C THR A 56 5.18 5.48 2.67
N LEU A 57 4.85 5.90 1.47
CA LEU A 57 5.35 7.21 0.98
C LEU A 57 4.19 8.10 0.53
N HIS A 58 4.44 9.36 0.30
CA HIS A 58 3.35 10.27 -0.14
C HIS A 58 3.00 9.97 -1.60
N VAL A 59 1.75 9.76 -1.89
CA VAL A 59 1.35 9.44 -3.29
C VAL A 59 0.55 10.61 -3.89
N ARG A 60 0.80 10.94 -5.12
CA ARG A 60 0.06 12.07 -5.76
C ARG A 60 -0.82 11.54 -6.88
N GLY A 61 -1.63 12.40 -7.46
CA GLY A 61 -2.52 11.95 -8.57
C GLY A 61 -2.33 12.86 -9.78
N LYS A 62 -1.44 12.49 -10.67
CA LYS A 62 -1.21 13.33 -11.87
C LYS A 62 -1.69 12.61 -13.14
N LYS A 63 -2.92 12.83 -13.52
CA LYS A 63 -3.45 12.15 -14.74
C LYS A 63 -4.60 12.96 -15.33
N LYS A 64 -4.38 14.20 -15.63
CA LYS A 64 -5.48 15.05 -16.21
C LYS A 64 -6.77 14.84 -15.42
N ARG A 65 -6.76 15.12 -14.15
CA ARG A 65 -7.99 14.95 -13.33
C ARG A 65 -7.74 15.40 -11.89
N LEU A 66 -6.60 15.07 -11.33
CA LEU A 66 -6.32 15.48 -9.93
C LEU A 66 -7.55 15.22 -9.05
N GLY A 67 -7.58 14.10 -8.39
CA GLY A 67 -8.75 13.80 -7.54
C GLY A 67 -9.94 13.40 -8.40
N ARG A 68 -11.12 13.51 -7.87
CA ARG A 68 -12.34 13.15 -8.66
C ARG A 68 -12.33 13.85 -10.03
N TYR A 69 -13.43 13.78 -10.73
CA TYR A 69 -13.51 14.44 -12.08
C TYR A 69 -12.76 15.78 -12.08
N LEU A 70 -11.64 15.83 -12.75
CA LEU A 70 -10.85 17.10 -12.82
C LEU A 70 -10.96 17.88 -11.52
N GLY A 71 -10.90 17.18 -10.43
CA GLY A 71 -11.00 17.85 -9.10
C GLY A 71 -9.62 18.29 -8.63
N LYS A 72 -9.38 18.24 -7.34
CA LYS A 72 -8.04 18.66 -6.82
C LYS A 72 -7.31 17.44 -6.24
N ARG A 73 -6.03 17.35 -6.48
CA ARG A 73 -5.26 16.18 -5.94
C ARG A 73 -5.28 16.20 -4.41
N PRO A 74 -5.94 15.21 -3.85
CA PRO A 74 -6.04 15.10 -2.38
C PRO A 74 -4.70 14.67 -1.79
N ASP A 75 -4.70 14.25 -0.55
CA ASP A 75 -3.45 13.80 0.09
C ASP A 75 -3.54 12.31 0.39
N ARG A 76 -3.13 11.50 -0.54
CA ARG A 76 -3.18 10.03 -0.33
C ARG A 76 -1.83 9.52 0.17
N LYS A 77 -1.82 8.42 0.88
CA LYS A 77 -0.53 7.87 1.38
C LYS A 77 -0.38 6.43 0.88
N LYS A 78 0.78 6.07 0.39
CA LYS A 78 1.00 4.69 -0.12
C LYS A 78 1.75 3.85 0.93
N ALA A 79 1.53 2.55 0.97
CA ALA A 79 2.24 1.73 1.99
C ALA A 79 2.86 0.47 1.39
N ILE A 80 4.10 0.23 1.70
CA ILE A 80 4.78 -1.00 1.20
C ILE A 80 5.06 -1.91 2.38
N VAL A 81 4.39 -3.03 2.45
CA VAL A 81 4.61 -3.95 3.60
C VAL A 81 5.36 -5.21 3.18
N GLN A 82 6.39 -5.56 3.89
CA GLN A 82 7.15 -6.78 3.54
C GLN A 82 6.83 -7.87 4.55
N VAL A 83 6.83 -9.10 4.15
CA VAL A 83 6.54 -10.15 5.13
C VAL A 83 7.77 -11.02 5.34
N ALA A 84 7.85 -11.67 6.45
CA ALA A 84 9.02 -12.54 6.72
C ALA A 84 8.99 -13.76 5.80
N PRO A 85 9.99 -14.56 5.94
CA PRO A 85 10.11 -15.79 5.11
C PRO A 85 9.11 -16.85 5.60
N GLY A 86 8.49 -17.55 4.68
CA GLY A 86 7.52 -18.60 5.09
C GLY A 86 6.09 -18.18 4.72
N GLN A 87 5.77 -16.92 4.91
CA GLN A 87 4.40 -16.45 4.57
C GLN A 87 4.37 -15.82 3.18
N LYS A 88 3.22 -15.36 2.76
CA LYS A 88 3.13 -14.74 1.41
C LYS A 88 1.68 -14.29 1.14
N ILE A 89 1.36 -13.07 1.48
CA ILE A 89 -0.04 -12.59 1.24
C ILE A 89 -0.48 -12.95 -0.18
N GLU A 90 -1.20 -14.03 -0.32
CA GLU A 90 -1.67 -14.48 -1.67
C GLU A 90 -2.50 -13.38 -2.34
N ALA A 91 -2.93 -12.39 -1.61
CA ALA A 91 -3.75 -11.31 -2.23
C ALA A 91 -3.04 -10.69 -3.43
N LEU A 92 -1.74 -10.56 -3.38
CA LEU A 92 -1.01 -9.96 -4.53
C LEU A 92 -0.24 -11.05 -5.28
N GLU A 93 0.06 -12.13 -4.62
CA GLU A 93 0.82 -13.22 -5.27
C GLU A 93 0.12 -13.66 -6.56
N GLY A 94 -1.18 -13.75 -6.53
CA GLY A 94 -1.92 -14.19 -7.74
C GLY A 94 -2.30 -12.96 -8.58
N LEU A 95 -2.06 -11.79 -8.08
CA LEU A 95 -2.40 -10.56 -8.86
C LEU A 95 -1.58 -10.50 -10.14
N ILE A 96 -0.41 -11.07 -10.14
CA ILE A 96 0.43 -11.05 -11.37
C ILE A 96 -0.42 -11.35 -12.61
N MET A 1 -12.92 -1.10 12.35
CA MET A 1 -12.25 -2.32 11.83
C MET A 1 -10.94 -1.97 11.15
N LYS A 2 -9.99 -1.45 11.88
CA LYS A 2 -8.70 -1.11 11.20
C LYS A 2 -8.08 -2.37 10.65
N THR A 3 -8.36 -2.64 9.41
CA THR A 3 -7.83 -3.86 8.75
C THR A 3 -7.36 -3.51 7.34
N ALA A 4 -8.10 -2.66 6.71
CA ALA A 4 -7.76 -2.25 5.32
C ALA A 4 -8.45 -0.93 4.96
N TYR A 5 -9.55 -0.63 5.61
CA TYR A 5 -10.30 0.64 5.37
C TYR A 5 -9.35 1.87 5.34
N ASP A 6 -9.75 2.93 6.00
CA ASP A 6 -8.93 4.17 6.08
C ASP A 6 -7.44 3.88 5.89
N VAL A 7 -6.88 3.12 6.78
CA VAL A 7 -5.43 2.80 6.69
C VAL A 7 -5.07 2.14 5.35
N ILE A 8 -4.76 0.86 5.33
CA ILE A 8 -4.37 0.20 4.06
C ILE A 8 -5.58 -0.21 3.22
N LEU A 9 -5.99 0.63 2.31
CA LEU A 9 -7.16 0.28 1.44
C LEU A 9 -6.79 -0.85 0.47
N ALA A 10 -6.61 -0.55 -0.79
CA ALA A 10 -6.25 -1.62 -1.77
C ALA A 10 -4.78 -1.49 -2.21
N PRO A 11 -4.29 -2.54 -2.78
CA PRO A 11 -2.88 -2.57 -3.27
C PRO A 11 -2.75 -1.76 -4.57
N VAL A 12 -1.55 -1.46 -4.98
CA VAL A 12 -1.36 -0.69 -6.25
C VAL A 12 -0.64 -1.54 -7.29
N LEU A 13 -1.08 -1.48 -8.52
CA LEU A 13 -0.40 -2.28 -9.58
C LEU A 13 0.51 -1.39 -10.43
N SER A 14 1.79 -1.58 -10.35
CA SER A 14 2.73 -0.73 -11.15
C SER A 14 4.02 -1.52 -11.44
N GLU A 15 4.61 -1.29 -12.59
CA GLU A 15 5.87 -2.01 -12.93
C GLU A 15 6.80 -2.07 -11.71
N LYS A 16 7.20 -0.94 -11.21
CA LYS A 16 8.11 -0.93 -10.02
C LYS A 16 7.50 -1.74 -8.88
N ALA A 17 6.22 -1.60 -8.66
CA ALA A 17 5.58 -2.34 -7.55
C ALA A 17 5.66 -3.85 -7.80
N TYR A 18 5.10 -4.31 -8.90
CA TYR A 18 5.15 -5.77 -9.21
C TYR A 18 6.58 -6.28 -9.05
N ALA A 19 7.55 -5.49 -9.41
CA ALA A 19 8.97 -5.94 -9.28
C ALA A 19 9.52 -5.54 -7.91
N GLY A 20 8.78 -4.77 -7.16
CA GLY A 20 9.24 -4.35 -5.81
C GLY A 20 8.51 -5.18 -4.77
N PHE A 21 7.28 -5.49 -5.04
CA PHE A 21 6.49 -6.33 -4.09
C PHE A 21 6.90 -7.79 -4.26
N ALA A 22 7.46 -8.11 -5.39
CA ALA A 22 7.89 -9.51 -5.65
C ALA A 22 8.79 -10.03 -4.53
N GLU A 23 9.39 -9.15 -3.78
CA GLU A 23 10.29 -9.59 -2.67
C GLU A 23 9.48 -9.77 -1.38
N GLY A 24 8.19 -9.87 -1.47
CA GLY A 24 7.36 -10.03 -0.26
C GLY A 24 6.89 -8.64 0.21
N LYS A 25 7.29 -7.62 -0.49
CA LYS A 25 6.87 -6.24 -0.11
C LYS A 25 5.47 -5.97 -0.68
N TYR A 26 4.64 -5.26 0.04
CA TYR A 26 3.27 -5.01 -0.50
C TYR A 26 2.93 -3.51 -0.46
N THR A 27 2.78 -2.92 -1.62
CA THR A 27 2.41 -1.49 -1.69
C THR A 27 0.90 -1.36 -1.60
N PHE A 28 0.43 -0.63 -0.64
CA PHE A 28 -1.04 -0.49 -0.46
C PHE A 28 -1.48 0.96 -0.66
N TRP A 29 -2.75 1.17 -0.82
CA TRP A 29 -3.27 2.55 -0.96
C TRP A 29 -3.81 2.91 0.41
N VAL A 30 -3.35 3.95 1.00
CA VAL A 30 -3.84 4.23 2.36
C VAL A 30 -3.99 5.72 2.64
N HIS A 31 -4.84 6.03 3.58
CA HIS A 31 -5.10 7.46 3.94
C HIS A 31 -3.83 8.12 4.47
N PRO A 32 -3.76 9.41 4.27
CA PRO A 32 -2.59 10.18 4.74
C PRO A 32 -2.65 10.31 6.26
N LYS A 33 -2.44 9.23 6.95
CA LYS A 33 -2.50 9.26 8.43
C LYS A 33 -2.25 7.86 8.99
N ALA A 34 -2.64 6.84 8.27
CA ALA A 34 -2.42 5.45 8.75
C ALA A 34 -1.02 5.33 9.38
N THR A 35 -0.92 5.53 10.66
CA THR A 35 0.42 5.45 11.33
C THR A 35 1.20 4.25 10.80
N LYS A 36 2.47 4.43 10.55
CA LYS A 36 3.30 3.29 10.04
C LYS A 36 2.94 2.02 10.81
N THR A 37 2.72 2.13 12.08
CA THR A 37 2.36 0.93 12.88
C THR A 37 0.91 0.53 12.59
N GLU A 38 0.06 1.50 12.35
CA GLU A 38 -1.36 1.17 12.05
C GLU A 38 -1.42 0.30 10.79
N ILE A 39 -0.68 0.64 9.78
CA ILE A 39 -0.68 -0.18 8.55
C ILE A 39 -0.28 -1.61 8.92
N LYS A 40 0.53 -1.75 9.93
CA LYS A 40 0.93 -3.11 10.36
C LYS A 40 -0.27 -3.86 10.92
N ASN A 41 -1.06 -3.20 11.72
CA ASN A 41 -2.26 -3.85 12.31
C ASN A 41 -3.39 -4.05 11.28
N ALA A 42 -3.69 -3.05 10.49
CA ALA A 42 -4.80 -3.23 9.51
C ALA A 42 -4.52 -4.43 8.59
N VAL A 43 -3.37 -4.46 7.98
CA VAL A 43 -3.03 -5.59 7.07
C VAL A 43 -3.04 -6.92 7.85
N GLU A 44 -2.40 -6.96 8.99
CA GLU A 44 -2.37 -8.23 9.77
C GLU A 44 -3.81 -8.65 10.10
N THR A 45 -4.63 -7.70 10.49
CA THR A 45 -6.05 -8.04 10.82
C THR A 45 -6.83 -8.31 9.53
N ALA A 46 -6.26 -7.95 8.40
CA ALA A 46 -6.97 -8.17 7.10
C ALA A 46 -6.38 -9.40 6.39
N PHE A 47 -5.17 -9.30 5.92
CA PHE A 47 -4.55 -10.46 5.21
C PHE A 47 -4.20 -11.56 6.20
N LYS A 48 -4.07 -11.22 7.46
CA LYS A 48 -3.73 -12.23 8.49
C LYS A 48 -2.36 -12.84 8.19
N VAL A 49 -1.42 -12.02 7.83
CA VAL A 49 -0.05 -12.51 7.53
C VAL A 49 0.93 -11.99 8.57
N LYS A 50 2.20 -11.99 8.24
CA LYS A 50 3.21 -11.47 9.20
C LYS A 50 3.93 -10.26 8.61
N VAL A 51 3.61 -9.09 9.09
CA VAL A 51 4.27 -7.87 8.56
C VAL A 51 5.66 -7.72 9.17
N VAL A 52 6.68 -7.73 8.35
CA VAL A 52 8.07 -7.60 8.89
C VAL A 52 8.68 -6.27 8.45
N LYS A 53 7.89 -5.39 7.90
CA LYS A 53 8.43 -4.08 7.44
C LYS A 53 7.37 -3.35 6.61
N VAL A 54 6.95 -2.19 7.04
CA VAL A 54 5.93 -1.43 6.27
C VAL A 54 6.46 -0.04 5.93
N ASN A 55 6.62 0.26 4.67
CA ASN A 55 7.10 1.60 4.27
C ASN A 55 6.05 2.27 3.39
N THR A 56 5.49 3.35 3.85
CA THR A 56 4.46 4.04 3.03
C THR A 56 4.93 5.44 2.66
N LEU A 57 4.50 5.94 1.53
CA LEU A 57 4.93 7.31 1.10
C LEU A 57 3.82 7.98 0.30
N HIS A 58 3.72 9.28 0.37
CA HIS A 58 2.65 9.99 -0.39
C HIS A 58 2.88 9.86 -1.90
N VAL A 59 1.89 9.42 -2.61
CA VAL A 59 2.02 9.26 -4.08
C VAL A 59 0.99 10.12 -4.80
N ARG A 60 1.37 10.76 -5.86
CA ARG A 60 0.40 11.61 -6.62
C ARG A 60 0.88 11.87 -8.04
N GLY A 61 -0.03 12.04 -8.95
CA GLY A 61 0.37 12.30 -10.36
C GLY A 61 0.21 11.02 -11.19
N LYS A 62 -0.82 10.94 -11.98
CA LYS A 62 -1.02 9.72 -12.82
C LYS A 62 -1.08 10.10 -14.30
N LYS A 63 -2.10 10.80 -14.70
CA LYS A 63 -2.21 11.21 -16.12
C LYS A 63 -3.10 12.45 -16.25
N LYS A 64 -2.99 13.17 -17.35
CA LYS A 64 -3.83 14.38 -17.53
C LYS A 64 -3.68 15.31 -16.31
N ARG A 65 -2.64 16.08 -16.28
CA ARG A 65 -2.43 17.02 -15.13
C ARG A 65 -3.25 18.30 -15.32
N LEU A 66 -2.71 19.25 -16.02
CA LEU A 66 -3.45 20.52 -16.24
C LEU A 66 -4.12 20.97 -14.94
N GLY A 67 -3.39 21.65 -14.09
CA GLY A 67 -3.98 22.10 -12.81
C GLY A 67 -5.07 23.15 -13.05
N ARG A 68 -6.07 22.81 -13.81
CA ARG A 68 -7.17 23.78 -14.09
C ARG A 68 -8.50 23.16 -13.70
N TYR A 69 -8.43 22.15 -12.91
CA TYR A 69 -9.66 21.44 -12.45
C TYR A 69 -9.37 20.69 -11.16
N LEU A 70 -8.84 21.37 -10.17
CA LEU A 70 -8.53 20.70 -8.88
C LEU A 70 -7.94 19.31 -9.12
N GLY A 71 -7.09 19.22 -10.09
CA GLY A 71 -6.47 17.91 -10.42
C GLY A 71 -5.02 17.90 -9.93
N LYS A 72 -4.08 18.23 -10.78
CA LYS A 72 -2.65 18.25 -10.38
C LYS A 72 -2.33 17.06 -9.47
N ARG A 73 -1.21 17.10 -8.81
CA ARG A 73 -0.84 15.97 -7.92
C ARG A 73 -1.72 15.97 -6.67
N PRO A 74 -2.52 14.94 -6.56
CA PRO A 74 -3.45 14.82 -5.41
C PRO A 74 -2.67 14.44 -4.14
N ASP A 75 -3.36 14.08 -3.10
CA ASP A 75 -2.68 13.69 -1.85
C ASP A 75 -2.99 12.22 -1.54
N ARG A 76 -2.21 11.33 -2.03
CA ARG A 76 -2.46 9.88 -1.76
C ARG A 76 -1.23 9.25 -1.07
N LYS A 77 -1.45 8.27 -0.25
CA LYS A 77 -0.29 7.62 0.45
C LYS A 77 -0.26 6.12 0.15
N LYS A 78 0.85 5.63 -0.32
CA LYS A 78 0.96 4.17 -0.63
C LYS A 78 1.73 3.47 0.50
N ALA A 79 1.47 2.22 0.75
CA ALA A 79 2.20 1.53 1.86
C ALA A 79 2.87 0.23 1.40
N ILE A 80 4.15 0.16 1.56
CA ILE A 80 4.88 -1.07 1.16
C ILE A 80 5.09 -1.94 2.40
N VAL A 81 4.45 -3.08 2.45
CA VAL A 81 4.60 -3.97 3.63
C VAL A 81 5.33 -5.26 3.25
N GLN A 82 6.38 -5.59 3.94
CA GLN A 82 7.11 -6.84 3.61
C GLN A 82 6.73 -7.90 4.63
N VAL A 83 6.77 -9.14 4.25
CA VAL A 83 6.43 -10.18 5.24
C VAL A 83 7.62 -11.09 5.45
N ALA A 84 7.67 -11.75 6.56
CA ALA A 84 8.81 -12.66 6.84
C ALA A 84 8.74 -13.88 5.93
N PRO A 85 9.71 -14.72 6.08
CA PRO A 85 9.80 -15.96 5.27
C PRO A 85 8.75 -16.97 5.72
N GLY A 86 8.14 -17.67 4.80
CA GLY A 86 7.10 -18.66 5.18
C GLY A 86 5.72 -18.16 4.77
N GLN A 87 5.51 -16.87 4.80
CA GLN A 87 4.18 -16.32 4.41
C GLN A 87 4.28 -15.57 3.07
N LYS A 88 3.17 -15.15 2.55
CA LYS A 88 3.19 -14.40 1.25
C LYS A 88 1.76 -14.05 0.82
N ILE A 89 1.42 -12.79 0.85
CA ILE A 89 0.04 -12.39 0.43
C ILE A 89 -0.17 -12.73 -1.05
N GLU A 90 -0.41 -13.98 -1.35
CA GLU A 90 -0.61 -14.40 -2.77
C GLU A 90 -1.71 -13.58 -3.44
N ALA A 91 -2.50 -12.86 -2.68
CA ALA A 91 -3.60 -12.07 -3.30
C ALA A 91 -3.05 -11.13 -4.39
N LEU A 92 -1.78 -10.83 -4.36
CA LEU A 92 -1.22 -9.92 -5.41
C LEU A 92 -0.37 -10.72 -6.40
N GLU A 93 0.14 -11.85 -5.98
CA GLU A 93 0.99 -12.66 -6.89
C GLU A 93 0.24 -12.95 -8.19
N GLY A 94 -1.07 -12.96 -8.15
CA GLY A 94 -1.85 -13.23 -9.38
C GLY A 94 -2.35 -11.91 -9.96
N LEU A 95 -2.31 -10.86 -9.19
CA LEU A 95 -2.78 -9.54 -9.71
C LEU A 95 -2.07 -9.20 -11.01
N ILE A 96 -0.84 -9.63 -11.17
CA ILE A 96 -0.10 -9.33 -12.43
C ILE A 96 -0.99 -9.61 -13.64
N MET A 1 -15.85 3.04 4.85
CA MET A 1 -14.42 3.33 4.50
C MET A 1 -13.66 2.02 4.31
N LYS A 2 -12.41 2.02 4.65
CA LYS A 2 -11.59 0.79 4.52
C LYS A 2 -11.84 -0.08 5.74
N THR A 3 -12.53 -1.19 5.58
CA THR A 3 -12.79 -2.11 6.73
C THR A 3 -11.61 -2.05 7.68
N ALA A 4 -10.44 -1.91 7.11
CA ALA A 4 -9.20 -1.75 7.90
C ALA A 4 -9.32 -0.46 8.70
N TYR A 5 -10.21 -0.41 9.67
CA TYR A 5 -10.42 0.86 10.45
C TYR A 5 -10.13 2.06 9.54
N ASP A 6 -10.51 1.91 8.29
CA ASP A 6 -10.30 2.96 7.26
C ASP A 6 -8.79 3.22 7.04
N VAL A 7 -8.05 2.19 6.71
CA VAL A 7 -6.59 2.35 6.44
C VAL A 7 -6.23 1.72 5.09
N ILE A 8 -5.23 0.87 5.08
CA ILE A 8 -4.82 0.22 3.80
C ILE A 8 -6.05 -0.38 3.11
N LEU A 9 -6.05 -0.42 1.81
CA LEU A 9 -7.23 -0.99 1.09
C LEU A 9 -6.77 -1.78 -0.15
N ALA A 10 -6.72 -1.14 -1.28
CA ALA A 10 -6.29 -1.87 -2.52
C ALA A 10 -4.81 -1.64 -2.79
N PRO A 11 -4.13 -2.69 -3.16
CA PRO A 11 -2.69 -2.60 -3.47
C PRO A 11 -2.46 -1.90 -4.81
N VAL A 12 -1.24 -1.62 -5.16
CA VAL A 12 -0.97 -0.94 -6.45
C VAL A 12 -0.41 -1.94 -7.47
N LEU A 13 -0.99 -1.99 -8.64
CA LEU A 13 -0.47 -2.93 -9.68
C LEU A 13 0.35 -2.17 -10.71
N SER A 14 1.65 -2.33 -10.70
CA SER A 14 2.50 -1.62 -11.69
C SER A 14 3.85 -2.33 -11.81
N GLU A 15 4.44 -2.30 -12.97
CA GLU A 15 5.76 -2.97 -13.15
C GLU A 15 6.67 -2.68 -11.96
N LYS A 16 6.84 -1.43 -11.62
CA LYS A 16 7.70 -1.09 -10.45
C LYS A 16 7.23 -1.84 -9.21
N ALA A 17 5.94 -1.93 -9.02
CA ALA A 17 5.41 -2.65 -7.82
C ALA A 17 5.57 -4.15 -8.00
N TYR A 18 4.94 -4.71 -9.01
CA TYR A 18 5.05 -6.17 -9.24
C TYR A 18 6.52 -6.61 -9.15
N ALA A 19 7.43 -5.76 -9.55
CA ALA A 19 8.87 -6.13 -9.48
C ALA A 19 9.46 -5.71 -8.13
N GLY A 20 8.71 -4.96 -7.36
CA GLY A 20 9.20 -4.52 -6.03
C GLY A 20 8.48 -5.31 -4.96
N PHE A 21 7.21 -5.57 -5.16
CA PHE A 21 6.44 -6.36 -4.18
C PHE A 21 6.87 -7.82 -4.26
N ALA A 22 7.47 -8.19 -5.36
CA ALA A 22 7.92 -9.59 -5.54
C ALA A 22 8.84 -10.02 -4.39
N GLU A 23 9.42 -9.07 -3.72
CA GLU A 23 10.32 -9.40 -2.58
C GLU A 23 9.52 -9.50 -1.28
N GLY A 24 8.23 -9.62 -1.38
CA GLY A 24 7.40 -9.69 -0.17
C GLY A 24 6.95 -8.27 0.22
N LYS A 25 7.29 -7.30 -0.58
CA LYS A 25 6.89 -5.90 -0.29
C LYS A 25 5.46 -5.66 -0.77
N TYR A 26 4.66 -4.96 -0.03
CA TYR A 26 3.25 -4.73 -0.47
C TYR A 26 2.89 -3.24 -0.46
N THR A 27 2.93 -2.62 -1.61
CA THR A 27 2.57 -1.19 -1.70
C THR A 27 1.05 -1.05 -1.74
N PHE A 28 0.50 -0.42 -0.75
CA PHE A 28 -0.98 -0.27 -0.72
C PHE A 28 -1.35 1.20 -0.73
N TRP A 29 -2.57 1.52 -1.04
CA TRP A 29 -2.98 2.94 -1.02
C TRP A 29 -3.69 3.19 0.29
N VAL A 30 -3.23 4.10 1.09
CA VAL A 30 -3.88 4.30 2.39
C VAL A 30 -4.20 5.76 2.65
N HIS A 31 -5.01 5.98 3.62
CA HIS A 31 -5.40 7.37 4.00
C HIS A 31 -4.16 8.16 4.41
N PRO A 32 -4.20 9.43 4.12
CA PRO A 32 -3.06 10.34 4.46
C PRO A 32 -3.04 10.58 5.97
N LYS A 33 -2.67 9.58 6.72
CA LYS A 33 -2.63 9.76 8.20
C LYS A 33 -2.21 8.45 8.87
N ALA A 34 -2.56 7.34 8.29
CA ALA A 34 -2.19 6.04 8.89
C ALA A 34 -0.67 5.97 9.14
N THR A 35 -0.26 6.03 10.37
CA THR A 35 1.21 5.98 10.67
C THR A 35 1.80 4.68 10.15
N LYS A 36 3.03 4.39 10.49
CA LYS A 36 3.67 3.13 10.01
C LYS A 36 3.16 1.94 10.83
N THR A 37 3.07 2.09 12.13
CA THR A 37 2.58 0.96 12.98
C THR A 37 1.08 0.74 12.78
N GLU A 38 0.31 1.79 12.74
CA GLU A 38 -1.16 1.64 12.56
C GLU A 38 -1.45 0.84 11.29
N ILE A 39 -0.80 1.17 10.21
CA ILE A 39 -1.05 0.43 8.93
C ILE A 39 -0.79 -1.06 9.14
N LYS A 40 0.11 -1.40 10.03
CA LYS A 40 0.43 -2.83 10.28
C LYS A 40 -0.80 -3.62 10.75
N ASN A 41 -1.55 -3.06 11.66
CA ASN A 41 -2.74 -3.77 12.22
C ASN A 41 -3.76 -4.16 11.13
N ALA A 42 -3.95 -3.35 10.13
CA ALA A 42 -4.96 -3.70 9.09
C ALA A 42 -4.46 -4.82 8.16
N VAL A 43 -3.29 -4.71 7.63
CA VAL A 43 -2.79 -5.79 6.72
C VAL A 43 -2.56 -7.09 7.49
N GLU A 44 -1.98 -7.03 8.65
CA GLU A 44 -1.73 -8.28 9.43
C GLU A 44 -3.05 -9.03 9.65
N THR A 45 -4.10 -8.32 9.97
CA THR A 45 -5.41 -9.00 10.20
C THR A 45 -6.07 -9.32 8.85
N ALA A 46 -6.10 -8.37 7.96
CA ALA A 46 -6.72 -8.61 6.63
C ALA A 46 -5.99 -9.73 5.89
N PHE A 47 -4.76 -9.48 5.49
CA PHE A 47 -3.99 -10.52 4.74
C PHE A 47 -3.57 -11.65 5.68
N LYS A 48 -3.87 -11.51 6.95
CA LYS A 48 -3.50 -12.57 7.93
C LYS A 48 -2.09 -13.07 7.66
N VAL A 49 -1.19 -12.18 7.39
CA VAL A 49 0.21 -12.59 7.13
C VAL A 49 1.11 -12.10 8.26
N LYS A 50 2.40 -12.13 8.05
CA LYS A 50 3.33 -11.65 9.09
C LYS A 50 3.96 -10.34 8.64
N VAL A 51 3.59 -9.25 9.25
CA VAL A 51 4.19 -7.95 8.84
C VAL A 51 5.59 -7.83 9.41
N VAL A 52 6.56 -7.71 8.56
CA VAL A 52 7.97 -7.63 9.02
C VAL A 52 8.54 -6.24 8.77
N LYS A 53 7.81 -5.41 8.08
CA LYS A 53 8.28 -4.04 7.80
C LYS A 53 7.26 -3.32 6.90
N VAL A 54 6.95 -2.10 7.19
CA VAL A 54 5.96 -1.37 6.35
C VAL A 54 6.49 0.02 6.00
N ASN A 55 6.67 0.29 4.73
CA ASN A 55 7.17 1.63 4.33
C ASN A 55 6.11 2.33 3.48
N THR A 56 5.59 3.42 3.96
CA THR A 56 4.55 4.14 3.18
C THR A 56 5.08 5.53 2.80
N LEU A 57 4.62 6.07 1.69
CA LEU A 57 5.11 7.41 1.26
C LEU A 57 3.99 8.16 0.52
N HIS A 58 3.91 9.44 0.71
CA HIS A 58 2.86 10.24 0.02
C HIS A 58 3.11 10.26 -1.48
N VAL A 59 2.12 9.89 -2.26
CA VAL A 59 2.29 9.89 -3.73
C VAL A 59 1.26 10.83 -4.38
N ARG A 60 1.71 11.92 -4.92
CA ARG A 60 0.76 12.88 -5.56
C ARG A 60 0.70 12.66 -7.07
N GLY A 61 -0.43 12.28 -7.59
CA GLY A 61 -0.54 12.04 -9.06
C GLY A 61 -1.81 11.25 -9.35
N LYS A 62 -2.67 11.77 -10.20
CA LYS A 62 -3.93 11.04 -10.53
C LYS A 62 -4.61 11.70 -11.73
N LYS A 63 -4.85 12.98 -11.68
CA LYS A 63 -5.51 13.66 -12.82
C LYS A 63 -4.63 14.81 -13.32
N LYS A 64 -5.10 15.54 -14.30
CA LYS A 64 -4.30 16.67 -14.85
C LYS A 64 -3.63 17.44 -13.71
N ARG A 65 -2.38 17.79 -13.88
CA ARG A 65 -1.68 18.56 -12.79
C ARG A 65 -1.07 19.84 -13.36
N LEU A 66 -0.13 20.42 -12.68
CA LEU A 66 0.50 21.68 -13.17
C LEU A 66 -0.57 22.62 -13.73
N GLY A 67 -1.60 22.87 -12.96
CA GLY A 67 -2.68 23.77 -13.44
C GLY A 67 -3.93 23.57 -12.57
N ARG A 68 -4.36 24.59 -11.88
CA ARG A 68 -5.57 24.43 -11.03
C ARG A 68 -6.79 24.06 -11.88
N TYR A 69 -7.44 22.98 -11.56
CA TYR A 69 -8.63 22.57 -12.35
C TYR A 69 -9.42 21.51 -11.56
N LEU A 70 -10.00 21.89 -10.47
CA LEU A 70 -10.78 20.91 -9.66
C LEU A 70 -10.02 19.58 -9.58
N GLY A 71 -8.75 19.65 -9.45
CA GLY A 71 -7.92 18.42 -9.36
C GLY A 71 -6.59 18.74 -8.68
N LYS A 72 -5.54 18.90 -9.45
CA LYS A 72 -4.21 19.21 -8.85
C LYS A 72 -3.70 18.02 -8.04
N ARG A 73 -2.41 17.88 -7.91
CA ARG A 73 -1.84 16.74 -7.13
C ARG A 73 -2.51 16.65 -5.76
N PRO A 74 -3.32 15.64 -5.59
CA PRO A 74 -4.02 15.43 -4.31
C PRO A 74 -3.06 14.93 -3.24
N ASP A 75 -3.58 14.44 -2.15
CA ASP A 75 -2.69 13.93 -1.07
C ASP A 75 -2.94 12.43 -0.90
N ARG A 76 -2.22 11.63 -1.62
CA ARG A 76 -2.41 10.15 -1.51
C ARG A 76 -1.15 9.52 -0.88
N LYS A 77 -1.34 8.55 -0.03
CA LYS A 77 -0.17 7.89 0.62
C LYS A 77 -0.18 6.38 0.35
N LYS A 78 0.90 5.85 -0.15
CA LYS A 78 0.94 4.39 -0.43
C LYS A 78 1.73 3.66 0.67
N ALA A 79 1.43 2.41 0.93
CA ALA A 79 2.17 1.68 2.01
C ALA A 79 2.83 0.41 1.50
N ILE A 80 4.11 0.27 1.73
CA ILE A 80 4.80 -0.97 1.29
C ILE A 80 5.00 -1.89 2.49
N VAL A 81 4.32 -3.00 2.50
CA VAL A 81 4.45 -3.94 3.66
C VAL A 81 5.40 -5.08 3.32
N GLN A 82 6.16 -5.55 4.27
CA GLN A 82 7.10 -6.66 3.99
C GLN A 82 6.83 -7.80 4.95
N VAL A 83 7.04 -9.01 4.53
CA VAL A 83 6.80 -10.13 5.46
C VAL A 83 8.04 -11.00 5.56
N ALA A 84 8.17 -11.71 6.64
CA ALA A 84 9.35 -12.59 6.85
C ALA A 84 9.69 -13.36 5.57
N PRO A 85 10.79 -14.05 5.64
CA PRO A 85 11.28 -14.86 4.50
C PRO A 85 10.46 -16.16 4.38
N GLY A 86 9.17 -16.05 4.31
CA GLY A 86 8.32 -17.26 4.19
C GLY A 86 6.89 -16.85 3.85
N GLN A 87 6.34 -15.93 4.60
CA GLN A 87 4.94 -15.48 4.32
C GLN A 87 4.78 -15.12 2.86
N LYS A 88 3.61 -14.70 2.46
CA LYS A 88 3.40 -14.33 1.03
C LYS A 88 1.96 -13.90 0.78
N ILE A 89 1.69 -12.61 0.80
CA ILE A 89 0.30 -12.16 0.55
C ILE A 89 -0.10 -12.52 -0.88
N GLU A 90 -0.42 -13.76 -1.12
CA GLU A 90 -0.81 -14.21 -2.48
C GLU A 90 -1.94 -13.35 -3.05
N ALA A 91 -2.60 -12.58 -2.22
CA ALA A 91 -3.72 -11.74 -2.74
C ALA A 91 -3.24 -10.86 -3.90
N LEU A 92 -1.96 -10.62 -3.98
CA LEU A 92 -1.43 -9.78 -5.10
C LEU A 92 -0.71 -10.67 -6.12
N GLU A 93 -0.26 -11.81 -5.69
CA GLU A 93 0.46 -12.73 -6.62
C GLU A 93 -0.46 -13.14 -7.77
N GLY A 94 -1.62 -13.64 -7.46
CA GLY A 94 -2.56 -14.06 -8.55
C GLY A 94 -3.44 -12.89 -8.97
N LEU A 95 -3.20 -11.73 -8.42
CA LEU A 95 -4.04 -10.55 -8.79
C LEU A 95 -3.64 -10.04 -10.18
N ILE A 96 -2.49 -10.43 -10.66
CA ILE A 96 -2.05 -9.97 -12.00
C ILE A 96 -3.10 -10.31 -13.06
N MET A 1 -14.74 4.63 6.12
CA MET A 1 -13.27 4.72 6.31
C MET A 1 -12.56 3.67 5.47
N LYS A 2 -11.41 3.99 4.93
CA LYS A 2 -10.66 2.96 4.16
C LYS A 2 -10.70 1.66 4.95
N THR A 3 -11.60 0.77 4.57
CA THR A 3 -11.78 -0.55 5.27
C THR A 3 -10.89 -0.64 6.51
N ALA A 4 -9.61 -0.77 6.32
CA ALA A 4 -8.66 -0.81 7.46
C ALA A 4 -8.84 0.47 8.28
N TYR A 5 -9.86 0.53 9.11
CA TYR A 5 -10.14 1.76 9.92
C TYR A 5 -9.55 3.00 9.23
N ASP A 6 -9.84 3.14 7.96
CA ASP A 6 -9.33 4.30 7.16
C ASP A 6 -7.80 4.27 7.05
N VAL A 7 -7.27 3.18 6.59
CA VAL A 7 -5.79 3.07 6.43
C VAL A 7 -5.47 2.37 5.09
N ILE A 8 -4.77 1.26 5.13
CA ILE A 8 -4.43 0.54 3.89
C ILE A 8 -5.71 0.07 3.19
N LEU A 9 -5.67 -0.06 1.89
CA LEU A 9 -6.89 -0.52 1.17
C LEU A 9 -6.55 -1.62 0.16
N ALA A 10 -6.41 -1.28 -1.10
CA ALA A 10 -6.06 -2.31 -2.12
C ALA A 10 -4.62 -2.12 -2.60
N PRO A 11 -4.06 -3.20 -3.08
CA PRO A 11 -2.66 -3.16 -3.59
C PRO A 11 -2.62 -2.46 -4.94
N VAL A 12 -1.50 -1.91 -5.31
CA VAL A 12 -1.40 -1.21 -6.63
C VAL A 12 -0.75 -2.11 -7.67
N LEU A 13 -1.24 -2.08 -8.88
CA LEU A 13 -0.64 -2.93 -9.94
C LEU A 13 0.27 -2.10 -10.85
N SER A 14 1.55 -2.31 -10.77
CA SER A 14 2.48 -1.53 -11.64
C SER A 14 3.84 -2.23 -11.70
N GLU A 15 4.48 -2.21 -12.84
CA GLU A 15 5.81 -2.87 -12.96
C GLU A 15 6.67 -2.57 -11.73
N LYS A 16 6.72 -1.32 -11.33
CA LYS A 16 7.53 -0.97 -10.14
C LYS A 16 7.10 -1.80 -8.93
N ALA A 17 5.83 -1.88 -8.68
CA ALA A 17 5.34 -2.69 -7.52
C ALA A 17 5.63 -4.17 -7.76
N TYR A 18 5.06 -4.74 -8.78
CA TYR A 18 5.30 -6.18 -9.06
C TYR A 18 6.80 -6.50 -8.95
N ALA A 19 7.64 -5.56 -9.29
CA ALA A 19 9.11 -5.81 -9.19
C ALA A 19 9.63 -5.42 -7.81
N GLY A 20 8.80 -4.79 -7.02
CA GLY A 20 9.23 -4.39 -5.64
C GLY A 20 8.50 -5.26 -4.63
N PHE A 21 7.26 -5.57 -4.91
CA PHE A 21 6.48 -6.43 -3.99
C PHE A 21 6.99 -7.87 -4.11
N ALA A 22 7.64 -8.17 -5.19
CA ALA A 22 8.16 -9.54 -5.40
C ALA A 22 9.04 -9.97 -4.22
N GLU A 23 9.55 -9.02 -3.49
CA GLU A 23 10.43 -9.35 -2.33
C GLU A 23 9.59 -9.46 -1.05
N GLY A 24 8.29 -9.58 -1.18
CA GLY A 24 7.43 -9.67 0.02
C GLY A 24 6.93 -8.29 0.39
N LYS A 25 7.25 -7.30 -0.39
CA LYS A 25 6.79 -5.92 -0.08
C LYS A 25 5.36 -5.73 -0.62
N TYR A 26 4.53 -5.02 0.10
CA TYR A 26 3.12 -4.83 -0.39
C TYR A 26 2.73 -3.36 -0.43
N THR A 27 2.72 -2.79 -1.60
CA THR A 27 2.32 -1.36 -1.74
C THR A 27 0.81 -1.24 -1.64
N PHE A 28 0.36 -0.39 -0.77
CA PHE A 28 -1.11 -0.23 -0.59
C PHE A 28 -1.52 1.23 -0.75
N TRP A 29 -2.79 1.49 -0.93
CA TRP A 29 -3.27 2.88 -1.03
C TRP A 29 -3.78 3.27 0.36
N VAL A 30 -3.25 4.29 0.94
CA VAL A 30 -3.69 4.63 2.29
C VAL A 30 -3.67 6.14 2.53
N HIS A 31 -4.29 6.56 3.59
CA HIS A 31 -4.35 8.02 3.90
C HIS A 31 -2.96 8.54 4.30
N PRO A 32 -2.76 9.80 4.04
CA PRO A 32 -1.47 10.45 4.38
C PRO A 32 -1.37 10.67 5.88
N LYS A 33 -1.26 9.62 6.64
CA LYS A 33 -1.18 9.78 8.12
C LYS A 33 -1.07 8.41 8.78
N ALA A 34 -1.67 7.41 8.20
CA ALA A 34 -1.60 6.05 8.79
C ALA A 34 -0.18 5.75 9.30
N THR A 35 0.03 5.86 10.58
CA THR A 35 1.39 5.58 11.13
C THR A 35 1.87 4.21 10.68
N LYS A 36 3.11 4.10 10.26
CA LYS A 36 3.64 2.79 9.80
C LYS A 36 3.17 1.67 10.74
N THR A 37 3.28 1.87 12.02
CA THR A 37 2.84 0.82 12.99
C THR A 37 1.35 0.53 12.80
N GLU A 38 0.53 1.54 12.86
CA GLU A 38 -0.94 1.31 12.70
C GLU A 38 -1.20 0.59 11.38
N ILE A 39 -0.53 0.99 10.33
CA ILE A 39 -0.74 0.32 9.02
C ILE A 39 -0.45 -1.18 9.16
N LYS A 40 0.45 -1.53 10.02
CA LYS A 40 0.80 -2.96 10.22
C LYS A 40 -0.42 -3.76 10.68
N ASN A 41 -1.16 -3.24 11.62
CA ASN A 41 -2.35 -3.96 12.15
C ASN A 41 -3.44 -4.13 11.06
N ALA A 42 -3.75 -3.09 10.33
CA ALA A 42 -4.82 -3.23 9.29
C ALA A 42 -4.47 -4.31 8.27
N VAL A 43 -3.23 -4.39 7.87
CA VAL A 43 -2.86 -5.44 6.86
C VAL A 43 -2.76 -6.81 7.54
N GLU A 44 -2.14 -6.89 8.68
CA GLU A 44 -2.02 -8.21 9.37
C GLU A 44 -3.41 -8.81 9.59
N THR A 45 -4.38 -8.00 9.90
CA THR A 45 -5.75 -8.53 10.11
C THR A 45 -6.43 -8.78 8.75
N ALA A 46 -6.32 -7.84 7.86
CA ALA A 46 -6.96 -8.01 6.51
C ALA A 46 -6.27 -9.12 5.72
N PHE A 47 -5.01 -8.95 5.41
CA PHE A 47 -4.29 -10.00 4.63
C PHE A 47 -4.04 -11.23 5.49
N LYS A 48 -4.06 -11.08 6.79
CA LYS A 48 -3.83 -12.24 7.70
C LYS A 48 -2.43 -12.81 7.47
N VAL A 49 -1.47 -11.95 7.30
CA VAL A 49 -0.08 -12.44 7.09
C VAL A 49 0.82 -11.95 8.21
N LYS A 50 2.11 -12.02 8.01
CA LYS A 50 3.05 -11.53 9.06
C LYS A 50 3.83 -10.34 8.52
N VAL A 51 3.46 -9.15 8.91
CA VAL A 51 4.17 -7.95 8.41
C VAL A 51 5.48 -7.76 9.17
N VAL A 52 6.58 -7.80 8.47
CA VAL A 52 7.90 -7.63 9.14
C VAL A 52 8.42 -6.21 8.90
N LYS A 53 7.69 -5.41 8.15
CA LYS A 53 8.13 -4.02 7.89
C LYS A 53 7.12 -3.30 6.98
N VAL A 54 6.90 -2.05 7.20
CA VAL A 54 5.93 -1.30 6.35
C VAL A 54 6.52 0.05 5.93
N ASN A 55 6.70 0.26 4.65
CA ASN A 55 7.24 1.57 4.20
C ASN A 55 6.22 2.25 3.30
N THR A 56 5.72 3.37 3.71
CA THR A 56 4.70 4.08 2.89
C THR A 56 5.24 5.42 2.41
N LEU A 57 4.60 6.03 1.45
CA LEU A 57 5.07 7.35 0.94
C LEU A 57 3.89 8.13 0.35
N HIS A 58 3.95 9.43 0.41
CA HIS A 58 2.82 10.23 -0.15
C HIS A 58 2.77 10.08 -1.67
N VAL A 59 1.63 9.69 -2.19
CA VAL A 59 1.51 9.51 -3.67
C VAL A 59 0.43 10.45 -4.21
N ARG A 60 0.68 11.07 -5.33
CA ARG A 60 -0.33 12.00 -5.91
C ARG A 60 -0.11 12.17 -7.42
N GLY A 61 -0.76 13.13 -8.00
CA GLY A 61 -0.60 13.36 -9.47
C GLY A 61 -0.82 12.05 -10.21
N LYS A 62 -1.91 11.37 -9.93
CA LYS A 62 -2.19 10.09 -10.63
C LYS A 62 -3.55 10.17 -11.34
N LYS A 63 -4.50 10.84 -10.75
CA LYS A 63 -5.84 10.94 -11.39
C LYS A 63 -5.72 11.65 -12.74
N LYS A 64 -6.43 11.18 -13.73
CA LYS A 64 -6.37 11.81 -15.08
C LYS A 64 -6.36 13.33 -14.95
N ARG A 65 -5.19 13.93 -14.97
CA ARG A 65 -5.12 15.42 -14.84
C ARG A 65 -4.77 16.04 -16.19
N LEU A 66 -3.59 15.79 -16.68
CA LEU A 66 -3.19 16.38 -17.98
C LEU A 66 -3.47 17.89 -17.97
N GLY A 67 -3.21 18.57 -19.05
CA GLY A 67 -3.46 20.02 -19.10
C GLY A 67 -4.90 20.30 -19.50
N ARG A 68 -5.81 19.50 -19.02
CA ARG A 68 -7.25 19.71 -19.37
C ARG A 68 -8.11 19.27 -18.19
N TYR A 69 -7.51 19.20 -17.06
CA TYR A 69 -8.21 18.79 -15.83
C TYR A 69 -7.78 19.67 -14.65
N LEU A 70 -8.02 19.23 -13.45
CA LEU A 70 -7.62 20.03 -12.27
C LEU A 70 -7.68 19.16 -11.01
N GLY A 71 -6.55 18.73 -10.54
CA GLY A 71 -6.52 17.88 -9.31
C GLY A 71 -5.28 18.22 -8.48
N LYS A 72 -5.28 19.35 -7.84
CA LYS A 72 -4.10 19.74 -7.01
C LYS A 72 -3.63 18.54 -6.19
N ARG A 73 -2.40 18.58 -5.71
CA ARG A 73 -1.88 17.45 -4.91
C ARG A 73 -2.95 16.95 -3.93
N PRO A 74 -3.57 15.86 -4.28
CA PRO A 74 -4.63 15.28 -3.43
C PRO A 74 -4.03 14.63 -2.19
N ASP A 75 -4.79 13.83 -1.50
CA ASP A 75 -4.26 13.14 -0.30
C ASP A 75 -4.24 11.64 -0.54
N ARG A 76 -3.16 11.15 -1.07
CA ARG A 76 -3.03 9.70 -1.34
C ARG A 76 -1.65 9.21 -0.90
N LYS A 77 -1.61 8.24 -0.03
CA LYS A 77 -0.30 7.72 0.44
C LYS A 77 -0.15 6.24 0.11
N LYS A 78 1.03 5.82 -0.26
CA LYS A 78 1.24 4.37 -0.60
C LYS A 78 1.92 3.66 0.56
N ALA A 79 1.62 2.40 0.78
CA ALA A 79 2.24 1.67 1.92
C ALA A 79 2.87 0.36 1.45
N ILE A 80 4.13 0.18 1.70
CA ILE A 80 4.79 -1.09 1.30
C ILE A 80 5.04 -1.95 2.53
N VAL A 81 4.37 -3.06 2.62
CA VAL A 81 4.56 -3.94 3.80
C VAL A 81 5.41 -5.16 3.44
N GLN A 82 6.39 -5.47 4.24
CA GLN A 82 7.22 -6.66 3.95
C GLN A 82 6.88 -7.75 4.92
N VAL A 83 6.81 -8.97 4.49
CA VAL A 83 6.52 -10.02 5.48
C VAL A 83 7.77 -10.86 5.70
N ALA A 84 7.86 -11.49 6.83
CA ALA A 84 9.07 -12.29 7.12
C ALA A 84 9.33 -13.28 5.99
N PRO A 85 10.39 -14.01 6.13
CA PRO A 85 10.78 -15.02 5.12
C PRO A 85 9.85 -16.24 5.18
N GLY A 86 9.55 -16.82 4.05
CA GLY A 86 8.64 -18.00 4.04
C GLY A 86 7.20 -17.54 3.83
N GLN A 87 6.90 -16.33 4.21
CA GLN A 87 5.50 -15.82 4.04
C GLN A 87 5.30 -15.28 2.62
N LYS A 88 4.08 -14.99 2.26
CA LYS A 88 3.81 -14.46 0.90
C LYS A 88 2.33 -14.20 0.70
N ILE A 89 1.97 -13.03 0.23
CA ILE A 89 0.53 -12.72 0.02
C ILE A 89 0.12 -13.09 -1.42
N GLU A 90 -0.77 -14.03 -1.56
CA GLU A 90 -1.20 -14.45 -2.93
C GLU A 90 -2.20 -13.44 -3.50
N ALA A 91 -2.74 -12.59 -2.68
CA ALA A 91 -3.73 -11.59 -3.17
C ALA A 91 -3.13 -10.75 -4.31
N LEU A 92 -1.85 -10.56 -4.32
CA LEU A 92 -1.22 -9.74 -5.41
C LEU A 92 -0.49 -10.65 -6.39
N GLU A 93 -0.09 -11.81 -5.96
CA GLU A 93 0.65 -12.73 -6.87
C GLU A 93 -0.24 -13.13 -8.05
N GLY A 94 -1.51 -13.35 -7.81
CA GLY A 94 -2.42 -13.74 -8.92
C GLY A 94 -3.03 -12.49 -9.55
N LEU A 95 -2.91 -11.36 -8.90
CA LEU A 95 -3.49 -10.12 -9.47
C LEU A 95 -2.92 -9.84 -10.87
N ILE A 96 -1.83 -10.49 -11.19
CA ILE A 96 -1.22 -10.27 -12.54
C ILE A 96 -2.13 -10.81 -13.63
N MET A 1 -12.43 -1.88 12.03
CA MET A 1 -11.68 -3.11 11.62
C MET A 1 -10.41 -2.74 10.87
N LYS A 2 -9.41 -2.21 11.53
CA LYS A 2 -8.18 -1.85 10.78
C LYS A 2 -7.64 -3.10 10.11
N THR A 3 -8.05 -3.28 8.89
CA THR A 3 -7.63 -4.48 8.11
C THR A 3 -7.27 -4.07 6.68
N ALA A 4 -7.97 -3.10 6.18
CA ALA A 4 -7.71 -2.63 4.79
C ALA A 4 -8.49 -1.33 4.51
N TYR A 5 -9.59 -1.14 5.20
CA TYR A 5 -10.41 0.09 5.04
C TYR A 5 -9.56 1.38 5.08
N ASP A 6 -10.01 2.36 5.83
CA ASP A 6 -9.27 3.64 5.99
C ASP A 6 -7.77 3.49 5.72
N VAL A 7 -7.10 2.74 6.55
CA VAL A 7 -5.64 2.55 6.38
C VAL A 7 -5.31 2.07 4.96
N ILE A 8 -4.88 0.85 4.80
CA ILE A 8 -4.52 0.34 3.46
C ILE A 8 -5.77 -0.01 2.65
N LEU A 9 -6.39 0.97 2.04
CA LEU A 9 -7.62 0.70 1.23
C LEU A 9 -7.38 -0.41 0.21
N ALA A 10 -7.03 -0.06 -1.00
CA ALA A 10 -6.81 -1.10 -2.03
C ALA A 10 -5.32 -1.25 -2.36
N PRO A 11 -4.96 -2.41 -2.85
CA PRO A 11 -3.56 -2.69 -3.22
C PRO A 11 -3.21 -2.01 -4.56
N VAL A 12 -1.95 -1.79 -4.81
CA VAL A 12 -1.55 -1.15 -6.09
C VAL A 12 -0.73 -2.13 -6.94
N LEU A 13 -1.28 -2.61 -8.01
CA LEU A 13 -0.52 -3.57 -8.86
C LEU A 13 0.02 -2.87 -10.11
N SER A 14 1.30 -2.64 -10.14
CA SER A 14 1.91 -1.96 -11.33
C SER A 14 3.38 -2.37 -11.46
N GLU A 15 3.95 -2.19 -12.62
CA GLU A 15 5.39 -2.57 -12.82
C GLU A 15 6.21 -2.18 -11.59
N LYS A 16 5.90 -1.06 -10.99
CA LYS A 16 6.66 -0.62 -9.79
C LYS A 16 6.19 -1.39 -8.54
N ALA A 17 4.96 -1.82 -8.53
CA ALA A 17 4.45 -2.57 -7.36
C ALA A 17 4.53 -4.07 -7.61
N TYR A 18 5.20 -4.48 -8.65
CA TYR A 18 5.32 -5.93 -8.94
C TYR A 18 6.79 -6.35 -8.95
N ALA A 19 7.66 -5.47 -9.38
CA ALA A 19 9.11 -5.81 -9.40
C ALA A 19 9.75 -5.40 -8.07
N GLY A 20 9.02 -4.70 -7.25
CA GLY A 20 9.55 -4.27 -5.93
C GLY A 20 8.81 -5.04 -4.85
N PHE A 21 7.56 -5.32 -5.09
CA PHE A 21 6.77 -6.09 -4.09
C PHE A 21 7.18 -7.57 -4.17
N ALA A 22 7.80 -7.95 -5.25
CA ALA A 22 8.22 -9.36 -5.42
C ALA A 22 9.18 -9.78 -4.29
N GLU A 23 9.76 -8.82 -3.63
CA GLU A 23 10.70 -9.14 -2.52
C GLU A 23 9.93 -9.29 -1.21
N GLY A 24 8.64 -9.47 -1.29
CA GLY A 24 7.83 -9.59 -0.07
C GLY A 24 7.31 -8.20 0.30
N LYS A 25 7.64 -7.21 -0.48
CA LYS A 25 7.16 -5.82 -0.21
C LYS A 25 5.76 -5.65 -0.77
N TYR A 26 4.91 -4.92 -0.09
CA TYR A 26 3.53 -4.74 -0.62
C TYR A 26 3.14 -3.26 -0.69
N THR A 27 3.19 -2.70 -1.87
CA THR A 27 2.81 -1.28 -2.04
C THR A 27 1.30 -1.16 -1.97
N PHE A 28 0.79 -0.24 -1.20
CA PHE A 28 -0.68 -0.12 -1.09
C PHE A 28 -1.14 1.34 -1.14
N TRP A 29 -2.40 1.55 -1.35
CA TRP A 29 -2.95 2.92 -1.37
C TRP A 29 -3.61 3.11 -0.02
N VAL A 30 -3.22 4.09 0.72
CA VAL A 30 -3.82 4.21 2.06
C VAL A 30 -4.06 5.67 2.44
N HIS A 31 -4.97 5.88 3.34
CA HIS A 31 -5.31 7.27 3.77
C HIS A 31 -4.12 7.94 4.46
N PRO A 32 -4.08 9.23 4.35
CA PRO A 32 -2.98 10.01 4.97
C PRO A 32 -3.17 10.08 6.49
N LYS A 33 -2.95 8.98 7.15
CA LYS A 33 -3.12 8.95 8.62
C LYS A 33 -2.81 7.55 9.15
N ALA A 34 -3.08 6.55 8.36
CA ALA A 34 -2.81 5.16 8.80
C ALA A 34 -1.39 5.07 9.39
N THR A 35 -1.26 5.28 10.67
CA THR A 35 0.10 5.23 11.30
C THR A 35 0.91 4.06 10.71
N LYS A 36 2.19 4.25 10.51
CA LYS A 36 3.02 3.14 9.95
C LYS A 36 2.67 1.83 10.65
N THR A 37 2.50 1.86 11.94
CA THR A 37 2.14 0.62 12.67
C THR A 37 0.69 0.23 12.35
N GLU A 38 -0.13 1.19 12.01
CA GLU A 38 -1.54 0.87 11.66
C GLU A 38 -1.57 0.04 10.38
N ILE A 39 -0.84 0.46 9.39
CA ILE A 39 -0.81 -0.31 8.12
C ILE A 39 -0.36 -1.74 8.42
N LYS A 40 0.45 -1.89 9.42
CA LYS A 40 0.94 -3.25 9.81
C LYS A 40 -0.25 -4.13 10.24
N ASN A 41 -1.08 -3.59 11.08
CA ASN A 41 -2.24 -4.37 11.58
C ASN A 41 -3.32 -4.54 10.50
N ALA A 42 -3.52 -3.56 9.66
CA ALA A 42 -4.59 -3.71 8.62
C ALA A 42 -4.33 -4.95 7.75
N VAL A 43 -3.15 -5.06 7.19
CA VAL A 43 -2.86 -6.27 6.34
C VAL A 43 -2.80 -7.52 7.21
N GLU A 44 -2.27 -7.42 8.40
CA GLU A 44 -2.19 -8.62 9.27
C GLU A 44 -3.60 -9.09 9.64
N THR A 45 -4.48 -8.17 9.93
CA THR A 45 -5.88 -8.55 10.28
C THR A 45 -6.67 -8.86 9.00
N ALA A 46 -6.15 -8.51 7.86
CA ALA A 46 -6.87 -8.77 6.59
C ALA A 46 -6.16 -9.86 5.77
N PHE A 47 -4.92 -9.63 5.42
CA PHE A 47 -4.18 -10.64 4.61
C PHE A 47 -3.83 -11.85 5.47
N LYS A 48 -3.82 -11.70 6.77
CA LYS A 48 -3.49 -12.84 7.66
C LYS A 48 -2.07 -13.31 7.41
N VAL A 49 -1.17 -12.39 7.27
CA VAL A 49 0.25 -12.75 7.04
C VAL A 49 1.13 -12.24 8.19
N LYS A 50 2.40 -12.15 7.97
CA LYS A 50 3.30 -11.64 9.03
C LYS A 50 3.96 -10.35 8.57
N VAL A 51 3.58 -9.24 9.14
CA VAL A 51 4.19 -7.95 8.71
C VAL A 51 5.57 -7.83 9.33
N VAL A 52 6.58 -7.67 8.52
CA VAL A 52 7.97 -7.59 9.04
C VAL A 52 8.56 -6.21 8.77
N LYS A 53 7.93 -5.43 7.95
CA LYS A 53 8.45 -4.06 7.65
C LYS A 53 7.48 -3.32 6.73
N VAL A 54 6.92 -2.23 7.20
CA VAL A 54 5.98 -1.46 6.35
C VAL A 54 6.55 -0.08 6.04
N ASN A 55 6.64 0.27 4.79
CA ASN A 55 7.16 1.61 4.43
C ASN A 55 6.18 2.31 3.51
N THR A 56 5.63 3.39 3.95
CA THR A 56 4.64 4.13 3.10
C THR A 56 5.18 5.51 2.76
N LEU A 57 4.75 6.05 1.65
CA LEU A 57 5.25 7.40 1.25
C LEU A 57 4.10 8.23 0.67
N HIS A 58 4.32 9.50 0.48
CA HIS A 58 3.23 10.36 -0.07
C HIS A 58 3.27 10.36 -1.60
N VAL A 59 2.18 10.04 -2.22
CA VAL A 59 2.12 10.00 -3.70
C VAL A 59 1.06 10.98 -4.21
N ARG A 60 1.45 11.94 -5.00
CA ARG A 60 0.46 12.92 -5.53
C ARG A 60 0.64 13.10 -7.04
N GLY A 61 -0.35 12.77 -7.81
CA GLY A 61 -0.22 12.93 -9.29
C GLY A 61 0.44 11.67 -9.88
N LYS A 62 -0.13 11.14 -10.93
CA LYS A 62 0.45 9.91 -11.54
C LYS A 62 1.34 10.29 -12.72
N LYS A 63 0.76 10.83 -13.77
CA LYS A 63 1.58 11.22 -14.95
C LYS A 63 2.35 12.50 -14.67
N LYS A 64 3.16 12.51 -13.65
CA LYS A 64 3.96 13.73 -13.33
C LYS A 64 3.01 14.93 -13.17
N ARG A 65 2.83 15.40 -11.96
CA ARG A 65 1.93 16.56 -11.74
C ARG A 65 2.38 17.76 -12.59
N LEU A 66 1.97 18.94 -12.23
CA LEU A 66 2.37 20.14 -13.02
C LEU A 66 2.00 19.96 -14.49
N GLY A 67 0.98 20.64 -14.94
CA GLY A 67 0.57 20.51 -16.36
C GLY A 67 -0.56 21.51 -16.66
N ARG A 68 -1.09 21.47 -17.85
CA ARG A 68 -2.19 22.42 -18.20
C ARG A 68 -3.39 22.19 -17.29
N TYR A 69 -4.48 22.89 -17.54
CA TYR A 69 -5.72 22.75 -16.73
C TYR A 69 -5.39 22.31 -15.29
N LEU A 70 -4.79 23.19 -14.53
CA LEU A 70 -4.43 22.85 -13.12
C LEU A 70 -3.98 21.39 -13.00
N GLY A 71 -2.71 21.18 -13.08
CA GLY A 71 -2.17 19.78 -12.97
C GLY A 71 -2.90 19.04 -11.85
N LYS A 72 -2.77 17.75 -11.80
CA LYS A 72 -3.45 16.97 -10.73
C LYS A 72 -2.46 16.56 -9.64
N ARG A 73 -2.82 16.74 -8.40
CA ARG A 73 -1.90 16.37 -7.30
C ARG A 73 -2.65 16.36 -5.96
N PRO A 74 -3.36 15.28 -5.73
CA PRO A 74 -4.14 15.14 -4.49
C PRO A 74 -3.21 14.78 -3.32
N ASP A 75 -3.78 14.36 -2.22
CA ASP A 75 -2.96 13.98 -1.05
C ASP A 75 -3.13 12.49 -0.78
N ARG A 76 -2.32 11.68 -1.38
CA ARG A 76 -2.43 10.21 -1.16
C ARG A 76 -1.06 9.62 -0.81
N LYS A 77 -1.04 8.60 0.00
CA LYS A 77 0.26 7.98 0.38
C LYS A 77 0.25 6.48 0.04
N LYS A 78 1.36 5.97 -0.40
CA LYS A 78 1.42 4.51 -0.75
C LYS A 78 2.09 3.74 0.40
N ALA A 79 1.75 2.49 0.59
CA ALA A 79 2.37 1.72 1.71
C ALA A 79 3.06 0.45 1.24
N ILE A 80 4.28 0.26 1.64
CA ILE A 80 5.00 -0.97 1.24
C ILE A 80 5.16 -1.88 2.46
N VAL A 81 4.49 -2.99 2.46
CA VAL A 81 4.60 -3.91 3.63
C VAL A 81 5.54 -5.06 3.31
N GLN A 82 6.30 -5.52 4.27
CA GLN A 82 7.24 -6.64 4.02
C GLN A 82 6.94 -7.77 4.97
N VAL A 83 7.13 -8.98 4.54
CA VAL A 83 6.86 -10.11 5.46
C VAL A 83 8.09 -11.00 5.59
N ALA A 84 8.17 -11.72 6.66
CA ALA A 84 9.34 -12.62 6.87
C ALA A 84 9.67 -13.40 5.61
N PRO A 85 10.74 -14.14 5.69
CA PRO A 85 11.19 -14.96 4.54
C PRO A 85 10.29 -16.18 4.37
N GLY A 86 10.03 -16.57 3.15
CA GLY A 86 9.16 -17.74 2.90
C GLY A 86 7.70 -17.31 2.90
N GLN A 87 7.41 -16.15 3.40
CA GLN A 87 5.99 -15.67 3.43
C GLN A 87 5.69 -14.83 2.19
N LYS A 88 4.42 -14.59 1.93
CA LYS A 88 4.05 -13.78 0.74
C LYS A 88 2.53 -13.67 0.64
N ILE A 89 1.99 -12.54 1.03
CA ILE A 89 0.50 -12.36 0.96
C ILE A 89 -0.04 -12.93 -0.36
N GLU A 90 -0.54 -14.13 -0.34
CA GLU A 90 -1.08 -14.74 -1.59
C GLU A 90 -2.12 -13.80 -2.23
N ALA A 91 -2.78 -13.00 -1.44
CA ALA A 91 -3.78 -12.06 -2.00
C ALA A 91 -3.14 -11.17 -3.06
N LEU A 92 -1.85 -11.01 -2.99
CA LEU A 92 -1.20 -10.14 -4.00
C LEU A 92 -0.39 -10.96 -4.99
N GLU A 93 0.02 -12.12 -4.63
CA GLU A 93 0.83 -12.90 -5.60
C GLU A 93 -0.09 -13.65 -6.57
N GLY A 94 -1.38 -13.47 -6.44
CA GLY A 94 -2.32 -14.17 -7.36
C GLY A 94 -3.02 -13.11 -8.23
N LEU A 95 -2.97 -11.88 -7.84
CA LEU A 95 -3.62 -10.80 -8.63
C LEU A 95 -3.01 -10.74 -10.03
N ILE A 96 -1.78 -11.17 -10.17
CA ILE A 96 -1.13 -11.14 -11.51
C ILE A 96 -1.92 -12.01 -12.50
N MET A 1 -15.29 3.35 6.95
CA MET A 1 -13.82 3.50 7.10
C MET A 1 -13.08 2.52 6.20
N LYS A 2 -12.00 2.95 5.61
CA LYS A 2 -11.20 2.00 4.77
C LYS A 2 -11.10 0.68 5.54
N THR A 3 -11.94 -0.27 5.21
CA THR A 3 -11.96 -1.61 5.90
C THR A 3 -10.97 -1.63 7.07
N ALA A 4 -9.71 -1.65 6.77
CA ALA A 4 -8.68 -1.61 7.83
C ALA A 4 -8.91 -0.37 8.69
N TYR A 5 -9.83 -0.43 9.63
CA TYR A 5 -10.16 0.75 10.49
C TYR A 5 -9.76 2.06 9.79
N ASP A 6 -10.15 2.17 8.54
CA ASP A 6 -9.83 3.39 7.73
C ASP A 6 -8.31 3.52 7.50
N VAL A 7 -7.69 2.48 7.02
CA VAL A 7 -6.23 2.53 6.73
C VAL A 7 -5.95 1.95 5.34
N ILE A 8 -5.02 1.04 5.25
CA ILE A 8 -4.69 0.40 3.95
C ILE A 8 -5.97 -0.08 3.25
N LEU A 9 -5.95 -0.19 1.95
CA LEU A 9 -7.16 -0.66 1.22
C LEU A 9 -6.76 -1.61 0.08
N ALA A 10 -6.65 -1.11 -1.12
CA ALA A 10 -6.26 -1.99 -2.26
C ALA A 10 -4.83 -1.67 -2.71
N PRO A 11 -4.10 -2.69 -3.03
CA PRO A 11 -2.70 -2.54 -3.49
C PRO A 11 -2.67 -1.97 -4.91
N VAL A 12 -1.55 -1.44 -5.32
CA VAL A 12 -1.46 -0.88 -6.71
C VAL A 12 -0.82 -1.89 -7.66
N LEU A 13 -1.32 -1.99 -8.86
CA LEU A 13 -0.72 -2.95 -9.83
C LEU A 13 0.17 -2.21 -10.83
N SER A 14 1.46 -2.45 -10.78
CA SER A 14 2.36 -1.75 -11.73
C SER A 14 3.77 -2.37 -11.63
N GLU A 15 4.47 -2.46 -12.74
CA GLU A 15 5.84 -3.05 -12.70
C GLU A 15 6.61 -2.52 -11.50
N LYS A 16 6.61 -1.22 -11.30
CA LYS A 16 7.34 -0.64 -10.15
C LYS A 16 6.88 -1.29 -8.84
N ALA A 17 5.74 -1.93 -8.86
CA ALA A 17 5.24 -2.58 -7.62
C ALA A 17 5.40 -4.11 -7.73
N TYR A 18 4.94 -4.68 -8.81
CA TYR A 18 5.06 -6.15 -8.99
C TYR A 18 6.53 -6.56 -8.85
N ALA A 19 7.39 -5.95 -9.62
CA ALA A 19 8.84 -6.30 -9.52
C ALA A 19 9.35 -5.94 -8.13
N GLY A 20 8.57 -5.19 -7.39
CA GLY A 20 8.97 -4.81 -6.01
C GLY A 20 8.43 -5.88 -5.08
N PHE A 21 7.18 -6.21 -5.22
CA PHE A 21 6.59 -7.28 -4.38
C PHE A 21 7.55 -8.45 -4.37
N ALA A 22 8.30 -8.58 -5.43
CA ALA A 22 9.27 -9.69 -5.56
C ALA A 22 9.97 -9.94 -4.22
N GLU A 23 10.09 -8.93 -3.40
CA GLU A 23 10.78 -9.11 -2.09
C GLU A 23 9.78 -9.16 -0.94
N GLY A 24 8.52 -9.38 -1.21
CA GLY A 24 7.52 -9.46 -0.13
C GLY A 24 6.97 -8.07 0.21
N LYS A 25 7.33 -7.07 -0.56
CA LYS A 25 6.83 -5.70 -0.29
C LYS A 25 5.45 -5.50 -0.92
N TYR A 26 4.52 -4.91 -0.21
CA TYR A 26 3.17 -4.71 -0.80
C TYR A 26 2.72 -3.25 -0.70
N THR A 27 2.66 -2.57 -1.81
CA THR A 27 2.23 -1.15 -1.83
C THR A 27 0.71 -1.07 -1.67
N PHE A 28 0.26 -0.18 -0.85
CA PHE A 28 -1.21 -0.06 -0.62
C PHE A 28 -1.66 1.39 -0.78
N TRP A 29 -2.94 1.61 -0.91
CA TRP A 29 -3.45 3.00 -1.02
C TRP A 29 -4.06 3.33 0.33
N VAL A 30 -3.61 4.36 0.97
CA VAL A 30 -4.15 4.65 2.32
C VAL A 30 -4.09 6.16 2.62
N HIS A 31 -4.81 6.56 3.63
CA HIS A 31 -4.83 8.00 4.01
C HIS A 31 -3.43 8.51 4.33
N PRO A 32 -3.22 9.77 4.06
CA PRO A 32 -1.91 10.41 4.34
C PRO A 32 -1.74 10.61 5.84
N LYS A 33 -1.56 9.55 6.56
CA LYS A 33 -1.40 9.69 8.04
C LYS A 33 -1.23 8.32 8.69
N ALA A 34 -1.87 7.32 8.15
CA ALA A 34 -1.75 5.95 8.73
C ALA A 34 -0.30 5.67 9.13
N THR A 35 0.02 5.83 10.38
CA THR A 35 1.42 5.57 10.83
C THR A 35 1.91 4.24 10.28
N LYS A 36 3.16 4.16 9.90
CA LYS A 36 3.71 2.89 9.34
C LYS A 36 3.36 1.71 10.27
N THR A 37 3.51 1.89 11.55
CA THR A 37 3.19 0.79 12.50
C THR A 37 1.69 0.47 12.46
N GLU A 38 0.87 1.48 12.58
CA GLU A 38 -0.61 1.23 12.55
C GLU A 38 -0.98 0.48 11.28
N ILE A 39 -0.41 0.86 10.17
CA ILE A 39 -0.72 0.16 8.89
C ILE A 39 -0.42 -1.34 9.03
N LYS A 40 0.55 -1.67 9.83
CA LYS A 40 0.91 -3.11 10.01
C LYS A 40 -0.28 -3.91 10.57
N ASN A 41 -0.92 -3.40 11.57
CA ASN A 41 -2.07 -4.12 12.19
C ASN A 41 -3.20 -4.42 11.19
N ALA A 42 -3.44 -3.55 10.25
CA ALA A 42 -4.55 -3.81 9.28
C ALA A 42 -4.23 -4.96 8.33
N VAL A 43 -3.08 -4.95 7.70
CA VAL A 43 -2.76 -6.06 6.76
C VAL A 43 -2.55 -7.37 7.53
N GLU A 44 -2.12 -7.27 8.77
CA GLU A 44 -1.91 -8.52 9.55
C GLU A 44 -3.21 -9.33 9.58
N THR A 45 -4.28 -8.71 9.97
CA THR A 45 -5.59 -9.43 10.00
C THR A 45 -6.20 -9.48 8.59
N ALA A 46 -6.17 -8.37 7.90
CA ALA A 46 -6.75 -8.34 6.53
C ALA A 46 -6.10 -9.38 5.63
N PHE A 47 -4.81 -9.27 5.39
CA PHE A 47 -4.14 -10.26 4.50
C PHE A 47 -4.02 -11.60 5.24
N LYS A 48 -4.11 -11.58 6.54
CA LYS A 48 -4.02 -12.85 7.32
C LYS A 48 -2.59 -13.39 7.29
N VAL A 49 -1.63 -12.56 7.60
CA VAL A 49 -0.22 -12.99 7.60
C VAL A 49 0.56 -12.20 8.65
N LYS A 50 1.78 -12.57 8.88
CA LYS A 50 2.60 -11.84 9.88
C LYS A 50 3.36 -10.70 9.19
N VAL A 51 2.99 -9.48 9.47
CA VAL A 51 3.68 -8.33 8.82
C VAL A 51 5.03 -8.09 9.51
N VAL A 52 6.05 -7.82 8.74
CA VAL A 52 7.39 -7.59 9.36
C VAL A 52 7.80 -6.11 9.24
N LYS A 53 7.35 -5.43 8.22
CA LYS A 53 7.72 -4.00 8.06
C LYS A 53 6.72 -3.27 7.15
N VAL A 54 6.52 -2.01 7.38
CA VAL A 54 5.57 -1.24 6.51
C VAL A 54 6.21 0.09 6.08
N ASN A 55 6.39 0.28 4.81
CA ASN A 55 6.96 1.55 4.33
C ASN A 55 5.95 2.27 3.46
N THR A 56 5.48 3.41 3.90
CA THR A 56 4.47 4.15 3.09
C THR A 56 5.01 5.53 2.72
N LEU A 57 4.59 6.06 1.60
CA LEU A 57 5.08 7.40 1.17
C LEU A 57 3.95 8.21 0.56
N HIS A 58 4.18 9.47 0.32
CA HIS A 58 3.11 10.33 -0.28
C HIS A 58 3.20 10.29 -1.81
N VAL A 59 2.15 9.87 -2.46
CA VAL A 59 2.16 9.82 -3.95
C VAL A 59 1.09 10.74 -4.52
N ARG A 60 1.44 11.57 -5.46
CA ARG A 60 0.43 12.51 -6.04
C ARG A 60 0.21 12.18 -7.52
N GLY A 61 -0.73 12.83 -8.15
CA GLY A 61 -0.99 12.56 -9.59
C GLY A 61 0.34 12.49 -10.35
N LYS A 62 0.56 11.44 -11.08
CA LYS A 62 1.84 11.30 -11.84
C LYS A 62 1.62 11.69 -13.30
N LYS A 63 0.78 10.96 -13.99
CA LYS A 63 0.52 11.28 -15.43
C LYS A 63 -0.20 12.62 -15.55
N LYS A 64 0.18 13.41 -16.53
CA LYS A 64 -0.49 14.74 -16.70
C LYS A 64 -0.35 15.57 -15.42
N ARG A 65 0.80 16.12 -15.18
CA ARG A 65 1.00 16.94 -13.94
C ARG A 65 1.01 18.43 -14.29
N LEU A 66 2.13 18.93 -14.74
CA LEU A 66 2.21 20.38 -15.10
C LEU A 66 1.51 21.22 -14.02
N GLY A 67 2.12 21.33 -12.86
CA GLY A 67 1.50 22.12 -11.77
C GLY A 67 1.44 23.60 -12.15
N ARG A 68 0.81 23.93 -13.24
CA ARG A 68 0.70 25.36 -13.63
C ARG A 68 -0.69 25.67 -14.12
N TYR A 69 -1.61 24.87 -13.72
CA TYR A 69 -3.03 25.05 -14.11
C TYR A 69 -3.92 24.14 -13.26
N LEU A 70 -3.89 24.30 -11.97
CA LEU A 70 -4.73 23.44 -11.09
C LEU A 70 -4.68 21.99 -11.57
N GLY A 71 -3.52 21.55 -11.94
CA GLY A 71 -3.36 20.15 -12.43
C GLY A 71 -3.96 19.18 -11.41
N LYS A 72 -3.72 17.90 -11.59
CA LYS A 72 -4.26 16.90 -10.63
C LYS A 72 -3.18 16.43 -9.66
N ARG A 73 -3.27 16.82 -8.42
CA ARG A 73 -2.23 16.39 -7.43
C ARG A 73 -2.80 16.47 -6.02
N PRO A 74 -3.55 15.47 -5.67
CA PRO A 74 -4.17 15.42 -4.32
C PRO A 74 -3.14 14.97 -3.28
N ASP A 75 -3.59 14.61 -2.12
CA ASP A 75 -2.65 14.16 -1.07
C ASP A 75 -2.91 12.68 -0.77
N ARG A 76 -2.25 11.81 -1.47
CA ARG A 76 -2.44 10.36 -1.24
C ARG A 76 -1.08 9.68 -0.97
N LYS A 77 -1.04 8.74 -0.09
CA LYS A 77 0.24 8.04 0.21
C LYS A 77 0.11 6.54 -0.01
N LYS A 78 1.12 5.90 -0.53
CA LYS A 78 1.02 4.43 -0.76
C LYS A 78 1.77 3.69 0.35
N ALA A 79 1.34 2.50 0.70
CA ALA A 79 2.02 1.77 1.81
C ALA A 79 2.65 0.47 1.33
N ILE A 80 3.92 0.33 1.56
CA ILE A 80 4.62 -0.93 1.17
C ILE A 80 4.82 -1.77 2.42
N VAL A 81 4.14 -2.87 2.52
CA VAL A 81 4.28 -3.72 3.73
C VAL A 81 5.03 -5.00 3.41
N GLN A 82 5.98 -5.36 4.24
CA GLN A 82 6.73 -6.61 3.99
C GLN A 82 6.24 -7.69 4.93
N VAL A 83 6.37 -8.91 4.55
CA VAL A 83 5.94 -9.98 5.45
C VAL A 83 7.17 -10.70 5.97
N ALA A 84 7.06 -11.35 7.08
CA ALA A 84 8.23 -12.07 7.61
C ALA A 84 8.53 -13.29 6.74
N PRO A 85 9.55 -13.99 7.12
CA PRO A 85 9.97 -15.20 6.38
C PRO A 85 8.98 -16.35 6.65
N GLY A 86 8.63 -17.08 5.63
CA GLY A 86 7.67 -18.21 5.82
C GLY A 86 6.31 -17.84 5.21
N GLN A 87 5.92 -16.61 5.33
CA GLN A 87 4.60 -16.19 4.76
C GLN A 87 4.79 -15.37 3.48
N LYS A 88 3.72 -14.92 2.89
CA LYS A 88 3.83 -14.12 1.64
C LYS A 88 2.43 -13.72 1.15
N ILE A 89 2.05 -12.48 1.34
CA ILE A 89 0.71 -12.04 0.88
C ILE A 89 0.54 -12.34 -0.61
N GLU A 90 0.10 -13.53 -0.92
CA GLU A 90 -0.08 -13.92 -2.35
C GLU A 90 -1.28 -13.19 -2.97
N ALA A 91 -2.08 -12.56 -2.17
CA ALA A 91 -3.28 -11.85 -2.72
C ALA A 91 -2.85 -10.88 -3.84
N LEU A 92 -1.64 -10.39 -3.79
CA LEU A 92 -1.20 -9.45 -4.86
C LEU A 92 -0.20 -10.15 -5.79
N GLU A 93 0.45 -11.18 -5.31
CA GLU A 93 1.42 -11.89 -6.17
C GLU A 93 0.67 -12.58 -7.32
N GLY A 94 -0.55 -12.96 -7.08
CA GLY A 94 -1.34 -13.62 -8.16
C GLY A 94 -2.15 -12.57 -8.92
N LEU A 95 -2.39 -11.44 -8.30
CA LEU A 95 -3.16 -10.36 -8.97
C LEU A 95 -2.65 -10.18 -10.40
N ILE A 96 -1.43 -10.54 -10.65
CA ILE A 96 -0.86 -10.40 -12.02
C ILE A 96 -1.90 -10.84 -13.07
N MET A 1 -15.60 2.83 5.82
CA MET A 1 -14.15 3.07 6.07
C MET A 1 -13.30 2.15 5.21
N LYS A 2 -12.18 2.64 4.72
CA LYS A 2 -11.29 1.76 3.92
C LYS A 2 -11.18 0.43 4.66
N THR A 3 -11.95 -0.55 4.23
CA THR A 3 -11.96 -1.92 4.88
C THR A 3 -11.08 -1.92 6.13
N ALA A 4 -9.80 -1.89 5.93
CA ALA A 4 -8.86 -1.83 7.08
C ALA A 4 -9.22 -0.62 7.93
N TYR A 5 -10.20 -0.75 8.79
CA TYR A 5 -10.64 0.40 9.66
C TYR A 5 -10.25 1.74 9.02
N ASP A 6 -10.55 1.88 7.76
CA ASP A 6 -10.21 3.13 7.01
C ASP A 6 -8.69 3.35 6.93
N VAL A 7 -7.98 2.36 6.45
CA VAL A 7 -6.51 2.50 6.30
C VAL A 7 -6.08 2.04 4.90
N ILE A 8 -5.16 1.13 4.82
CA ILE A 8 -4.70 0.63 3.50
C ILE A 8 -5.91 0.25 2.64
N LEU A 9 -6.30 1.11 1.74
CA LEU A 9 -7.48 0.82 0.87
C LEU A 9 -7.26 -0.48 0.08
N ALA A 10 -7.00 -0.39 -1.20
CA ALA A 10 -6.79 -1.62 -2.01
C ALA A 10 -5.31 -1.76 -2.38
N PRO A 11 -4.95 -2.96 -2.77
CA PRO A 11 -3.56 -3.24 -3.18
C PRO A 11 -3.26 -2.62 -4.55
N VAL A 12 -2.14 -1.96 -4.68
CA VAL A 12 -1.79 -1.34 -5.99
C VAL A 12 -0.91 -2.29 -6.80
N LEU A 13 -1.39 -2.73 -7.93
CA LEU A 13 -0.58 -3.68 -8.76
C LEU A 13 0.08 -2.92 -9.92
N SER A 14 1.38 -2.76 -9.86
CA SER A 14 2.10 -2.05 -10.96
C SER A 14 3.58 -2.42 -10.95
N GLU A 15 4.27 -2.15 -12.02
CA GLU A 15 5.73 -2.49 -12.06
C GLU A 15 6.39 -2.13 -10.73
N LYS A 16 6.23 -0.90 -10.28
CA LYS A 16 6.86 -0.49 -9.00
C LYS A 16 6.37 -1.40 -7.86
N ALA A 17 5.12 -1.76 -7.87
CA ALA A 17 4.58 -2.65 -6.81
C ALA A 17 4.70 -4.11 -7.25
N TYR A 18 5.61 -4.39 -8.15
CA TYR A 18 5.79 -5.78 -8.63
C TYR A 18 7.25 -6.21 -8.45
N ALA A 19 8.15 -5.55 -9.12
CA ALA A 19 9.59 -5.90 -8.98
C ALA A 19 10.04 -5.62 -7.55
N GLY A 20 9.23 -4.94 -6.79
CA GLY A 20 9.59 -4.64 -5.38
C GLY A 20 8.77 -5.55 -4.47
N PHE A 21 7.52 -5.74 -4.80
CA PHE A 21 6.66 -6.63 -3.99
C PHE A 21 7.06 -8.09 -4.25
N ALA A 22 7.54 -8.35 -5.43
CA ALA A 22 7.95 -9.74 -5.78
C ALA A 22 8.78 -10.35 -4.66
N GLU A 23 9.40 -9.54 -3.85
CA GLU A 23 10.23 -10.09 -2.73
C GLU A 23 9.38 -10.27 -1.47
N GLY A 24 8.22 -9.69 -1.44
CA GLY A 24 7.35 -9.83 -0.24
C GLY A 24 6.83 -8.46 0.17
N LYS A 25 7.21 -7.42 -0.52
CA LYS A 25 6.74 -6.05 -0.17
C LYS A 25 5.34 -5.83 -0.76
N TYR A 26 4.51 -5.07 -0.11
CA TYR A 26 3.14 -4.85 -0.65
C TYR A 26 2.80 -3.36 -0.75
N THR A 27 2.79 -2.85 -1.95
CA THR A 27 2.44 -1.42 -2.15
C THR A 27 0.93 -1.27 -2.00
N PHE A 28 0.49 -0.39 -1.16
CA PHE A 28 -0.97 -0.23 -0.95
C PHE A 28 -1.35 1.24 -0.94
N TRP A 29 -2.61 1.54 -1.09
CA TRP A 29 -3.04 2.96 -1.06
C TRP A 29 -3.65 3.23 0.31
N VAL A 30 -3.12 4.17 1.02
CA VAL A 30 -3.66 4.42 2.37
C VAL A 30 -3.60 5.91 2.73
N HIS A 31 -4.28 6.26 3.76
CA HIS A 31 -4.28 7.69 4.19
C HIS A 31 -2.92 8.05 4.80
N PRO A 32 -2.74 9.32 5.01
CA PRO A 32 -1.48 9.83 5.60
C PRO A 32 -1.45 9.53 7.09
N LYS A 33 -2.47 9.95 7.75
CA LYS A 33 -2.60 9.71 9.21
C LYS A 33 -2.28 8.25 9.54
N ALA A 34 -2.39 7.37 8.60
CA ALA A 34 -2.08 5.93 8.88
C ALA A 34 -0.59 5.76 9.20
N THR A 35 -0.25 5.60 10.45
CA THR A 35 1.18 5.42 10.81
C THR A 35 1.70 4.08 10.28
N LYS A 36 2.93 4.05 9.85
CA LYS A 36 3.49 2.77 9.32
C LYS A 36 3.08 1.60 10.21
N THR A 37 3.06 1.81 11.50
CA THR A 37 2.65 0.71 12.42
C THR A 37 1.17 0.38 12.27
N GLU A 38 0.33 1.37 12.34
CA GLU A 38 -1.13 1.10 12.20
C GLU A 38 -1.41 0.37 10.87
N ILE A 39 -0.79 0.80 9.81
CA ILE A 39 -1.02 0.13 8.50
C ILE A 39 -0.67 -1.36 8.63
N LYS A 40 0.25 -1.68 9.50
CA LYS A 40 0.65 -3.11 9.68
C LYS A 40 -0.52 -3.93 10.23
N ASN A 41 -1.19 -3.44 11.23
CA ASN A 41 -2.32 -4.20 11.84
C ASN A 41 -3.42 -4.52 10.81
N ALA A 42 -3.68 -3.65 9.88
CA ALA A 42 -4.77 -3.92 8.90
C ALA A 42 -4.43 -5.13 8.02
N VAL A 43 -3.27 -5.17 7.42
CA VAL A 43 -2.93 -6.35 6.56
C VAL A 43 -2.57 -7.56 7.43
N GLU A 44 -1.99 -7.36 8.57
CA GLU A 44 -1.64 -8.53 9.43
C GLU A 44 -2.90 -9.34 9.71
N THR A 45 -3.94 -8.69 10.18
CA THR A 45 -5.21 -9.41 10.47
C THR A 45 -5.99 -9.66 9.18
N ALA A 46 -6.12 -8.64 8.35
CA ALA A 46 -6.87 -8.80 7.07
C ALA A 46 -6.23 -9.89 6.22
N PHE A 47 -5.02 -9.70 5.77
CA PHE A 47 -4.36 -10.74 4.93
C PHE A 47 -3.98 -11.95 5.78
N LYS A 48 -3.89 -11.77 7.07
CA LYS A 48 -3.53 -12.91 7.96
C LYS A 48 -2.10 -13.35 7.72
N VAL A 49 -1.22 -12.41 7.55
CA VAL A 49 0.20 -12.74 7.31
C VAL A 49 1.08 -12.10 8.37
N LYS A 50 2.36 -12.03 8.13
CA LYS A 50 3.27 -11.40 9.13
C LYS A 50 3.99 -10.20 8.49
N VAL A 51 3.60 -9.01 8.86
CA VAL A 51 4.27 -7.81 8.27
C VAL A 51 5.62 -7.59 8.97
N VAL A 52 6.69 -7.63 8.23
CA VAL A 52 8.03 -7.43 8.85
C VAL A 52 8.56 -6.03 8.55
N LYS A 53 7.78 -5.20 7.91
CA LYS A 53 8.25 -3.82 7.61
C LYS A 53 7.31 -3.14 6.60
N VAL A 54 6.70 -2.05 7.00
CA VAL A 54 5.77 -1.35 6.06
C VAL A 54 6.38 0.01 5.66
N ASN A 55 6.61 0.21 4.40
CA ASN A 55 7.17 1.52 3.96
C ASN A 55 6.08 2.31 3.24
N THR A 56 5.68 3.41 3.80
CA THR A 56 4.59 4.22 3.16
C THR A 56 5.13 5.58 2.75
N LEU A 57 4.74 6.04 1.59
CA LEU A 57 5.24 7.37 1.12
C LEU A 57 4.09 8.18 0.52
N HIS A 58 4.08 9.47 0.70
CA HIS A 58 2.99 10.31 0.13
C HIS A 58 3.19 10.50 -1.37
N VAL A 59 2.30 9.98 -2.17
CA VAL A 59 2.43 10.14 -3.65
C VAL A 59 1.36 11.09 -4.17
N ARG A 60 1.77 12.16 -4.80
CA ARG A 60 0.77 13.14 -5.33
C ARG A 60 1.13 13.52 -6.77
N GLY A 61 0.23 14.17 -7.46
CA GLY A 61 0.52 14.58 -8.86
C GLY A 61 1.93 15.15 -8.95
N LYS A 62 2.58 14.98 -10.08
CA LYS A 62 3.97 15.51 -10.23
C LYS A 62 4.28 15.73 -11.71
N LYS A 63 3.28 16.01 -12.51
CA LYS A 63 3.52 16.23 -13.96
C LYS A 63 3.30 17.70 -14.32
N LYS A 64 2.56 18.40 -13.50
CA LYS A 64 2.30 19.85 -13.77
C LYS A 64 1.20 20.37 -12.85
N ARG A 65 1.52 21.30 -11.99
CA ARG A 65 0.47 21.83 -11.05
C ARG A 65 0.73 23.32 -10.78
N LEU A 66 0.88 24.11 -11.81
CA LEU A 66 1.12 25.56 -11.60
C LEU A 66 0.19 26.09 -10.50
N GLY A 67 0.75 26.72 -9.50
CA GLY A 67 -0.09 27.25 -8.39
C GLY A 67 -0.87 28.48 -8.85
N ARG A 68 -1.58 28.37 -9.94
CA ARG A 68 -2.36 29.54 -10.43
C ARG A 68 -3.54 29.07 -11.26
N TYR A 69 -3.92 27.87 -11.03
CA TYR A 69 -5.06 27.26 -11.78
C TYR A 69 -5.52 25.98 -11.09
N LEU A 70 -5.86 26.05 -9.83
CA LEU A 70 -6.30 24.84 -9.10
C LEU A 70 -5.43 23.64 -9.47
N GLY A 71 -4.43 23.39 -8.68
CA GLY A 71 -3.52 22.24 -8.97
C GLY A 71 -4.18 20.94 -8.50
N LYS A 72 -3.82 19.83 -9.09
CA LYS A 72 -4.42 18.53 -8.68
C LYS A 72 -3.48 17.81 -7.70
N ARG A 73 -3.22 18.41 -6.57
CA ARG A 73 -2.31 17.75 -5.58
C ARG A 73 -3.11 17.28 -4.36
N PRO A 74 -3.76 16.16 -4.52
CA PRO A 74 -4.57 15.59 -3.42
C PRO A 74 -3.67 14.93 -2.38
N ASP A 75 -4.22 14.13 -1.52
CA ASP A 75 -3.41 13.45 -0.49
C ASP A 75 -3.44 11.93 -0.75
N ARG A 76 -2.53 11.46 -1.53
CA ARG A 76 -2.47 10.01 -1.83
C ARG A 76 -1.13 9.42 -1.37
N LYS A 77 -1.16 8.57 -0.39
CA LYS A 77 0.11 7.95 0.11
C LYS A 77 0.05 6.43 -0.10
N LYS A 78 1.10 5.84 -0.59
CA LYS A 78 1.09 4.37 -0.82
C LYS A 78 1.87 3.64 0.28
N ALA A 79 1.49 2.42 0.59
CA ALA A 79 2.20 1.67 1.67
C ALA A 79 2.88 0.42 1.13
N ILE A 80 4.11 0.19 1.51
CA ILE A 80 4.82 -1.03 1.07
C ILE A 80 5.01 -1.95 2.26
N VAL A 81 4.32 -3.06 2.28
CA VAL A 81 4.45 -3.99 3.44
C VAL A 81 5.28 -5.21 3.07
N GLN A 82 6.28 -5.51 3.86
CA GLN A 82 7.11 -6.70 3.55
C GLN A 82 6.85 -7.76 4.60
N VAL A 83 6.87 -9.00 4.25
CA VAL A 83 6.64 -10.03 5.29
C VAL A 83 7.91 -10.83 5.50
N ALA A 84 8.05 -11.41 6.64
CA ALA A 84 9.27 -12.20 6.93
C ALA A 84 9.45 -13.29 5.87
N PRO A 85 10.51 -14.03 6.03
CA PRO A 85 10.82 -15.11 5.07
C PRO A 85 9.85 -16.29 5.25
N GLY A 86 9.45 -16.90 4.16
CA GLY A 86 8.50 -18.04 4.26
C GLY A 86 7.07 -17.54 4.15
N GLN A 87 6.85 -16.27 4.38
CA GLN A 87 5.47 -15.72 4.30
C GLN A 87 5.20 -15.15 2.90
N LYS A 88 3.97 -14.84 2.61
CA LYS A 88 3.63 -14.28 1.27
C LYS A 88 2.14 -14.00 1.16
N ILE A 89 1.76 -12.78 0.88
CA ILE A 89 0.31 -12.45 0.76
C ILE A 89 -0.19 -12.79 -0.65
N GLU A 90 -0.95 -13.85 -0.77
CA GLU A 90 -1.47 -14.25 -2.11
C GLU A 90 -2.36 -13.16 -2.71
N ALA A 91 -2.77 -12.22 -1.92
CA ALA A 91 -3.66 -11.14 -2.44
C ALA A 91 -3.02 -10.45 -3.65
N LEU A 92 -1.73 -10.33 -3.68
CA LEU A 92 -1.06 -9.66 -4.84
C LEU A 92 -0.37 -10.71 -5.70
N GLU A 93 -0.05 -11.83 -5.13
CA GLU A 93 0.63 -12.89 -5.92
C GLU A 93 -0.31 -13.44 -6.99
N GLY A 94 -1.57 -13.56 -6.67
CA GLY A 94 -2.55 -14.08 -7.68
C GLY A 94 -2.96 -12.94 -8.61
N LEU A 95 -2.57 -11.74 -8.30
CA LEU A 95 -2.93 -10.59 -9.19
C LEU A 95 -1.98 -10.51 -10.38
N ILE A 96 -1.15 -11.51 -10.55
CA ILE A 96 -0.20 -11.49 -11.69
C ILE A 96 -0.85 -12.09 -12.94
N MET A 1 -15.26 3.73 6.26
CA MET A 1 -13.81 4.08 6.30
C MET A 1 -13.01 3.14 5.43
N LYS A 2 -11.83 3.55 5.03
CA LYS A 2 -11.00 2.63 4.21
C LYS A 2 -10.99 1.27 4.88
N THR A 3 -11.79 0.35 4.37
CA THR A 3 -11.90 -1.04 4.95
C THR A 3 -11.03 -1.20 6.20
N ALA A 4 -9.74 -1.19 6.02
CA ALA A 4 -8.80 -1.30 7.16
C ALA A 4 -9.10 -0.18 8.16
N TYR A 5 -10.18 -0.28 8.90
CA TYR A 5 -10.56 0.81 9.87
C TYR A 5 -10.08 2.16 9.33
N ASP A 6 -10.14 2.31 8.02
CA ASP A 6 -9.72 3.58 7.33
C ASP A 6 -8.20 3.60 7.06
N VAL A 7 -7.65 2.47 6.66
CA VAL A 7 -6.20 2.41 6.33
C VAL A 7 -5.99 1.64 5.02
N ILE A 8 -4.99 0.79 4.98
CA ILE A 8 -4.69 0.00 3.74
C ILE A 8 -5.99 -0.33 2.98
N LEU A 9 -6.03 0.01 1.72
CA LEU A 9 -7.26 -0.29 0.92
C LEU A 9 -6.92 -1.30 -0.19
N ALA A 10 -6.61 -0.82 -1.37
CA ALA A 10 -6.27 -1.76 -2.47
C ALA A 10 -4.77 -1.66 -2.78
N PRO A 11 -4.25 -2.73 -3.31
CA PRO A 11 -2.80 -2.77 -3.66
C PRO A 11 -2.54 -1.98 -4.95
N VAL A 12 -1.34 -1.54 -5.16
CA VAL A 12 -1.03 -0.76 -6.40
C VAL A 12 -0.29 -1.65 -7.40
N LEU A 13 -0.75 -1.70 -8.62
CA LEU A 13 -0.05 -2.54 -9.63
C LEU A 13 0.79 -1.67 -10.56
N SER A 14 2.09 -1.81 -10.50
CA SER A 14 2.97 -0.99 -11.37
C SER A 14 4.36 -1.61 -11.46
N GLU A 15 4.99 -1.53 -12.60
CA GLU A 15 6.35 -2.12 -12.74
C GLU A 15 7.19 -1.80 -11.51
N LYS A 16 7.26 -0.55 -11.14
CA LYS A 16 8.07 -0.16 -9.95
C LYS A 16 7.62 -0.97 -8.73
N ALA A 17 6.36 -1.28 -8.64
CA ALA A 17 5.85 -2.06 -7.47
C ALA A 17 6.02 -3.56 -7.74
N TYR A 18 5.42 -4.06 -8.78
CA TYR A 18 5.54 -5.51 -9.08
C TYR A 18 6.99 -5.96 -8.95
N ALA A 19 7.92 -5.09 -9.25
CA ALA A 19 9.36 -5.47 -9.14
C ALA A 19 9.88 -5.16 -7.73
N GLY A 20 9.10 -4.48 -6.94
CA GLY A 20 9.53 -4.15 -5.55
C GLY A 20 8.70 -4.98 -4.58
N PHE A 21 7.45 -5.17 -4.90
CA PHE A 21 6.58 -5.99 -4.02
C PHE A 21 7.00 -7.47 -4.15
N ALA A 22 7.71 -7.77 -5.19
CA ALA A 22 8.16 -9.18 -5.41
C ALA A 22 9.01 -9.66 -4.23
N GLU A 23 9.53 -8.74 -3.47
CA GLU A 23 10.38 -9.13 -2.30
C GLU A 23 9.50 -9.31 -1.06
N GLY A 24 8.21 -9.46 -1.25
CA GLY A 24 7.30 -9.62 -0.10
C GLY A 24 6.78 -8.24 0.31
N LYS A 25 7.16 -7.23 -0.42
CA LYS A 25 6.70 -5.84 -0.11
C LYS A 25 5.30 -5.63 -0.68
N TYR A 26 4.41 -5.02 0.05
CA TYR A 26 3.04 -4.81 -0.51
C TYR A 26 2.61 -3.35 -0.40
N THR A 27 2.77 -2.60 -1.46
CA THR A 27 2.37 -1.16 -1.48
C THR A 27 0.85 -1.06 -1.58
N PHE A 28 0.21 -0.49 -0.59
CA PHE A 28 -1.27 -0.37 -0.64
C PHE A 28 -1.68 1.11 -0.65
N TRP A 29 -2.89 1.39 -1.04
CA TRP A 29 -3.35 2.81 -1.04
C TRP A 29 -4.01 3.07 0.31
N VAL A 30 -3.55 4.04 1.02
CA VAL A 30 -4.14 4.28 2.35
C VAL A 30 -4.12 5.76 2.72
N HIS A 31 -4.84 6.09 3.74
CA HIS A 31 -4.90 7.50 4.20
C HIS A 31 -3.51 7.99 4.60
N PRO A 32 -3.24 9.22 4.26
CA PRO A 32 -1.93 9.83 4.57
C PRO A 32 -1.82 10.12 6.06
N LYS A 33 -1.57 9.12 6.84
CA LYS A 33 -1.47 9.33 8.31
C LYS A 33 -1.20 8.00 9.01
N ALA A 34 -1.75 6.93 8.50
CA ALA A 34 -1.53 5.61 9.13
C ALA A 34 -0.04 5.35 9.30
N THR A 35 0.51 5.70 10.44
CA THR A 35 1.97 5.49 10.67
C THR A 35 2.39 4.12 10.14
N LYS A 36 3.62 3.98 9.73
CA LYS A 36 4.10 2.67 9.20
C LYS A 36 3.57 1.54 10.09
N THR A 37 3.47 1.77 11.37
CA THR A 37 2.96 0.69 12.27
C THR A 37 1.45 0.56 12.12
N GLU A 38 0.74 1.65 11.99
CA GLU A 38 -0.74 1.57 11.83
C GLU A 38 -1.07 0.68 10.64
N ILE A 39 -0.36 0.82 9.56
CA ILE A 39 -0.63 -0.03 8.36
C ILE A 39 -0.48 -1.51 8.74
N LYS A 40 0.38 -1.79 9.68
CA LYS A 40 0.62 -3.20 10.11
C LYS A 40 -0.66 -3.85 10.64
N ASN A 41 -1.36 -3.17 11.49
CA ASN A 41 -2.60 -3.76 12.09
C ASN A 41 -3.63 -4.14 11.01
N ALA A 42 -3.78 -3.36 9.98
CA ALA A 42 -4.79 -3.70 8.94
C ALA A 42 -4.34 -4.87 8.06
N VAL A 43 -3.15 -4.83 7.53
CA VAL A 43 -2.71 -5.96 6.66
C VAL A 43 -2.57 -7.25 7.47
N GLU A 44 -1.96 -7.21 8.62
CA GLU A 44 -1.80 -8.44 9.43
C GLU A 44 -3.18 -9.07 9.70
N THR A 45 -4.12 -8.30 10.13
CA THR A 45 -5.47 -8.84 10.40
C THR A 45 -6.26 -9.02 9.10
N ALA A 46 -6.28 -8.01 8.26
CA ALA A 46 -7.03 -8.12 6.98
C ALA A 46 -6.36 -9.13 6.05
N PHE A 47 -5.16 -8.87 5.62
CA PHE A 47 -4.45 -9.81 4.71
C PHE A 47 -4.05 -11.08 5.47
N LYS A 48 -4.28 -11.10 6.76
CA LYS A 48 -3.92 -12.31 7.57
C LYS A 48 -2.51 -12.77 7.23
N VAL A 49 -1.59 -11.85 7.16
CA VAL A 49 -0.19 -12.21 6.85
C VAL A 49 0.72 -11.85 8.01
N LYS A 50 1.99 -11.79 7.76
CA LYS A 50 2.94 -11.42 8.86
C LYS A 50 3.65 -10.12 8.49
N VAL A 51 3.38 -9.06 9.21
CA VAL A 51 4.06 -7.78 8.89
C VAL A 51 5.49 -7.80 9.41
N VAL A 52 6.44 -7.67 8.54
CA VAL A 52 7.86 -7.72 8.96
C VAL A 52 8.53 -6.38 8.68
N LYS A 53 7.86 -5.52 7.96
CA LYS A 53 8.42 -4.18 7.65
C LYS A 53 7.49 -3.44 6.69
N VAL A 54 6.93 -2.34 7.11
CA VAL A 54 6.01 -1.59 6.21
C VAL A 54 6.71 -0.34 5.69
N ASN A 55 6.56 -0.06 4.42
CA ASN A 55 7.20 1.16 3.86
C ASN A 55 6.18 1.94 3.04
N THR A 56 5.84 3.12 3.48
CA THR A 56 4.85 3.92 2.72
C THR A 56 5.55 5.10 2.04
N LEU A 57 5.04 5.54 0.91
CA LEU A 57 5.71 6.67 0.20
C LEU A 57 4.70 7.77 -0.13
N HIS A 58 5.14 8.80 -0.81
CA HIS A 58 4.21 9.89 -1.19
C HIS A 58 3.50 9.53 -2.48
N VAL A 59 2.20 9.44 -2.47
CA VAL A 59 1.48 9.09 -3.72
C VAL A 59 0.73 10.33 -4.21
N ARG A 60 1.02 10.75 -5.41
CA ARG A 60 0.39 11.96 -5.99
C ARG A 60 -1.04 12.13 -5.47
N GLY A 61 -1.34 13.28 -4.91
CA GLY A 61 -2.71 13.53 -4.38
C GLY A 61 -2.68 14.77 -3.49
N LYS A 62 -2.65 15.94 -4.06
CA LYS A 62 -2.61 17.17 -3.23
C LYS A 62 -4.03 17.74 -3.07
N LYS A 63 -4.16 18.84 -2.37
CA LYS A 63 -5.52 19.45 -2.18
C LYS A 63 -5.99 20.09 -3.49
N LYS A 64 -5.08 20.38 -4.38
CA LYS A 64 -5.48 21.02 -5.68
C LYS A 64 -6.75 20.37 -6.22
N ARG A 65 -7.88 20.98 -6.00
CA ARG A 65 -9.16 20.40 -6.50
C ARG A 65 -9.86 21.37 -7.46
N LEU A 66 -9.11 22.27 -8.05
CA LEU A 66 -9.72 23.24 -9.00
C LEU A 66 -10.73 22.54 -9.90
N GLY A 67 -11.86 23.15 -10.14
CA GLY A 67 -12.90 22.52 -11.01
C GLY A 67 -12.28 22.15 -12.36
N ARG A 68 -11.64 21.01 -12.44
CA ARG A 68 -11.03 20.60 -13.74
C ARG A 68 -11.52 19.21 -14.14
N TYR A 69 -11.68 18.97 -15.42
CA TYR A 69 -12.17 17.64 -15.87
C TYR A 69 -11.20 16.53 -15.42
N LEU A 70 -11.72 15.37 -15.15
CA LEU A 70 -10.84 14.24 -14.71
C LEU A 70 -9.80 14.74 -13.72
N GLY A 71 -10.21 15.56 -12.80
CA GLY A 71 -9.26 16.10 -11.80
C GLY A 71 -9.66 15.58 -10.41
N LYS A 72 -9.84 16.47 -9.46
CA LYS A 72 -10.22 16.03 -8.09
C LYS A 72 -9.19 15.03 -7.54
N ARG A 73 -8.02 15.51 -7.21
CA ARG A 73 -6.96 14.60 -6.66
C ARG A 73 -6.90 14.71 -5.14
N PRO A 74 -7.36 13.68 -4.48
CA PRO A 74 -7.37 13.66 -3.00
C PRO A 74 -5.95 13.44 -2.47
N ASP A 75 -5.84 13.10 -1.21
CA ASP A 75 -4.50 12.85 -0.62
C ASP A 75 -4.40 11.37 -0.24
N ARG A 76 -3.93 10.58 -1.15
CA ARG A 76 -3.80 9.12 -0.88
C ARG A 76 -2.38 8.78 -0.40
N LYS A 77 -2.24 7.74 0.36
CA LYS A 77 -0.88 7.34 0.84
C LYS A 77 -0.58 5.90 0.42
N LYS A 78 0.64 5.62 0.04
CA LYS A 78 0.97 4.23 -0.40
C LYS A 78 1.70 3.51 0.73
N ALA A 79 1.33 2.29 1.03
CA ALA A 79 2.01 1.54 2.13
C ALA A 79 2.57 0.21 1.65
N ILE A 80 3.84 0.03 1.76
CA ILE A 80 4.46 -1.26 1.33
C ILE A 80 4.61 -2.18 2.53
N VAL A 81 3.86 -3.25 2.58
CA VAL A 81 3.97 -4.19 3.74
C VAL A 81 4.93 -5.33 3.41
N GLN A 82 5.83 -5.64 4.30
CA GLN A 82 6.79 -6.75 4.04
C GLN A 82 6.50 -7.90 4.98
N VAL A 83 6.65 -9.11 4.52
CA VAL A 83 6.39 -10.25 5.43
C VAL A 83 7.60 -11.17 5.49
N ALA A 84 7.71 -11.91 6.55
CA ALA A 84 8.86 -12.85 6.70
C ALA A 84 9.08 -13.67 5.43
N PRO A 85 10.15 -14.40 5.45
CA PRO A 85 10.52 -15.27 4.31
C PRO A 85 9.72 -16.57 4.34
N GLY A 86 8.42 -16.46 4.37
CA GLY A 86 7.58 -17.69 4.41
C GLY A 86 6.13 -17.34 4.06
N GLN A 87 5.67 -16.18 4.46
CA GLN A 87 4.27 -15.77 4.14
C GLN A 87 4.28 -14.71 3.04
N LYS A 88 3.12 -14.28 2.62
CA LYS A 88 3.06 -13.25 1.54
C LYS A 88 1.60 -12.93 1.20
N ILE A 89 1.19 -11.71 1.46
CA ILE A 89 -0.22 -11.32 1.15
C ILE A 89 -0.62 -11.85 -0.22
N GLU A 90 -1.23 -13.01 -0.26
CA GLU A 90 -1.65 -13.60 -1.57
C GLU A 90 -2.56 -12.63 -2.34
N ALA A 91 -3.07 -11.63 -1.70
CA ALA A 91 -3.97 -10.66 -2.40
C ALA A 91 -3.26 -10.09 -3.64
N LEU A 92 -1.97 -9.99 -3.61
CA LEU A 92 -1.24 -9.44 -4.79
C LEU A 92 -0.51 -10.58 -5.51
N GLU A 93 -0.23 -11.63 -4.80
CA GLU A 93 0.48 -12.77 -5.44
C GLU A 93 -0.29 -13.27 -6.68
N GLY A 94 -1.58 -13.09 -6.69
CA GLY A 94 -2.38 -13.54 -7.86
C GLY A 94 -2.86 -12.33 -8.66
N LEU A 95 -2.20 -11.21 -8.52
CA LEU A 95 -2.61 -10.00 -9.27
C LEU A 95 -1.73 -9.81 -10.51
N ILE A 96 -0.82 -10.73 -10.75
CA ILE A 96 0.07 -10.62 -11.93
C ILE A 96 -0.65 -11.10 -13.18
N MET A 1 -12.06 -1.85 14.32
CA MET A 1 -10.74 -2.41 13.91
C MET A 1 -10.11 -1.51 12.85
N LYS A 2 -9.18 -0.67 13.23
CA LYS A 2 -8.53 0.20 12.20
C LYS A 2 -7.46 -0.61 11.48
N THR A 3 -7.87 -1.48 10.60
CA THR A 3 -6.88 -2.30 9.85
C THR A 3 -7.04 -2.03 8.35
N ALA A 4 -7.90 -2.75 7.70
CA ALA A 4 -8.12 -2.52 6.24
C ALA A 4 -9.27 -1.54 6.05
N TYR A 5 -10.16 -1.51 7.00
CA TYR A 5 -11.34 -0.58 7.00
C TYR A 5 -11.00 0.79 6.37
N ASP A 6 -9.75 1.19 6.41
CA ASP A 6 -9.40 2.53 5.88
C ASP A 6 -7.90 2.63 5.60
N VAL A 7 -7.10 2.40 6.60
CA VAL A 7 -5.62 2.48 6.42
C VAL A 7 -5.21 1.89 5.08
N ILE A 8 -4.80 0.66 5.07
CA ILE A 8 -4.38 0.02 3.80
C ILE A 8 -5.60 -0.57 3.08
N LEU A 9 -6.06 0.08 2.04
CA LEU A 9 -7.25 -0.43 1.30
C LEU A 9 -6.82 -1.44 0.22
N ALA A 10 -6.64 -0.99 -0.99
CA ALA A 10 -6.23 -1.92 -2.07
C ALA A 10 -4.78 -1.68 -2.47
N PRO A 11 -4.15 -2.72 -2.96
CA PRO A 11 -2.74 -2.63 -3.38
C PRO A 11 -2.63 -1.85 -4.70
N VAL A 12 -1.43 -1.59 -5.15
CA VAL A 12 -1.28 -0.82 -6.42
C VAL A 12 -0.62 -1.70 -7.49
N LEU A 13 -1.10 -1.63 -8.71
CA LEU A 13 -0.50 -2.45 -9.78
C LEU A 13 0.40 -1.59 -10.67
N SER A 14 1.69 -1.84 -10.63
CA SER A 14 2.62 -1.03 -11.47
C SER A 14 3.98 -1.72 -11.57
N GLU A 15 4.60 -1.68 -12.72
CA GLU A 15 5.92 -2.36 -12.88
C GLU A 15 6.79 -2.07 -11.65
N LYS A 16 6.99 -0.83 -11.32
CA LYS A 16 7.84 -0.49 -10.15
C LYS A 16 7.30 -1.21 -8.90
N ALA A 17 6.04 -1.54 -8.89
CA ALA A 17 5.46 -2.24 -7.71
C ALA A 17 5.64 -3.75 -7.86
N TYR A 18 5.05 -4.34 -8.88
CA TYR A 18 5.18 -5.80 -9.07
C TYR A 18 6.63 -6.24 -8.91
N ALA A 19 7.55 -5.49 -9.47
CA ALA A 19 8.99 -5.86 -9.33
C ALA A 19 9.50 -5.49 -7.94
N GLY A 20 8.70 -4.78 -7.18
CA GLY A 20 9.12 -4.38 -5.81
C GLY A 20 8.36 -5.23 -4.81
N PHE A 21 7.11 -5.49 -5.06
CA PHE A 21 6.31 -6.32 -4.14
C PHE A 21 6.67 -7.79 -4.35
N ALA A 22 7.22 -8.09 -5.50
CA ALA A 22 7.60 -9.50 -5.80
C ALA A 22 8.56 -10.02 -4.74
N GLU A 23 9.15 -9.13 -3.97
CA GLU A 23 10.11 -9.57 -2.92
C GLU A 23 9.40 -9.67 -1.56
N GLY A 24 8.10 -9.71 -1.55
CA GLY A 24 7.36 -9.80 -0.27
C GLY A 24 6.89 -8.40 0.16
N LYS A 25 7.24 -7.40 -0.60
CA LYS A 25 6.82 -6.01 -0.24
C LYS A 25 5.39 -5.76 -0.73
N TYR A 26 4.60 -5.04 0.01
CA TYR A 26 3.21 -4.78 -0.45
C TYR A 26 2.87 -3.29 -0.45
N THR A 27 2.98 -2.65 -1.58
CA THR A 27 2.64 -1.22 -1.68
C THR A 27 1.11 -1.08 -1.71
N PHE A 28 0.55 -0.37 -0.78
CA PHE A 28 -0.93 -0.25 -0.77
C PHE A 28 -1.38 1.20 -0.87
N TRP A 29 -2.63 1.41 -1.19
CA TRP A 29 -3.15 2.79 -1.27
C TRP A 29 -3.78 3.08 0.07
N VAL A 30 -3.35 4.10 0.74
CA VAL A 30 -3.91 4.32 2.09
C VAL A 30 -4.05 5.81 2.39
N HIS A 31 -4.87 6.11 3.35
CA HIS A 31 -5.11 7.53 3.73
C HIS A 31 -3.85 8.15 4.34
N PRO A 32 -3.74 9.45 4.19
CA PRO A 32 -2.57 10.18 4.75
C PRO A 32 -2.69 10.27 6.26
N LYS A 33 -2.49 9.17 6.93
CA LYS A 33 -2.61 9.19 8.42
C LYS A 33 -2.35 7.78 8.97
N ALA A 34 -2.73 6.78 8.23
CA ALA A 34 -2.51 5.38 8.70
C ALA A 34 -1.12 5.25 9.33
N THR A 35 -1.04 5.41 10.63
CA THR A 35 0.28 5.30 11.30
C THR A 35 1.06 4.08 10.79
N LYS A 36 2.34 4.23 10.55
CA LYS A 36 3.15 3.08 10.07
C LYS A 36 2.78 1.83 10.86
N THR A 37 2.75 1.92 12.16
CA THR A 37 2.39 0.74 12.99
C THR A 37 1.00 0.24 12.60
N GLU A 38 0.05 1.14 12.57
CA GLU A 38 -1.35 0.72 12.20
C GLU A 38 -1.32 0.01 10.85
N ILE A 39 -0.53 0.50 9.93
CA ILE A 39 -0.45 -0.17 8.61
C ILE A 39 -0.04 -1.62 8.80
N LYS A 40 0.75 -1.88 9.82
CA LYS A 40 1.17 -3.28 10.10
C LYS A 40 -0.05 -4.13 10.43
N ASN A 41 -0.91 -3.61 11.27
CA ASN A 41 -2.12 -4.37 11.67
C ASN A 41 -3.14 -4.41 10.51
N ALA A 42 -3.22 -3.38 9.72
CA ALA A 42 -4.20 -3.39 8.60
C ALA A 42 -3.97 -4.60 7.69
N VAL A 43 -2.75 -4.86 7.32
CA VAL A 43 -2.50 -6.05 6.45
C VAL A 43 -2.57 -7.33 7.29
N GLU A 44 -2.18 -7.26 8.54
CA GLU A 44 -2.24 -8.48 9.41
C GLU A 44 -3.69 -8.84 9.67
N THR A 45 -4.52 -7.87 9.95
CA THR A 45 -5.96 -8.15 10.22
C THR A 45 -6.70 -8.37 8.90
N ALA A 46 -6.24 -7.76 7.85
CA ALA A 46 -6.94 -7.92 6.54
C ALA A 46 -6.28 -9.02 5.70
N PHE A 47 -5.02 -8.90 5.43
CA PHE A 47 -4.33 -9.93 4.60
C PHE A 47 -4.05 -11.18 5.44
N LYS A 48 -4.11 -11.07 6.73
CA LYS A 48 -3.86 -12.26 7.61
C LYS A 48 -2.48 -12.85 7.33
N VAL A 49 -1.49 -12.01 7.29
CA VAL A 49 -0.12 -12.50 7.02
C VAL A 49 0.82 -12.07 8.15
N LYS A 50 2.10 -12.07 7.91
CA LYS A 50 3.06 -11.63 8.96
C LYS A 50 3.82 -10.40 8.50
N VAL A 51 3.48 -9.25 9.03
CA VAL A 51 4.17 -8.01 8.61
C VAL A 51 5.54 -7.90 9.29
N VAL A 52 6.59 -7.85 8.52
CA VAL A 52 7.94 -7.72 9.12
C VAL A 52 8.48 -6.31 8.89
N LYS A 53 7.77 -5.52 8.13
CA LYS A 53 8.23 -4.13 7.87
C LYS A 53 7.22 -3.40 6.96
N VAL A 54 6.99 -2.14 7.19
CA VAL A 54 6.03 -1.39 6.34
C VAL A 54 6.65 -0.05 5.93
N ASN A 55 6.61 0.26 4.66
CA ASN A 55 7.17 1.56 4.21
C ASN A 55 6.18 2.27 3.31
N THR A 56 5.68 3.40 3.72
CA THR A 56 4.70 4.15 2.88
C THR A 56 5.30 5.48 2.44
N LEU A 57 4.72 6.12 1.47
CA LEU A 57 5.27 7.42 1.00
C LEU A 57 4.15 8.31 0.46
N HIS A 58 4.45 9.55 0.16
CA HIS A 58 3.41 10.47 -0.37
C HIS A 58 3.20 10.24 -1.86
N VAL A 59 2.01 9.86 -2.26
CA VAL A 59 1.75 9.60 -3.70
C VAL A 59 0.63 10.53 -4.20
N ARG A 60 0.88 11.30 -5.23
CA ARG A 60 -0.17 12.21 -5.74
C ARG A 60 -0.13 12.27 -7.26
N GLY A 61 -1.03 11.58 -7.92
CA GLY A 61 -1.04 11.61 -9.41
C GLY A 61 0.30 11.13 -9.95
N LYS A 62 0.29 10.54 -11.12
CA LYS A 62 1.58 10.04 -11.71
C LYS A 62 2.19 11.13 -12.59
N LYS A 63 1.41 12.11 -12.95
CA LYS A 63 1.94 13.21 -13.81
C LYS A 63 0.84 14.25 -14.06
N LYS A 64 1.18 15.32 -14.74
CA LYS A 64 0.15 16.36 -15.01
C LYS A 64 -0.29 17.04 -13.71
N ARG A 65 0.65 17.37 -12.86
CA ARG A 65 0.28 18.02 -11.57
C ARG A 65 1.35 19.04 -11.18
N LEU A 66 2.60 18.71 -11.37
CA LEU A 66 3.69 19.66 -11.00
C LEU A 66 3.43 20.24 -9.61
N GLY A 67 4.04 19.68 -8.60
CA GLY A 67 3.84 20.20 -7.22
C GLY A 67 4.43 21.60 -7.08
N ARG A 68 4.02 22.52 -7.91
CA ARG A 68 4.57 23.91 -7.82
C ARG A 68 3.41 24.90 -7.81
N TYR A 69 2.26 24.39 -7.60
CA TYR A 69 1.03 25.25 -7.57
C TYR A 69 -0.12 24.50 -6.91
N LEU A 70 -1.23 25.15 -6.69
CA LEU A 70 -2.38 24.47 -6.04
C LEU A 70 -3.21 23.72 -7.09
N GLY A 71 -2.55 23.02 -7.96
CA GLY A 71 -3.27 22.26 -9.01
C GLY A 71 -4.13 21.17 -8.37
N LYS A 72 -3.80 19.93 -8.60
CA LYS A 72 -4.61 18.83 -8.00
C LYS A 72 -3.78 18.08 -6.94
N ARG A 73 -4.15 18.19 -5.70
CA ARG A 73 -3.38 17.50 -4.63
C ARG A 73 -4.34 16.78 -3.67
N PRO A 74 -4.80 15.64 -4.09
CA PRO A 74 -5.74 14.83 -3.27
C PRO A 74 -5.00 14.16 -2.11
N ASP A 75 -5.60 13.18 -1.51
CA ASP A 75 -4.95 12.47 -0.38
C ASP A 75 -4.64 11.04 -0.82
N ARG A 76 -3.49 10.84 -1.37
CA ARG A 76 -3.09 9.49 -1.84
C ARG A 76 -1.74 9.09 -1.23
N LYS A 77 -1.73 8.09 -0.39
CA LYS A 77 -0.45 7.65 0.24
C LYS A 77 -0.21 6.17 -0.06
N LYS A 78 1.01 5.80 -0.36
CA LYS A 78 1.29 4.37 -0.67
C LYS A 78 1.93 3.68 0.54
N ALA A 79 1.68 2.41 0.71
CA ALA A 79 2.28 1.69 1.88
C ALA A 79 2.89 0.36 1.45
N ILE A 80 4.17 0.20 1.65
CA ILE A 80 4.82 -1.07 1.28
C ILE A 80 4.98 -1.95 2.52
N VAL A 81 4.28 -3.04 2.57
CA VAL A 81 4.37 -3.94 3.75
C VAL A 81 5.21 -5.18 3.41
N GLN A 82 6.20 -5.48 4.19
CA GLN A 82 7.02 -6.68 3.90
C GLN A 82 6.63 -7.79 4.84
N VAL A 83 6.70 -9.01 4.40
CA VAL A 83 6.37 -10.11 5.32
C VAL A 83 7.61 -10.96 5.54
N ALA A 84 7.66 -11.65 6.63
CA ALA A 84 8.84 -12.50 6.90
C ALA A 84 8.89 -13.68 5.93
N PRO A 85 9.93 -14.44 6.05
CA PRO A 85 10.11 -15.62 5.18
C PRO A 85 9.18 -16.75 5.62
N GLY A 86 8.56 -17.42 4.69
CA GLY A 86 7.65 -18.53 5.06
C GLY A 86 6.20 -18.13 4.75
N GLN A 87 5.92 -16.86 4.66
CA GLN A 87 4.53 -16.41 4.38
C GLN A 87 4.48 -15.68 3.03
N LYS A 88 3.32 -15.23 2.64
CA LYS A 88 3.19 -14.52 1.33
C LYS A 88 1.74 -14.10 1.09
N ILE A 89 1.41 -12.85 1.32
CA ILE A 89 0.01 -12.40 1.11
C ILE A 89 -0.45 -12.75 -0.30
N GLU A 90 -1.22 -13.80 -0.43
CA GLU A 90 -1.71 -14.22 -1.78
C GLU A 90 -2.55 -13.13 -2.42
N ALA A 91 -2.96 -12.14 -1.67
CA ALA A 91 -3.79 -11.05 -2.25
C ALA A 91 -3.11 -10.43 -3.47
N LEU A 92 -1.80 -10.32 -3.44
CA LEU A 92 -1.08 -9.72 -4.62
C LEU A 92 -0.36 -10.82 -5.39
N GLU A 93 -0.07 -11.91 -4.75
CA GLU A 93 0.65 -13.01 -5.43
C GLU A 93 -0.07 -13.39 -6.73
N GLY A 94 -1.37 -13.52 -6.69
CA GLY A 94 -2.12 -13.88 -7.92
C GLY A 94 -2.39 -12.63 -8.76
N LEU A 95 -2.40 -11.49 -8.14
CA LEU A 95 -2.65 -10.23 -8.91
C LEU A 95 -1.90 -10.25 -10.23
N ILE A 96 -0.81 -10.97 -10.30
CA ILE A 96 -0.02 -11.03 -11.56
C ILE A 96 -0.92 -11.47 -12.72
N MET A 1 -13.86 -1.30 11.49
CA MET A 1 -13.02 -2.48 11.17
C MET A 1 -11.67 -2.04 10.62
N LYS A 2 -10.86 -1.36 11.38
CA LYS A 2 -9.54 -0.94 10.83
C LYS A 2 -8.76 -2.17 10.41
N THR A 3 -8.97 -2.61 9.21
CA THR A 3 -8.25 -3.81 8.69
C THR A 3 -7.65 -3.44 7.35
N ALA A 4 -8.48 -3.01 6.46
CA ALA A 4 -7.99 -2.59 5.12
C ALA A 4 -8.73 -1.32 4.68
N TYR A 5 -9.68 -0.90 5.46
CA TYR A 5 -10.45 0.34 5.20
C TYR A 5 -9.51 1.55 5.07
N ASP A 6 -9.91 2.65 5.66
CA ASP A 6 -9.10 3.90 5.66
C ASP A 6 -7.60 3.61 5.54
N VAL A 7 -7.07 2.88 6.48
CA VAL A 7 -5.60 2.59 6.46
C VAL A 7 -5.19 1.97 5.12
N ILE A 8 -4.81 0.71 5.10
CA ILE A 8 -4.38 0.08 3.82
C ILE A 8 -5.58 -0.36 3.00
N LEU A 9 -5.89 0.35 1.95
CA LEU A 9 -7.05 -0.04 1.09
C LEU A 9 -6.62 -1.12 0.08
N ALA A 10 -6.46 -0.76 -1.17
CA ALA A 10 -6.06 -1.77 -2.19
C ALA A 10 -4.61 -1.54 -2.63
N PRO A 11 -3.97 -2.60 -3.02
CA PRO A 11 -2.56 -2.52 -3.48
C PRO A 11 -2.51 -1.90 -4.89
N VAL A 12 -1.33 -1.67 -5.40
CA VAL A 12 -1.22 -1.07 -6.77
C VAL A 12 -0.58 -2.06 -7.74
N LEU A 13 -1.12 -2.17 -8.92
CA LEU A 13 -0.53 -3.12 -9.92
C LEU A 13 0.30 -2.35 -10.95
N SER A 14 1.60 -2.45 -10.89
CA SER A 14 2.45 -1.73 -11.87
C SER A 14 3.86 -2.32 -11.87
N GLU A 15 4.45 -2.47 -13.04
CA GLU A 15 5.83 -3.03 -13.09
C GLU A 15 6.71 -2.41 -12.01
N LYS A 16 6.73 -1.10 -11.93
CA LYS A 16 7.57 -0.44 -10.90
C LYS A 16 7.21 -0.97 -9.50
N ALA A 17 6.07 -1.59 -9.37
CA ALA A 17 5.67 -2.13 -8.04
C ALA A 17 5.85 -3.65 -8.01
N TYR A 18 5.46 -4.33 -9.06
CA TYR A 18 5.62 -5.80 -9.09
C TYR A 18 7.10 -6.16 -9.02
N ALA A 19 7.93 -5.42 -9.69
CA ALA A 19 9.39 -5.73 -9.65
C ALA A 19 9.90 -5.53 -8.21
N GLY A 20 9.10 -4.91 -7.39
CA GLY A 20 9.49 -4.70 -5.97
C GLY A 20 8.66 -5.67 -5.14
N PHE A 21 7.38 -5.71 -5.40
CA PHE A 21 6.51 -6.66 -4.66
C PHE A 21 7.13 -8.05 -4.75
N ALA A 22 7.93 -8.26 -5.77
CA ALA A 22 8.59 -9.58 -5.96
C ALA A 22 9.40 -9.95 -4.72
N GLU A 23 9.92 -8.99 -4.01
CA GLU A 23 10.73 -9.30 -2.80
C GLU A 23 9.84 -9.39 -1.57
N GLY A 24 8.55 -9.54 -1.76
CA GLY A 24 7.64 -9.64 -0.60
C GLY A 24 7.20 -8.25 -0.14
N LYS A 25 7.45 -7.25 -0.94
CA LYS A 25 7.05 -5.86 -0.54
C LYS A 25 5.56 -5.65 -0.88
N TYR A 26 4.86 -4.88 -0.10
CA TYR A 26 3.42 -4.67 -0.39
C TYR A 26 3.05 -3.19 -0.46
N THR A 27 2.98 -2.65 -1.65
CA THR A 27 2.60 -1.23 -1.83
C THR A 27 1.08 -1.11 -1.71
N PHE A 28 0.62 -0.26 -0.85
CA PHE A 28 -0.84 -0.12 -0.66
C PHE A 28 -1.31 1.31 -0.83
N TRP A 29 -2.59 1.51 -0.99
CA TRP A 29 -3.14 2.87 -1.08
C TRP A 29 -3.79 3.11 0.27
N VAL A 30 -3.41 4.12 0.98
CA VAL A 30 -4.00 4.28 2.32
C VAL A 30 -4.21 5.74 2.68
N HIS A 31 -5.10 5.97 3.60
CA HIS A 31 -5.42 7.36 4.03
C HIS A 31 -4.19 8.04 4.64
N PRO A 32 -4.16 9.34 4.53
CA PRO A 32 -3.04 10.13 5.08
C PRO A 32 -3.15 10.19 6.61
N LYS A 33 -2.94 9.09 7.26
CA LYS A 33 -3.05 9.08 8.74
C LYS A 33 -2.75 7.68 9.27
N ALA A 34 -3.09 6.66 8.52
CA ALA A 34 -2.83 5.28 8.98
C ALA A 34 -1.41 5.19 9.56
N THR A 35 -1.28 5.37 10.85
CA THR A 35 0.07 5.31 11.47
C THR A 35 0.88 4.13 10.90
N LYS A 36 2.14 4.34 10.64
CA LYS A 36 2.97 3.22 10.11
C LYS A 36 2.66 1.93 10.87
N THR A 37 2.44 2.04 12.15
CA THR A 37 2.12 0.83 12.95
C THR A 37 0.72 0.34 12.61
N GLU A 38 -0.22 1.24 12.51
CA GLU A 38 -1.62 0.84 12.15
C GLU A 38 -1.61 0.06 10.84
N ILE A 39 -0.83 0.50 9.89
CA ILE A 39 -0.77 -0.23 8.59
C ILE A 39 -0.35 -1.67 8.86
N LYS A 40 0.42 -1.88 9.89
CA LYS A 40 0.86 -3.26 10.23
C LYS A 40 -0.35 -4.08 10.65
N ASN A 41 -1.21 -3.52 11.45
CA ASN A 41 -2.41 -4.25 11.92
C ASN A 41 -3.46 -4.37 10.80
N ALA A 42 -3.69 -3.33 10.05
CA ALA A 42 -4.71 -3.43 8.97
C ALA A 42 -4.35 -4.55 7.98
N VAL A 43 -3.15 -4.54 7.49
CA VAL A 43 -2.74 -5.61 6.53
C VAL A 43 -2.76 -6.98 7.23
N GLU A 44 -2.19 -7.08 8.41
CA GLU A 44 -2.20 -8.38 9.12
C GLU A 44 -3.65 -8.85 9.30
N THR A 45 -4.51 -7.97 9.71
CA THR A 45 -5.93 -8.34 9.89
C THR A 45 -6.63 -8.39 8.52
N ALA A 46 -6.00 -7.88 7.51
CA ALA A 46 -6.62 -7.89 6.15
C ALA A 46 -6.08 -9.08 5.34
N PHE A 47 -4.84 -9.02 4.92
CA PHE A 47 -4.27 -10.13 4.13
C PHE A 47 -4.04 -11.35 5.03
N LYS A 48 -3.91 -11.14 6.31
CA LYS A 48 -3.67 -12.27 7.25
C LYS A 48 -2.28 -12.84 7.03
N VAL A 49 -1.31 -12.00 6.89
CA VAL A 49 0.07 -12.46 6.68
C VAL A 49 0.99 -12.01 7.81
N LYS A 50 2.26 -11.99 7.58
CA LYS A 50 3.21 -11.54 8.64
C LYS A 50 3.97 -10.31 8.16
N VAL A 51 3.63 -9.15 8.65
CA VAL A 51 4.32 -7.92 8.19
C VAL A 51 5.68 -7.80 8.90
N VAL A 52 6.75 -7.78 8.15
CA VAL A 52 8.09 -7.68 8.78
C VAL A 52 8.63 -6.26 8.64
N LYS A 53 7.98 -5.43 7.87
CA LYS A 53 8.43 -4.02 7.72
C LYS A 53 7.43 -3.23 6.85
N VAL A 54 7.03 -2.07 7.30
CA VAL A 54 6.06 -1.28 6.50
C VAL A 54 6.62 0.10 6.18
N ASN A 55 6.63 0.48 4.94
CA ASN A 55 7.14 1.82 4.57
C ASN A 55 6.13 2.51 3.66
N THR A 56 5.55 3.59 4.11
CA THR A 56 4.55 4.28 3.26
C THR A 56 5.06 5.66 2.85
N LEU A 57 4.54 6.21 1.78
CA LEU A 57 4.99 7.55 1.33
C LEU A 57 3.81 8.32 0.71
N HIS A 58 4.01 9.57 0.42
CA HIS A 58 2.91 10.37 -0.19
C HIS A 58 2.90 10.19 -1.70
N VAL A 59 1.76 9.85 -2.26
CA VAL A 59 1.67 9.66 -3.74
C VAL A 59 0.68 10.66 -4.34
N ARG A 60 1.07 11.35 -5.38
CA ARG A 60 0.16 12.33 -6.01
C ARG A 60 -0.19 11.91 -7.43
N GLY A 61 -1.45 11.86 -7.75
CA GLY A 61 -1.86 11.45 -9.13
C GLY A 61 -0.99 12.19 -10.16
N LYS A 62 -0.83 11.62 -11.32
CA LYS A 62 0.00 12.28 -12.37
C LYS A 62 -0.83 13.33 -13.11
N LYS A 63 -2.13 13.19 -13.09
CA LYS A 63 -3.00 14.19 -13.80
C LYS A 63 -2.96 15.53 -13.07
N LYS A 64 -1.80 16.14 -13.00
CA LYS A 64 -1.69 17.46 -12.32
C LYS A 64 -2.85 18.36 -12.72
N ARG A 65 -3.01 19.47 -12.06
CA ARG A 65 -4.12 20.40 -12.41
C ARG A 65 -4.03 20.81 -13.88
N LEU A 66 -2.91 20.59 -14.50
CA LEU A 66 -2.77 20.97 -15.94
C LEU A 66 -3.10 22.45 -16.13
N GLY A 67 -2.11 23.26 -16.39
CA GLY A 67 -2.38 24.71 -16.59
C GLY A 67 -3.31 25.20 -15.49
N ARG A 68 -3.81 26.40 -15.61
CA ARG A 68 -4.74 26.93 -14.57
C ARG A 68 -6.11 26.27 -14.72
N TYR A 69 -6.61 25.72 -13.66
CA TYR A 69 -7.93 25.05 -13.70
C TYR A 69 -8.42 24.78 -12.27
N LEU A 70 -9.63 24.29 -12.12
CA LEU A 70 -10.14 24.01 -10.76
C LEU A 70 -9.81 22.58 -10.37
N GLY A 71 -8.57 22.33 -10.13
CA GLY A 71 -8.12 20.96 -9.74
C GLY A 71 -6.71 21.04 -9.14
N LYS A 72 -6.12 19.92 -8.83
CA LYS A 72 -4.75 19.93 -8.24
C LYS A 72 -4.38 18.52 -7.75
N ARG A 73 -3.27 18.38 -7.09
CA ARG A 73 -2.85 17.05 -6.57
C ARG A 73 -3.18 16.93 -5.08
N PRO A 74 -3.99 15.96 -4.76
CA PRO A 74 -4.38 15.75 -3.34
C PRO A 74 -3.22 15.16 -2.54
N ASP A 75 -3.48 14.66 -1.38
CA ASP A 75 -2.40 14.05 -0.56
C ASP A 75 -2.66 12.56 -0.39
N ARG A 76 -2.16 11.79 -1.30
CA ARG A 76 -2.37 10.31 -1.22
C ARG A 76 -1.16 9.66 -0.52
N LYS A 77 -1.38 8.59 0.20
CA LYS A 77 -0.25 7.92 0.89
C LYS A 77 -0.16 6.45 0.49
N LYS A 78 1.00 6.03 0.06
CA LYS A 78 1.17 4.60 -0.35
C LYS A 78 1.88 3.84 0.78
N ALA A 79 1.64 2.56 0.91
CA ALA A 79 2.30 1.80 2.01
C ALA A 79 3.01 0.56 1.49
N ILE A 80 4.26 0.40 1.85
CA ILE A 80 5.01 -0.80 1.41
C ILE A 80 5.24 -1.72 2.62
N VAL A 81 4.60 -2.85 2.63
CA VAL A 81 4.77 -3.78 3.78
C VAL A 81 5.51 -5.03 3.33
N GLN A 82 6.54 -5.41 4.02
CA GLN A 82 7.27 -6.64 3.62
C GLN A 82 6.88 -7.76 4.55
N VAL A 83 6.92 -8.96 4.09
CA VAL A 83 6.58 -10.07 5.00
C VAL A 83 7.83 -10.89 5.25
N ALA A 84 7.87 -11.57 6.34
CA ALA A 84 9.08 -12.37 6.64
C ALA A 84 9.35 -13.38 5.53
N PRO A 85 10.50 -13.98 5.62
CA PRO A 85 10.92 -14.98 4.62
C PRO A 85 10.27 -16.33 4.89
N GLY A 86 8.97 -16.36 5.00
CA GLY A 86 8.28 -17.65 5.26
C GLY A 86 6.76 -17.49 5.07
N GLN A 87 6.34 -16.51 4.30
CA GLN A 87 4.89 -16.31 4.08
C GLN A 87 4.64 -15.70 2.71
N LYS A 88 3.41 -15.38 2.40
CA LYS A 88 3.09 -14.77 1.08
C LYS A 88 1.59 -14.50 0.99
N ILE A 89 1.20 -13.25 0.93
CA ILE A 89 -0.25 -12.93 0.84
C ILE A 89 -0.85 -13.55 -0.44
N GLU A 90 -1.53 -14.65 -0.30
CA GLU A 90 -2.15 -15.29 -1.50
C GLU A 90 -3.02 -14.27 -2.24
N ALA A 91 -3.55 -13.31 -1.53
CA ALA A 91 -4.41 -12.28 -2.18
C ALA A 91 -3.60 -11.49 -3.19
N LEU A 92 -2.34 -11.31 -2.95
CA LEU A 92 -1.53 -10.53 -3.92
C LEU A 92 -0.58 -11.41 -4.70
N GLU A 93 -0.59 -12.69 -4.47
CA GLU A 93 0.33 -13.54 -5.24
C GLU A 93 -0.37 -14.12 -6.47
N GLY A 94 -1.59 -13.74 -6.69
CA GLY A 94 -2.34 -14.26 -7.88
C GLY A 94 -2.72 -13.08 -8.78
N LEU A 95 -2.69 -11.89 -8.26
CA LEU A 95 -3.05 -10.70 -9.09
C LEU A 95 -2.17 -10.63 -10.34
N ILE A 96 -0.94 -11.07 -10.23
CA ILE A 96 -0.03 -11.03 -11.41
C ILE A 96 -0.62 -11.86 -12.56
N MET A 1 -15.60 4.26 5.79
CA MET A 1 -14.12 4.26 5.57
C MET A 1 -13.61 2.84 5.43
N LYS A 2 -12.35 2.65 5.71
CA LYS A 2 -11.77 1.29 5.63
C LYS A 2 -11.99 0.55 6.95
N THR A 3 -12.80 -0.48 6.94
CA THR A 3 -13.05 -1.27 8.20
C THR A 3 -11.75 -1.31 8.99
N ALA A 4 -10.67 -1.35 8.26
CA ALA A 4 -9.33 -1.33 8.86
C ALA A 4 -9.19 -0.04 9.64
N TYR A 5 -9.96 0.14 10.69
CA TYR A 5 -9.92 1.42 11.46
C TYR A 5 -9.58 2.55 10.49
N ASP A 6 -10.27 2.51 9.37
CA ASP A 6 -10.09 3.48 8.25
C ASP A 6 -8.60 3.66 7.91
N VAL A 7 -7.96 2.62 7.46
CA VAL A 7 -6.52 2.71 7.09
C VAL A 7 -6.29 2.14 5.67
N ILE A 8 -5.52 1.10 5.55
CA ILE A 8 -5.25 0.51 4.21
C ILE A 8 -6.56 -0.02 3.60
N LEU A 9 -6.63 -0.14 2.30
CA LEU A 9 -7.87 -0.64 1.66
C LEU A 9 -7.53 -1.49 0.42
N ALA A 10 -7.28 -0.88 -0.70
CA ALA A 10 -6.96 -1.67 -1.92
C ALA A 10 -5.47 -1.51 -2.28
N PRO A 11 -4.92 -2.58 -2.79
CA PRO A 11 -3.48 -2.58 -3.18
C PRO A 11 -3.28 -1.79 -4.48
N VAL A 12 -2.06 -1.53 -4.85
CA VAL A 12 -1.80 -0.76 -6.10
C VAL A 12 -1.07 -1.65 -7.12
N LEU A 13 -1.47 -1.61 -8.35
CA LEU A 13 -0.79 -2.45 -9.37
C LEU A 13 0.15 -1.59 -10.22
N SER A 14 1.42 -1.77 -10.07
CA SER A 14 2.39 -0.97 -10.87
C SER A 14 3.78 -1.63 -10.80
N GLU A 15 4.54 -1.55 -11.85
CA GLU A 15 5.89 -2.19 -11.83
C GLU A 15 6.59 -1.88 -10.51
N LYS A 16 6.34 -0.73 -9.95
CA LYS A 16 6.99 -0.37 -8.66
C LYS A 16 6.43 -1.23 -7.53
N ALA A 17 5.21 -1.67 -7.67
CA ALA A 17 4.59 -2.53 -6.62
C ALA A 17 4.84 -4.00 -6.94
N TYR A 18 5.79 -4.27 -7.77
CA TYR A 18 6.10 -5.69 -8.13
C TYR A 18 7.60 -5.91 -8.17
N ALA A 19 8.34 -4.99 -8.73
CA ALA A 19 9.82 -5.15 -8.78
C ALA A 19 10.37 -5.15 -7.35
N GLY A 20 9.76 -4.39 -6.49
CA GLY A 20 10.19 -4.34 -5.07
C GLY A 20 9.32 -5.33 -4.31
N PHE A 21 8.10 -5.47 -4.76
CA PHE A 21 7.16 -6.43 -4.12
C PHE A 21 7.59 -7.85 -4.46
N ALA A 22 8.51 -7.98 -5.38
CA ALA A 22 8.99 -9.33 -5.77
C ALA A 22 9.74 -9.99 -4.62
N GLU A 23 9.99 -9.25 -3.57
CA GLU A 23 10.72 -9.82 -2.40
C GLU A 23 9.77 -10.02 -1.22
N GLY A 24 8.53 -9.64 -1.37
CA GLY A 24 7.58 -9.80 -0.25
C GLY A 24 7.04 -8.42 0.15
N LYS A 25 7.41 -7.40 -0.56
CA LYS A 25 6.91 -6.03 -0.23
C LYS A 25 5.54 -5.80 -0.88
N TYR A 26 4.58 -5.29 -0.15
CA TYR A 26 3.25 -5.07 -0.75
C TYR A 26 2.76 -3.63 -0.55
N THR A 27 2.69 -2.89 -1.63
CA THR A 27 2.20 -1.48 -1.55
C THR A 27 0.68 -1.45 -1.48
N PHE A 28 0.15 -0.75 -0.53
CA PHE A 28 -1.33 -0.68 -0.39
C PHE A 28 -1.78 0.78 -0.40
N TRP A 29 -3.04 1.03 -0.59
CA TRP A 29 -3.52 2.43 -0.57
C TRP A 29 -4.03 2.72 0.84
N VAL A 30 -3.51 3.70 1.49
CA VAL A 30 -3.96 3.95 2.87
C VAL A 30 -4.17 5.43 3.13
N HIS A 31 -4.84 5.71 4.20
CA HIS A 31 -5.12 7.13 4.57
C HIS A 31 -3.80 7.87 4.80
N PRO A 32 -3.79 9.12 4.44
CA PRO A 32 -2.58 9.96 4.61
C PRO A 32 -2.36 10.26 6.09
N LYS A 33 -1.98 9.27 6.85
CA LYS A 33 -1.76 9.49 8.30
C LYS A 33 -1.34 8.19 8.97
N ALA A 34 -1.82 7.09 8.48
CA ALA A 34 -1.46 5.78 9.09
C ALA A 34 0.06 5.60 9.12
N THR A 35 0.68 5.91 10.23
CA THR A 35 2.16 5.75 10.31
C THR A 35 2.58 4.40 9.75
N LYS A 36 3.82 4.26 9.37
CA LYS A 36 4.28 2.95 8.81
C LYS A 36 3.82 1.80 9.71
N THR A 37 3.87 1.97 11.00
CA THR A 37 3.43 0.88 11.91
C THR A 37 1.90 0.78 11.95
N GLU A 38 1.22 1.90 11.93
CA GLU A 38 -0.26 1.86 11.95
C GLU A 38 -0.79 1.00 10.81
N ILE A 39 -0.24 1.16 9.64
CA ILE A 39 -0.69 0.35 8.47
C ILE A 39 -0.55 -1.14 8.79
N LYS A 40 0.41 -1.48 9.59
CA LYS A 40 0.64 -2.92 9.96
C LYS A 40 -0.60 -3.55 10.59
N ASN A 41 -1.26 -2.82 11.45
CA ASN A 41 -2.46 -3.38 12.14
C ASN A 41 -3.55 -3.82 11.15
N ALA A 42 -3.91 -2.99 10.22
CA ALA A 42 -4.99 -3.39 9.25
C ALA A 42 -4.50 -4.42 8.24
N VAL A 43 -3.30 -4.30 7.77
CA VAL A 43 -2.80 -5.29 6.78
C VAL A 43 -2.75 -6.69 7.39
N GLU A 44 -2.24 -6.81 8.58
CA GLU A 44 -2.17 -8.16 9.22
C GLU A 44 -3.57 -8.78 9.28
N THR A 45 -4.57 -8.00 9.56
CA THR A 45 -5.95 -8.53 9.61
C THR A 45 -6.51 -8.70 8.20
N ALA A 46 -6.34 -7.71 7.36
CA ALA A 46 -6.85 -7.80 5.97
C ALA A 46 -6.08 -8.85 5.18
N PHE A 47 -4.80 -8.67 5.03
CA PHE A 47 -4.00 -9.66 4.25
C PHE A 47 -3.85 -10.97 5.04
N LYS A 48 -4.02 -10.89 6.33
CA LYS A 48 -3.90 -12.11 7.18
C LYS A 48 -2.55 -12.77 6.97
N VAL A 49 -1.52 -11.98 6.89
CA VAL A 49 -0.16 -12.55 6.70
C VAL A 49 0.74 -12.11 7.85
N LYS A 50 2.02 -12.27 7.67
CA LYS A 50 2.96 -11.84 8.75
C LYS A 50 3.69 -10.57 8.31
N VAL A 51 3.41 -9.47 8.96
CA VAL A 51 4.08 -8.21 8.57
C VAL A 51 5.51 -8.19 9.10
N VAL A 52 6.44 -7.80 8.30
CA VAL A 52 7.87 -7.79 8.73
C VAL A 52 8.51 -6.42 8.47
N LYS A 53 7.79 -5.54 7.83
CA LYS A 53 8.33 -4.19 7.55
C LYS A 53 7.38 -3.46 6.58
N VAL A 54 6.95 -2.28 6.95
CA VAL A 54 6.01 -1.53 6.07
C VAL A 54 6.66 -0.24 5.57
N ASN A 55 6.56 0.03 4.30
CA ASN A 55 7.15 1.29 3.77
C ASN A 55 6.11 1.98 2.88
N THR A 56 5.69 3.15 3.27
CA THR A 56 4.67 3.87 2.46
C THR A 56 5.24 5.18 1.91
N LEU A 57 4.78 5.60 0.77
CA LEU A 57 5.29 6.87 0.17
C LEU A 57 4.12 7.76 -0.24
N HIS A 58 4.23 9.04 -0.08
CA HIS A 58 3.11 9.95 -0.47
C HIS A 58 2.98 10.00 -1.99
N VAL A 59 1.91 9.47 -2.52
CA VAL A 59 1.72 9.48 -4.00
C VAL A 59 0.53 10.37 -4.37
N ARG A 60 0.74 11.32 -5.25
CA ARG A 60 -0.38 12.21 -5.64
C ARG A 60 -0.56 12.21 -7.16
N GLY A 61 -1.74 12.52 -7.63
CA GLY A 61 -1.98 12.52 -9.10
C GLY A 61 -0.80 13.17 -9.82
N LYS A 62 -0.13 12.44 -10.68
CA LYS A 62 1.03 13.02 -11.40
C LYS A 62 0.61 13.48 -12.81
N LYS A 63 -0.47 12.94 -13.31
CA LYS A 63 -0.94 13.35 -14.66
C LYS A 63 -1.31 14.83 -14.67
N LYS A 64 -0.88 15.56 -15.68
CA LYS A 64 -1.21 17.01 -15.74
C LYS A 64 -0.49 17.76 -14.61
N ARG A 65 0.77 18.05 -14.77
CA ARG A 65 1.52 18.78 -13.71
C ARG A 65 2.55 19.71 -14.34
N LEU A 66 3.17 19.31 -15.42
CA LEU A 66 4.18 20.17 -16.08
C LEU A 66 3.75 21.64 -16.04
N GLY A 67 4.69 22.53 -15.88
CA GLY A 67 4.36 23.98 -15.84
C GLY A 67 3.64 24.31 -14.52
N ARG A 68 3.27 25.55 -14.33
CA ARG A 68 2.58 25.93 -13.07
C ARG A 68 1.44 24.95 -12.76
N TYR A 69 0.75 25.15 -11.67
CA TYR A 69 -0.37 24.23 -11.31
C TYR A 69 -1.28 24.01 -12.52
N LEU A 70 -1.62 22.79 -12.80
CA LEU A 70 -2.51 22.50 -13.97
C LEU A 70 -3.19 21.15 -13.79
N GLY A 71 -3.60 20.86 -12.59
CA GLY A 71 -4.28 19.56 -12.32
C GLY A 71 -4.71 19.51 -10.86
N LYS A 72 -4.20 18.58 -10.10
CA LYS A 72 -4.59 18.48 -8.67
C LYS A 72 -3.55 17.68 -7.89
N ARG A 73 -3.53 17.81 -6.59
CA ARG A 73 -2.55 17.05 -5.78
C ARG A 73 -3.10 16.80 -4.37
N PRO A 74 -3.91 15.78 -4.28
CA PRO A 74 -4.52 15.41 -2.97
C PRO A 74 -3.48 14.75 -2.06
N ASP A 75 -3.93 14.10 -1.02
CA ASP A 75 -2.99 13.42 -0.10
C ASP A 75 -3.22 11.92 -0.17
N ARG A 76 -2.53 11.26 -1.06
CA ARG A 76 -2.69 9.80 -1.21
C ARG A 76 -1.33 9.10 -1.02
N LYS A 77 -1.24 8.21 -0.08
CA LYS A 77 0.05 7.51 0.16
C LYS A 77 -0.13 5.99 0.06
N LYS A 78 0.82 5.30 -0.50
CA LYS A 78 0.70 3.82 -0.64
C LYS A 78 1.53 3.14 0.46
N ALA A 79 1.15 1.96 0.89
CA ALA A 79 1.94 1.29 1.97
C ALA A 79 2.58 -0.01 1.48
N ILE A 80 3.88 -0.08 1.52
CA ILE A 80 4.57 -1.33 1.10
C ILE A 80 4.84 -2.20 2.32
N VAL A 81 4.18 -3.31 2.43
CA VAL A 81 4.40 -4.20 3.61
C VAL A 81 5.28 -5.38 3.23
N GLN A 82 6.15 -5.79 4.11
CA GLN A 82 7.02 -6.95 3.80
C GLN A 82 6.71 -8.07 4.76
N VAL A 83 6.89 -9.29 4.35
CA VAL A 83 6.61 -10.39 5.28
C VAL A 83 7.84 -11.28 5.42
N ALA A 84 7.93 -11.97 6.51
CA ALA A 84 9.09 -12.86 6.74
C ALA A 84 9.35 -13.74 5.51
N PRO A 85 10.38 -14.52 5.62
CA PRO A 85 10.78 -15.43 4.51
C PRO A 85 9.81 -16.61 4.42
N GLY A 86 9.50 -17.05 3.23
CA GLY A 86 8.56 -18.19 3.08
C GLY A 86 7.14 -17.67 2.86
N GLN A 87 6.76 -16.65 3.57
CA GLN A 87 5.38 -16.10 3.40
C GLN A 87 5.25 -15.41 2.05
N LYS A 88 4.08 -14.92 1.73
CA LYS A 88 3.88 -14.25 0.42
C LYS A 88 2.42 -13.82 0.27
N ILE A 89 2.14 -12.56 0.45
CA ILE A 89 0.73 -12.09 0.30
C ILE A 89 0.21 -12.46 -1.09
N GLU A 90 -0.33 -13.65 -1.23
CA GLU A 90 -0.85 -14.10 -2.56
C GLU A 90 -1.92 -13.14 -3.08
N ALA A 91 -2.42 -12.27 -2.24
CA ALA A 91 -3.48 -11.32 -2.70
C ALA A 91 -3.02 -10.55 -3.95
N LEU A 92 -1.76 -10.26 -4.06
CA LEU A 92 -1.27 -9.51 -5.25
C LEU A 92 -0.51 -10.46 -6.18
N GLU A 93 0.00 -11.53 -5.65
CA GLU A 93 0.77 -12.49 -6.49
C GLU A 93 -0.06 -12.90 -7.72
N GLY A 94 -1.35 -13.00 -7.57
CA GLY A 94 -2.21 -13.40 -8.72
C GLY A 94 -2.84 -12.15 -9.35
N LEU A 95 -2.47 -10.99 -8.90
CA LEU A 95 -3.05 -9.74 -9.48
C LEU A 95 -2.43 -9.46 -10.85
N ILE A 96 -1.24 -9.93 -11.08
CA ILE A 96 -0.57 -9.68 -12.39
C ILE A 96 -1.48 -10.16 -13.54
N MET A 1 -15.59 3.61 5.65
CA MET A 1 -14.19 3.92 5.26
C MET A 1 -13.44 2.66 4.88
N LYS A 2 -12.16 2.67 5.06
CA LYS A 2 -11.35 1.47 4.74
C LYS A 2 -11.55 0.44 5.85
N THR A 3 -12.26 -0.63 5.57
CA THR A 3 -12.50 -1.70 6.59
C THR A 3 -11.31 -1.74 7.54
N ALA A 4 -10.14 -1.54 6.99
CA ALA A 4 -8.91 -1.47 7.81
C ALA A 4 -9.03 -0.26 8.73
N TYR A 5 -9.92 -0.29 9.69
CA TYR A 5 -10.13 0.90 10.59
C TYR A 5 -9.81 2.17 9.80
N ASP A 6 -10.18 2.16 8.54
CA ASP A 6 -9.92 3.30 7.63
C ASP A 6 -8.41 3.52 7.41
N VAL A 7 -7.72 2.49 6.97
CA VAL A 7 -6.25 2.61 6.72
C VAL A 7 -5.92 2.12 5.30
N ILE A 8 -5.07 1.12 5.20
CA ILE A 8 -4.69 0.59 3.86
C ILE A 8 -5.94 0.16 3.09
N LEU A 9 -5.92 0.28 1.79
CA LEU A 9 -7.10 -0.10 0.98
C LEU A 9 -6.75 -1.24 0.01
N ALA A 10 -6.53 -0.93 -1.24
CA ALA A 10 -6.19 -1.99 -2.22
C ALA A 10 -4.71 -1.89 -2.65
N PRO A 11 -4.23 -2.97 -3.20
CA PRO A 11 -2.83 -3.03 -3.67
C PRO A 11 -2.68 -2.27 -4.99
N VAL A 12 -1.49 -1.84 -5.31
CA VAL A 12 -1.28 -1.10 -6.59
C VAL A 12 -0.71 -2.03 -7.66
N LEU A 13 -1.17 -1.91 -8.88
CA LEU A 13 -0.64 -2.78 -9.96
C LEU A 13 0.36 -2.01 -10.82
N SER A 14 1.61 -2.38 -10.78
CA SER A 14 2.62 -1.68 -11.61
C SER A 14 3.93 -2.48 -11.65
N GLU A 15 4.52 -2.61 -12.81
CA GLU A 15 5.78 -3.40 -12.91
C GLU A 15 6.71 -3.03 -11.75
N LYS A 16 6.88 -1.77 -11.47
CA LYS A 16 7.77 -1.36 -10.35
C LYS A 16 7.33 -2.04 -9.05
N ALA A 17 6.05 -2.22 -8.87
CA ALA A 17 5.56 -2.87 -7.62
C ALA A 17 5.71 -4.39 -7.74
N TYR A 18 5.01 -4.99 -8.65
CA TYR A 18 5.10 -6.47 -8.82
C TYR A 18 6.56 -6.93 -8.70
N ALA A 19 7.49 -6.07 -9.03
CA ALA A 19 8.92 -6.45 -8.94
C ALA A 19 9.45 -6.15 -7.53
N GLY A 20 8.98 -5.09 -6.92
CA GLY A 20 9.42 -4.75 -5.55
C GLY A 20 8.59 -5.57 -4.57
N PHE A 21 7.33 -5.72 -4.87
CA PHE A 21 6.44 -6.52 -3.99
C PHE A 21 6.74 -8.00 -4.21
N ALA A 22 7.43 -8.31 -5.26
CA ALA A 22 7.76 -9.74 -5.55
C ALA A 22 8.67 -10.29 -4.45
N GLU A 23 9.27 -9.42 -3.68
CA GLU A 23 10.17 -9.88 -2.59
C GLU A 23 9.40 -9.98 -1.28
N GLY A 24 8.15 -9.61 -1.28
CA GLY A 24 7.35 -9.67 -0.04
C GLY A 24 6.90 -8.26 0.34
N LYS A 25 7.25 -7.28 -0.45
CA LYS A 25 6.83 -5.88 -0.14
C LYS A 25 5.40 -5.65 -0.63
N TYR A 26 4.59 -4.94 0.13
CA TYR A 26 3.19 -4.73 -0.32
C TYR A 26 2.81 -3.25 -0.31
N THR A 27 2.74 -2.67 -1.48
CA THR A 27 2.37 -1.24 -1.60
C THR A 27 0.85 -1.11 -1.50
N PHE A 28 0.39 -0.11 -0.83
CA PHE A 28 -1.08 0.06 -0.67
C PHE A 28 -1.46 1.54 -0.79
N TRP A 29 -2.71 1.82 -0.97
CA TRP A 29 -3.16 3.23 -1.04
C TRP A 29 -3.85 3.51 0.30
N VAL A 30 -3.38 4.46 1.04
CA VAL A 30 -4.00 4.68 2.36
C VAL A 30 -4.06 6.17 2.71
N HIS A 31 -4.83 6.49 3.70
CA HIS A 31 -4.97 7.91 4.12
C HIS A 31 -3.61 8.49 4.54
N PRO A 32 -3.47 9.78 4.34
CA PRO A 32 -2.21 10.47 4.69
C PRO A 32 -2.13 10.63 6.21
N LYS A 33 -1.90 9.57 6.91
CA LYS A 33 -1.83 9.66 8.39
C LYS A 33 -1.57 8.27 8.99
N ALA A 34 -2.10 7.25 8.38
CA ALA A 34 -1.90 5.87 8.91
C ALA A 34 -0.41 5.64 9.23
N THR A 35 -0.03 5.84 10.47
CA THR A 35 1.41 5.64 10.83
C THR A 35 1.94 4.35 10.19
N LYS A 36 3.23 4.17 10.20
CA LYS A 36 3.81 2.94 9.59
C LYS A 36 3.34 1.69 10.35
N THR A 37 3.60 1.62 11.63
CA THR A 37 3.17 0.44 12.41
C THR A 37 1.65 0.27 12.34
N GLU A 38 0.93 1.36 12.37
CA GLU A 38 -0.55 1.26 12.30
C GLU A 38 -0.96 0.50 11.03
N ILE A 39 -0.36 0.84 9.92
CA ILE A 39 -0.69 0.15 8.64
C ILE A 39 -0.45 -1.36 8.79
N LYS A 40 0.49 -1.74 9.62
CA LYS A 40 0.79 -3.18 9.82
C LYS A 40 -0.43 -3.98 10.28
N ASN A 41 -1.13 -3.47 11.25
CA ASN A 41 -2.31 -4.20 11.79
C ASN A 41 -3.38 -4.47 10.72
N ALA A 42 -3.73 -3.50 9.92
CA ALA A 42 -4.79 -3.71 8.89
C ALA A 42 -4.43 -4.85 7.94
N VAL A 43 -3.24 -4.88 7.39
CA VAL A 43 -2.90 -5.99 6.46
C VAL A 43 -2.65 -7.29 7.23
N GLU A 44 -2.20 -7.19 8.44
CA GLU A 44 -1.96 -8.44 9.23
C GLU A 44 -3.25 -9.25 9.28
N THR A 45 -4.32 -8.65 9.71
CA THR A 45 -5.62 -9.36 9.77
C THR A 45 -6.26 -9.42 8.38
N ALA A 46 -6.26 -8.31 7.69
CA ALA A 46 -6.87 -8.28 6.33
C ALA A 46 -6.19 -9.30 5.41
N PHE A 47 -4.94 -9.11 5.11
CA PHE A 47 -4.23 -10.08 4.22
C PHE A 47 -4.01 -11.41 4.96
N LYS A 48 -4.07 -11.38 6.26
CA LYS A 48 -3.87 -12.62 7.05
C LYS A 48 -2.42 -13.10 6.95
N VAL A 49 -1.50 -12.20 7.11
CA VAL A 49 -0.07 -12.58 7.02
C VAL A 49 0.71 -11.96 8.18
N LYS A 50 2.02 -11.95 8.07
CA LYS A 50 2.85 -11.35 9.14
C LYS A 50 3.66 -10.18 8.59
N VAL A 51 3.34 -8.98 8.98
CA VAL A 51 4.10 -7.81 8.47
C VAL A 51 5.44 -7.67 9.20
N VAL A 52 6.49 -7.41 8.47
CA VAL A 52 7.82 -7.27 9.13
C VAL A 52 8.37 -5.87 8.90
N LYS A 53 7.71 -5.09 8.09
CA LYS A 53 8.18 -3.70 7.83
C LYS A 53 7.20 -2.97 6.92
N VAL A 54 6.80 -1.77 7.26
CA VAL A 54 5.84 -1.04 6.39
C VAL A 54 6.44 0.32 5.99
N ASN A 55 6.61 0.54 4.73
CA ASN A 55 7.15 1.86 4.27
C ASN A 55 6.11 2.57 3.43
N THR A 56 5.62 3.68 3.88
CA THR A 56 4.59 4.41 3.09
C THR A 56 5.21 5.70 2.51
N LEU A 57 4.78 6.08 1.33
CA LEU A 57 5.35 7.31 0.70
C LEU A 57 4.25 8.30 0.35
N HIS A 58 4.61 9.55 0.16
CA HIS A 58 3.59 10.56 -0.21
C HIS A 58 3.17 10.35 -1.67
N VAL A 59 1.93 10.00 -1.88
CA VAL A 59 1.46 9.76 -3.29
C VAL A 59 0.59 10.92 -3.75
N ARG A 60 0.74 11.34 -4.99
CA ARG A 60 -0.08 12.47 -5.50
C ARG A 60 -0.54 12.17 -6.92
N GLY A 61 -1.79 12.42 -7.22
CA GLY A 61 -2.31 12.16 -8.59
C GLY A 61 -1.44 12.91 -9.60
N LYS A 62 -1.86 12.93 -10.85
CA LYS A 62 -1.07 13.66 -11.89
C LYS A 62 -0.57 14.99 -11.35
N LYS A 63 0.38 15.60 -12.01
CA LYS A 63 0.90 16.91 -11.53
C LYS A 63 -0.08 18.03 -11.87
N LYS A 64 0.42 19.18 -12.24
CA LYS A 64 -0.49 20.32 -12.57
C LYS A 64 -1.51 20.53 -11.45
N ARG A 65 -1.16 21.31 -10.46
CA ARG A 65 -2.11 21.56 -9.34
C ARG A 65 -3.01 22.75 -9.66
N LEU A 66 -2.74 23.44 -10.73
CA LEU A 66 -3.57 24.62 -11.10
C LEU A 66 -5.06 24.31 -10.89
N GLY A 67 -5.59 24.65 -9.75
CA GLY A 67 -7.02 24.37 -9.48
C GLY A 67 -7.90 25.22 -10.40
N ARG A 68 -7.74 25.09 -11.69
CA ARG A 68 -8.58 25.90 -12.63
C ARG A 68 -9.43 24.97 -13.47
N TYR A 69 -9.53 23.77 -13.03
CA TYR A 69 -10.34 22.75 -13.77
C TYR A 69 -10.80 21.65 -12.82
N LEU A 70 -11.42 22.01 -11.73
CA LEU A 70 -11.89 20.99 -10.75
C LEU A 70 -10.85 19.89 -10.58
N GLY A 71 -9.62 20.28 -10.51
CA GLY A 71 -8.53 19.29 -10.35
C GLY A 71 -7.99 19.35 -8.92
N LYS A 72 -6.79 19.81 -8.74
CA LYS A 72 -6.20 19.90 -7.37
C LYS A 72 -6.07 18.50 -6.76
N ARG A 73 -5.16 17.71 -7.26
CA ARG A 73 -4.98 16.33 -6.71
C ARG A 73 -4.98 16.37 -5.19
N PRO A 74 -5.65 15.42 -4.60
CA PRO A 74 -5.73 15.33 -3.12
C PRO A 74 -4.40 14.85 -2.54
N ASP A 75 -4.40 14.50 -1.29
CA ASP A 75 -3.15 14.01 -0.65
C ASP A 75 -3.33 12.54 -0.25
N ARG A 76 -3.01 11.65 -1.13
CA ARG A 76 -3.14 10.20 -0.81
C ARG A 76 -1.81 9.66 -0.31
N LYS A 77 -1.83 8.63 0.50
CA LYS A 77 -0.56 8.05 1.02
C LYS A 77 -0.44 6.58 0.62
N LYS A 78 0.72 6.16 0.21
CA LYS A 78 0.88 4.73 -0.19
C LYS A 78 1.65 3.96 0.89
N ALA A 79 1.40 2.68 1.04
CA ALA A 79 2.13 1.91 2.10
C ALA A 79 2.77 0.64 1.56
N ILE A 80 4.04 0.45 1.83
CA ILE A 80 4.72 -0.78 1.38
C ILE A 80 5.00 -1.67 2.58
N VAL A 81 4.34 -2.79 2.67
CA VAL A 81 4.55 -3.68 3.84
C VAL A 81 5.33 -4.93 3.45
N GLN A 82 6.26 -5.34 4.27
CA GLN A 82 7.03 -6.58 3.96
C GLN A 82 6.65 -7.64 4.96
N VAL A 83 6.78 -8.88 4.61
CA VAL A 83 6.46 -9.92 5.61
C VAL A 83 7.73 -10.70 5.90
N ALA A 84 7.78 -11.30 7.04
CA ALA A 84 8.98 -12.08 7.38
C ALA A 84 9.25 -13.14 6.32
N PRO A 85 10.29 -13.89 6.53
CA PRO A 85 10.67 -14.96 5.58
C PRO A 85 9.68 -16.12 5.66
N GLY A 86 9.33 -16.69 4.54
CA GLY A 86 8.37 -17.83 4.55
C GLY A 86 6.95 -17.29 4.33
N GLN A 87 6.72 -16.04 4.63
CA GLN A 87 5.36 -15.47 4.45
C GLN A 87 5.19 -14.93 3.03
N LYS A 88 3.98 -14.62 2.65
CA LYS A 88 3.75 -14.08 1.27
C LYS A 88 2.26 -13.80 1.05
N ILE A 89 1.89 -12.56 0.85
CA ILE A 89 0.46 -12.24 0.61
C ILE A 89 0.10 -12.58 -0.84
N GLU A 90 -0.06 -13.84 -1.13
CA GLU A 90 -0.41 -14.27 -2.52
C GLU A 90 -1.68 -13.57 -3.02
N ALA A 91 -2.42 -12.95 -2.15
CA ALA A 91 -3.68 -12.29 -2.59
C ALA A 91 -3.40 -11.32 -3.76
N LEU A 92 -2.18 -10.89 -3.93
CA LEU A 92 -1.86 -9.97 -5.05
C LEU A 92 -1.09 -10.72 -6.13
N GLU A 93 -0.45 -11.80 -5.78
CA GLU A 93 0.33 -12.57 -6.78
C GLU A 93 -0.57 -12.96 -7.96
N GLY A 94 -1.82 -13.24 -7.70
CA GLY A 94 -2.74 -13.63 -8.82
C GLY A 94 -3.41 -12.38 -9.38
N LEU A 95 -3.18 -11.24 -8.78
CA LEU A 95 -3.82 -9.99 -9.29
C LEU A 95 -3.21 -9.61 -10.65
N ILE A 96 -2.22 -10.32 -11.08
CA ILE A 96 -1.59 -9.99 -12.39
C ILE A 96 -2.48 -10.48 -13.54
N MET A 1 -15.14 3.95 5.93
CA MET A 1 -13.68 4.05 6.21
C MET A 1 -12.90 3.05 5.39
N LYS A 2 -11.73 3.42 4.92
CA LYS A 2 -10.90 2.44 4.16
C LYS A 2 -10.94 1.12 4.92
N THR A 3 -11.78 0.21 4.50
CA THR A 3 -11.93 -1.13 5.18
C THR A 3 -11.08 -1.21 6.45
N ALA A 4 -9.79 -1.29 6.28
CA ALA A 4 -8.88 -1.31 7.46
C ALA A 4 -9.14 -0.06 8.30
N TYR A 5 -10.17 -0.08 9.09
CA TYR A 5 -10.53 1.11 9.94
C TYR A 5 -9.99 2.39 9.30
N ASP A 6 -10.24 2.54 8.02
CA ASP A 6 -9.75 3.73 7.25
C ASP A 6 -8.23 3.78 7.19
N VAL A 7 -7.63 2.72 6.72
CA VAL A 7 -6.14 2.68 6.60
C VAL A 7 -5.76 2.03 5.27
N ILE A 8 -5.19 0.85 5.29
CA ILE A 8 -4.79 0.17 4.03
C ILE A 8 -6.03 -0.35 3.29
N LEU A 9 -5.93 -0.57 2.01
CA LEU A 9 -7.09 -1.07 1.24
C LEU A 9 -6.65 -2.11 0.20
N ALA A 10 -6.50 -1.71 -1.03
CA ALA A 10 -6.06 -2.68 -2.08
C ALA A 10 -4.62 -2.38 -2.51
N PRO A 11 -3.98 -3.40 -3.02
CA PRO A 11 -2.58 -3.26 -3.50
C PRO A 11 -2.54 -2.48 -4.82
N VAL A 12 -1.45 -1.83 -5.10
CA VAL A 12 -1.36 -1.05 -6.37
C VAL A 12 -0.76 -1.91 -7.47
N LEU A 13 -1.26 -1.79 -8.67
CA LEU A 13 -0.70 -2.61 -9.79
C LEU A 13 0.22 -1.75 -10.67
N SER A 14 1.50 -1.96 -10.59
CA SER A 14 2.43 -1.16 -11.43
C SER A 14 3.79 -1.86 -11.51
N GLU A 15 4.44 -1.79 -12.64
CA GLU A 15 5.76 -2.46 -12.79
C GLU A 15 6.61 -2.20 -11.54
N LYS A 16 6.74 -0.97 -11.14
CA LYS A 16 7.56 -0.65 -9.95
C LYS A 16 7.06 -1.47 -8.74
N ALA A 17 5.77 -1.57 -8.57
CA ALA A 17 5.23 -2.34 -7.42
C ALA A 17 5.47 -3.84 -7.64
N TYR A 18 4.85 -4.41 -8.63
CA TYR A 18 5.02 -5.86 -8.90
C TYR A 18 6.49 -6.25 -8.75
N ALA A 19 7.38 -5.32 -8.98
CA ALA A 19 8.83 -5.64 -8.83
C ALA A 19 9.28 -5.35 -7.40
N GLY A 20 8.73 -4.34 -6.79
CA GLY A 20 9.11 -4.00 -5.39
C GLY A 20 8.38 -4.95 -4.46
N PHE A 21 7.12 -5.17 -4.71
CA PHE A 21 6.35 -6.12 -3.85
C PHE A 21 6.87 -7.53 -4.10
N ALA A 22 7.48 -7.75 -5.22
CA ALA A 22 8.02 -9.09 -5.56
C ALA A 22 8.90 -9.61 -4.43
N GLU A 23 9.38 -8.74 -3.58
CA GLU A 23 10.26 -9.19 -2.47
C GLU A 23 9.44 -9.41 -1.19
N GLY A 24 8.14 -9.49 -1.31
CA GLY A 24 7.30 -9.69 -0.12
C GLY A 24 6.75 -8.35 0.36
N LYS A 25 7.07 -7.29 -0.33
CA LYS A 25 6.57 -5.94 0.08
C LYS A 25 5.15 -5.74 -0.47
N TYR A 26 4.29 -5.09 0.26
CA TYR A 26 2.90 -4.90 -0.24
C TYR A 26 2.47 -3.43 -0.20
N THR A 27 2.46 -2.79 -1.34
CA THR A 27 2.04 -1.37 -1.43
C THR A 27 0.52 -1.30 -1.33
N PHE A 28 0.03 -0.31 -0.65
CA PHE A 28 -1.45 -0.18 -0.49
C PHE A 28 -1.88 1.26 -0.66
N TRP A 29 -3.14 1.49 -0.84
CA TRP A 29 -3.64 2.88 -0.94
C TRP A 29 -4.25 3.22 0.40
N VAL A 30 -3.76 4.22 1.06
CA VAL A 30 -4.31 4.49 2.41
C VAL A 30 -4.17 5.98 2.77
N HIS A 31 -4.87 6.39 3.78
CA HIS A 31 -4.81 7.82 4.20
C HIS A 31 -3.45 8.15 4.83
N PRO A 32 -3.26 9.41 5.08
CA PRO A 32 -1.99 9.89 5.69
C PRO A 32 -1.97 9.54 7.18
N LYS A 33 -2.91 10.04 7.88
CA LYS A 33 -3.02 9.78 9.33
C LYS A 33 -2.63 8.33 9.68
N ALA A 34 -2.77 7.42 8.75
CA ALA A 34 -2.41 6.01 9.04
C ALA A 34 -0.91 5.91 9.35
N THR A 35 -0.54 6.03 10.59
CA THR A 35 0.91 5.94 10.95
C THR A 35 1.53 4.70 10.31
N LYS A 36 2.84 4.66 10.23
CA LYS A 36 3.51 3.48 9.62
C LYS A 36 3.12 2.20 10.37
N THR A 37 3.33 2.16 11.65
CA THR A 37 2.96 0.94 12.42
C THR A 37 1.45 0.68 12.31
N GLU A 38 0.66 1.71 12.25
CA GLU A 38 -0.81 1.51 12.13
C GLU A 38 -1.12 0.63 10.92
N ILE A 39 -0.46 0.88 9.82
CA ILE A 39 -0.70 0.06 8.60
C ILE A 39 -0.43 -1.41 8.93
N LYS A 40 0.48 -1.66 9.83
CA LYS A 40 0.81 -3.06 10.20
C LYS A 40 -0.42 -3.75 10.81
N ASN A 41 -1.09 -3.09 11.71
CA ASN A 41 -2.29 -3.70 12.36
C ASN A 41 -3.38 -4.08 11.35
N ALA A 42 -3.74 -3.19 10.46
CA ALA A 42 -4.81 -3.51 9.48
C ALA A 42 -4.38 -4.62 8.51
N VAL A 43 -3.21 -4.52 7.96
CA VAL A 43 -2.76 -5.58 7.00
C VAL A 43 -2.62 -6.93 7.72
N GLU A 44 -2.12 -6.94 8.93
CA GLU A 44 -1.97 -8.22 9.67
C GLU A 44 -3.32 -8.92 9.75
N THR A 45 -4.35 -8.20 10.12
CA THR A 45 -5.70 -8.82 10.21
C THR A 45 -6.32 -8.92 8.81
N ALA A 46 -6.22 -7.87 8.04
CA ALA A 46 -6.81 -7.89 6.67
C ALA A 46 -6.20 -9.02 5.84
N PHE A 47 -4.95 -8.91 5.49
CA PHE A 47 -4.31 -9.99 4.67
C PHE A 47 -4.11 -11.24 5.51
N LYS A 48 -4.06 -11.09 6.81
CA LYS A 48 -3.86 -12.26 7.71
C LYS A 48 -2.47 -12.86 7.47
N VAL A 49 -1.50 -12.01 7.29
CA VAL A 49 -0.12 -12.51 7.05
C VAL A 49 0.81 -12.04 8.18
N LYS A 50 2.09 -12.07 7.94
CA LYS A 50 3.05 -11.62 8.98
C LYS A 50 3.84 -10.43 8.44
N VAL A 51 3.52 -9.25 8.89
CA VAL A 51 4.26 -8.05 8.39
C VAL A 51 5.61 -7.91 9.09
N VAL A 52 6.67 -7.93 8.33
CA VAL A 52 8.02 -7.78 8.94
C VAL A 52 8.55 -6.36 8.71
N LYS A 53 7.78 -5.55 8.03
CA LYS A 53 8.23 -4.14 7.78
C LYS A 53 7.16 -3.39 6.98
N VAL A 54 7.03 -2.11 7.21
CA VAL A 54 6.01 -1.33 6.45
C VAL A 54 6.63 -0.01 5.95
N ASN A 55 6.60 0.20 4.66
CA ASN A 55 7.17 1.45 4.12
C ASN A 55 6.07 2.19 3.33
N THR A 56 5.69 3.34 3.79
CA THR A 56 4.62 4.10 3.07
C THR A 56 5.14 5.46 2.61
N LEU A 57 4.75 5.87 1.44
CA LEU A 57 5.21 7.18 0.90
C LEU A 57 4.12 7.77 0.00
N HIS A 58 4.02 9.07 -0.07
CA HIS A 58 2.96 9.64 -0.95
C HIS A 58 3.47 9.76 -2.38
N VAL A 59 2.61 9.51 -3.30
CA VAL A 59 3.00 9.61 -4.73
C VAL A 59 2.50 10.94 -5.29
N ARG A 60 3.29 11.59 -6.10
CA ARG A 60 2.84 12.89 -6.67
C ARG A 60 2.70 13.93 -5.56
N GLY A 61 2.06 15.03 -5.84
CA GLY A 61 1.88 16.09 -4.82
C GLY A 61 3.19 16.33 -4.06
N LYS A 62 3.95 17.31 -4.47
CA LYS A 62 5.24 17.59 -3.78
C LYS A 62 5.22 19.01 -3.20
N LYS A 63 5.05 19.99 -4.05
CA LYS A 63 5.02 21.40 -3.56
C LYS A 63 4.24 22.28 -4.54
N LYS A 64 3.46 23.20 -4.02
CA LYS A 64 2.66 24.08 -4.92
C LYS A 64 1.76 23.25 -5.83
N ARG A 65 1.40 22.06 -5.41
CA ARG A 65 0.53 21.20 -6.26
C ARG A 65 -0.90 21.24 -5.73
N LEU A 66 -1.08 21.04 -4.45
CA LEU A 66 -2.45 21.05 -3.88
C LEU A 66 -3.26 19.89 -4.47
N GLY A 67 -4.54 19.88 -4.28
CA GLY A 67 -5.38 18.80 -4.83
C GLY A 67 -6.84 19.22 -4.82
N ARG A 68 -7.12 20.43 -5.24
CA ARG A 68 -8.53 20.91 -5.27
C ARG A 68 -8.82 21.51 -6.64
N TYR A 69 -8.04 21.13 -7.57
CA TYR A 69 -8.20 21.64 -8.97
C TYR A 69 -7.57 20.66 -9.96
N LEU A 70 -7.76 20.89 -11.23
CA LEU A 70 -7.17 19.97 -12.26
C LEU A 70 -5.73 20.37 -12.56
N GLY A 71 -4.98 20.68 -11.55
CA GLY A 71 -3.56 21.09 -11.77
C GLY A 71 -2.64 19.91 -11.47
N LYS A 72 -1.73 20.07 -10.55
CA LYS A 72 -0.80 18.95 -10.22
C LYS A 72 -1.56 17.83 -9.49
N ARG A 73 -0.87 16.83 -9.04
CA ARG A 73 -1.55 15.72 -8.31
C ARG A 73 -1.55 15.97 -6.81
N PRO A 74 -2.52 15.39 -6.15
CA PRO A 74 -2.65 15.55 -4.68
C PRO A 74 -1.58 14.75 -3.95
N ASP A 75 -1.75 14.54 -2.67
CA ASP A 75 -0.77 13.77 -1.89
C ASP A 75 -1.41 12.47 -1.41
N ARG A 76 -1.30 11.44 -2.18
CA ARG A 76 -1.91 10.13 -1.78
C ARG A 76 -0.85 9.29 -1.05
N LYS A 77 -1.16 8.78 0.10
CA LYS A 77 -0.16 7.96 0.86
C LYS A 77 -0.38 6.46 0.61
N LYS A 78 0.65 5.76 0.23
CA LYS A 78 0.52 4.30 0.00
C LYS A 78 1.44 3.53 0.96
N ALA A 79 1.09 2.33 1.32
CA ALA A 79 1.95 1.57 2.28
C ALA A 79 2.52 0.29 1.69
N ILE A 80 3.81 0.13 1.81
CA ILE A 80 4.46 -1.11 1.32
C ILE A 80 4.87 -1.95 2.53
N VAL A 81 4.23 -3.06 2.73
CA VAL A 81 4.56 -3.91 3.90
C VAL A 81 5.32 -5.17 3.47
N GLN A 82 6.31 -5.55 4.21
CA GLN A 82 7.07 -6.78 3.86
C GLN A 82 6.69 -7.88 4.82
N VAL A 83 6.79 -9.10 4.42
CA VAL A 83 6.45 -10.17 5.38
C VAL A 83 7.67 -11.04 5.61
N ALA A 84 7.72 -11.72 6.71
CA ALA A 84 8.89 -12.58 6.99
C ALA A 84 8.96 -13.72 5.98
N PRO A 85 9.98 -14.50 6.11
CA PRO A 85 10.20 -15.65 5.21
C PRO A 85 9.23 -16.78 5.56
N GLY A 86 8.67 -17.41 4.57
CA GLY A 86 7.72 -18.52 4.85
C GLY A 86 6.30 -18.09 4.46
N GLN A 87 5.99 -16.83 4.59
CA GLN A 87 4.62 -16.37 4.22
C GLN A 87 4.65 -15.54 2.94
N LYS A 88 3.50 -15.17 2.44
CA LYS A 88 3.46 -14.36 1.19
C LYS A 88 1.99 -14.08 0.81
N ILE A 89 1.67 -12.85 0.52
CA ILE A 89 0.27 -12.53 0.14
C ILE A 89 0.05 -12.79 -1.36
N GLU A 90 -0.21 -14.02 -1.72
CA GLU A 90 -0.41 -14.36 -3.15
C GLU A 90 -1.60 -13.57 -3.71
N ALA A 91 -2.39 -12.98 -2.87
CA ALA A 91 -3.57 -12.20 -3.36
C ALA A 91 -3.13 -11.14 -4.37
N LEU A 92 -1.87 -10.78 -4.37
CA LEU A 92 -1.40 -9.75 -5.34
C LEU A 92 -0.57 -10.43 -6.44
N GLU A 93 -0.04 -11.57 -6.17
CA GLU A 93 0.78 -12.28 -7.18
C GLU A 93 -0.04 -12.55 -8.44
N GLY A 94 -1.17 -13.19 -8.30
CA GLY A 94 -2.02 -13.48 -9.50
C GLY A 94 -2.71 -12.20 -9.96
N LEU A 95 -2.83 -11.24 -9.09
CA LEU A 95 -3.50 -9.96 -9.50
C LEU A 95 -3.03 -9.52 -10.88
N ILE A 96 -1.84 -9.91 -11.26
CA ILE A 96 -1.33 -9.50 -12.60
C ILE A 96 -2.37 -9.82 -13.69
N MET A 1 -14.83 4.48 6.97
CA MET A 1 -13.93 4.33 5.80
C MET A 1 -13.48 2.87 5.67
N LYS A 2 -12.19 2.64 5.63
CA LYS A 2 -11.69 1.25 5.50
C LYS A 2 -11.91 0.48 6.80
N THR A 3 -12.67 -0.59 6.74
CA THR A 3 -12.89 -1.41 7.99
C THR A 3 -11.60 -1.44 8.77
N ALA A 4 -10.51 -1.41 8.05
CA ALA A 4 -9.18 -1.36 8.67
C ALA A 4 -9.08 -0.06 9.45
N TYR A 5 -9.90 0.09 10.48
CA TYR A 5 -9.94 1.37 11.26
C TYR A 5 -9.64 2.52 10.29
N ASP A 6 -10.14 2.37 9.09
CA ASP A 6 -9.96 3.38 8.01
C ASP A 6 -8.48 3.56 7.67
N VAL A 7 -7.83 2.50 7.25
CA VAL A 7 -6.37 2.59 6.90
C VAL A 7 -6.09 2.02 5.50
N ILE A 8 -5.37 0.92 5.42
CA ILE A 8 -5.02 0.30 4.12
C ILE A 8 -6.26 -0.30 3.45
N LEU A 9 -6.24 -0.46 2.16
CA LEU A 9 -7.41 -1.04 1.45
C LEU A 9 -6.97 -1.76 0.17
N ALA A 10 -6.98 -1.09 -0.96
CA ALA A 10 -6.58 -1.75 -2.23
C ALA A 10 -5.08 -1.54 -2.50
N PRO A 11 -4.47 -2.58 -3.02
CA PRO A 11 -3.02 -2.54 -3.32
C PRO A 11 -2.77 -1.75 -4.62
N VAL A 12 -1.52 -1.53 -4.95
CA VAL A 12 -1.20 -0.77 -6.19
C VAL A 12 -0.45 -1.68 -7.18
N LEU A 13 -0.93 -1.77 -8.39
CA LEU A 13 -0.23 -2.63 -9.39
C LEU A 13 0.59 -1.78 -10.36
N SER A 14 1.89 -1.89 -10.30
CA SER A 14 2.74 -1.08 -11.23
C SER A 14 4.12 -1.74 -11.38
N GLU A 15 4.84 -1.39 -12.41
CA GLU A 15 6.19 -1.99 -12.61
C GLU A 15 7.07 -1.74 -11.38
N LYS A 16 7.23 -0.49 -11.01
CA LYS A 16 8.08 -0.17 -9.83
C LYS A 16 7.61 -0.96 -8.61
N ALA A 17 6.37 -1.39 -8.61
CA ALA A 17 5.86 -2.17 -7.45
C ALA A 17 5.92 -3.67 -7.75
N TYR A 18 5.38 -4.10 -8.85
CA TYR A 18 5.41 -5.55 -9.19
C TYR A 18 6.83 -6.09 -9.03
N ALA A 19 7.82 -5.31 -9.33
CA ALA A 19 9.22 -5.78 -9.20
C ALA A 19 9.76 -5.45 -7.79
N GLY A 20 9.02 -4.69 -7.03
CA GLY A 20 9.45 -4.34 -5.66
C GLY A 20 8.66 -5.18 -4.68
N PHE A 21 7.39 -5.31 -4.90
CA PHE A 21 6.55 -6.14 -4.01
C PHE A 21 6.98 -7.61 -4.13
N ALA A 22 7.71 -7.92 -5.18
CA ALA A 22 8.17 -9.31 -5.39
C ALA A 22 9.02 -9.78 -4.20
N GLU A 23 9.54 -8.86 -3.44
CA GLU A 23 10.39 -9.25 -2.27
C GLU A 23 9.51 -9.44 -1.04
N GLY A 24 8.24 -9.61 -1.22
CA GLY A 24 7.33 -9.78 -0.06
C GLY A 24 6.82 -8.40 0.35
N LYS A 25 7.17 -7.39 -0.40
CA LYS A 25 6.72 -6.01 -0.09
C LYS A 25 5.31 -5.80 -0.66
N TYR A 26 4.41 -5.21 0.10
CA TYR A 26 3.03 -5.01 -0.44
C TYR A 26 2.58 -3.55 -0.30
N THR A 27 2.71 -2.80 -1.35
CA THR A 27 2.29 -1.37 -1.32
C THR A 27 0.77 -1.28 -1.37
N PHE A 28 0.20 -0.48 -0.52
CA PHE A 28 -1.28 -0.34 -0.51
C PHE A 28 -1.68 1.12 -0.62
N TRP A 29 -2.91 1.39 -0.95
CA TRP A 29 -3.38 2.80 -1.00
C TRP A 29 -4.01 3.08 0.34
N VAL A 30 -3.55 4.05 1.06
CA VAL A 30 -4.14 4.24 2.39
C VAL A 30 -4.13 5.70 2.81
N HIS A 31 -4.91 6.00 3.81
CA HIS A 31 -4.98 7.40 4.32
C HIS A 31 -3.59 7.92 4.70
N PRO A 32 -3.35 9.15 4.39
CA PRO A 32 -2.04 9.79 4.69
C PRO A 32 -1.95 10.10 6.19
N LYS A 33 -1.64 9.11 6.98
CA LYS A 33 -1.55 9.35 8.45
C LYS A 33 -1.22 8.04 9.16
N ALA A 34 -1.71 6.95 8.67
CA ALA A 34 -1.44 5.65 9.33
C ALA A 34 0.07 5.44 9.50
N THR A 35 0.61 5.75 10.64
CA THR A 35 2.07 5.57 10.86
C THR A 35 2.54 4.24 10.26
N LYS A 36 3.75 4.17 9.81
CA LYS A 36 4.26 2.91 9.21
C LYS A 36 3.82 1.71 10.05
N THR A 37 3.86 1.83 11.35
CA THR A 37 3.43 0.71 12.22
C THR A 37 1.90 0.59 12.23
N GLU A 38 1.21 1.70 12.24
CA GLU A 38 -0.28 1.64 12.24
C GLU A 38 -0.77 0.82 11.05
N ILE A 39 -0.20 1.05 9.89
CA ILE A 39 -0.62 0.29 8.69
C ILE A 39 -0.46 -1.22 8.95
N LYS A 40 0.50 -1.58 9.76
CA LYS A 40 0.73 -3.02 10.08
C LYS A 40 -0.53 -3.68 10.65
N ASN A 41 -1.19 -2.99 11.54
CA ASN A 41 -2.40 -3.58 12.20
C ASN A 41 -3.50 -3.96 11.18
N ALA A 42 -3.83 -3.09 10.28
CA ALA A 42 -4.92 -3.42 9.29
C ALA A 42 -4.48 -4.50 8.32
N VAL A 43 -3.32 -4.39 7.73
CA VAL A 43 -2.87 -5.44 6.77
C VAL A 43 -2.81 -6.80 7.47
N GLU A 44 -2.21 -6.87 8.63
CA GLU A 44 -2.13 -8.17 9.35
C GLU A 44 -3.53 -8.74 9.56
N THR A 45 -4.46 -7.92 9.95
CA THR A 45 -5.85 -8.41 10.16
C THR A 45 -6.57 -8.54 8.82
N ALA A 46 -6.18 -7.76 7.85
CA ALA A 46 -6.84 -7.85 6.50
C ALA A 46 -6.20 -8.96 5.68
N PHE A 47 -4.93 -8.85 5.39
CA PHE A 47 -4.25 -9.92 4.59
C PHE A 47 -4.09 -11.18 5.43
N LYS A 48 -4.14 -11.04 6.73
CA LYS A 48 -3.99 -12.23 7.62
C LYS A 48 -2.61 -12.85 7.44
N VAL A 49 -1.62 -12.03 7.30
CA VAL A 49 -0.24 -12.55 7.13
C VAL A 49 0.65 -12.06 8.27
N LYS A 50 1.93 -12.15 8.11
CA LYS A 50 2.85 -11.67 9.17
C LYS A 50 3.63 -10.46 8.66
N VAL A 51 3.30 -9.29 9.13
CA VAL A 51 4.02 -8.08 8.66
C VAL A 51 5.38 -7.97 9.35
N VAL A 52 6.42 -7.75 8.60
CA VAL A 52 7.77 -7.63 9.21
C VAL A 52 8.33 -6.22 9.00
N LYS A 53 7.68 -5.42 8.20
CA LYS A 53 8.16 -4.04 7.98
C LYS A 53 7.27 -3.33 6.93
N VAL A 54 6.79 -2.15 7.24
CA VAL A 54 5.94 -1.42 6.26
C VAL A 54 6.69 -0.23 5.66
N ASN A 55 6.52 0.03 4.40
CA ASN A 55 7.21 1.19 3.79
C ASN A 55 6.20 2.03 3.02
N THR A 56 5.98 3.25 3.44
CA THR A 56 5.00 4.10 2.73
C THR A 56 5.72 5.21 1.97
N LEU A 57 5.09 5.79 0.99
CA LEU A 57 5.75 6.87 0.21
C LEU A 57 4.74 7.91 -0.28
N HIS A 58 5.20 8.93 -0.95
CA HIS A 58 4.26 9.96 -1.48
C HIS A 58 3.50 9.43 -2.69
N VAL A 59 2.22 9.62 -2.74
CA VAL A 59 1.45 9.13 -3.91
C VAL A 59 0.75 10.30 -4.60
N ARG A 60 1.03 10.50 -5.85
CA ARG A 60 0.42 11.64 -6.61
C ARG A 60 -1.03 11.86 -6.18
N GLY A 61 -1.28 12.89 -5.41
CA GLY A 61 -2.67 13.16 -4.95
C GLY A 61 -2.62 13.85 -3.59
N LYS A 62 -2.95 15.12 -3.56
CA LYS A 62 -2.92 15.85 -2.26
C LYS A 62 -4.32 16.39 -1.92
N LYS A 63 -4.40 17.33 -1.03
CA LYS A 63 -5.74 17.88 -0.66
C LYS A 63 -6.28 18.76 -1.79
N LYS A 64 -7.22 19.61 -1.49
CA LYS A 64 -7.79 20.49 -2.54
C LYS A 64 -8.43 19.65 -3.65
N ARG A 65 -9.45 18.90 -3.32
CA ARG A 65 -10.11 18.05 -4.35
C ARG A 65 -11.53 18.58 -4.65
N LEU A 66 -11.96 19.56 -3.89
CA LEU A 66 -13.33 20.12 -4.12
C LEU A 66 -13.60 20.26 -5.62
N GLY A 67 -14.52 19.51 -6.15
CA GLY A 67 -14.81 19.61 -7.61
C GLY A 67 -15.41 20.98 -7.94
N ARG A 68 -14.72 22.03 -7.63
CA ARG A 68 -15.25 23.39 -7.94
C ARG A 68 -14.14 24.30 -8.44
N TYR A 69 -13.12 23.69 -8.95
CA TYR A 69 -11.96 24.44 -9.47
C TYR A 69 -11.13 23.56 -10.41
N LEU A 70 -11.76 22.95 -11.37
CA LEU A 70 -11.02 22.07 -12.33
C LEU A 70 -10.01 21.22 -11.57
N GLY A 71 -10.40 20.76 -10.42
CA GLY A 71 -9.48 19.92 -9.60
C GLY A 71 -10.16 18.59 -9.26
N LYS A 72 -9.41 17.63 -8.81
CA LYS A 72 -10.04 16.31 -8.46
C LYS A 72 -8.97 15.34 -7.96
N ARG A 73 -8.27 15.68 -6.91
CA ARG A 73 -7.21 14.77 -6.39
C ARG A 73 -7.16 14.84 -4.86
N PRO A 74 -7.49 13.75 -4.24
CA PRO A 74 -7.49 13.68 -2.76
C PRO A 74 -6.07 13.46 -2.23
N ASP A 75 -5.95 13.09 -0.99
CA ASP A 75 -4.61 12.84 -0.40
C ASP A 75 -4.50 11.36 -0.06
N ARG A 76 -4.02 10.57 -0.98
CA ARG A 76 -3.88 9.11 -0.72
C ARG A 76 -2.46 8.79 -0.28
N LYS A 77 -2.28 7.73 0.47
CA LYS A 77 -0.92 7.36 0.94
C LYS A 77 -0.59 5.92 0.49
N LYS A 78 0.64 5.67 0.12
CA LYS A 78 1.00 4.30 -0.31
C LYS A 78 1.73 3.56 0.82
N ALA A 79 1.42 2.31 1.04
CA ALA A 79 2.10 1.57 2.16
C ALA A 79 2.60 0.21 1.71
N ILE A 80 3.88 -0.02 1.79
CA ILE A 80 4.41 -1.34 1.40
C ILE A 80 4.66 -2.19 2.65
N VAL A 81 3.88 -3.21 2.85
CA VAL A 81 4.09 -4.06 4.06
C VAL A 81 4.92 -5.29 3.69
N GLN A 82 5.96 -5.56 4.43
CA GLN A 82 6.78 -6.75 4.11
C GLN A 82 6.38 -7.88 5.02
N VAL A 83 6.55 -9.08 4.61
CA VAL A 83 6.22 -10.19 5.50
C VAL A 83 7.46 -11.02 5.75
N ALA A 84 7.50 -11.72 6.83
CA ALA A 84 8.70 -12.53 7.11
C ALA A 84 8.79 -13.70 6.14
N PRO A 85 9.83 -14.48 6.32
CA PRO A 85 10.05 -15.65 5.45
C PRO A 85 9.07 -16.77 5.78
N GLY A 86 8.58 -17.45 4.79
CA GLY A 86 7.60 -18.55 5.06
C GLY A 86 6.21 -18.13 4.59
N GLN A 87 5.86 -16.88 4.75
CA GLN A 87 4.51 -16.43 4.31
C GLN A 87 4.61 -15.62 3.01
N LYS A 88 3.49 -15.22 2.48
CA LYS A 88 3.51 -14.43 1.21
C LYS A 88 2.08 -14.08 0.78
N ILE A 89 1.74 -12.82 0.78
CA ILE A 89 0.35 -12.42 0.39
C ILE A 89 0.06 -12.85 -1.06
N GLU A 90 -0.78 -13.83 -1.23
CA GLU A 90 -1.10 -14.31 -2.61
C GLU A 90 -2.09 -13.36 -3.29
N ALA A 91 -2.72 -12.49 -2.54
CA ALA A 91 -3.71 -11.55 -3.16
C ALA A 91 -3.05 -10.77 -4.29
N LEU A 92 -1.76 -10.55 -4.22
CA LEU A 92 -1.07 -9.80 -5.31
C LEU A 92 -0.26 -10.76 -6.16
N GLU A 93 0.10 -11.89 -5.61
CA GLU A 93 0.91 -12.88 -6.37
C GLU A 93 0.20 -13.21 -7.69
N GLY A 94 -1.09 -13.05 -7.75
CA GLY A 94 -1.84 -13.35 -8.99
C GLY A 94 -2.05 -12.06 -9.77
N LEU A 95 -2.29 -10.98 -9.09
CA LEU A 95 -2.51 -9.68 -9.80
C LEU A 95 -1.41 -9.44 -10.83
N ILE A 96 -0.22 -9.92 -10.56
CA ILE A 96 0.91 -9.73 -11.52
C ILE A 96 0.52 -10.27 -12.89
N MET A 1 -11.10 0.16 -0.73
CA MET A 1 -11.80 -0.17 0.56
C MET A 1 -10.80 -0.16 1.71
N LYS A 2 -10.95 0.73 2.65
CA LYS A 2 -10.01 0.74 3.79
C LYS A 2 -10.64 0.03 4.98
N THR A 3 -11.44 -0.97 4.71
CA THR A 3 -12.09 -1.76 5.82
C THR A 3 -11.12 -1.85 6.97
N ALA A 4 -9.86 -1.93 6.61
CA ALA A 4 -8.77 -1.96 7.60
C ALA A 4 -8.95 -0.73 8.49
N TYR A 5 -9.92 -0.79 9.38
CA TYR A 5 -10.25 0.39 10.25
C TYR A 5 -10.00 1.66 9.44
N ASP A 6 -10.30 1.57 8.17
CA ASP A 6 -10.13 2.70 7.23
C ASP A 6 -8.66 3.10 7.13
N VAL A 7 -7.83 2.21 6.65
CA VAL A 7 -6.38 2.51 6.49
C VAL A 7 -5.89 2.10 5.11
N ILE A 8 -5.63 0.83 4.92
CA ILE A 8 -5.11 0.35 3.62
C ILE A 8 -6.27 0.02 2.68
N LEU A 9 -6.53 0.90 1.74
CA LEU A 9 -7.65 0.67 0.78
C LEU A 9 -7.39 -0.60 -0.05
N ALA A 10 -7.07 -0.45 -1.31
CA ALA A 10 -6.82 -1.65 -2.16
C ALA A 10 -5.33 -1.78 -2.48
N PRO A 11 -4.94 -2.93 -2.93
CA PRO A 11 -3.53 -3.19 -3.28
C PRO A 11 -3.18 -2.47 -4.59
N VAL A 12 -1.93 -2.14 -4.78
CA VAL A 12 -1.52 -1.44 -6.03
C VAL A 12 -0.62 -2.36 -6.86
N LEU A 13 -1.07 -2.76 -8.02
CA LEU A 13 -0.25 -3.66 -8.88
C LEU A 13 0.41 -2.86 -10.00
N SER A 14 1.71 -2.74 -9.96
CA SER A 14 2.42 -1.97 -11.03
C SER A 14 3.89 -2.40 -11.09
N GLU A 15 4.51 -2.23 -12.22
CA GLU A 15 5.94 -2.63 -12.33
C GLU A 15 6.72 -2.19 -11.09
N LYS A 16 6.72 -0.91 -10.80
CA LYS A 16 7.44 -0.41 -9.61
C LYS A 16 6.98 -1.16 -8.36
N ALA A 17 5.84 -1.78 -8.40
CA ALA A 17 5.34 -2.53 -7.21
C ALA A 17 5.62 -4.02 -7.38
N TYR A 18 5.18 -4.61 -8.46
CA TYR A 18 5.42 -6.07 -8.67
C TYR A 18 6.92 -6.37 -8.54
N ALA A 19 7.74 -5.63 -9.24
CA ALA A 19 9.21 -5.87 -9.13
C ALA A 19 9.66 -5.57 -7.71
N GLY A 20 8.81 -4.94 -6.93
CA GLY A 20 9.15 -4.63 -5.52
C GLY A 20 8.57 -5.76 -4.69
N PHE A 21 7.39 -6.20 -5.04
CA PHE A 21 6.78 -7.33 -4.30
C PHE A 21 7.79 -8.46 -4.26
N ALA A 22 8.68 -8.45 -5.22
CA ALA A 22 9.72 -9.50 -5.29
C ALA A 22 10.30 -9.79 -3.91
N GLU A 23 10.43 -8.77 -3.09
CA GLU A 23 10.98 -8.97 -1.73
C GLU A 23 9.85 -9.12 -0.71
N GLY A 24 8.66 -9.39 -1.16
CA GLY A 24 7.53 -9.55 -0.22
C GLY A 24 6.99 -8.18 0.19
N LYS A 25 7.49 -7.13 -0.41
CA LYS A 25 7.00 -5.77 -0.06
C LYS A 25 5.70 -5.47 -0.80
N TYR A 26 4.70 -4.97 -0.13
CA TYR A 26 3.42 -4.70 -0.83
C TYR A 26 2.95 -3.25 -0.62
N THR A 27 2.96 -2.49 -1.68
CA THR A 27 2.51 -1.08 -1.63
C THR A 27 0.98 -1.05 -1.58
N PHE A 28 0.41 -0.15 -0.83
CA PHE A 28 -1.06 -0.08 -0.73
C PHE A 28 -1.52 1.37 -0.69
N TRP A 29 -2.78 1.61 -0.91
CA TRP A 29 -3.28 3.00 -0.87
C TRP A 29 -3.80 3.26 0.54
N VAL A 30 -3.28 4.24 1.20
CA VAL A 30 -3.74 4.48 2.58
C VAL A 30 -3.96 5.96 2.85
N HIS A 31 -4.64 6.24 3.91
CA HIS A 31 -4.93 7.66 4.28
C HIS A 31 -3.64 8.37 4.70
N PRO A 32 -3.62 9.65 4.45
CA PRO A 32 -2.43 10.47 4.79
C PRO A 32 -2.36 10.66 6.31
N LYS A 33 -2.11 9.60 7.02
CA LYS A 33 -2.05 9.71 8.51
C LYS A 33 -1.76 8.34 9.11
N ALA A 34 -2.23 7.30 8.48
CA ALA A 34 -1.98 5.92 9.02
C ALA A 34 -0.50 5.75 9.35
N THR A 35 -0.14 5.84 10.60
CA THR A 35 1.30 5.67 10.98
C THR A 35 1.86 4.39 10.35
N LYS A 36 3.08 4.43 9.90
CA LYS A 36 3.69 3.21 9.29
C LYS A 36 3.36 1.98 10.13
N THR A 37 3.32 2.13 11.42
CA THR A 37 3.01 0.96 12.30
C THR A 37 1.52 0.62 12.26
N GLU A 38 0.67 1.60 12.41
CA GLU A 38 -0.80 1.32 12.37
C GLU A 38 -1.16 0.61 11.07
N ILE A 39 -0.60 1.03 9.97
CA ILE A 39 -0.90 0.37 8.67
C ILE A 39 -0.55 -1.12 8.76
N LYS A 40 0.42 -1.45 9.55
CA LYS A 40 0.83 -2.89 9.68
C LYS A 40 -0.32 -3.74 10.22
N ASN A 41 -0.99 -3.24 11.22
CA ASN A 41 -2.12 -4.03 11.83
C ASN A 41 -3.20 -4.37 10.80
N ALA A 42 -3.46 -3.52 9.85
CA ALA A 42 -4.52 -3.82 8.85
C ALA A 42 -4.10 -4.92 7.87
N VAL A 43 -2.95 -4.81 7.25
CA VAL A 43 -2.53 -5.86 6.30
C VAL A 43 -2.28 -7.19 7.03
N GLU A 44 -1.84 -7.13 8.25
CA GLU A 44 -1.58 -8.39 9.01
C GLU A 44 -2.89 -9.17 9.18
N THR A 45 -3.90 -8.53 9.71
CA THR A 45 -5.20 -9.23 9.90
C THR A 45 -5.98 -9.28 8.58
N ALA A 46 -5.71 -8.36 7.69
CA ALA A 46 -6.45 -8.34 6.39
C ALA A 46 -5.79 -9.28 5.38
N PHE A 47 -4.53 -9.10 5.11
CA PHE A 47 -3.84 -9.98 4.12
C PHE A 47 -3.65 -11.38 4.71
N LYS A 48 -3.76 -11.51 6.01
CA LYS A 48 -3.60 -12.83 6.67
C LYS A 48 -2.15 -13.33 6.53
N VAL A 49 -1.21 -12.48 6.79
CA VAL A 49 0.21 -12.88 6.68
C VAL A 49 1.01 -12.36 7.87
N LYS A 50 2.30 -12.37 7.76
CA LYS A 50 3.15 -11.84 8.85
C LYS A 50 3.89 -10.61 8.35
N VAL A 51 3.47 -9.44 8.77
CA VAL A 51 4.14 -8.21 8.28
C VAL A 51 5.47 -8.00 9.01
N VAL A 52 6.54 -7.99 8.29
CA VAL A 52 7.87 -7.79 8.93
C VAL A 52 8.26 -6.32 8.85
N LYS A 53 7.68 -5.59 7.93
CA LYS A 53 8.01 -4.16 7.80
C LYS A 53 7.00 -3.46 6.88
N VAL A 54 6.69 -2.23 7.14
CA VAL A 54 5.71 -1.50 6.28
C VAL A 54 6.27 -0.13 5.90
N ASN A 55 6.51 0.11 4.65
CA ASN A 55 7.03 1.44 4.24
C ASN A 55 6.00 2.16 3.40
N THR A 56 5.50 3.25 3.90
CA THR A 56 4.46 4.01 3.13
C THR A 56 5.03 5.34 2.64
N LEU A 57 4.68 5.73 1.44
CA LEU A 57 5.20 7.02 0.90
C LEU A 57 4.06 7.80 0.24
N HIS A 58 4.11 9.10 0.27
CA HIS A 58 3.04 9.92 -0.35
C HIS A 58 3.06 9.77 -1.86
N VAL A 59 1.95 9.42 -2.45
CA VAL A 59 1.89 9.26 -3.92
C VAL A 59 0.85 10.20 -4.52
N ARG A 60 1.16 10.82 -5.62
CA ARG A 60 0.19 11.77 -6.25
C ARG A 60 -0.45 11.13 -7.48
N GLY A 61 -1.70 10.79 -7.40
CA GLY A 61 -2.39 10.16 -8.56
C GLY A 61 -3.66 9.46 -8.09
N LYS A 62 -4.40 8.87 -9.00
CA LYS A 62 -5.66 8.18 -8.60
C LYS A 62 -6.29 7.48 -9.81
N LYS A 63 -7.39 6.82 -9.62
CA LYS A 63 -8.05 6.12 -10.76
C LYS A 63 -8.38 7.12 -11.87
N LYS A 64 -8.57 6.64 -13.08
CA LYS A 64 -8.89 7.56 -14.19
C LYS A 64 -7.80 8.63 -14.35
N ARG A 65 -6.57 8.23 -14.32
CA ARG A 65 -5.46 9.22 -14.46
C ARG A 65 -4.17 8.52 -14.91
N LEU A 66 -4.29 7.35 -15.49
CA LEU A 66 -3.09 6.63 -15.96
C LEU A 66 -2.31 7.47 -16.97
N GLY A 67 -1.57 8.44 -16.52
CA GLY A 67 -0.80 9.30 -17.45
C GLY A 67 -1.72 9.84 -18.54
N ARG A 68 -2.90 10.28 -18.17
CA ARG A 68 -3.85 10.82 -19.18
C ARG A 68 -4.26 12.22 -18.78
N TYR A 69 -3.46 12.81 -17.95
CA TYR A 69 -3.69 14.21 -17.46
C TYR A 69 -5.16 14.62 -17.62
N LEU A 70 -6.02 14.14 -16.76
CA LEU A 70 -7.46 14.50 -16.88
C LEU A 70 -8.06 14.73 -15.50
N GLY A 71 -7.32 15.36 -14.65
CA GLY A 71 -7.81 15.64 -13.28
C GLY A 71 -6.75 16.44 -12.51
N LYS A 72 -6.03 15.80 -11.63
CA LYS A 72 -4.98 16.52 -10.85
C LYS A 72 -4.19 15.54 -9.98
N ARG A 73 -3.19 16.02 -9.30
CA ARG A 73 -2.38 15.11 -8.44
C ARG A 73 -2.46 15.55 -6.98
N PRO A 74 -3.38 14.95 -6.27
CA PRO A 74 -3.56 15.29 -4.83
C PRO A 74 -2.43 14.70 -3.99
N ASP A 75 -2.59 14.64 -2.71
CA ASP A 75 -1.54 14.07 -1.83
C ASP A 75 -2.05 12.79 -1.20
N ARG A 76 -1.85 11.69 -1.85
CA ARG A 76 -2.32 10.39 -1.30
C ARG A 76 -1.14 9.64 -0.66
N LYS A 77 -1.42 8.79 0.29
CA LYS A 77 -0.32 8.03 0.97
C LYS A 77 -0.33 6.57 0.52
N LYS A 78 0.81 6.02 0.25
CA LYS A 78 0.88 4.58 -0.18
C LYS A 78 1.59 3.76 0.90
N ALA A 79 1.27 2.50 1.02
CA ALA A 79 1.93 1.68 2.10
C ALA A 79 2.60 0.41 1.54
N ILE A 80 3.87 0.28 1.73
CA ILE A 80 4.57 -0.95 1.26
C ILE A 80 4.69 -1.91 2.45
N VAL A 81 3.98 -3.00 2.43
CA VAL A 81 4.05 -3.95 3.58
C VAL A 81 4.94 -5.14 3.21
N GLN A 82 5.87 -5.50 4.07
CA GLN A 82 6.74 -6.65 3.77
C GLN A 82 6.44 -7.78 4.73
N VAL A 83 6.69 -8.99 4.32
CA VAL A 83 6.47 -10.11 5.26
C VAL A 83 7.80 -10.78 5.57
N ALA A 84 7.88 -11.45 6.67
CA ALA A 84 9.16 -12.11 7.03
C ALA A 84 9.53 -13.16 5.98
N PRO A 85 10.70 -13.71 6.16
CA PRO A 85 11.22 -14.74 5.24
C PRO A 85 10.54 -16.09 5.50
N GLY A 86 9.25 -16.14 5.39
CA GLY A 86 8.53 -17.42 5.64
C GLY A 86 7.10 -17.33 5.10
N GLN A 87 6.49 -16.17 5.18
CA GLN A 87 5.09 -16.02 4.68
C GLN A 87 5.07 -15.13 3.44
N LYS A 88 3.90 -14.91 2.89
CA LYS A 88 3.79 -14.05 1.67
C LYS A 88 2.32 -13.75 1.36
N ILE A 89 1.97 -12.50 1.24
CA ILE A 89 0.55 -12.16 0.94
C ILE A 89 0.20 -12.58 -0.49
N GLU A 90 -0.43 -13.72 -0.62
CA GLU A 90 -0.81 -14.22 -1.98
C GLU A 90 -1.93 -13.36 -2.58
N ALA A 91 -2.57 -12.56 -1.79
CA ALA A 91 -3.68 -11.71 -2.33
C ALA A 91 -3.20 -10.90 -3.53
N LEU A 92 -1.93 -10.57 -3.57
CA LEU A 92 -1.41 -9.77 -4.72
C LEU A 92 -0.57 -10.68 -5.63
N GLU A 93 -0.09 -11.76 -5.09
CA GLU A 93 0.75 -12.69 -5.90
C GLU A 93 -0.04 -13.16 -7.13
N GLY A 94 -1.21 -13.69 -6.94
CA GLY A 94 -2.02 -14.17 -8.10
C GLY A 94 -2.59 -12.97 -8.85
N LEU A 95 -2.56 -11.81 -8.25
CA LEU A 95 -3.11 -10.60 -8.95
C LEU A 95 -2.23 -10.24 -10.15
N ILE A 96 -1.11 -10.90 -10.29
CA ILE A 96 -0.21 -10.60 -11.44
C ILE A 96 -0.82 -11.11 -12.75
N MET A 1 -14.95 4.00 5.50
CA MET A 1 -13.59 3.82 6.09
C MET A 1 -12.78 2.81 5.29
N LYS A 2 -11.64 3.19 4.79
CA LYS A 2 -10.79 2.20 4.05
C LYS A 2 -10.81 0.91 4.86
N THR A 3 -11.65 -0.04 4.47
CA THR A 3 -11.80 -1.35 5.23
C THR A 3 -10.95 -1.33 6.50
N ALA A 4 -9.67 -1.39 6.34
CA ALA A 4 -8.76 -1.31 7.50
C ALA A 4 -9.04 -0.04 8.28
N TYR A 5 -10.06 -0.02 9.10
CA TYR A 5 -10.41 1.21 9.88
C TYR A 5 -9.90 2.47 9.17
N ASP A 6 -10.12 2.53 7.88
CA ASP A 6 -9.67 3.68 7.05
C ASP A 6 -8.13 3.78 7.01
N VAL A 7 -7.49 2.72 6.62
CA VAL A 7 -6.00 2.77 6.53
C VAL A 7 -5.51 2.10 5.23
N ILE A 8 -5.56 0.81 5.16
CA ILE A 8 -5.07 0.09 3.95
C ILE A 8 -6.25 -0.35 3.08
N LEU A 9 -6.28 0.08 1.85
CA LEU A 9 -7.39 -0.32 0.94
C LEU A 9 -6.96 -1.50 0.08
N ALA A 10 -6.71 -1.28 -1.19
CA ALA A 10 -6.28 -2.40 -2.07
C ALA A 10 -4.81 -2.22 -2.46
N PRO A 11 -4.20 -3.31 -2.84
CA PRO A 11 -2.78 -3.28 -3.26
C PRO A 11 -2.67 -2.62 -4.65
N VAL A 12 -1.67 -1.81 -4.87
CA VAL A 12 -1.52 -1.16 -6.19
C VAL A 12 -0.77 -2.09 -7.16
N LEU A 13 -1.28 -2.26 -8.35
CA LEU A 13 -0.57 -3.15 -9.32
C LEU A 13 0.18 -2.30 -10.35
N SER A 14 1.48 -2.35 -10.33
CA SER A 14 2.27 -1.55 -11.31
C SER A 14 3.71 -2.07 -11.37
N GLU A 15 4.34 -1.97 -12.51
CA GLU A 15 5.74 -2.46 -12.62
C GLU A 15 6.55 -2.04 -11.40
N LYS A 16 6.55 -0.78 -11.09
CA LYS A 16 7.32 -0.30 -9.90
C LYS A 16 6.88 -1.07 -8.65
N ALA A 17 5.71 -1.64 -8.67
CA ALA A 17 5.23 -2.40 -7.48
C ALA A 17 5.42 -3.90 -7.71
N TYR A 18 4.85 -4.44 -8.75
CA TYR A 18 5.00 -5.90 -9.02
C TYR A 18 6.46 -6.32 -8.88
N ALA A 19 7.37 -5.46 -9.25
CA ALA A 19 8.81 -5.82 -9.12
C ALA A 19 9.35 -5.39 -7.76
N GLY A 20 8.56 -4.66 -7.01
CA GLY A 20 9.00 -4.22 -5.66
C GLY A 20 8.29 -5.08 -4.62
N PHE A 21 7.08 -5.47 -4.91
CA PHE A 21 6.32 -6.32 -3.97
C PHE A 21 6.79 -7.77 -4.13
N ALA A 22 7.40 -8.06 -5.24
CA ALA A 22 7.88 -9.44 -5.51
C ALA A 22 8.79 -9.93 -4.37
N GLU A 23 9.36 -9.01 -3.64
CA GLU A 23 10.27 -9.41 -2.51
C GLU A 23 9.46 -9.60 -1.22
N GLY A 24 8.17 -9.75 -1.32
CA GLY A 24 7.34 -9.92 -0.11
C GLY A 24 6.83 -8.56 0.34
N LYS A 25 7.18 -7.52 -0.39
CA LYS A 25 6.72 -6.15 -0.02
C LYS A 25 5.31 -5.93 -0.56
N TYR A 26 4.45 -5.26 0.17
CA TYR A 26 3.07 -5.05 -0.33
C TYR A 26 2.67 -3.58 -0.29
N THR A 27 2.53 -2.97 -1.43
CA THR A 27 2.13 -1.54 -1.50
C THR A 27 0.62 -1.40 -1.39
N PHE A 28 0.18 -0.61 -0.46
CA PHE A 28 -1.27 -0.42 -0.26
C PHE A 28 -1.63 1.04 -0.47
N TRP A 29 -2.88 1.34 -0.61
CA TRP A 29 -3.29 2.76 -0.78
C TRP A 29 -3.86 3.21 0.56
N VAL A 30 -3.32 4.24 1.13
CA VAL A 30 -3.82 4.64 2.47
C VAL A 30 -3.71 6.14 2.68
N HIS A 31 -4.38 6.63 3.68
CA HIS A 31 -4.34 8.09 3.97
C HIS A 31 -2.93 8.54 4.33
N PRO A 32 -2.65 9.78 4.04
CA PRO A 32 -1.32 10.36 4.34
C PRO A 32 -1.18 10.60 5.84
N LYS A 33 -1.08 9.56 6.61
CA LYS A 33 -0.97 9.74 8.08
C LYS A 33 -0.90 8.38 8.78
N ALA A 34 -1.56 7.39 8.25
CA ALA A 34 -1.54 6.05 8.89
C ALA A 34 -0.11 5.72 9.35
N THR A 35 0.16 5.91 10.62
CA THR A 35 1.53 5.60 11.13
C THR A 35 2.05 4.29 10.53
N LYS A 36 3.29 4.26 10.14
CA LYS A 36 3.86 3.02 9.55
C LYS A 36 3.38 1.80 10.34
N THR A 37 3.25 1.93 11.63
CA THR A 37 2.79 0.77 12.45
C THR A 37 1.29 0.56 12.27
N GLU A 38 0.54 1.63 12.12
CA GLU A 38 -0.92 1.49 11.93
C GLU A 38 -1.21 0.59 10.73
N ILE A 39 -0.54 0.82 9.63
CA ILE A 39 -0.77 -0.02 8.43
C ILE A 39 -0.51 -1.50 8.78
N LYS A 40 0.36 -1.74 9.71
CA LYS A 40 0.68 -3.14 10.11
C LYS A 40 -0.54 -3.85 10.71
N ASN A 41 -1.22 -3.19 11.61
CA ASN A 41 -2.41 -3.83 12.26
C ASN A 41 -3.53 -4.10 11.25
N ALA A 42 -3.71 -3.24 10.28
CA ALA A 42 -4.80 -3.45 9.29
C ALA A 42 -4.50 -4.61 8.34
N VAL A 43 -3.34 -4.64 7.74
CA VAL A 43 -3.04 -5.75 6.80
C VAL A 43 -2.84 -7.07 7.55
N GLU A 44 -2.39 -7.01 8.78
CA GLU A 44 -2.19 -8.28 9.53
C GLU A 44 -3.51 -9.05 9.59
N THR A 45 -4.57 -8.40 9.99
CA THR A 45 -5.89 -9.08 10.04
C THR A 45 -6.49 -9.14 8.63
N ALA A 46 -6.44 -8.05 7.92
CA ALA A 46 -7.02 -8.02 6.54
C ALA A 46 -6.30 -9.03 5.64
N PHE A 47 -5.04 -8.82 5.37
CA PHE A 47 -4.28 -9.77 4.50
C PHE A 47 -4.04 -11.07 5.25
N LYS A 48 -4.09 -11.04 6.55
CA LYS A 48 -3.86 -12.28 7.36
C LYS A 48 -2.44 -12.80 7.15
N VAL A 49 -1.48 -11.93 7.24
CA VAL A 49 -0.07 -12.36 7.06
C VAL A 49 0.80 -11.83 8.21
N LYS A 50 2.08 -11.83 8.04
CA LYS A 50 2.97 -11.31 9.11
C LYS A 50 3.75 -10.10 8.61
N VAL A 51 3.40 -8.93 9.07
CA VAL A 51 4.12 -7.70 8.62
C VAL A 51 5.46 -7.58 9.33
N VAL A 52 6.54 -7.58 8.60
CA VAL A 52 7.87 -7.45 9.25
C VAL A 52 8.52 -6.12 8.87
N LYS A 53 7.80 -5.28 8.18
CA LYS A 53 8.37 -3.95 7.78
C LYS A 53 7.42 -3.24 6.81
N VAL A 54 6.95 -2.09 7.17
CA VAL A 54 6.03 -1.35 6.25
C VAL A 54 6.67 -0.03 5.80
N ASN A 55 6.57 0.27 4.53
CA ASN A 55 7.16 1.54 4.03
C ASN A 55 6.13 2.27 3.17
N THR A 56 5.72 3.43 3.59
CA THR A 56 4.71 4.19 2.80
C THR A 56 5.34 5.46 2.23
N LEU A 57 4.68 6.10 1.30
CA LEU A 57 5.25 7.33 0.69
C LEU A 57 4.14 8.25 0.18
N HIS A 58 4.33 9.53 0.24
CA HIS A 58 3.27 10.45 -0.27
C HIS A 58 3.40 10.58 -1.79
N VAL A 59 2.36 10.25 -2.48
CA VAL A 59 2.38 10.33 -3.97
C VAL A 59 1.29 11.26 -4.48
N ARG A 60 1.60 12.10 -5.41
CA ARG A 60 0.57 13.05 -5.93
C ARG A 60 1.10 13.83 -7.13
N GLY A 61 0.25 14.14 -8.06
CA GLY A 61 0.69 14.92 -9.26
C GLY A 61 -0.09 14.45 -10.48
N LYS A 62 -0.92 15.30 -11.02
CA LYS A 62 -1.72 14.92 -12.22
C LYS A 62 -1.61 16.01 -13.30
N LYS A 63 -1.85 15.65 -14.54
CA LYS A 63 -1.76 16.66 -15.62
C LYS A 63 -2.50 17.94 -15.22
N LYS A 64 -3.81 17.91 -15.23
CA LYS A 64 -4.59 19.13 -14.85
C LYS A 64 -3.95 19.81 -13.64
N ARG A 65 -3.90 21.13 -13.66
CA ARG A 65 -3.28 21.85 -12.51
C ARG A 65 -4.12 23.10 -12.18
N LEU A 66 -4.27 23.99 -13.12
CA LEU A 66 -5.07 25.22 -12.86
C LEU A 66 -4.73 25.79 -11.48
N GLY A 67 -3.78 26.68 -11.40
CA GLY A 67 -3.40 27.25 -10.09
C GLY A 67 -4.50 28.19 -9.58
N ARG A 68 -5.71 27.72 -9.49
CA ARG A 68 -6.82 28.59 -9.01
C ARG A 68 -7.72 27.81 -8.07
N TYR A 69 -7.15 26.83 -7.46
CA TYR A 69 -7.91 25.97 -6.51
C TYR A 69 -6.95 25.20 -5.60
N LEU A 70 -7.46 24.49 -4.63
CA LEU A 70 -6.56 23.72 -3.72
C LEU A 70 -6.29 22.34 -4.32
N GLY A 71 -6.02 22.30 -5.58
CA GLY A 71 -5.73 20.99 -6.25
C GLY A 71 -4.23 20.72 -6.24
N LYS A 72 -3.62 20.71 -7.40
CA LYS A 72 -2.14 20.45 -7.46
C LYS A 72 -1.83 19.08 -6.84
N ARG A 73 -0.57 18.74 -6.75
CA ARG A 73 -0.21 17.41 -6.15
C ARG A 73 -1.05 17.16 -4.90
N PRO A 74 -1.94 16.20 -5.01
CA PRO A 74 -2.83 15.86 -3.87
C PRO A 74 -2.04 15.17 -2.76
N ASP A 75 -2.73 14.62 -1.80
CA ASP A 75 -2.03 13.92 -0.69
C ASP A 75 -2.43 12.45 -0.70
N ARG A 76 -1.71 11.63 -1.40
CA ARG A 76 -2.05 10.19 -1.43
C ARG A 76 -0.82 9.40 -0.98
N LYS A 77 -0.98 8.49 -0.06
CA LYS A 77 0.21 7.72 0.41
C LYS A 77 -0.01 6.21 0.23
N LYS A 78 0.94 5.53 -0.35
CA LYS A 78 0.80 4.07 -0.53
C LYS A 78 1.62 3.35 0.54
N ALA A 79 1.25 2.17 0.95
CA ALA A 79 2.03 1.48 2.02
C ALA A 79 2.67 0.18 1.54
N ILE A 80 3.96 0.11 1.61
CA ILE A 80 4.67 -1.13 1.19
C ILE A 80 4.95 -1.98 2.43
N VAL A 81 4.32 -3.11 2.54
CA VAL A 81 4.55 -3.96 3.75
C VAL A 81 5.32 -5.23 3.39
N GLN A 82 6.33 -5.54 4.14
CA GLN A 82 7.11 -6.77 3.85
C GLN A 82 6.72 -7.84 4.85
N VAL A 83 6.78 -9.08 4.47
CA VAL A 83 6.43 -10.13 5.44
C VAL A 83 7.65 -11.00 5.74
N ALA A 84 7.63 -11.66 6.85
CA ALA A 84 8.78 -12.52 7.21
C ALA A 84 8.73 -13.82 6.41
N PRO A 85 9.67 -14.67 6.67
CA PRO A 85 9.73 -15.98 5.98
C PRO A 85 8.62 -16.89 6.49
N GLY A 86 7.95 -17.56 5.60
CA GLY A 86 6.84 -18.46 6.02
C GLY A 86 5.51 -17.92 5.50
N GLN A 87 5.23 -16.67 5.73
CA GLN A 87 3.95 -16.08 5.23
C GLN A 87 4.16 -15.33 3.92
N LYS A 88 3.11 -14.86 3.31
CA LYS A 88 3.24 -14.13 2.02
C LYS A 88 1.86 -13.70 1.52
N ILE A 89 1.59 -12.43 1.42
CA ILE A 89 0.27 -11.99 0.91
C ILE A 89 0.16 -12.34 -0.58
N GLU A 90 0.19 -13.60 -0.90
CA GLU A 90 0.10 -14.05 -2.32
C GLU A 90 -1.14 -13.47 -3.02
N ALA A 91 -2.06 -12.92 -2.29
CA ALA A 91 -3.29 -12.38 -2.93
C ALA A 91 -2.93 -11.39 -4.05
N LEU A 92 -1.72 -10.91 -4.08
CA LEU A 92 -1.33 -9.96 -5.17
C LEU A 92 -0.53 -10.70 -6.23
N GLU A 93 0.07 -11.81 -5.87
CA GLU A 93 0.87 -12.57 -6.86
C GLU A 93 0.03 -12.89 -8.10
N GLY A 94 -1.26 -13.02 -7.94
CA GLY A 94 -2.13 -13.33 -9.11
C GLY A 94 -2.74 -12.04 -9.66
N LEU A 95 -2.85 -11.03 -8.85
CA LEU A 95 -3.44 -9.75 -9.33
C LEU A 95 -2.89 -9.41 -10.72
N ILE A 96 -1.70 -9.84 -11.02
CA ILE A 96 -1.11 -9.54 -12.35
C ILE A 96 -2.09 -9.92 -13.47
#